data_7DDI
#
_entry.id   7DDI
#
_cell.length_a   115.270
_cell.length_b   117.715
_cell.length_c   491.243
_cell.angle_alpha   90.000
_cell.angle_beta   90.000
_cell.angle_gamma   90.000
#
_symmetry.space_group_name_H-M   'P 21 21 21'
#
loop_
_entity.id
_entity.type
_entity.pdbx_description
1 polymer 'Sodium/potassium-transporting ATPase subunit alpha-1'
2 polymer 'Sodium/potassium-transporting ATPase subunit beta-1'
3 polymer 'FXYD domain-containing ion transport regulator'
4 branched 2-acetamido-2-deoxy-beta-D-glucopyranose-(1-4)-2-acetamido-2-deoxy-beta-D-glucopyranose
5 non-polymer 'MAGNESIUM ION'
6 non-polymer 'SODIUM ION'
7 non-polymer 1,2-DIOLEOYL-SN-GLYCERO-3-PHOSPHOCHOLINE
8 non-polymer Digitoxin
9 non-polymer CHOLESTEROL
10 non-polymer 2-acetamido-2-deoxy-beta-D-glucopyranose
11 water water
#
loop_
_entity_poly.entity_id
_entity_poly.type
_entity_poly.pdbx_seq_one_letter_code
_entity_poly.pdbx_strand_id
1 'polypeptide(L)'
;GRDKYEPAAVSEHGDKKKAKKERDMDELKKEVSMDDHKLSLDELHRKYGTDLSRGLTPARAAEILARDGPNALTPPPTTP
EWVKFCRQLFGGFSMLLWIGAILCFLAYGIQAATEEEPQNDNLYLGVVLSAVVIITGCFSYYQEAKSSKIMESFKNMVPQ
QALVIRNGEKMSINAEEVVVGDLVEVKGGDRIPADLRIISANGCKVDNSSLTGESEPQTRSPDFTNENPLETRNIAFFST
NCVEGTARGIVVYTGDRTVMGRIATLASGLEGGQTPIAAEIEHFIHIITGVAVFLGVSFFILSLILEYTWLEAVIFLIGI
IVANVPEGLLATVTVCLTLTAKRMARKNCLVKNLEAVETLGSTSTICS(PHD)KTGTLTQNRMTVAHMWSDNQIHEADTT
ENQSGVSFDKTSATWLALSRIAGLCNRAVFQANQENLPILKRAVAGDASESALLKCIELCCGSVKEMRERYTKIVEIPFN
STNKYQLSIHKNPNTAEPRHLLVMKGAPERILDRCSSILIHGKEQPLDEELKDAFQNAYLELGGLGERVLGFCHLFLPDE
QFPEGFQFDTDDVNFPLDNLCFVGLISMIDPPRAAVPDAVGKCRSAGIKVIMVTGDHPITAKAIAKGVGIISEGNETVED
IAARLNIPVSQVNPRDAKACVVHGSDLKDMTSEQLDDILKYHTEIVFARTSPQQKLIIVEGCQRQGAIVAVTGDGVNDSP
ASKKADIGVAMGIAGSDVSKQAADMILLDDNFASIVTGVEEGRLIFDNLKKSIAYTLTSNIPEITPFLIFIIANIPLPLG
TVTILCIDLGTDMVPAISLAYEQAESDIMKRQPRNPKTDKLVNEQLISMAYGQIGMIQALGGFFTYFVILAENGFLPIHL
LGLRVNWDDRWINDVEDSYGQQWTYEQRKIVEFTCHTPFFVTIVVVQWADLVICKTRRNSVFQQGMKNKILIFGLFEETA
LAAFLSYCPGMGVALRMYPLKPTWWFCAFPYSLLIFVYDEVRKLIIRRRPGGWVEKETYY
;
A,C
2 'polypeptide(L)'
;MARGKAKEEGSWKKFIWNSEKKEFLGRTGGSWFKILLFYVIFYGCLAGIFIGTIQVMLLTISEFKPTYQDRVAPPGLTQI
PQSQKTEISFRPNDPQSYESYVVSIVRFLEKYKDLAQKDDMIFEDCGNVPSELKERGEYNNERGERKVCRFRLEWLGNCS
GLNDETYGYKDGKPCVIIKLNRVLGFKPKPPKNESLETYPVMKYNPYVLPVHCTGKRDEDKEKVGTMEYFGLGGYPGFPL
QYYPYYGKLLQPKYLQPLMAVQFTNLTMDTEIRIECKAYGENIGYSEKDRFQGRFDVKIEVKS
;
B,D
3 'polypeptide(L)' MAGLSTDDGGSPKGDVDPFYYDYETVRNGGLIFAALAFIVGLIIILSKRLRCGGKKHRPINEDEL G,E
#
loop_
_chem_comp.id
_chem_comp.type
_chem_comp.name
_chem_comp.formula
CLR non-polymer CHOLESTEROL 'C27 H46 O'
F9R non-polymer Digitoxin 'C41 H64 O13'
MG non-polymer 'MAGNESIUM ION' 'Mg 2'
NA non-polymer 'SODIUM ION' 'Na 1'
NAG D-saccharide, beta linking 2-acetamido-2-deoxy-beta-D-glucopyranose 'C8 H15 N O6'
PCW non-polymer 1,2-DIOLEOYL-SN-GLYCERO-3-PHOSPHOCHOLINE 'C44 H85 N O8 P 1'
#
# COMPACT_ATOMS: atom_id res chain seq x y z
N LYS A 21 19.07 -66.10 8.28
CA LYS A 21 19.31 -66.86 7.06
C LYS A 21 18.32 -66.45 5.98
N GLU A 22 17.65 -65.30 6.18
CA GLU A 22 16.69 -64.84 5.19
C GLU A 22 17.38 -64.45 3.89
N ARG A 23 18.67 -64.11 3.95
CA ARG A 23 19.43 -63.77 2.75
C ARG A 23 19.39 -64.93 1.77
N ASP A 24 19.60 -66.15 2.28
CA ASP A 24 19.57 -67.34 1.45
C ASP A 24 18.18 -67.55 0.84
N MET A 25 17.12 -67.25 1.60
CA MET A 25 15.76 -67.41 1.08
C MET A 25 15.50 -66.44 -0.07
N ASP A 26 15.82 -65.15 0.13
CA ASP A 26 15.61 -64.16 -0.92
C ASP A 26 16.45 -64.51 -2.16
N GLU A 27 17.67 -65.04 -1.94
CA GLU A 27 18.51 -65.43 -3.05
C GLU A 27 17.90 -66.59 -3.83
N LEU A 28 17.39 -67.62 -3.12
CA LEU A 28 16.74 -68.74 -3.80
C LEU A 28 15.45 -68.31 -4.49
N LYS A 29 14.93 -67.13 -4.15
CA LYS A 29 13.74 -66.62 -4.82
C LYS A 29 14.09 -65.80 -6.06
N LYS A 30 15.27 -65.15 -6.04
CA LYS A 30 15.69 -64.38 -7.21
C LYS A 30 16.03 -65.27 -8.40
N GLU A 31 16.25 -66.57 -8.17
CA GLU A 31 16.57 -67.47 -9.27
C GLU A 31 15.31 -67.74 -10.10
N VAL A 32 15.53 -68.03 -11.39
CA VAL A 32 14.40 -68.33 -12.25
C VAL A 32 13.82 -69.68 -11.83
N SER A 33 12.51 -69.83 -12.01
CA SER A 33 11.80 -71.04 -11.59
C SER A 33 12.21 -72.27 -12.39
N MET A 34 11.89 -73.45 -11.82
CA MET A 34 12.17 -74.75 -12.41
C MET A 34 10.93 -75.63 -12.34
N ASP A 35 10.93 -76.72 -13.10
CA ASP A 35 9.76 -77.61 -13.11
C ASP A 35 10.11 -79.01 -13.58
N ASP A 36 9.11 -79.89 -13.45
CA ASP A 36 9.11 -81.29 -13.86
C ASP A 36 7.91 -81.54 -14.76
N HIS A 37 7.49 -80.52 -15.51
CA HIS A 37 6.34 -80.66 -16.39
C HIS A 37 6.60 -81.66 -17.50
N LYS A 38 7.84 -81.73 -17.99
CA LYS A 38 8.24 -82.63 -19.06
C LYS A 38 8.32 -84.07 -18.57
N LEU A 39 7.14 -84.66 -18.35
CA LEU A 39 7.02 -86.02 -17.88
C LEU A 39 5.83 -86.68 -18.58
N SER A 40 5.95 -87.99 -18.79
CA SER A 40 4.86 -88.74 -19.41
C SER A 40 3.68 -88.78 -18.45
N LEU A 41 2.49 -89.06 -19.00
CA LEU A 41 1.28 -89.11 -18.18
C LEU A 41 1.40 -90.16 -17.08
N ASP A 42 1.97 -91.32 -17.42
CA ASP A 42 2.14 -92.37 -16.43
C ASP A 42 3.14 -91.95 -15.37
N GLU A 43 4.23 -91.26 -15.77
CA GLU A 43 5.23 -90.81 -14.80
C GLU A 43 4.68 -89.73 -13.89
N LEU A 44 3.90 -88.79 -14.44
CA LEU A 44 3.32 -87.74 -13.63
C LEU A 44 2.33 -88.32 -12.62
N HIS A 45 1.47 -89.23 -13.08
CA HIS A 45 0.49 -89.85 -12.19
C HIS A 45 1.18 -90.72 -11.13
N ARG A 46 2.28 -91.39 -11.48
CA ARG A 46 2.99 -92.21 -10.50
C ARG A 46 3.70 -91.32 -9.48
N LYS A 47 4.20 -90.17 -9.93
CA LYS A 47 4.89 -89.28 -9.02
C LYS A 47 3.91 -88.61 -8.07
N TYR A 48 2.72 -88.26 -8.56
CA TYR A 48 1.71 -87.61 -7.73
C TYR A 48 0.68 -88.55 -7.13
N GLY A 49 0.60 -89.80 -7.59
CA GLY A 49 -0.38 -90.73 -7.05
C GLY A 49 -1.80 -90.20 -7.21
N THR A 50 -2.21 -90.02 -8.46
CA THR A 50 -3.53 -89.45 -8.74
C THR A 50 -4.10 -90.03 -10.02
N ASP A 51 -5.37 -90.41 -9.98
CA ASP A 51 -6.02 -90.93 -11.17
C ASP A 51 -6.11 -89.80 -12.20
N LEU A 52 -6.03 -90.19 -13.47
CA LEU A 52 -6.04 -89.18 -14.54
C LEU A 52 -7.45 -88.69 -14.87
N SER A 53 -8.45 -89.57 -14.85
CA SER A 53 -9.81 -89.16 -15.17
C SER A 53 -10.69 -88.97 -13.95
N ARG A 54 -10.27 -89.45 -12.78
CA ARG A 54 -11.05 -89.32 -11.56
C ARG A 54 -10.37 -88.50 -10.47
N GLY A 55 -9.10 -88.15 -10.62
CA GLY A 55 -8.42 -87.38 -9.62
C GLY A 55 -8.09 -88.24 -8.41
N LEU A 56 -8.57 -87.83 -7.24
CA LEU A 56 -8.33 -88.58 -6.01
C LEU A 56 -9.57 -88.55 -5.14
N THR A 57 -9.57 -89.38 -4.10
CA THR A 57 -10.66 -89.44 -3.15
C THR A 57 -10.70 -88.16 -2.31
N PRO A 58 -11.89 -87.73 -1.87
CA PRO A 58 -11.99 -86.50 -1.06
C PRO A 58 -11.20 -86.53 0.24
N ALA A 59 -11.04 -87.70 0.87
CA ALA A 59 -10.26 -87.76 2.10
C ALA A 59 -8.81 -87.41 1.84
N ARG A 60 -8.27 -87.87 0.70
CA ARG A 60 -6.90 -87.54 0.33
C ARG A 60 -6.75 -86.04 0.12
N ALA A 61 -7.74 -85.43 -0.54
CA ALA A 61 -7.71 -83.98 -0.75
C ALA A 61 -7.72 -83.24 0.58
N ALA A 62 -8.56 -83.65 1.52
CA ALA A 62 -8.60 -82.99 2.83
C ALA A 62 -7.29 -83.21 3.58
N GLU A 63 -6.64 -84.36 3.38
CA GLU A 63 -5.37 -84.65 4.05
C GLU A 63 -4.29 -83.68 3.56
N ILE A 64 -4.29 -83.41 2.26
CA ILE A 64 -3.30 -82.45 1.76
C ILE A 64 -3.75 -81.03 2.12
N LEU A 65 -5.05 -80.82 2.28
CA LEU A 65 -5.58 -79.51 2.68
C LEU A 65 -5.00 -79.09 4.01
N ALA A 66 -5.08 -79.98 5.00
CA ALA A 66 -4.54 -79.69 6.32
C ALA A 66 -3.09 -80.13 6.45
N ARG A 67 -2.35 -80.11 5.34
CA ARG A 67 -0.93 -80.48 5.33
C ARG A 67 0.03 -79.32 5.03
N ASP A 68 -0.32 -78.42 4.11
CA ASP A 68 0.56 -77.31 3.76
C ASP A 68 -0.10 -75.94 3.79
N GLY A 69 -1.42 -75.85 3.73
CA GLY A 69 -2.10 -74.58 3.75
C GLY A 69 -3.01 -74.42 2.54
N PRO A 70 -4.08 -73.64 2.70
CA PRO A 70 -5.01 -73.45 1.59
C PRO A 70 -4.34 -72.76 0.40
N ASN A 71 -4.86 -73.05 -0.80
CA ASN A 71 -4.32 -72.49 -2.05
C ASN A 71 -4.69 -71.01 -2.16
N ALA A 72 -3.87 -70.19 -1.52
CA ALA A 72 -4.01 -68.74 -1.52
C ALA A 72 -2.72 -68.18 -0.93
N LEU A 73 -2.20 -67.13 -1.57
CA LEU A 73 -0.97 -66.52 -1.10
C LEU A 73 -1.16 -65.98 0.30
N THR A 74 -0.14 -66.16 1.14
CA THR A 74 -0.22 -65.64 2.50
C THR A 74 -0.45 -64.14 2.43
N PRO A 75 -1.30 -63.58 3.29
CA PRO A 75 -1.59 -62.15 3.25
C PRO A 75 -0.33 -61.31 3.35
N PRO A 76 -0.39 -60.05 2.94
CA PRO A 76 0.79 -59.19 3.05
C PRO A 76 1.12 -58.95 4.50
N PRO A 77 2.31 -58.48 4.81
CA PRO A 77 2.67 -58.21 6.22
C PRO A 77 1.95 -56.97 6.71
N THR A 78 1.04 -57.16 7.67
CA THR A 78 0.27 -56.05 8.20
C THR A 78 1.16 -55.02 8.89
N THR A 79 0.89 -53.74 8.61
CA THR A 79 1.63 -52.61 9.14
C THR A 79 0.74 -51.88 10.14
N PRO A 80 0.92 -52.10 11.45
CA PRO A 80 0.08 -51.42 12.43
C PRO A 80 0.18 -49.90 12.28
N GLU A 81 -0.89 -49.22 12.68
CA GLU A 81 -0.93 -47.76 12.53
C GLU A 81 -0.05 -47.01 13.53
N TRP A 82 0.26 -47.60 14.69
CA TRP A 82 1.14 -46.87 15.61
C TRP A 82 2.58 -46.88 15.11
N VAL A 83 2.95 -47.91 14.35
CA VAL A 83 4.31 -48.02 13.82
C VAL A 83 4.59 -46.88 12.85
N LYS A 84 3.73 -46.70 11.85
CA LYS A 84 3.96 -45.64 10.88
C LYS A 84 3.70 -44.25 11.48
N PHE A 85 2.97 -44.16 12.60
CA PHE A 85 2.82 -42.86 13.25
C PHE A 85 4.15 -42.46 13.85
N CYS A 86 4.76 -43.36 14.63
CA CYS A 86 6.07 -43.08 15.16
C CYS A 86 7.07 -42.84 14.02
N ARG A 87 6.89 -43.53 12.88
CA ARG A 87 7.77 -43.33 11.72
C ARG A 87 7.72 -41.89 11.23
N GLN A 88 6.51 -41.30 11.19
CA GLN A 88 6.41 -39.92 10.72
C GLN A 88 6.93 -38.89 11.72
N LEU A 89 7.30 -39.32 12.91
CA LEU A 89 7.88 -38.40 13.91
C LEU A 89 9.41 -38.33 13.85
N PHE A 90 10.02 -39.14 12.98
CA PHE A 90 11.46 -39.29 12.80
C PHE A 90 11.90 -39.00 11.37
N GLY A 91 13.02 -39.62 10.97
CA GLY A 91 13.60 -39.48 9.64
C GLY A 91 14.88 -38.67 9.69
N GLY A 92 14.95 -37.55 8.98
CA GLY A 92 16.18 -36.79 9.11
C GLY A 92 15.97 -35.37 9.57
N PHE A 93 14.98 -34.69 8.99
CA PHE A 93 14.68 -33.32 9.39
C PHE A 93 14.12 -33.31 10.81
N SER A 94 13.11 -34.16 11.03
CA SER A 94 12.51 -34.27 12.35
C SER A 94 13.55 -34.69 13.38
N MET A 95 14.52 -35.52 12.97
CA MET A 95 15.58 -35.93 13.88
C MET A 95 16.43 -34.73 14.28
N LEU A 96 16.71 -33.83 13.34
CA LEU A 96 17.49 -32.65 13.66
C LEU A 96 16.73 -31.77 14.65
N LEU A 97 15.42 -31.58 14.43
CA LEU A 97 14.64 -30.79 15.38
C LEU A 97 14.57 -31.49 16.73
N TRP A 98 14.65 -32.83 16.73
CA TRP A 98 14.64 -33.58 17.97
C TRP A 98 15.90 -33.31 18.77
N ILE A 99 17.07 -33.40 18.11
CA ILE A 99 18.32 -33.13 18.81
C ILE A 99 18.33 -31.68 19.25
N GLY A 100 17.62 -30.81 18.53
CA GLY A 100 17.53 -29.42 18.96
C GLY A 100 16.76 -29.30 20.26
N ALA A 101 15.62 -30.00 20.35
CA ALA A 101 14.83 -29.98 21.58
C ALA A 101 15.63 -30.55 22.75
N ILE A 102 16.33 -31.66 22.51
CA ILE A 102 17.15 -32.29 23.55
C ILE A 102 18.25 -31.34 24.01
N LEU A 103 18.88 -30.63 23.06
CA LEU A 103 19.92 -29.68 23.44
C LEU A 103 19.31 -28.52 24.23
N CYS A 104 18.06 -28.16 23.93
CA CYS A 104 17.39 -27.10 24.67
C CYS A 104 17.19 -27.50 26.12
N PHE A 105 16.70 -28.73 26.35
CA PHE A 105 16.52 -29.18 27.72
C PHE A 105 17.87 -29.40 28.42
N LEU A 106 18.92 -29.71 27.65
CA LEU A 106 20.24 -29.87 28.25
C LEU A 106 20.77 -28.53 28.76
N ALA A 107 20.72 -27.50 27.89
CA ALA A 107 21.16 -26.17 28.30
C ALA A 107 20.29 -25.64 29.42
N TYR A 108 18.99 -25.98 29.41
CA TYR A 108 18.11 -25.54 30.47
C TYR A 108 18.48 -26.17 31.81
N GLY A 109 18.81 -27.47 31.82
CA GLY A 109 19.21 -28.10 33.06
C GLY A 109 20.49 -27.51 33.59
N ILE A 110 21.44 -27.20 32.68
CA ILE A 110 22.69 -26.59 33.12
C ILE A 110 22.45 -25.20 33.67
N GLN A 111 21.50 -24.46 33.09
CA GLN A 111 21.22 -23.10 33.56
C GLN A 111 20.38 -23.11 34.83
N ALA A 112 19.58 -24.14 35.02
CA ALA A 112 18.75 -24.24 36.20
C ALA A 112 19.61 -24.55 37.42
N ALA A 113 20.31 -25.67 37.38
CA ALA A 113 21.14 -26.05 38.52
C ALA A 113 22.35 -25.15 38.74
N THR A 114 22.83 -24.39 37.74
CA THR A 114 24.04 -23.62 38.01
C THR A 114 23.85 -22.17 38.45
N GLU A 115 22.81 -21.45 38.02
CA GLU A 115 22.70 -20.04 38.35
C GLU A 115 21.44 -19.66 39.12
N GLU A 116 21.48 -18.44 39.65
CA GLU A 116 20.39 -17.85 40.42
C GLU A 116 19.30 -17.35 39.47
N GLU A 117 18.03 -17.53 39.88
CA GLU A 117 16.82 -17.15 39.15
C GLU A 117 16.95 -17.38 37.64
N PRO A 118 17.11 -18.64 37.21
CA PRO A 118 17.29 -18.91 35.77
C PRO A 118 16.09 -18.50 34.93
N GLN A 119 16.35 -18.25 33.64
CA GLN A 119 15.34 -17.86 32.69
C GLN A 119 14.73 -19.10 32.04
N ASN A 120 13.46 -19.00 31.64
CA ASN A 120 12.75 -20.13 31.05
C ASN A 120 12.71 -20.10 29.52
N ASP A 121 13.75 -19.55 28.90
CA ASP A 121 13.79 -19.46 27.44
C ASP A 121 14.09 -20.81 26.80
N ASN A 122 15.15 -21.48 27.26
CA ASN A 122 15.52 -22.77 26.69
C ASN A 122 14.40 -23.79 26.89
N LEU A 123 13.66 -23.70 27.99
CA LEU A 123 12.57 -24.64 28.23
C LEU A 123 11.40 -24.37 27.30
N TYR A 124 11.01 -23.08 27.19
CA TYR A 124 9.94 -22.73 26.27
C TYR A 124 10.28 -23.22 24.86
N LEU A 125 11.52 -22.97 24.43
CA LEU A 125 11.97 -23.38 23.10
C LEU A 125 12.01 -24.89 22.94
N GLY A 126 12.40 -25.61 24.00
CA GLY A 126 12.44 -27.07 23.91
C GLY A 126 11.06 -27.66 23.68
N VAL A 127 10.08 -27.25 24.50
CA VAL A 127 8.73 -27.77 24.32
C VAL A 127 8.15 -27.34 22.97
N VAL A 128 8.50 -26.12 22.52
CA VAL A 128 8.00 -25.66 21.23
C VAL A 128 8.55 -26.53 20.08
N LEU A 129 9.85 -26.82 20.11
CA LEU A 129 10.45 -27.65 19.05
C LEU A 129 9.85 -29.05 19.06
N SER A 130 9.69 -29.63 20.25
CA SER A 130 9.08 -30.95 20.36
C SER A 130 7.68 -30.93 19.75
N ALA A 131 6.90 -29.89 20.07
CA ALA A 131 5.55 -29.76 19.51
C ALA A 131 5.59 -29.64 18.00
N VAL A 132 6.60 -28.93 17.47
CA VAL A 132 6.71 -28.78 16.01
C VAL A 132 6.87 -30.14 15.35
N VAL A 133 7.78 -30.96 15.89
CA VAL A 133 7.99 -32.28 15.31
C VAL A 133 6.72 -33.13 15.40
N ILE A 134 6.04 -33.08 16.54
CA ILE A 134 4.84 -33.89 16.72
C ILE A 134 3.72 -33.48 15.76
N ILE A 135 3.47 -32.17 15.65
CA ILE A 135 2.40 -31.69 14.76
C ILE A 135 2.73 -32.03 13.32
N THR A 136 3.99 -31.83 12.90
CA THR A 136 4.37 -32.17 11.53
C THR A 136 4.17 -33.65 11.29
N GLY A 137 4.48 -34.48 12.30
CA GLY A 137 4.26 -35.90 12.14
C GLY A 137 2.80 -36.24 11.99
N CYS A 138 1.94 -35.56 12.75
CA CYS A 138 0.50 -35.81 12.65
C CYS A 138 -0.04 -35.41 11.29
N PHE A 139 0.40 -34.25 10.77
CA PHE A 139 -0.07 -33.79 9.47
C PHE A 139 0.39 -34.72 8.35
N SER A 140 1.71 -34.99 8.28
CA SER A 140 2.24 -35.87 7.24
C SER A 140 1.64 -37.27 7.34
N TYR A 141 1.51 -37.78 8.56
CA TYR A 141 0.91 -39.10 8.74
C TYR A 141 -0.54 -39.12 8.32
N TYR A 142 -1.27 -38.02 8.55
CA TYR A 142 -2.66 -37.99 8.13
C TYR A 142 -2.74 -38.05 6.61
N GLN A 143 -1.80 -37.39 5.92
CA GLN A 143 -1.80 -37.40 4.46
C GLN A 143 -1.51 -38.81 3.91
N GLU A 144 -0.41 -39.42 4.37
CA GLU A 144 -0.08 -40.76 3.91
C GLU A 144 -1.20 -41.74 4.25
N ALA A 145 -1.80 -41.59 5.43
CA ALA A 145 -2.89 -42.45 5.83
C ALA A 145 -4.12 -42.23 4.95
N LYS A 146 -4.36 -40.99 4.50
CA LYS A 146 -5.48 -40.71 3.61
C LYS A 146 -5.30 -41.47 2.30
N SER A 147 -4.09 -41.39 1.74
CA SER A 147 -3.80 -42.11 0.51
C SER A 147 -3.98 -43.61 0.70
N SER A 148 -3.48 -44.15 1.82
CA SER A 148 -3.64 -45.58 2.09
C SER A 148 -5.11 -45.95 2.25
N LYS A 149 -5.91 -45.07 2.84
CA LYS A 149 -7.35 -45.33 3.01
C LYS A 149 -8.05 -45.44 1.66
N ILE A 150 -7.87 -44.44 0.79
CA ILE A 150 -8.51 -44.53 -0.52
C ILE A 150 -7.96 -45.72 -1.30
N MET A 151 -6.75 -46.18 -0.97
CA MET A 151 -6.22 -47.37 -1.63
C MET A 151 -6.89 -48.64 -1.11
N GLU A 152 -7.27 -48.67 0.17
CA GLU A 152 -7.94 -49.84 0.72
C GLU A 152 -9.34 -50.01 0.13
N SER A 153 -9.96 -48.91 -0.31
CA SER A 153 -11.28 -48.94 -0.92
C SER A 153 -11.26 -49.47 -2.34
N PHE A 154 -10.10 -49.96 -2.78
CA PHE A 154 -9.90 -50.50 -4.11
C PHE A 154 -9.80 -52.02 -4.13
N LYS A 155 -9.83 -52.67 -2.97
CA LYS A 155 -9.72 -54.13 -2.97
C LYS A 155 -11.10 -54.73 -3.24
N ASN A 156 -11.32 -55.11 -4.49
CA ASN A 156 -12.56 -55.72 -4.91
C ASN A 156 -12.31 -57.21 -5.13
N MET A 157 -11.76 -57.85 -4.10
CA MET A 157 -11.45 -59.26 -4.15
C MET A 157 -12.73 -60.06 -4.14
N VAL A 158 -13.08 -60.64 -5.30
CA VAL A 158 -14.27 -61.45 -5.44
C VAL A 158 -13.88 -62.91 -5.20
N PRO A 159 -14.47 -63.59 -4.22
CA PRO A 159 -14.11 -64.99 -3.99
C PRO A 159 -14.50 -65.86 -5.17
N GLN A 160 -13.51 -66.34 -5.91
CA GLN A 160 -13.72 -67.16 -7.09
C GLN A 160 -13.57 -68.64 -6.75
N GLN A 161 -14.48 -69.46 -7.27
CA GLN A 161 -14.48 -70.90 -7.05
C GLN A 161 -13.88 -71.65 -8.22
N ALA A 162 -13.22 -72.75 -7.92
CA ALA A 162 -12.57 -73.61 -8.90
C ALA A 162 -13.40 -74.86 -9.15
N LEU A 163 -13.25 -75.41 -10.35
CA LEU A 163 -13.95 -76.62 -10.76
C LEU A 163 -12.94 -77.76 -10.66
N VAL A 164 -13.08 -78.58 -9.61
CA VAL A 164 -12.16 -79.69 -9.36
C VAL A 164 -12.91 -81.00 -9.53
N ILE A 165 -12.24 -81.99 -10.12
CA ILE A 165 -12.78 -83.33 -10.33
C ILE A 165 -12.10 -84.26 -9.35
N ARG A 166 -12.85 -84.74 -8.37
CA ARG A 166 -12.32 -85.65 -7.37
C ARG A 166 -13.25 -86.83 -7.21
N ASN A 167 -12.66 -88.01 -6.98
CA ASN A 167 -13.36 -89.28 -6.82
C ASN A 167 -14.14 -89.66 -8.08
N GLY A 168 -13.92 -88.96 -9.19
CA GLY A 168 -14.64 -89.20 -10.42
C GLY A 168 -15.86 -88.33 -10.60
N GLU A 169 -15.99 -87.26 -9.80
CA GLU A 169 -17.13 -86.36 -9.86
C GLU A 169 -16.65 -84.92 -9.90
N LYS A 170 -17.36 -84.10 -10.68
CA LYS A 170 -17.08 -82.68 -10.82
C LYS A 170 -17.72 -81.91 -9.68
N MET A 171 -16.98 -80.94 -9.12
CA MET A 171 -17.52 -80.14 -8.02
C MET A 171 -16.81 -78.80 -7.98
N SER A 172 -17.57 -77.75 -7.73
CA SER A 172 -17.04 -76.39 -7.62
C SER A 172 -16.83 -76.09 -6.15
N ILE A 173 -15.58 -75.80 -5.77
CA ILE A 173 -15.23 -75.52 -4.40
C ILE A 173 -14.41 -74.24 -4.34
N ASN A 174 -14.16 -73.75 -3.14
CA ASN A 174 -13.36 -72.56 -2.98
C ASN A 174 -11.95 -72.83 -3.49
N ALA A 175 -11.33 -71.81 -4.09
CA ALA A 175 -9.98 -71.97 -4.61
C ALA A 175 -9.00 -72.30 -3.50
N GLU A 176 -9.27 -71.82 -2.29
CA GLU A 176 -8.42 -72.12 -1.15
C GLU A 176 -8.50 -73.58 -0.75
N GLU A 177 -9.63 -74.23 -1.03
CA GLU A 177 -9.84 -75.64 -0.71
C GLU A 177 -9.24 -76.59 -1.73
N VAL A 178 -8.43 -76.08 -2.66
CA VAL A 178 -7.79 -76.88 -3.69
C VAL A 178 -6.42 -77.33 -3.18
N VAL A 179 -6.03 -78.55 -3.53
CA VAL A 179 -4.76 -79.12 -3.08
C VAL A 179 -3.89 -79.54 -4.25
N VAL A 180 -2.77 -80.18 -3.94
CA VAL A 180 -1.80 -80.63 -4.95
C VAL A 180 -2.18 -82.01 -5.46
N GLY A 181 -1.88 -82.25 -6.73
CA GLY A 181 -2.12 -83.53 -7.37
C GLY A 181 -3.55 -84.00 -7.54
N ASP A 182 -4.38 -83.23 -8.21
CA ASP A 182 -5.77 -83.61 -8.45
C ASP A 182 -6.23 -82.97 -9.74
N LEU A 183 -7.15 -83.66 -10.42
CA LEU A 183 -7.66 -83.16 -11.68
C LEU A 183 -8.50 -81.90 -11.48
N VAL A 184 -8.26 -80.92 -12.35
CA VAL A 184 -8.96 -79.64 -12.33
C VAL A 184 -9.36 -79.30 -13.76
N GLU A 185 -10.63 -78.98 -13.96
CA GLU A 185 -11.16 -78.62 -15.26
C GLU A 185 -11.42 -77.13 -15.28
N VAL A 186 -11.15 -76.50 -16.41
CA VAL A 186 -11.35 -75.07 -16.58
C VAL A 186 -12.12 -74.82 -17.87
N LYS A 187 -13.09 -73.90 -17.78
CA LYS A 187 -13.96 -73.49 -18.86
C LYS A 187 -13.55 -72.10 -19.33
N GLY A 188 -13.78 -71.82 -20.62
CA GLY A 188 -13.42 -70.52 -21.15
C GLY A 188 -14.16 -69.41 -20.44
N GLY A 189 -13.46 -68.74 -19.54
CA GLY A 189 -14.03 -67.65 -18.76
C GLY A 189 -13.63 -67.84 -17.31
N ASP A 190 -13.20 -69.05 -16.97
CA ASP A 190 -12.78 -69.37 -15.61
C ASP A 190 -11.30 -69.06 -15.43
N ARG A 191 -10.95 -68.58 -14.26
CA ARG A 191 -9.57 -68.27 -13.93
C ARG A 191 -8.88 -69.54 -13.44
N ILE A 192 -7.64 -69.73 -13.88
CA ILE A 192 -6.87 -70.90 -13.48
C ILE A 192 -6.64 -70.82 -11.98
N PRO A 193 -7.09 -71.82 -11.21
CA PRO A 193 -6.94 -71.77 -9.75
C PRO A 193 -5.49 -71.72 -9.27
N ALA A 194 -4.76 -72.80 -9.51
CA ALA A 194 -3.36 -72.94 -9.14
C ALA A 194 -2.59 -73.37 -10.38
N ASP A 195 -1.27 -73.49 -10.24
CA ASP A 195 -0.46 -73.91 -11.37
C ASP A 195 -0.76 -75.37 -11.70
N LEU A 196 -1.28 -75.60 -12.91
CA LEU A 196 -1.66 -76.91 -13.38
C LEU A 196 -0.70 -77.43 -14.45
N ARG A 197 -0.77 -78.74 -14.64
CA ARG A 197 -0.02 -79.48 -15.64
C ARG A 197 -1.12 -79.99 -16.56
N ILE A 198 -1.26 -79.36 -17.72
CA ILE A 198 -2.31 -79.69 -18.67
C ILE A 198 -2.21 -81.15 -19.10
N ILE A 199 -3.32 -81.87 -18.96
CA ILE A 199 -3.35 -83.27 -19.33
C ILE A 199 -4.24 -83.54 -20.55
N SER A 200 -5.30 -82.77 -20.77
CA SER A 200 -6.18 -82.97 -21.92
C SER A 200 -6.87 -81.65 -22.22
N ALA A 201 -6.57 -81.06 -23.37
CA ALA A 201 -7.13 -79.79 -23.76
C ALA A 201 -7.92 -79.90 -25.06
N ASN A 202 -8.82 -78.94 -25.25
CA ASN A 202 -9.67 -78.88 -26.44
C ASN A 202 -9.87 -77.40 -26.78
N GLY A 203 -9.11 -76.91 -27.77
CA GLY A 203 -9.20 -75.51 -28.19
C GLY A 203 -8.97 -74.52 -27.07
N CYS A 204 -8.15 -74.88 -26.09
CA CYS A 204 -7.92 -74.02 -24.94
C CYS A 204 -6.88 -72.94 -25.21
N LYS A 205 -7.26 -71.69 -24.93
CA LYS A 205 -6.39 -70.54 -25.08
C LYS A 205 -6.45 -69.77 -23.76
N VAL A 206 -5.33 -69.65 -23.08
CA VAL A 206 -5.26 -68.95 -21.80
C VAL A 206 -4.57 -67.60 -22.03
N ASP A 207 -4.75 -66.71 -21.06
CA ASP A 207 -4.18 -65.36 -21.08
C ASP A 207 -3.09 -65.24 -20.02
N ASN A 208 -1.83 -65.26 -20.46
CA ASN A 208 -0.68 -65.12 -19.59
C ASN A 208 -0.18 -63.68 -19.56
N SER A 209 -1.08 -62.72 -19.84
CA SER A 209 -0.70 -61.32 -19.90
C SER A 209 -0.26 -60.78 -18.55
N SER A 210 -1.05 -61.00 -17.51
CA SER A 210 -0.67 -60.47 -16.21
C SER A 210 0.57 -61.14 -15.64
N LEU A 211 0.94 -62.34 -16.12
CA LEU A 211 2.12 -62.96 -15.54
C LEU A 211 3.40 -62.82 -16.36
N THR A 212 3.52 -63.56 -17.48
CA THR A 212 4.75 -63.47 -18.28
C THR A 212 4.77 -62.29 -19.24
N GLY A 213 3.61 -61.70 -19.52
CA GLY A 213 3.54 -60.57 -20.43
C GLY A 213 3.22 -60.90 -21.88
N GLU A 214 2.80 -62.12 -22.19
CA GLU A 214 2.47 -62.49 -23.56
C GLU A 214 1.12 -61.86 -23.93
N SER A 215 1.11 -61.02 -24.97
CA SER A 215 -0.09 -60.30 -25.40
C SER A 215 -1.24 -61.15 -25.93
N GLU A 216 -1.08 -61.73 -27.12
CA GLU A 216 -2.14 -62.53 -27.72
C GLU A 216 -2.43 -63.75 -26.86
N PRO A 217 -3.70 -64.22 -26.81
CA PRO A 217 -4.02 -65.37 -25.97
C PRO A 217 -3.27 -66.63 -26.38
N GLN A 218 -2.32 -67.04 -25.55
CA GLN A 218 -1.50 -68.21 -25.84
C GLN A 218 -2.28 -69.49 -25.59
N THR A 219 -2.28 -70.38 -26.58
CA THR A 219 -3.00 -71.63 -26.41
C THR A 219 -2.26 -72.55 -25.45
N ARG A 220 -2.98 -73.54 -24.92
CA ARG A 220 -2.46 -74.51 -23.98
C ARG A 220 -2.71 -75.91 -24.52
N SER A 221 -1.63 -76.64 -24.85
CA SER A 221 -1.71 -78.01 -25.36
C SER A 221 -1.17 -78.98 -24.31
N PRO A 222 -1.78 -80.17 -24.19
CA PRO A 222 -1.31 -81.13 -23.17
C PRO A 222 0.09 -81.66 -23.43
N ASP A 223 0.58 -81.57 -24.66
CA ASP A 223 1.91 -82.08 -24.99
C ASP A 223 2.98 -81.06 -24.62
N PHE A 224 4.08 -81.56 -24.06
CA PHE A 224 5.19 -80.70 -23.67
C PHE A 224 5.79 -80.04 -24.91
N THR A 225 5.99 -78.71 -24.83
CA THR A 225 6.51 -77.96 -25.97
C THR A 225 7.87 -77.32 -25.76
N ASN A 226 8.06 -76.53 -24.71
CA ASN A 226 9.33 -75.85 -24.50
C ASN A 226 9.93 -76.18 -23.14
N GLU A 227 11.27 -76.23 -23.11
CA GLU A 227 11.98 -76.51 -21.87
C GLU A 227 11.64 -75.48 -20.81
N ASN A 228 11.37 -74.25 -21.24
CA ASN A 228 11.01 -73.18 -20.33
C ASN A 228 9.55 -73.36 -19.93
N PRO A 229 9.24 -73.51 -18.64
CA PRO A 229 7.83 -73.66 -18.24
C PRO A 229 6.98 -72.45 -18.56
N LEU A 230 7.60 -71.27 -18.74
CA LEU A 230 6.84 -70.08 -19.06
C LEU A 230 6.35 -70.11 -20.50
N GLU A 231 7.19 -70.59 -21.42
CA GLU A 231 6.85 -70.66 -22.83
C GLU A 231 6.12 -71.95 -23.19
N THR A 232 6.15 -72.96 -22.33
CA THR A 232 5.49 -74.21 -22.66
C THR A 232 3.97 -74.04 -22.62
N ARG A 233 3.27 -74.99 -23.24
CA ARG A 233 1.83 -74.97 -23.33
C ARG A 233 1.12 -75.97 -22.44
N ASN A 234 1.84 -76.86 -21.77
CA ASN A 234 1.22 -77.85 -20.89
C ASN A 234 1.15 -77.38 -19.45
N ILE A 235 1.18 -76.07 -19.21
CA ILE A 235 1.14 -75.54 -17.85
C ILE A 235 0.18 -74.37 -17.79
N ALA A 236 -0.76 -74.44 -16.85
CA ALA A 236 -1.69 -73.37 -16.54
C ALA A 236 -1.08 -72.64 -15.37
N PHE A 237 -1.28 -71.33 -15.31
CA PHE A 237 -0.62 -70.54 -14.26
C PHE A 237 -1.58 -69.81 -13.35
N PHE A 238 -1.09 -69.56 -12.12
CA PHE A 238 -1.84 -68.83 -11.12
C PHE A 238 -2.12 -67.42 -11.63
N SER A 239 -3.38 -66.98 -11.48
CA SER A 239 -3.92 -65.68 -11.88
C SER A 239 -4.12 -65.53 -13.38
N THR A 240 -3.97 -66.61 -14.15
CA THR A 240 -4.20 -66.56 -15.59
C THR A 240 -5.63 -67.01 -15.86
N ASN A 241 -6.30 -66.34 -16.79
CA ASN A 241 -7.69 -66.65 -17.12
C ASN A 241 -7.79 -67.35 -18.46
N CYS A 242 -8.57 -68.43 -18.50
CA CYS A 242 -8.77 -69.19 -19.73
C CYS A 242 -9.66 -68.37 -20.65
N VAL A 243 -9.10 -67.91 -21.77
CA VAL A 243 -9.85 -67.07 -22.72
C VAL A 243 -10.97 -67.87 -23.38
N GLU A 244 -10.62 -68.97 -24.04
CA GLU A 244 -11.60 -69.79 -24.73
C GLU A 244 -11.20 -71.25 -24.62
N GLY A 245 -12.15 -72.12 -24.97
CA GLY A 245 -11.93 -73.56 -24.92
C GLY A 245 -12.04 -74.09 -23.51
N THR A 246 -11.80 -75.40 -23.39
CA THR A 246 -11.85 -76.11 -22.12
C THR A 246 -10.58 -76.92 -21.95
N ALA A 247 -10.23 -77.19 -20.70
CA ALA A 247 -9.00 -77.96 -20.48
C ALA A 247 -9.04 -78.66 -19.14
N ARG A 248 -8.15 -79.65 -18.99
CA ARG A 248 -7.99 -80.44 -17.78
C ARG A 248 -6.53 -80.41 -17.35
N GLY A 249 -6.29 -80.59 -16.06
CA GLY A 249 -4.91 -80.58 -15.60
C GLY A 249 -4.71 -80.94 -14.14
N ILE A 250 -3.54 -81.50 -13.83
CA ILE A 250 -3.21 -81.90 -12.47
C ILE A 250 -2.50 -80.75 -11.78
N VAL A 251 -2.88 -80.46 -10.54
CA VAL A 251 -2.27 -79.36 -9.79
C VAL A 251 -0.86 -79.75 -9.36
N VAL A 252 0.13 -78.99 -9.81
CA VAL A 252 1.53 -79.25 -9.45
C VAL A 252 1.99 -78.34 -8.31
N TYR A 253 1.73 -77.05 -8.44
CA TYR A 253 2.08 -76.08 -7.41
C TYR A 253 0.81 -75.52 -6.78
N THR A 254 0.93 -75.10 -5.53
CA THR A 254 -0.19 -74.55 -4.81
C THR A 254 0.28 -73.42 -3.90
N GLY A 255 -0.64 -72.50 -3.60
CA GLY A 255 -0.34 -71.40 -2.71
C GLY A 255 0.83 -70.54 -3.16
N ASP A 256 1.71 -70.24 -2.20
CA ASP A 256 2.88 -69.40 -2.43
C ASP A 256 3.93 -70.07 -3.31
N ARG A 257 3.92 -71.40 -3.40
CA ARG A 257 4.90 -72.09 -4.23
C ARG A 257 4.67 -71.84 -5.72
N THR A 258 3.48 -71.36 -6.09
CA THR A 258 3.16 -71.08 -7.48
C THR A 258 4.09 -70.01 -8.05
N VAL A 259 4.06 -69.87 -9.37
CA VAL A 259 4.92 -68.92 -10.05
C VAL A 259 4.64 -67.50 -9.56
N MET A 260 3.39 -67.03 -9.77
CA MET A 260 3.04 -65.70 -9.31
C MET A 260 3.14 -65.58 -7.79
N GLY A 261 3.05 -66.71 -7.08
CA GLY A 261 3.20 -66.67 -5.64
C GLY A 261 4.62 -66.30 -5.24
N ARG A 262 5.60 -66.97 -5.86
CA ARG A 262 6.99 -66.65 -5.59
C ARG A 262 7.31 -65.24 -6.06
N ILE A 263 6.64 -64.79 -7.12
CA ILE A 263 6.85 -63.44 -7.63
C ILE A 263 6.38 -62.41 -6.60
N ALA A 264 5.17 -62.59 -6.07
CA ALA A 264 4.62 -61.67 -5.09
C ALA A 264 5.46 -61.67 -3.81
N THR A 265 5.84 -62.86 -3.34
CA THR A 265 6.67 -62.95 -2.14
C THR A 265 8.01 -62.26 -2.34
N LEU A 266 8.56 -62.34 -3.56
CA LEU A 266 9.82 -61.65 -3.85
C LEU A 266 9.62 -60.14 -3.79
N ALA A 267 8.53 -59.67 -4.41
CA ALA A 267 8.25 -58.23 -4.43
C ALA A 267 8.08 -57.68 -3.02
N SER A 268 7.43 -58.43 -2.14
CA SER A 268 7.26 -57.94 -0.77
C SER A 268 8.58 -57.90 -0.02
N GLY A 269 9.46 -58.87 -0.27
CA GLY A 269 10.74 -58.92 0.41
C GLY A 269 11.91 -58.23 -0.25
N LEU A 270 11.65 -57.16 -0.98
CA LEU A 270 12.69 -56.39 -1.65
C LEU A 270 12.87 -55.05 -0.96
N GLU A 271 14.02 -54.43 -1.21
CA GLU A 271 14.35 -53.14 -0.62
C GLU A 271 13.74 -51.99 -1.43
N GLY A 272 13.32 -50.94 -0.72
CA GLY A 272 12.73 -49.78 -1.35
C GLY A 272 13.71 -48.73 -1.82
N GLY A 273 14.82 -48.59 -1.10
CA GLY A 273 15.84 -47.63 -1.44
C GLY A 273 15.60 -46.26 -0.80
N GLN A 274 16.46 -45.32 -1.19
CA GLN A 274 16.39 -43.95 -0.68
C GLN A 274 15.97 -43.04 -1.84
N THR A 275 14.85 -42.33 -1.65
CA THR A 275 14.37 -41.41 -2.68
C THR A 275 15.37 -40.28 -2.87
N PRO A 276 15.42 -39.68 -4.06
CA PRO A 276 16.37 -38.57 -4.27
C PRO A 276 16.08 -37.39 -3.37
N ILE A 277 14.80 -37.11 -3.12
CA ILE A 277 14.41 -35.98 -2.27
C ILE A 277 14.92 -36.18 -0.85
N ALA A 278 14.83 -37.41 -0.32
CA ALA A 278 15.32 -37.68 1.02
C ALA A 278 16.83 -37.52 1.09
N ALA A 279 17.53 -37.95 0.04
CA ALA A 279 18.98 -37.79 0.00
C ALA A 279 19.34 -36.32 -0.01
N GLU A 280 18.56 -35.51 -0.74
CA GLU A 280 18.80 -34.07 -0.78
C GLU A 280 18.56 -33.47 0.60
N ILE A 281 17.54 -33.98 1.32
CA ILE A 281 17.28 -33.51 2.68
C ILE A 281 18.47 -33.82 3.57
N GLU A 282 19.05 -35.01 3.41
CA GLU A 282 20.20 -35.43 4.19
C GLU A 282 21.39 -34.50 3.93
N HIS A 283 21.64 -34.18 2.65
CA HIS A 283 22.73 -33.28 2.31
C HIS A 283 22.50 -31.89 2.89
N PHE A 284 21.26 -31.40 2.79
CA PHE A 284 20.90 -30.10 3.34
C PHE A 284 21.21 -30.04 4.83
N ILE A 285 20.80 -31.08 5.56
CA ILE A 285 21.03 -31.14 7.00
C ILE A 285 22.52 -31.20 7.29
N HIS A 286 23.28 -31.91 6.45
CA HIS A 286 24.72 -31.99 6.66
C HIS A 286 25.36 -30.62 6.61
N ILE A 287 24.98 -29.82 5.62
CA ILE A 287 25.57 -28.48 5.53
C ILE A 287 25.06 -27.57 6.65
N ILE A 288 23.75 -27.67 6.98
CA ILE A 288 23.17 -26.86 8.04
C ILE A 288 23.92 -27.09 9.35
N THR A 289 24.00 -28.35 9.76
CA THR A 289 24.69 -28.68 11.00
C THR A 289 26.19 -28.43 10.88
N GLY A 290 26.76 -28.52 9.68
CA GLY A 290 28.19 -28.26 9.54
C GLY A 290 28.51 -26.83 9.92
N VAL A 291 27.81 -25.87 9.31
CA VAL A 291 28.06 -24.48 9.65
C VAL A 291 27.55 -24.17 11.07
N ALA A 292 26.52 -24.87 11.53
CA ALA A 292 25.99 -24.64 12.88
C ALA A 292 27.01 -25.01 13.94
N VAL A 293 27.63 -26.19 13.80
CA VAL A 293 28.62 -26.61 14.78
C VAL A 293 29.91 -25.83 14.60
N PHE A 294 30.22 -25.39 13.38
CA PHE A 294 31.43 -24.59 13.21
C PHE A 294 31.29 -23.27 13.96
N LEU A 295 30.17 -22.58 13.75
CA LEU A 295 29.94 -21.31 14.43
C LEU A 295 29.82 -21.51 15.94
N GLY A 296 29.10 -22.55 16.36
CA GLY A 296 28.96 -22.80 17.79
C GLY A 296 30.28 -23.08 18.48
N VAL A 297 31.13 -23.91 17.85
CA VAL A 297 32.42 -24.27 18.43
C VAL A 297 33.37 -23.07 18.43
N SER A 298 33.50 -22.40 17.28
CA SER A 298 34.40 -21.25 17.23
C SER A 298 33.95 -20.17 18.21
N PHE A 299 32.63 -19.98 18.38
CA PHE A 299 32.16 -18.99 19.33
C PHE A 299 32.29 -19.48 20.77
N PHE A 300 32.26 -20.80 20.99
CA PHE A 300 32.49 -21.33 22.33
C PHE A 300 33.91 -21.01 22.76
N ILE A 301 34.86 -21.25 21.85
CA ILE A 301 36.26 -20.95 22.11
C ILE A 301 36.45 -19.45 22.30
N LEU A 302 35.80 -18.65 21.46
CA LEU A 302 35.90 -17.19 21.59
C LEU A 302 35.37 -16.72 22.94
N SER A 303 34.24 -17.29 23.38
CA SER A 303 33.65 -16.92 24.67
C SER A 303 34.57 -17.30 25.82
N LEU A 304 35.20 -18.47 25.74
CA LEU A 304 36.13 -18.84 26.81
C LEU A 304 37.37 -17.95 26.79
N ILE A 305 37.78 -17.49 25.60
CA ILE A 305 38.93 -16.61 25.51
C ILE A 305 38.60 -15.25 26.12
N LEU A 306 37.36 -14.77 25.93
CA LEU A 306 37.03 -13.47 26.48
C LEU A 306 37.02 -13.45 28.01
N GLU A 307 35.93 -13.91 28.63
CA GLU A 307 35.87 -13.94 30.08
C GLU A 307 34.92 -15.01 30.62
N TYR A 308 33.96 -15.41 29.79
CA TYR A 308 32.93 -16.36 30.19
C TYR A 308 33.51 -17.71 30.58
N THR A 309 33.02 -18.26 31.69
CA THR A 309 33.46 -19.54 32.22
C THR A 309 32.94 -20.69 31.35
N TRP A 310 33.26 -21.92 31.79
CA TRP A 310 32.82 -23.10 31.03
C TRP A 310 31.30 -23.20 31.01
N LEU A 311 30.66 -22.84 32.11
CA LEU A 311 29.20 -22.88 32.20
C LEU A 311 28.55 -22.00 31.13
N GLU A 312 28.83 -20.70 31.19
CA GLU A 312 28.26 -19.74 30.25
C GLU A 312 28.64 -20.08 28.82
N ALA A 313 29.88 -20.53 28.61
CA ALA A 313 30.30 -20.88 27.26
C ALA A 313 29.51 -22.06 26.71
N VAL A 314 29.22 -23.06 27.55
CA VAL A 314 28.43 -24.20 27.11
C VAL A 314 27.03 -23.76 26.74
N ILE A 315 26.45 -22.87 27.56
CA ILE A 315 25.12 -22.37 27.26
C ILE A 315 25.11 -21.62 25.92
N PHE A 316 26.16 -20.82 25.69
CA PHE A 316 26.27 -20.08 24.43
C PHE A 316 26.44 -21.02 23.24
N LEU A 317 27.24 -22.07 23.42
CA LEU A 317 27.46 -23.05 22.37
C LEU A 317 26.14 -23.67 21.93
N ILE A 318 25.38 -24.18 22.90
CA ILE A 318 24.08 -24.79 22.58
C ILE A 318 23.15 -23.77 21.95
N GLY A 319 23.12 -22.55 22.48
CA GLY A 319 22.25 -21.53 21.91
C GLY A 319 22.55 -21.22 20.46
N ILE A 320 23.84 -21.06 20.13
CA ILE A 320 24.24 -20.73 18.77
C ILE A 320 23.96 -21.90 17.82
N ILE A 321 24.32 -23.11 18.22
CA ILE A 321 24.09 -24.27 17.35
C ILE A 321 22.59 -24.48 17.11
N VAL A 322 21.78 -24.49 18.17
CA VAL A 322 20.34 -24.70 18.02
C VAL A 322 19.69 -23.55 17.25
N ALA A 323 20.21 -22.32 17.40
CA ALA A 323 19.63 -21.19 16.69
C ALA A 323 19.79 -21.33 15.19
N ASN A 324 20.84 -22.02 14.75
CA ASN A 324 21.11 -22.23 13.34
C ASN A 324 20.30 -23.39 12.76
N VAL A 325 19.27 -23.84 13.46
CA VAL A 325 18.42 -24.94 13.03
C VAL A 325 17.10 -24.36 12.54
N PRO A 326 16.76 -24.48 11.25
CA PRO A 326 15.49 -23.92 10.77
C PRO A 326 14.35 -24.73 11.36
N GLU A 327 13.72 -24.14 12.37
CA GLU A 327 12.63 -24.80 13.07
C GLU A 327 11.40 -24.96 12.19
N GLY A 328 10.97 -23.88 11.55
CA GLY A 328 9.80 -23.92 10.69
C GLY A 328 10.01 -24.48 9.32
N LEU A 329 11.24 -24.80 8.92
CA LEU A 329 11.45 -25.31 7.57
C LEU A 329 10.90 -26.72 7.40
N LEU A 330 10.82 -27.50 8.49
CA LEU A 330 10.26 -28.85 8.40
C LEU A 330 8.81 -28.81 7.91
N ALA A 331 7.97 -28.07 8.64
CA ALA A 331 6.56 -27.98 8.29
C ALA A 331 6.34 -27.33 6.92
N THR A 332 7.10 -26.29 6.60
CA THR A 332 6.92 -25.63 5.29
C THR A 332 7.27 -26.58 4.15
N VAL A 333 8.36 -27.33 4.29
CA VAL A 333 8.73 -28.27 3.23
C VAL A 333 7.69 -29.37 3.12
N THR A 334 7.23 -29.88 4.27
CA THR A 334 6.22 -30.93 4.28
C THR A 334 4.94 -30.45 3.59
N VAL A 335 4.46 -29.27 3.95
CA VAL A 335 3.25 -28.72 3.34
C VAL A 335 3.46 -28.47 1.86
N CYS A 336 4.67 -28.06 1.46
CA CYS A 336 4.95 -27.86 0.04
C CYS A 336 4.75 -29.16 -0.72
N LEU A 337 5.40 -30.23 -0.24
CA LEU A 337 5.26 -31.55 -0.84
C LEU A 337 3.80 -32.01 -0.83
N THR A 338 3.08 -31.66 0.24
CA THR A 338 1.68 -32.04 0.35
C THR A 338 0.82 -31.32 -0.69
N LEU A 339 1.13 -30.05 -0.94
CA LEU A 339 0.37 -29.29 -1.95
C LEU A 339 0.56 -29.89 -3.32
N THR A 340 1.82 -30.19 -3.68
CA THR A 340 2.06 -30.81 -4.98
C THR A 340 1.39 -32.18 -5.04
N ALA A 341 1.42 -32.93 -3.94
CA ALA A 341 0.74 -34.23 -3.90
C ALA A 341 -0.77 -34.06 -4.08
N LYS A 342 -1.31 -32.95 -3.56
CA LYS A 342 -2.73 -32.65 -3.73
C LYS A 342 -3.05 -32.51 -5.20
N ARG A 343 -2.21 -31.75 -5.92
CA ARG A 343 -2.41 -31.59 -7.36
C ARG A 343 -2.30 -32.94 -8.05
N MET A 344 -1.43 -33.82 -7.55
CA MET A 344 -1.32 -35.16 -8.13
C MET A 344 -2.61 -35.94 -7.95
N ALA A 345 -3.23 -35.82 -6.78
CA ALA A 345 -4.48 -36.52 -6.50
C ALA A 345 -5.64 -35.95 -7.32
N ARG A 346 -5.57 -34.65 -7.65
CA ARG A 346 -6.64 -34.05 -8.44
C ARG A 346 -6.68 -34.64 -9.85
N LYS A 347 -5.52 -34.97 -10.41
CA LYS A 347 -5.42 -35.56 -11.73
C LYS A 347 -5.43 -37.09 -11.69
N ASN A 348 -5.95 -37.66 -10.60
CA ASN A 348 -6.05 -39.12 -10.39
C ASN A 348 -4.69 -39.81 -10.48
N CYS A 349 -3.64 -39.10 -10.08
CA CYS A 349 -2.28 -39.62 -10.06
C CYS A 349 -1.92 -39.73 -8.58
N LEU A 350 -2.41 -40.80 -7.95
CA LEU A 350 -2.20 -40.97 -6.53
C LEU A 350 -0.77 -41.42 -6.22
N VAL A 351 -0.26 -40.94 -5.09
CA VAL A 351 1.06 -41.30 -4.60
C VAL A 351 0.87 -41.85 -3.19
N LYS A 352 1.29 -43.09 -2.98
CA LYS A 352 1.15 -43.67 -1.65
C LYS A 352 2.14 -43.05 -0.68
N ASN A 353 3.26 -42.54 -1.20
CA ASN A 353 4.29 -41.90 -0.40
C ASN A 353 4.20 -40.38 -0.62
N LEU A 354 4.34 -39.64 0.47
CA LEU A 354 4.24 -38.19 0.39
C LEU A 354 5.38 -37.56 -0.42
N GLU A 355 6.57 -38.15 -0.41
CA GLU A 355 7.70 -37.60 -1.14
C GLU A 355 7.93 -38.23 -2.52
N ALA A 356 7.23 -39.32 -2.84
CA ALA A 356 7.40 -39.95 -4.15
C ALA A 356 6.94 -39.03 -5.28
N VAL A 357 6.26 -37.93 -4.94
CA VAL A 357 5.80 -36.98 -5.94
C VAL A 357 7.00 -36.31 -6.59
N GLU A 358 8.12 -36.17 -5.85
CA GLU A 358 9.29 -35.52 -6.42
C GLU A 358 10.13 -36.44 -7.29
N THR A 359 10.12 -37.74 -6.99
CA THR A 359 10.96 -38.71 -7.70
C THR A 359 10.80 -38.67 -9.21
N LEU A 360 9.64 -38.26 -9.71
CA LEU A 360 9.46 -38.19 -11.16
C LEU A 360 10.37 -37.14 -11.79
N GLY A 361 10.48 -35.97 -11.15
CA GLY A 361 11.31 -34.91 -11.69
C GLY A 361 12.78 -35.25 -11.76
N SER A 362 13.26 -36.10 -10.86
CA SER A 362 14.66 -36.51 -10.85
C SER A 362 14.95 -37.70 -11.74
N THR A 363 13.92 -38.31 -12.34
CA THR A 363 14.11 -39.48 -13.18
C THR A 363 14.88 -39.17 -14.45
N SER A 364 15.76 -40.11 -14.83
CA SER A 364 16.56 -39.99 -16.04
C SER A 364 16.47 -41.23 -16.92
N THR A 365 15.73 -42.26 -16.50
CA THR A 365 15.56 -43.48 -17.29
C THR A 365 14.26 -44.15 -16.86
N ILE A 366 13.36 -44.37 -17.80
CA ILE A 366 12.07 -45.00 -17.51
C ILE A 366 12.04 -46.40 -18.12
N CYS A 367 11.91 -47.39 -17.26
CA CYS A 367 11.81 -48.78 -17.69
C CYS A 367 10.32 -49.07 -17.77
N SER A 368 9.77 -49.07 -18.98
CA SER A 368 8.34 -49.30 -19.16
C SER A 368 7.97 -50.70 -19.58
N PHD A 369 6.77 -51.11 -19.18
CA PHD A 369 6.25 -52.41 -19.53
C PHD A 369 5.43 -52.17 -20.83
O PHD A 369 4.78 -51.09 -20.97
CB PHD A 369 5.38 -53.05 -18.44
CG PHD A 369 4.64 -54.33 -18.79
OD1 PHD A 369 5.35 -55.40 -19.08
OD2 PHD A 369 3.39 -54.44 -18.79
P PHD A 369 4.68 -56.52 -19.99
OP1 PHD A 369 4.55 -56.02 -21.39
OP2 PHD A 369 5.56 -57.75 -19.99
OP3 PHD A 369 3.32 -56.89 -19.48
N LYS A 370 5.44 -53.13 -21.74
CA LYS A 370 4.70 -52.99 -23.01
C LYS A 370 3.23 -53.33 -22.85
N THR A 371 2.92 -54.63 -22.75
CA THR A 371 1.55 -55.10 -22.61
C THR A 371 0.93 -54.62 -21.31
N GLY A 372 -0.20 -53.94 -21.41
CA GLY A 372 -0.91 -53.41 -20.26
C GLY A 372 -0.55 -51.99 -19.88
N THR A 373 0.75 -51.67 -19.84
CA THR A 373 1.21 -50.33 -19.48
C THR A 373 1.28 -49.44 -20.72
N LEU A 374 2.11 -49.80 -21.69
CA LEU A 374 2.19 -49.02 -22.91
C LEU A 374 0.98 -49.30 -23.79
N THR A 375 0.71 -50.57 -24.07
CA THR A 375 -0.44 -50.95 -24.88
C THR A 375 -1.69 -51.08 -24.02
N GLN A 376 -2.82 -51.24 -24.70
CA GLN A 376 -4.10 -51.38 -24.01
C GLN A 376 -4.35 -52.82 -23.57
N ASN A 377 -3.48 -53.76 -23.97
CA ASN A 377 -3.61 -55.17 -23.61
C ASN A 377 -4.97 -55.71 -24.08
N ARG A 378 -5.22 -55.56 -25.38
CA ARG A 378 -6.48 -56.01 -25.96
C ARG A 378 -6.36 -56.07 -27.48
N MET A 379 -6.72 -57.22 -28.06
CA MET A 379 -6.66 -57.38 -29.51
C MET A 379 -7.66 -56.44 -30.17
N THR A 380 -7.18 -55.62 -31.10
CA THR A 380 -8.06 -54.67 -31.79
C THR A 380 -7.73 -54.66 -33.27
N VAL A 381 -8.78 -54.48 -34.10
CA VAL A 381 -8.62 -54.42 -35.54
C VAL A 381 -7.71 -53.25 -35.90
N ALA A 382 -6.55 -53.55 -36.48
CA ALA A 382 -5.61 -52.47 -36.81
C ALA A 382 -5.77 -51.93 -38.22
N HIS A 383 -5.45 -52.74 -39.23
CA HIS A 383 -5.52 -52.30 -40.61
C HIS A 383 -6.37 -53.25 -41.43
N MET A 384 -6.74 -52.78 -42.61
CA MET A 384 -7.53 -53.54 -43.55
C MET A 384 -6.94 -53.33 -44.95
N TRP A 385 -7.20 -54.30 -45.82
CA TRP A 385 -6.73 -54.29 -47.20
C TRP A 385 -7.93 -54.45 -48.10
N SER A 386 -8.52 -53.33 -48.53
CA SER A 386 -9.67 -53.33 -49.42
C SER A 386 -9.30 -52.56 -50.68
N ASP A 387 -9.70 -53.09 -51.84
CA ASP A 387 -9.42 -52.47 -53.15
C ASP A 387 -7.93 -52.26 -53.36
N ASN A 388 -7.13 -53.24 -52.95
CA ASN A 388 -5.66 -53.18 -53.06
C ASN A 388 -5.10 -51.95 -52.36
N GLN A 389 -5.83 -51.45 -51.35
CA GLN A 389 -5.44 -50.27 -50.60
C GLN A 389 -5.59 -50.53 -49.12
N ILE A 390 -4.58 -50.10 -48.34
CA ILE A 390 -4.57 -50.28 -46.90
C ILE A 390 -5.35 -49.15 -46.24
N HIS A 391 -6.17 -49.50 -45.26
CA HIS A 391 -7.00 -48.56 -44.51
C HIS A 391 -6.74 -48.78 -43.03
N GLU A 392 -6.29 -47.75 -42.34
CA GLU A 392 -5.99 -47.83 -40.92
C GLU A 392 -7.20 -47.41 -40.10
N ALA A 393 -7.80 -48.36 -39.40
CA ALA A 393 -8.94 -48.05 -38.56
C ALA A 393 -8.45 -47.32 -37.31
N ASP A 394 -9.40 -46.77 -36.56
CA ASP A 394 -9.06 -46.06 -35.33
C ASP A 394 -8.81 -47.09 -34.24
N THR A 395 -7.62 -47.06 -33.65
CA THR A 395 -7.22 -48.01 -32.62
C THR A 395 -7.01 -47.39 -31.24
N THR A 396 -7.47 -46.16 -31.02
CA THR A 396 -7.31 -45.53 -29.72
C THR A 396 -8.22 -46.20 -28.68
N GLU A 397 -7.85 -46.03 -27.40
CA GLU A 397 -8.61 -46.60 -26.30
C GLU A 397 -9.92 -45.89 -26.02
N ASN A 398 -10.15 -44.72 -26.62
CA ASN A 398 -11.38 -43.97 -26.43
C ASN A 398 -11.97 -43.48 -27.75
N GLN A 399 -11.47 -43.96 -28.88
CA GLN A 399 -11.94 -43.58 -30.22
C GLN A 399 -11.81 -42.09 -30.51
N SER A 400 -10.58 -41.63 -30.78
CA SER A 400 -10.33 -40.22 -31.09
C SER A 400 -9.37 -40.04 -32.27
N GLY A 401 -9.17 -41.06 -33.10
CA GLY A 401 -8.28 -40.99 -34.23
C GLY A 401 -9.00 -40.80 -35.55
N VAL A 402 -8.29 -41.06 -36.63
CA VAL A 402 -8.85 -40.91 -37.97
C VAL A 402 -9.65 -42.15 -38.35
N SER A 403 -10.74 -41.94 -39.07
CA SER A 403 -11.61 -43.01 -39.55
C SER A 403 -11.41 -43.15 -41.06
N PHE A 404 -11.51 -44.39 -41.53
CA PHE A 404 -11.33 -44.68 -42.94
C PHE A 404 -12.55 -44.22 -43.76
N ASP A 405 -12.46 -44.39 -45.08
CA ASP A 405 -13.52 -44.00 -46.00
C ASP A 405 -14.51 -45.15 -46.09
N LYS A 406 -15.62 -45.03 -45.36
CA LYS A 406 -16.65 -46.06 -45.29
C LYS A 406 -17.85 -45.75 -46.20
N THR A 407 -17.59 -45.67 -47.51
CA THR A 407 -18.65 -45.38 -48.48
C THR A 407 -18.63 -46.26 -49.72
N SER A 408 -17.73 -47.24 -49.80
CA SER A 408 -17.63 -48.11 -50.96
C SER A 408 -18.32 -49.45 -50.73
N ALA A 409 -18.73 -50.09 -51.83
CA ALA A 409 -19.38 -51.40 -51.75
C ALA A 409 -18.41 -52.45 -51.24
N THR A 410 -17.10 -52.25 -51.47
CA THR A 410 -16.10 -53.19 -50.97
C THR A 410 -16.10 -53.20 -49.45
N TRP A 411 -16.21 -52.03 -48.83
CA TRP A 411 -16.26 -51.95 -47.38
C TRP A 411 -17.55 -52.57 -46.85
N LEU A 412 -18.67 -52.36 -47.55
CA LEU A 412 -19.93 -52.96 -47.11
C LEU A 412 -19.84 -54.48 -47.15
N ALA A 413 -19.29 -55.03 -48.23
CA ALA A 413 -19.13 -56.47 -48.35
C ALA A 413 -18.21 -57.02 -47.27
N LEU A 414 -17.03 -56.40 -47.11
CA LEU A 414 -16.06 -56.85 -46.11
C LEU A 414 -16.65 -56.80 -44.70
N SER A 415 -17.27 -55.67 -44.34
CA SER A 415 -17.88 -55.53 -43.02
C SER A 415 -18.99 -56.53 -42.81
N ARG A 416 -19.74 -56.88 -43.87
CA ARG A 416 -20.79 -57.87 -43.71
C ARG A 416 -20.18 -59.25 -43.50
N ILE A 417 -19.07 -59.55 -44.19
CA ILE A 417 -18.41 -60.84 -43.98
C ILE A 417 -17.92 -60.96 -42.55
N ALA A 418 -17.38 -59.86 -42.01
CA ALA A 418 -16.87 -59.85 -40.65
C ALA A 418 -17.98 -59.93 -39.61
N GLY A 419 -19.01 -59.10 -39.75
CA GLY A 419 -20.11 -59.10 -38.79
C GLY A 419 -20.96 -60.35 -38.82
N LEU A 420 -21.07 -60.99 -39.99
CA LEU A 420 -21.87 -62.21 -40.10
C LEU A 420 -21.09 -63.45 -39.70
N CYS A 421 -20.00 -63.73 -40.42
CA CYS A 421 -19.17 -64.92 -40.16
C CYS A 421 -18.20 -64.66 -39.01
N ASN A 422 -18.72 -64.73 -37.79
CA ASN A 422 -17.92 -64.55 -36.59
C ASN A 422 -18.68 -65.09 -35.39
N ARG A 423 -17.93 -65.68 -34.47
CA ARG A 423 -18.47 -66.25 -33.24
C ARG A 423 -18.27 -65.30 -32.06
N ALA A 424 -18.81 -64.09 -32.19
CA ALA A 424 -18.67 -63.08 -31.14
C ALA A 424 -19.97 -62.30 -30.98
N VAL A 425 -20.43 -62.21 -29.73
CA VAL A 425 -21.65 -61.47 -29.40
C VAL A 425 -21.45 -60.76 -28.06
N PHE A 426 -22.26 -59.73 -27.85
CA PHE A 426 -22.22 -58.98 -26.61
C PHE A 426 -22.98 -59.77 -25.54
N GLN A 427 -23.07 -59.19 -24.36
CA GLN A 427 -23.74 -59.86 -23.25
C GLN A 427 -24.95 -59.05 -22.78
N ALA A 428 -25.44 -59.36 -21.57
CA ALA A 428 -26.64 -58.72 -21.04
C ALA A 428 -26.43 -57.25 -20.67
N ASN A 429 -25.44 -56.96 -19.82
CA ASN A 429 -25.24 -55.58 -19.39
C ASN A 429 -24.49 -54.71 -20.40
N GLN A 430 -24.06 -55.24 -21.54
CA GLN A 430 -23.33 -54.44 -22.53
C GLN A 430 -24.31 -53.51 -23.24
N GLU A 431 -24.70 -52.44 -22.55
CA GLU A 431 -25.61 -51.46 -23.15
C GLU A 431 -25.10 -50.03 -23.00
N ASN A 432 -24.98 -49.56 -21.75
CA ASN A 432 -24.51 -48.22 -21.43
C ASN A 432 -22.98 -48.12 -21.39
N LEU A 433 -22.28 -49.14 -21.94
CA LEU A 433 -20.82 -49.20 -21.99
C LEU A 433 -20.32 -48.81 -23.38
N PRO A 434 -19.13 -48.22 -23.48
CA PRO A 434 -18.60 -47.83 -24.79
C PRO A 434 -18.34 -49.07 -25.66
N ILE A 435 -18.13 -48.81 -26.95
CA ILE A 435 -17.93 -49.89 -27.92
C ILE A 435 -16.62 -50.64 -27.66
N LEU A 436 -15.64 -50.00 -27.02
CA LEU A 436 -14.36 -50.64 -26.78
C LEU A 436 -14.30 -51.39 -25.44
N LYS A 437 -14.49 -50.69 -24.33
CA LYS A 437 -14.41 -51.30 -23.00
C LYS A 437 -15.53 -52.29 -22.68
N ARG A 438 -16.51 -52.47 -23.56
CA ARG A 438 -17.59 -53.42 -23.29
C ARG A 438 -17.08 -54.86 -23.40
N ALA A 439 -17.83 -55.77 -22.78
CA ALA A 439 -17.47 -57.19 -22.77
C ALA A 439 -18.04 -57.93 -23.98
N VAL A 440 -17.25 -58.87 -24.51
CA VAL A 440 -17.61 -59.69 -25.65
C VAL A 440 -17.38 -61.15 -25.26
N ALA A 441 -18.17 -62.06 -25.82
CA ALA A 441 -18.04 -63.48 -25.53
C ALA A 441 -17.43 -64.22 -26.71
N GLY A 442 -16.37 -65.00 -26.47
CA GLY A 442 -15.73 -65.78 -27.51
C GLY A 442 -14.24 -65.49 -27.67
N ASP A 443 -13.76 -65.63 -28.90
CA ASP A 443 -12.36 -65.40 -29.23
C ASP A 443 -12.02 -63.91 -29.14
N ALA A 444 -10.77 -63.62 -28.80
CA ALA A 444 -10.32 -62.23 -28.72
C ALA A 444 -10.36 -61.57 -30.09
N SER A 445 -9.92 -62.29 -31.13
CA SER A 445 -9.96 -61.78 -32.49
C SER A 445 -11.39 -61.44 -32.91
N GLU A 446 -12.31 -62.37 -32.66
CA GLU A 446 -13.71 -62.15 -32.99
C GLU A 446 -14.27 -60.98 -32.21
N SER A 447 -13.79 -60.76 -30.97
CA SER A 447 -14.23 -59.62 -30.18
C SER A 447 -13.80 -58.32 -30.83
N ALA A 448 -12.55 -58.26 -31.30
CA ALA A 448 -12.05 -57.07 -31.99
C ALA A 448 -12.88 -56.78 -33.22
N LEU A 449 -13.16 -57.82 -34.01
CA LEU A 449 -13.97 -57.66 -35.22
C LEU A 449 -15.38 -57.16 -34.88
N LEU A 450 -15.97 -57.71 -33.82
CA LEU A 450 -17.31 -57.30 -33.42
C LEU A 450 -17.33 -55.83 -33.01
N LYS A 451 -16.31 -55.39 -32.27
CA LYS A 451 -16.25 -53.99 -31.86
C LYS A 451 -16.07 -53.07 -33.07
N CYS A 452 -15.22 -53.46 -34.02
CA CYS A 452 -15.00 -52.62 -35.19
C CYS A 452 -16.27 -52.50 -36.04
N ILE A 453 -17.02 -53.59 -36.19
CA ILE A 453 -18.26 -53.51 -36.97
C ILE A 453 -19.32 -52.72 -36.20
N GLU A 454 -19.37 -52.89 -34.88
CA GLU A 454 -20.33 -52.15 -34.05
C GLU A 454 -19.99 -50.67 -33.98
N LEU A 455 -18.77 -50.29 -34.35
CA LEU A 455 -18.35 -48.89 -34.31
C LEU A 455 -18.42 -48.18 -35.66
N CYS A 456 -17.74 -48.70 -36.67
CA CYS A 456 -17.68 -48.07 -37.99
C CYS A 456 -18.69 -48.60 -39.00
N CYS A 457 -19.61 -49.47 -38.60
CA CYS A 457 -20.61 -50.02 -39.52
C CYS A 457 -22.01 -49.99 -38.94
N GLY A 458 -22.28 -49.10 -37.97
CA GLY A 458 -23.60 -49.04 -37.39
C GLY A 458 -23.78 -49.98 -36.22
N SER A 459 -24.33 -51.15 -36.48
CA SER A 459 -24.56 -52.16 -35.46
C SER A 459 -24.45 -53.54 -36.09
N VAL A 460 -24.28 -54.55 -35.25
CA VAL A 460 -24.16 -55.94 -35.70
C VAL A 460 -25.38 -56.78 -35.33
N LYS A 461 -26.26 -56.28 -34.46
CA LYS A 461 -27.46 -57.04 -34.06
C LYS A 461 -28.37 -57.30 -35.25
N GLU A 462 -28.98 -56.22 -35.75
CA GLU A 462 -29.87 -56.33 -36.90
C GLU A 462 -29.10 -56.73 -38.15
N MET A 463 -27.80 -56.41 -38.19
CA MET A 463 -26.97 -56.79 -39.35
C MET A 463 -26.77 -58.30 -39.41
N ARG A 464 -26.72 -58.97 -38.26
CA ARG A 464 -26.55 -60.41 -38.24
C ARG A 464 -27.88 -61.14 -38.38
N GLU A 465 -28.94 -60.65 -37.72
CA GLU A 465 -30.22 -61.34 -37.86
C GLU A 465 -30.87 -61.10 -39.22
N ARG A 466 -30.41 -60.09 -39.97
CA ARG A 466 -30.98 -59.83 -41.30
C ARG A 466 -30.59 -60.94 -42.26
N TYR A 467 -29.46 -61.59 -42.02
CA TYR A 467 -28.94 -62.68 -42.84
C TYR A 467 -29.02 -63.93 -41.97
N THR A 468 -30.16 -64.62 -42.05
CA THR A 468 -30.38 -65.84 -41.26
C THR A 468 -29.39 -66.92 -41.64
N LYS A 469 -28.62 -67.40 -40.66
CA LYS A 469 -27.63 -68.43 -40.92
C LYS A 469 -28.29 -69.79 -41.14
N ILE A 470 -27.97 -70.42 -42.27
CA ILE A 470 -28.50 -71.74 -42.60
C ILE A 470 -27.60 -72.81 -42.02
N VAL A 471 -26.37 -72.89 -42.53
CA VAL A 471 -25.39 -73.88 -42.09
C VAL A 471 -24.04 -73.20 -41.88
N GLU A 472 -23.40 -73.53 -40.76
CA GLU A 472 -22.10 -73.00 -40.36
C GLU A 472 -21.04 -74.09 -40.37
N ILE A 473 -19.79 -73.65 -40.47
CA ILE A 473 -18.61 -74.50 -40.45
C ILE A 473 -17.59 -73.77 -39.58
N PRO A 474 -17.39 -74.22 -38.33
CA PRO A 474 -16.44 -73.54 -37.44
C PRO A 474 -14.99 -73.70 -37.87
N PHE A 475 -14.07 -73.12 -37.10
CA PHE A 475 -12.66 -73.20 -37.42
C PHE A 475 -12.14 -74.61 -37.21
N ASN A 476 -11.31 -75.07 -38.15
CA ASN A 476 -10.72 -76.40 -38.13
C ASN A 476 -9.32 -76.35 -37.52
N SER A 477 -8.90 -77.48 -36.92
CA SER A 477 -7.57 -77.54 -36.29
C SER A 477 -6.46 -77.39 -37.32
N THR A 478 -6.57 -78.05 -38.46
CA THR A 478 -5.60 -77.95 -39.54
C THR A 478 -6.33 -77.39 -40.75
N ASN A 479 -5.60 -76.68 -41.62
CA ASN A 479 -6.17 -76.01 -42.77
C ASN A 479 -7.28 -75.09 -42.28
N LYS A 480 -6.89 -74.14 -41.44
CA LYS A 480 -7.84 -73.24 -40.78
C LYS A 480 -8.70 -72.46 -41.77
N TYR A 481 -9.99 -72.37 -41.44
CA TYR A 481 -11.02 -71.68 -42.19
C TYR A 481 -12.30 -71.71 -41.37
N GLN A 482 -13.10 -70.66 -41.52
CA GLN A 482 -14.39 -70.56 -40.83
C GLN A 482 -15.37 -70.00 -41.84
N LEU A 483 -16.40 -70.78 -42.19
CA LEU A 483 -17.36 -70.33 -43.19
C LEU A 483 -18.79 -70.55 -42.73
N SER A 484 -19.73 -70.00 -43.51
CA SER A 484 -21.16 -70.13 -43.22
C SER A 484 -21.96 -69.58 -44.39
N ILE A 485 -23.19 -70.09 -44.53
CA ILE A 485 -24.09 -69.64 -45.59
C ILE A 485 -25.27 -68.93 -44.95
N HIS A 486 -25.68 -67.81 -45.55
CA HIS A 486 -26.78 -67.00 -45.04
C HIS A 486 -27.74 -66.64 -46.16
N LYS A 487 -28.95 -66.27 -45.75
CA LYS A 487 -29.98 -65.85 -46.69
C LYS A 487 -29.76 -64.37 -47.00
N ASN A 488 -30.07 -63.98 -48.24
CA ASN A 488 -29.87 -62.60 -48.66
C ASN A 488 -31.21 -61.89 -48.79
N PRO A 489 -31.48 -60.86 -47.96
CA PRO A 489 -32.75 -60.16 -48.04
C PRO A 489 -32.74 -58.94 -48.95
N ASN A 490 -31.72 -58.81 -49.80
CA ASN A 490 -31.65 -57.68 -50.71
C ASN A 490 -32.82 -57.74 -51.69
N THR A 491 -33.30 -56.55 -52.09
CA THR A 491 -34.42 -56.44 -53.01
C THR A 491 -33.99 -56.47 -54.46
N ALA A 492 -32.88 -57.15 -54.76
CA ALA A 492 -32.38 -57.26 -56.11
C ALA A 492 -31.94 -58.67 -56.47
N GLU A 493 -31.47 -59.45 -55.50
CA GLU A 493 -31.01 -60.81 -55.76
C GLU A 493 -31.38 -61.80 -54.65
N PRO A 494 -32.14 -62.85 -54.96
CA PRO A 494 -32.51 -63.85 -53.95
C PRO A 494 -31.50 -64.96 -53.74
N ARG A 495 -30.33 -64.89 -54.36
CA ARG A 495 -29.31 -65.92 -54.24
C ARG A 495 -28.72 -65.96 -52.83
N HIS A 496 -28.26 -67.15 -52.43
CA HIS A 496 -27.66 -67.34 -51.11
C HIS A 496 -26.29 -66.64 -51.05
N LEU A 497 -25.90 -66.24 -49.83
CA LEU A 497 -24.63 -65.56 -49.60
C LEU A 497 -23.71 -66.43 -48.76
N LEU A 498 -22.59 -66.86 -49.34
CA LEU A 498 -21.62 -67.68 -48.64
C LEU A 498 -20.46 -66.80 -48.20
N VAL A 499 -20.04 -66.92 -46.94
CA VAL A 499 -18.95 -66.12 -46.40
C VAL A 499 -17.93 -67.04 -45.75
N MET A 500 -16.66 -66.63 -45.79
CA MET A 500 -15.56 -67.40 -45.23
C MET A 500 -14.42 -66.48 -44.83
N LYS A 501 -13.67 -66.90 -43.81
CA LYS A 501 -12.52 -66.17 -43.33
C LYS A 501 -11.44 -67.18 -42.91
N GLY A 502 -10.21 -66.70 -42.84
CA GLY A 502 -9.13 -67.58 -42.45
C GLY A 502 -7.78 -66.93 -42.65
N ALA A 503 -6.73 -67.73 -42.47
CA ALA A 503 -5.38 -67.22 -42.68
C ALA A 503 -5.21 -66.86 -44.14
N PRO A 504 -4.45 -65.80 -44.46
CA PRO A 504 -4.29 -65.42 -45.89
C PRO A 504 -3.73 -66.53 -46.74
N GLU A 505 -2.78 -67.31 -46.21
CA GLU A 505 -2.20 -68.42 -46.94
C GLU A 505 -3.23 -69.53 -47.15
N ARG A 506 -4.26 -69.59 -46.30
CA ARG A 506 -5.33 -70.58 -46.44
C ARG A 506 -6.45 -70.10 -47.35
N ILE A 507 -6.67 -68.79 -47.43
CA ILE A 507 -7.72 -68.26 -48.29
C ILE A 507 -7.25 -68.14 -49.74
N LEU A 508 -5.94 -67.90 -49.96
CA LEU A 508 -5.44 -67.80 -51.33
C LEU A 508 -5.62 -69.11 -52.08
N ASP A 509 -5.64 -70.23 -51.37
CA ASP A 509 -5.82 -71.56 -51.97
C ASP A 509 -7.28 -71.85 -52.28
N ARG A 510 -8.21 -71.08 -51.72
CA ARG A 510 -9.63 -71.28 -51.91
C ARG A 510 -10.31 -70.04 -52.49
N CYS A 511 -9.67 -69.41 -53.47
CA CYS A 511 -10.22 -68.22 -54.11
C CYS A 511 -9.71 -68.10 -55.53
N SER A 512 -10.53 -67.47 -56.37
CA SER A 512 -10.16 -67.19 -57.75
C SER A 512 -10.68 -65.84 -58.21
N SER A 513 -11.72 -65.32 -57.55
CA SER A 513 -12.31 -64.03 -57.85
C SER A 513 -11.83 -62.99 -56.84
N ILE A 514 -11.77 -61.74 -57.29
CA ILE A 514 -11.32 -60.61 -56.48
C ILE A 514 -12.33 -59.47 -56.62
N LEU A 515 -12.75 -58.89 -55.49
CA LEU A 515 -13.70 -57.78 -55.47
C LEU A 515 -12.98 -56.44 -55.55
N ILE A 516 -13.46 -55.56 -56.42
CA ILE A 516 -12.87 -54.23 -56.59
C ILE A 516 -14.01 -53.23 -56.84
N HIS A 517 -14.22 -52.30 -55.90
CA HIS A 517 -15.22 -51.24 -55.95
C HIS A 517 -16.63 -51.74 -56.29
N GLY A 518 -16.87 -53.04 -56.20
CA GLY A 518 -18.19 -53.57 -56.51
C GLY A 518 -18.19 -54.70 -57.53
N LYS A 519 -17.33 -54.64 -58.53
CA LYS A 519 -17.30 -55.68 -59.56
C LYS A 519 -16.17 -56.67 -59.30
N GLU A 520 -16.29 -57.84 -59.91
CA GLU A 520 -15.31 -58.91 -59.75
C GLU A 520 -14.31 -58.97 -60.91
N GLN A 521 -13.15 -59.53 -60.61
CA GLN A 521 -12.06 -59.70 -61.56
C GLN A 521 -11.35 -61.01 -61.24
N PRO A 522 -10.61 -61.59 -62.19
CA PRO A 522 -9.91 -62.85 -61.92
C PRO A 522 -8.73 -62.64 -60.98
N LEU A 523 -8.11 -63.75 -60.58
CA LEU A 523 -6.97 -63.73 -59.67
C LEU A 523 -5.67 -63.40 -60.42
N ASP A 524 -5.68 -62.25 -61.08
CA ASP A 524 -4.51 -61.82 -61.83
C ASP A 524 -3.34 -61.60 -60.87
N GLU A 525 -2.19 -62.16 -61.22
CA GLU A 525 -1.00 -62.05 -60.37
C GLU A 525 -0.48 -60.62 -60.25
N GLU A 526 -0.83 -59.72 -61.17
CA GLU A 526 -0.36 -58.34 -61.08
C GLU A 526 -0.87 -57.67 -59.82
N LEU A 527 -2.09 -58.00 -59.38
CA LEU A 527 -2.66 -57.47 -58.15
C LEU A 527 -2.59 -58.50 -57.02
N LYS A 528 -2.51 -59.80 -57.36
CA LYS A 528 -2.39 -60.83 -56.34
C LYS A 528 -1.04 -60.72 -55.64
N ASP A 529 0.03 -60.44 -56.41
CA ASP A 529 1.34 -60.26 -55.80
C ASP A 529 1.32 -59.02 -54.91
N ALA A 530 0.51 -58.01 -55.28
CA ALA A 530 0.36 -56.83 -54.45
C ALA A 530 -0.32 -57.22 -53.14
N PHE A 531 -1.28 -58.15 -53.22
CA PHE A 531 -1.94 -58.66 -52.02
C PHE A 531 -0.90 -59.33 -51.12
N GLN A 532 0.02 -60.08 -51.72
CA GLN A 532 1.06 -60.75 -50.94
C GLN A 532 1.99 -59.74 -50.27
N ASN A 533 2.38 -58.68 -50.99
CA ASN A 533 3.27 -57.69 -50.38
C ASN A 533 2.54 -56.91 -49.29
N ALA A 534 1.23 -56.69 -49.44
CA ALA A 534 0.47 -56.01 -48.38
C ALA A 534 0.36 -56.92 -47.15
N TYR A 535 0.19 -58.23 -47.39
CA TYR A 535 0.15 -59.19 -46.29
C TYR A 535 1.47 -59.19 -45.55
N LEU A 536 2.58 -59.08 -46.29
CA LEU A 536 3.89 -59.03 -45.64
C LEU A 536 4.08 -57.70 -44.92
N GLU A 537 3.39 -56.64 -45.38
CA GLU A 537 3.45 -55.35 -44.71
C GLU A 537 2.79 -55.43 -43.34
N LEU A 538 1.57 -55.98 -43.30
CA LEU A 538 0.83 -56.10 -42.04
C LEU A 538 1.48 -57.13 -41.12
N GLY A 539 1.95 -58.26 -41.68
CA GLY A 539 2.57 -59.28 -40.85
C GLY A 539 3.91 -58.84 -40.29
N GLY A 540 4.74 -58.21 -41.13
CA GLY A 540 6.03 -57.70 -40.66
C GLY A 540 5.89 -56.54 -39.69
N LEU A 541 4.69 -56.02 -39.54
CA LEU A 541 4.39 -54.93 -38.62
C LEU A 541 4.01 -55.44 -37.25
N GLY A 542 4.14 -56.75 -37.02
CA GLY A 542 3.78 -57.34 -35.74
C GLY A 542 2.30 -57.52 -35.51
N GLU A 543 1.52 -57.66 -36.58
CA GLU A 543 0.08 -57.83 -36.50
C GLU A 543 -0.33 -59.22 -36.98
N ARG A 544 -1.56 -59.60 -36.65
CA ARG A 544 -2.14 -60.88 -37.05
C ARG A 544 -3.17 -60.57 -38.13
N VAL A 545 -2.96 -61.12 -39.32
CA VAL A 545 -3.80 -60.87 -40.49
C VAL A 545 -4.79 -61.99 -40.74
N LEU A 546 -5.97 -61.61 -41.23
CA LEU A 546 -7.05 -62.55 -41.55
C LEU A 546 -7.72 -62.12 -42.85
N GLY A 547 -7.82 -63.07 -43.80
CA GLY A 547 -8.45 -62.80 -45.08
C GLY A 547 -9.93 -63.13 -45.02
N PHE A 548 -10.73 -62.27 -45.66
CA PHE A 548 -12.18 -62.38 -45.71
C PHE A 548 -12.66 -62.44 -47.16
N CYS A 549 -13.48 -63.45 -47.46
CA CYS A 549 -14.02 -63.64 -48.80
C CYS A 549 -15.47 -64.07 -48.72
N HIS A 550 -16.18 -63.89 -49.84
CA HIS A 550 -17.58 -64.26 -49.95
C HIS A 550 -17.90 -64.55 -51.41
N LEU A 551 -19.06 -65.15 -51.64
CA LEU A 551 -19.49 -65.49 -52.99
C LEU A 551 -20.99 -65.72 -53.00
N PHE A 552 -21.61 -65.37 -54.12
CA PHE A 552 -23.05 -65.55 -54.29
C PHE A 552 -23.29 -66.95 -54.84
N LEU A 553 -24.10 -67.73 -54.13
CA LEU A 553 -24.37 -69.07 -54.64
C LEU A 553 -25.47 -69.00 -55.69
N PRO A 554 -25.35 -69.75 -56.78
CA PRO A 554 -26.39 -69.71 -57.82
C PRO A 554 -27.71 -70.28 -57.32
N ASP A 555 -28.73 -69.42 -57.15
CA ASP A 555 -30.03 -69.88 -56.67
C ASP A 555 -30.70 -70.83 -57.65
N GLU A 556 -30.20 -70.92 -58.89
CA GLU A 556 -30.75 -71.84 -59.86
C GLU A 556 -30.27 -73.26 -59.59
N GLN A 557 -29.05 -73.41 -59.08
CA GLN A 557 -28.49 -74.71 -58.74
C GLN A 557 -28.72 -75.06 -57.27
N PHE A 558 -29.07 -74.08 -56.45
CA PHE A 558 -29.36 -74.28 -55.04
C PHE A 558 -30.58 -73.40 -54.75
N PRO A 559 -31.79 -73.96 -54.87
CA PRO A 559 -33.00 -73.17 -54.65
C PRO A 559 -33.13 -72.68 -53.21
N GLU A 560 -34.11 -71.81 -53.01
CA GLU A 560 -34.39 -71.20 -51.72
C GLU A 560 -34.95 -72.18 -50.69
N GLY A 561 -35.14 -73.45 -51.04
CA GLY A 561 -35.65 -74.43 -50.11
C GLY A 561 -34.65 -75.53 -49.80
N PHE A 562 -33.55 -75.56 -50.54
CA PHE A 562 -32.52 -76.58 -50.34
C PHE A 562 -31.76 -76.32 -49.04
N GLN A 563 -31.48 -77.39 -48.31
CA GLN A 563 -30.74 -77.32 -47.05
C GLN A 563 -29.34 -77.88 -47.30
N PHE A 564 -28.34 -77.07 -47.03
CA PHE A 564 -26.94 -77.43 -47.27
C PHE A 564 -26.38 -78.16 -46.05
N ASP A 565 -26.89 -79.39 -45.85
CA ASP A 565 -26.44 -80.20 -44.72
C ASP A 565 -24.93 -80.38 -44.80
N THR A 566 -24.25 -80.05 -43.71
CA THR A 566 -22.80 -80.08 -43.66
C THR A 566 -22.18 -81.48 -43.62
N ASP A 567 -21.98 -82.09 -44.79
CA ASP A 567 -21.31 -83.39 -44.85
C ASP A 567 -20.38 -83.49 -46.06
N ASP A 568 -20.87 -83.08 -47.23
CA ASP A 568 -20.18 -83.12 -48.51
C ASP A 568 -20.03 -81.72 -49.10
N VAL A 569 -19.56 -81.67 -50.35
CA VAL A 569 -19.32 -80.41 -51.07
C VAL A 569 -20.61 -79.75 -51.53
N ASN A 570 -21.13 -78.83 -50.72
CA ASN A 570 -22.33 -78.05 -51.06
C ASN A 570 -22.01 -76.59 -51.31
N PHE A 571 -20.79 -76.15 -51.03
CA PHE A 571 -20.35 -74.78 -51.22
C PHE A 571 -19.08 -74.79 -52.06
N PRO A 572 -18.98 -73.95 -53.07
CA PRO A 572 -17.75 -73.92 -53.86
C PRO A 572 -16.61 -73.35 -53.03
N LEU A 573 -15.73 -74.22 -52.53
CA LEU A 573 -14.62 -73.76 -51.71
C LEU A 573 -13.70 -72.85 -52.50
N ASP A 574 -13.50 -73.15 -53.79
CA ASP A 574 -12.66 -72.34 -54.66
C ASP A 574 -13.56 -71.36 -55.43
N ASN A 575 -12.93 -70.54 -56.27
CA ASN A 575 -13.59 -69.54 -57.09
C ASN A 575 -14.38 -68.52 -56.28
N LEU A 576 -14.05 -68.37 -55.00
CA LEU A 576 -14.72 -67.40 -54.15
C LEU A 576 -14.23 -66.00 -54.50
N CYS A 577 -14.91 -65.00 -53.97
CA CYS A 577 -14.59 -63.59 -54.21
C CYS A 577 -13.95 -63.00 -52.95
N PHE A 578 -12.64 -62.80 -52.99
CA PHE A 578 -11.92 -62.22 -51.87
C PHE A 578 -12.20 -60.72 -51.82
N VAL A 579 -12.46 -60.17 -50.63
CA VAL A 579 -12.77 -58.74 -50.51
C VAL A 579 -11.58 -57.97 -49.97
N GLY A 580 -11.02 -58.40 -48.85
CA GLY A 580 -9.89 -57.69 -48.29
C GLY A 580 -9.43 -58.34 -47.01
N LEU A 581 -8.21 -57.97 -46.62
CA LEU A 581 -7.59 -58.46 -45.39
C LEU A 581 -8.00 -57.57 -44.21
N ILE A 582 -7.92 -58.15 -43.00
CA ILE A 582 -8.25 -57.44 -41.77
C ILE A 582 -7.23 -57.86 -40.73
N SER A 583 -6.29 -56.97 -40.41
CA SER A 583 -5.27 -57.28 -39.42
C SER A 583 -5.71 -56.79 -38.04
N MET A 584 -4.96 -57.21 -37.01
CA MET A 584 -5.31 -56.82 -35.65
C MET A 584 -4.11 -57.06 -34.73
N ILE A 585 -4.05 -56.25 -33.68
CA ILE A 585 -2.97 -56.30 -32.68
C ILE A 585 -3.40 -55.46 -31.48
N ASP A 586 -2.68 -55.59 -30.36
CA ASP A 586 -2.96 -54.79 -29.18
C ASP A 586 -2.36 -53.40 -29.40
N PRO A 587 -3.16 -52.34 -29.48
CA PRO A 587 -2.61 -51.01 -29.75
C PRO A 587 -2.19 -50.28 -28.49
N PRO A 588 -1.24 -49.35 -28.61
CA PRO A 588 -0.82 -48.56 -27.45
C PRO A 588 -1.95 -47.64 -27.01
N ARG A 589 -1.88 -47.18 -25.76
CA ARG A 589 -2.91 -46.30 -25.24
C ARG A 589 -2.88 -44.97 -25.99
N ALA A 590 -3.95 -44.19 -25.79
CA ALA A 590 -4.13 -42.92 -26.49
C ALA A 590 -2.98 -41.93 -26.35
N ALA A 591 -2.73 -41.41 -25.15
CA ALA A 591 -1.66 -40.45 -24.95
C ALA A 591 -0.29 -41.08 -24.78
N VAL A 592 -0.16 -42.40 -24.99
CA VAL A 592 1.14 -43.05 -24.83
C VAL A 592 2.19 -42.52 -25.79
N PRO A 593 1.94 -42.44 -27.14
CA PRO A 593 2.99 -41.92 -28.05
C PRO A 593 3.49 -40.54 -27.67
N ASP A 594 2.55 -39.59 -27.58
CA ASP A 594 2.88 -38.22 -27.21
C ASP A 594 3.67 -38.19 -25.91
N ALA A 595 3.17 -38.88 -24.88
CA ALA A 595 3.84 -38.94 -23.58
C ALA A 595 5.29 -39.41 -23.71
N VAL A 596 5.50 -40.50 -24.46
CA VAL A 596 6.85 -41.03 -24.66
C VAL A 596 7.73 -39.95 -25.29
N GLY A 597 7.20 -39.27 -26.31
CA GLY A 597 7.94 -38.20 -26.94
C GLY A 597 8.33 -37.12 -25.94
N LYS A 598 7.38 -36.77 -25.06
CA LYS A 598 7.65 -35.77 -24.03
C LYS A 598 8.80 -36.20 -23.13
N CYS A 599 8.79 -37.47 -22.72
CA CYS A 599 9.85 -37.97 -21.85
C CYS A 599 11.20 -37.94 -22.56
N ARG A 600 11.21 -38.20 -23.88
CA ARG A 600 12.48 -38.10 -24.58
C ARG A 600 12.89 -36.65 -24.76
N SER A 601 11.92 -35.73 -24.78
CA SER A 601 12.22 -34.30 -24.91
C SER A 601 12.85 -33.79 -23.63
N ALA A 602 12.40 -34.30 -22.48
CA ALA A 602 12.95 -33.90 -21.20
C ALA A 602 14.32 -34.52 -20.96
N GLY A 603 14.77 -35.41 -21.85
CA GLY A 603 16.07 -36.05 -21.70
C GLY A 603 16.05 -37.35 -20.93
N ILE A 604 14.95 -38.08 -20.94
CA ILE A 604 14.82 -39.34 -20.21
C ILE A 604 14.94 -40.50 -21.19
N LYS A 605 15.76 -41.49 -20.83
CA LYS A 605 15.97 -42.68 -21.66
C LYS A 605 14.80 -43.64 -21.44
N VAL A 606 13.98 -43.81 -22.47
CA VAL A 606 12.82 -44.69 -22.40
C VAL A 606 13.25 -46.08 -22.83
N ILE A 607 13.26 -47.02 -21.89
CA ILE A 607 13.67 -48.40 -22.14
C ILE A 607 12.46 -49.31 -21.96
N MET A 608 12.14 -50.07 -22.99
CA MET A 608 11.04 -51.02 -22.92
C MET A 608 11.51 -52.29 -22.24
N VAL A 609 10.75 -52.75 -21.26
CA VAL A 609 11.07 -53.97 -20.52
C VAL A 609 9.80 -54.81 -20.52
N THR A 610 9.84 -55.95 -21.21
CA THR A 610 8.67 -56.81 -21.31
C THR A 610 9.10 -58.24 -21.63
N GLY A 611 8.19 -59.17 -21.38
CA GLY A 611 8.42 -60.58 -21.64
C GLY A 611 7.66 -61.08 -22.85
N ASP A 612 7.28 -60.15 -23.73
CA ASP A 612 6.51 -60.44 -24.94
C ASP A 612 7.45 -60.86 -26.08
N HIS A 613 6.85 -61.33 -27.19
CA HIS A 613 7.64 -61.76 -28.34
C HIS A 613 8.35 -60.56 -28.95
N PRO A 614 9.58 -60.73 -29.43
CA PRO A 614 10.32 -59.58 -29.99
C PRO A 614 9.70 -59.00 -31.25
N ILE A 615 9.07 -59.85 -32.07
CA ILE A 615 8.48 -59.40 -33.33
C ILE A 615 7.40 -58.36 -33.10
N THR A 616 6.71 -58.42 -31.96
CA THR A 616 5.68 -57.45 -31.63
C THR A 616 6.24 -56.29 -30.82
N ALA A 617 7.18 -56.58 -29.92
CA ALA A 617 7.76 -55.53 -29.08
C ALA A 617 8.51 -54.51 -29.91
N LYS A 618 9.24 -54.94 -30.94
CA LYS A 618 9.97 -53.99 -31.78
C LYS A 618 9.00 -53.05 -32.49
N ALA A 619 7.93 -53.60 -33.07
CA ALA A 619 6.96 -52.76 -33.76
C ALA A 619 6.25 -51.81 -32.81
N ILE A 620 5.90 -52.29 -31.60
CA ILE A 620 5.25 -51.41 -30.63
C ILE A 620 6.20 -50.29 -30.21
N ALA A 621 7.49 -50.62 -30.02
CA ALA A 621 8.46 -49.60 -29.64
C ALA A 621 8.59 -48.56 -30.75
N LYS A 622 8.55 -49.01 -32.01
CA LYS A 622 8.60 -48.06 -33.11
C LYS A 622 7.33 -47.22 -33.15
N GLY A 623 6.23 -47.78 -32.64
CA GLY A 623 4.94 -47.10 -32.60
C GLY A 623 4.71 -46.18 -31.41
N VAL A 624 5.53 -46.27 -30.36
CA VAL A 624 5.35 -45.42 -29.19
C VAL A 624 6.43 -44.35 -29.09
N GLY A 625 7.61 -44.57 -29.66
CA GLY A 625 8.69 -43.60 -29.59
C GLY A 625 9.95 -44.13 -28.93
N ILE A 626 9.95 -45.38 -28.47
CA ILE A 626 11.15 -45.92 -27.85
C ILE A 626 12.22 -46.16 -28.91
N ILE A 627 11.81 -46.48 -30.13
CA ILE A 627 12.72 -46.70 -31.26
C ILE A 627 12.40 -45.64 -32.32
N SER A 628 13.39 -44.80 -32.61
CA SER A 628 13.20 -43.74 -33.60
C SER A 628 13.18 -44.30 -35.02
N GLU A 629 12.36 -43.68 -35.87
CA GLU A 629 12.24 -44.09 -37.26
C GLU A 629 13.50 -43.64 -38.00
N GLY A 630 14.33 -44.60 -38.38
CA GLY A 630 15.57 -44.31 -39.07
C GLY A 630 16.69 -45.12 -38.45
N ASN A 631 16.63 -45.28 -37.13
CA ASN A 631 17.64 -46.07 -36.44
C ASN A 631 17.39 -47.55 -36.74
N GLU A 632 18.48 -48.30 -36.82
CA GLU A 632 18.41 -49.73 -37.13
C GLU A 632 19.04 -50.55 -36.02
N THR A 633 18.56 -51.78 -35.85
CA THR A 633 19.09 -52.67 -34.84
C THR A 633 20.36 -53.33 -35.38
N VAL A 634 21.00 -54.14 -34.53
CA VAL A 634 22.20 -54.86 -34.97
C VAL A 634 21.82 -55.86 -36.04
N GLU A 635 20.59 -56.37 -35.99
CA GLU A 635 20.10 -57.32 -36.98
C GLU A 635 19.63 -56.62 -38.25
N ASP A 636 19.08 -55.41 -38.11
CA ASP A 636 18.59 -54.66 -39.26
C ASP A 636 19.71 -54.29 -40.22
N ILE A 637 20.89 -53.94 -39.69
CA ILE A 637 22.01 -53.58 -40.55
C ILE A 637 22.42 -54.75 -41.41
N ALA A 638 22.57 -55.92 -40.78
CA ALA A 638 22.95 -57.12 -41.51
C ALA A 638 21.88 -57.51 -42.53
N ALA A 639 20.61 -57.35 -42.16
CA ALA A 639 19.53 -57.68 -43.09
C ALA A 639 19.55 -56.76 -44.30
N ARG A 640 19.84 -55.48 -44.08
CA ARG A 640 19.93 -54.53 -45.18
C ARG A 640 21.12 -54.82 -46.07
N LEU A 641 22.22 -55.33 -45.50
CA LEU A 641 23.42 -55.64 -46.25
C LEU A 641 23.48 -57.08 -46.76
N ASN A 642 22.51 -57.93 -46.41
CA ASN A 642 22.49 -59.34 -46.82
C ASN A 642 23.75 -60.06 -46.37
N ILE A 643 24.27 -59.66 -45.21
CA ILE A 643 25.48 -60.23 -44.63
C ILE A 643 25.13 -60.78 -43.26
N PRO A 644 25.96 -61.66 -42.70
CA PRO A 644 25.70 -62.17 -41.35
C PRO A 644 25.71 -61.05 -40.31
N VAL A 645 24.95 -61.26 -39.24
CA VAL A 645 24.86 -60.27 -38.17
C VAL A 645 26.16 -60.17 -37.37
N SER A 646 27.00 -61.20 -37.43
CA SER A 646 28.26 -61.20 -36.70
C SER A 646 29.31 -60.31 -37.34
N GLN A 647 29.03 -59.78 -38.54
CA GLN A 647 29.97 -58.93 -39.23
C GLN A 647 29.83 -57.47 -38.83
N VAL A 648 28.59 -56.99 -38.73
CA VAL A 648 28.36 -55.58 -38.40
C VAL A 648 28.90 -55.25 -37.02
N ASN A 649 29.15 -53.98 -36.82
CA ASN A 649 29.66 -53.46 -35.57
C ASN A 649 28.51 -52.91 -34.74
N PRO A 650 28.38 -53.28 -33.47
CA PRO A 650 27.28 -52.74 -32.65
C PRO A 650 27.31 -51.23 -32.50
N ARG A 651 28.46 -50.58 -32.68
CA ARG A 651 28.51 -49.12 -32.58
C ARG A 651 27.78 -48.45 -33.73
N ASP A 652 27.61 -49.13 -34.86
CA ASP A 652 26.90 -48.56 -36.00
C ASP A 652 25.39 -48.53 -35.78
N ALA A 653 24.89 -49.30 -34.81
CA ALA A 653 23.46 -49.39 -34.52
C ALA A 653 23.18 -48.68 -33.20
N LYS A 654 22.47 -47.56 -33.27
CA LYS A 654 22.13 -46.81 -32.06
C LYS A 654 21.05 -47.51 -31.24
N ALA A 655 20.33 -48.47 -31.84
CA ALA A 655 19.26 -49.19 -31.16
C ALA A 655 19.54 -50.70 -31.17
N CYS A 656 18.99 -51.40 -30.18
CA CYS A 656 19.19 -52.85 -30.13
C CYS A 656 18.06 -53.55 -29.36
N VAL A 657 17.78 -54.78 -29.79
CA VAL A 657 16.77 -55.63 -29.20
C VAL A 657 17.50 -56.72 -28.43
N VAL A 658 17.11 -56.93 -27.17
CA VAL A 658 17.75 -57.91 -26.29
C VAL A 658 16.75 -59.01 -25.97
N HIS A 659 17.03 -60.22 -26.45
CA HIS A 659 16.17 -61.38 -26.19
C HIS A 659 16.46 -61.95 -24.82
N GLY A 660 15.40 -62.38 -24.13
CA GLY A 660 15.56 -62.97 -22.81
C GLY A 660 16.37 -64.25 -22.83
N SER A 661 16.27 -65.01 -23.92
CA SER A 661 17.02 -66.25 -24.06
C SER A 661 18.52 -65.98 -23.94
N ASP A 662 18.98 -64.85 -24.47
CA ASP A 662 20.37 -64.44 -24.38
C ASP A 662 20.68 -63.69 -23.10
N LEU A 663 19.68 -63.01 -22.52
CA LEU A 663 19.87 -62.24 -21.29
C LEU A 663 20.26 -63.12 -20.10
N LYS A 664 19.76 -64.35 -20.06
CA LYS A 664 20.09 -65.25 -18.95
C LYS A 664 21.58 -65.55 -18.90
N ASP A 665 22.22 -65.62 -20.05
CA ASP A 665 23.65 -65.91 -20.17
C ASP A 665 24.45 -64.61 -20.25
N MET A 666 24.27 -63.73 -19.27
CA MET A 666 24.97 -62.45 -19.28
C MET A 666 25.54 -62.13 -17.92
N THR A 667 26.51 -61.22 -17.95
CA THR A 667 27.20 -60.70 -16.79
C THR A 667 26.79 -59.25 -16.61
N SER A 668 27.23 -58.64 -15.51
CA SER A 668 26.89 -57.25 -15.26
C SER A 668 27.60 -56.31 -16.23
N GLU A 669 28.88 -56.57 -16.50
CA GLU A 669 29.65 -55.72 -17.41
C GLU A 669 29.05 -55.68 -18.80
N GLN A 670 28.61 -56.84 -19.31
CA GLN A 670 28.01 -56.89 -20.63
C GLN A 670 26.76 -56.02 -20.69
N LEU A 671 25.92 -56.09 -19.66
CA LEU A 671 24.71 -55.26 -19.63
C LEU A 671 25.07 -53.78 -19.53
N ASP A 672 26.08 -53.45 -18.72
CA ASP A 672 26.54 -52.07 -18.61
C ASP A 672 26.92 -51.54 -19.99
N ASP A 673 27.68 -52.34 -20.74
CA ASP A 673 28.08 -51.95 -22.08
C ASP A 673 26.86 -51.80 -22.99
N ILE A 674 25.88 -52.70 -22.87
CA ILE A 674 24.68 -52.61 -23.68
C ILE A 674 23.97 -51.29 -23.44
N LEU A 675 23.89 -50.87 -22.18
CA LEU A 675 23.22 -49.61 -21.85
C LEU A 675 24.02 -48.38 -22.27
N LYS A 676 25.34 -48.42 -22.09
CA LYS A 676 26.17 -47.25 -22.40
C LYS A 676 26.30 -46.96 -23.89
N TYR A 677 26.37 -47.99 -24.73
CA TYR A 677 26.58 -47.80 -26.15
C TYR A 677 25.31 -47.85 -27.00
N HIS A 678 24.16 -48.13 -26.40
CA HIS A 678 22.89 -48.19 -27.14
C HIS A 678 21.91 -47.24 -26.45
N THR A 679 21.46 -46.22 -27.19
CA THR A 679 20.54 -45.23 -26.62
C THR A 679 19.09 -45.71 -26.63
N GLU A 680 18.72 -46.59 -27.55
CA GLU A 680 17.36 -47.13 -27.64
C GLU A 680 17.48 -48.64 -27.43
N ILE A 681 17.03 -49.10 -26.27
CA ILE A 681 17.11 -50.51 -25.89
C ILE A 681 15.71 -51.08 -25.73
N VAL A 682 15.51 -52.31 -26.20
CA VAL A 682 14.21 -52.98 -26.08
C VAL A 682 14.45 -54.37 -25.51
N PHE A 683 14.14 -54.55 -24.23
CA PHE A 683 14.30 -55.84 -23.56
C PHE A 683 13.03 -56.64 -23.77
N ALA A 684 13.12 -57.74 -24.52
CA ALA A 684 11.97 -58.59 -24.81
C ALA A 684 12.19 -59.99 -24.26
N ARG A 685 11.07 -60.68 -24.01
CA ARG A 685 11.07 -62.05 -23.48
C ARG A 685 11.82 -62.15 -22.15
N THR A 686 11.76 -61.10 -21.34
CA THR A 686 12.44 -61.07 -20.05
C THR A 686 11.52 -61.58 -18.94
N SER A 687 12.05 -62.50 -18.13
CA SER A 687 11.32 -63.05 -17.00
C SER A 687 11.14 -61.97 -15.94
N PRO A 688 10.21 -62.14 -14.99
CA PRO A 688 10.04 -61.13 -13.94
C PRO A 688 11.34 -60.85 -13.20
N GLN A 689 12.04 -61.92 -12.83
CA GLN A 689 13.34 -61.79 -12.17
C GLN A 689 14.32 -61.04 -13.06
N GLN A 690 14.28 -61.33 -14.37
CA GLN A 690 15.17 -60.62 -15.28
C GLN A 690 14.76 -59.15 -15.40
N LYS A 691 13.48 -58.84 -15.22
CA LYS A 691 13.05 -57.44 -15.21
C LYS A 691 13.73 -56.73 -14.05
N LEU A 692 13.72 -57.39 -12.88
CA LEU A 692 14.41 -56.84 -11.71
C LEU A 692 15.89 -56.64 -12.01
N ILE A 693 16.51 -57.58 -12.73
CA ILE A 693 17.92 -57.48 -13.08
C ILE A 693 18.15 -56.26 -13.97
N ILE A 694 17.22 -56.01 -14.89
CA ILE A 694 17.34 -54.85 -15.79
C ILE A 694 17.29 -53.56 -14.99
N VAL A 695 16.36 -53.48 -14.04
CA VAL A 695 16.24 -52.28 -13.22
C VAL A 695 17.51 -52.07 -12.38
N GLU A 696 18.03 -53.16 -11.80
CA GLU A 696 19.26 -53.05 -11.00
C GLU A 696 20.43 -52.60 -11.87
N GLY A 697 20.49 -53.11 -13.11
CA GLY A 697 21.56 -52.71 -14.01
C GLY A 697 21.48 -51.23 -14.34
N CYS A 698 20.25 -50.73 -14.52
CA CYS A 698 20.09 -49.30 -14.79
C CYS A 698 20.45 -48.48 -13.56
N GLN A 699 20.23 -49.05 -12.36
CA GLN A 699 20.55 -48.35 -11.13
C GLN A 699 22.06 -48.32 -10.87
N ARG A 700 22.80 -49.30 -11.38
CA ARG A 700 24.25 -49.31 -11.19
C ARG A 700 24.90 -48.10 -11.85
N GLN A 701 24.26 -47.53 -12.87
CA GLN A 701 24.78 -46.34 -13.55
C GLN A 701 24.77 -45.12 -12.65
N GLY A 702 24.13 -45.19 -11.49
CA GLY A 702 24.03 -44.07 -10.59
C GLY A 702 22.91 -43.11 -10.93
N ALA A 703 22.04 -43.49 -11.86
CA ALA A 703 20.94 -42.66 -12.29
C ALA A 703 19.63 -43.08 -11.60
N ILE A 704 18.66 -42.19 -11.66
CA ILE A 704 17.35 -42.42 -11.07
C ILE A 704 16.50 -43.17 -12.08
N VAL A 705 15.94 -44.30 -11.66
CA VAL A 705 15.14 -45.15 -12.53
C VAL A 705 13.70 -45.21 -12.04
N ALA A 706 12.76 -45.15 -12.99
CA ALA A 706 11.34 -45.23 -12.73
C ALA A 706 10.81 -46.38 -13.58
N VAL A 707 10.00 -47.25 -12.99
CA VAL A 707 9.47 -48.39 -13.72
C VAL A 707 7.96 -48.28 -13.80
N THR A 708 7.42 -48.37 -15.01
CA THR A 708 5.98 -48.29 -15.25
C THR A 708 5.48 -49.65 -15.71
N GLY A 709 4.73 -50.36 -14.85
CA GLY A 709 4.23 -51.67 -15.20
C GLY A 709 2.81 -51.93 -14.75
N ASP A 710 2.31 -53.15 -15.07
CA ASP A 710 0.96 -53.53 -14.66
C ASP A 710 0.81 -54.97 -14.19
N GLY A 711 1.45 -55.91 -14.88
CA GLY A 711 1.35 -57.31 -14.54
C GLY A 711 2.10 -57.68 -13.27
N VAL A 712 1.98 -58.96 -12.90
CA VAL A 712 2.68 -59.41 -11.70
C VAL A 712 4.18 -59.43 -11.94
N ASN A 713 4.62 -59.57 -13.19
CA ASN A 713 6.05 -59.58 -13.49
C ASN A 713 6.70 -58.24 -13.17
N ASP A 714 5.93 -57.16 -13.22
CA ASP A 714 6.42 -55.83 -12.91
C ASP A 714 6.44 -55.54 -11.41
N SER A 715 6.08 -56.52 -10.58
CA SER A 715 6.09 -56.29 -9.13
C SER A 715 7.51 -56.10 -8.60
N PRO A 716 8.49 -56.97 -8.89
CA PRO A 716 9.83 -56.70 -8.36
C PRO A 716 10.46 -55.48 -9.00
N ALA A 717 10.20 -55.26 -10.28
CA ALA A 717 10.76 -54.10 -10.96
C ALA A 717 10.18 -52.81 -10.39
N SER A 718 8.90 -52.80 -10.03
CA SER A 718 8.32 -51.59 -9.46
C SER A 718 8.74 -51.40 -8.01
N LYS A 719 9.04 -52.49 -7.31
CA LYS A 719 9.45 -52.38 -5.91
C LYS A 719 10.89 -51.90 -5.77
N LYS A 720 11.82 -52.49 -6.54
CA LYS A 720 13.23 -52.11 -6.43
C LYS A 720 13.52 -50.74 -7.05
N ALA A 721 12.73 -50.32 -8.03
CA ALA A 721 12.96 -49.03 -8.67
C ALA A 721 12.78 -47.89 -7.67
N ASP A 722 13.40 -46.75 -8.00
CA ASP A 722 13.28 -45.58 -7.13
C ASP A 722 11.81 -45.16 -7.04
N ILE A 723 11.02 -45.48 -8.05
CA ILE A 723 9.58 -45.23 -8.06
C ILE A 723 8.90 -46.19 -9.02
N GLY A 724 7.90 -46.88 -8.51
CA GLY A 724 7.11 -47.82 -9.29
C GLY A 724 5.81 -47.12 -9.64
N VAL A 725 5.44 -47.23 -10.91
CA VAL A 725 4.23 -46.62 -11.43
C VAL A 725 3.33 -47.75 -11.90
N ALA A 726 2.19 -47.90 -11.23
CA ALA A 726 1.25 -48.95 -11.56
C ALA A 726 -0.06 -48.36 -12.08
N MET A 727 -0.78 -49.19 -12.84
CA MET A 727 -2.06 -48.81 -13.41
C MET A 727 -3.16 -49.10 -12.39
N GLY A 728 -4.08 -48.15 -12.24
CA GLY A 728 -5.14 -48.30 -11.26
C GLY A 728 -6.14 -49.40 -11.55
N ILE A 729 -6.29 -49.80 -12.82
CA ILE A 729 -7.26 -50.85 -13.14
C ILE A 729 -6.64 -51.98 -13.94
N ALA A 730 -5.85 -51.66 -14.97
CA ALA A 730 -5.23 -52.66 -15.82
C ALA A 730 -3.98 -53.28 -15.22
N GLY A 731 -3.77 -53.13 -13.91
CA GLY A 731 -2.61 -53.69 -13.26
C GLY A 731 -3.01 -54.69 -12.19
N SER A 732 -2.15 -55.69 -11.98
CA SER A 732 -2.41 -56.69 -10.96
C SER A 732 -2.28 -56.04 -9.58
N ASP A 733 -2.92 -56.66 -8.59
CA ASP A 733 -2.91 -56.10 -7.24
C ASP A 733 -1.52 -56.12 -6.61
N VAL A 734 -0.73 -57.16 -6.89
CA VAL A 734 0.61 -57.28 -6.29
C VAL A 734 1.50 -56.13 -6.72
N SER A 735 1.66 -55.94 -8.04
CA SER A 735 2.49 -54.85 -8.51
C SER A 735 1.90 -53.50 -8.12
N LYS A 736 0.58 -53.44 -7.96
CA LYS A 736 -0.07 -52.19 -7.54
C LYS A 736 0.28 -51.85 -6.10
N GLN A 737 0.55 -52.87 -5.27
CA GLN A 737 0.92 -52.60 -3.89
C GLN A 737 2.42 -52.36 -3.76
N ALA A 738 3.23 -53.05 -4.56
CA ALA A 738 4.67 -52.87 -4.51
C ALA A 738 5.14 -51.56 -5.13
N ALA A 739 4.26 -50.85 -5.86
CA ALA A 739 4.64 -49.61 -6.49
C ALA A 739 4.53 -48.45 -5.51
N ASP A 740 5.11 -47.32 -5.89
CA ASP A 740 5.08 -46.11 -5.07
C ASP A 740 4.08 -45.07 -5.58
N MET A 741 3.63 -45.18 -6.82
CA MET A 741 2.67 -44.27 -7.44
C MET A 741 1.67 -45.06 -8.26
N ILE A 742 0.39 -44.69 -8.13
CA ILE A 742 -0.71 -45.35 -8.82
C ILE A 742 -1.42 -44.37 -9.73
N LEU A 743 -1.82 -44.85 -10.90
CA LEU A 743 -2.55 -44.06 -11.89
C LEU A 743 -3.96 -44.65 -11.96
N LEU A 744 -4.87 -44.08 -11.18
CA LEU A 744 -6.26 -44.56 -11.15
C LEU A 744 -6.96 -44.41 -12.49
N ASP A 745 -6.48 -43.51 -13.36
CA ASP A 745 -7.07 -43.27 -14.67
C ASP A 745 -6.38 -44.02 -15.80
N ASP A 746 -5.25 -44.67 -15.53
CA ASP A 746 -4.45 -45.41 -16.50
C ASP A 746 -3.96 -44.52 -17.65
N ASN A 747 -3.98 -43.20 -17.47
CA ASN A 747 -3.50 -42.28 -18.48
C ASN A 747 -1.98 -42.19 -18.33
N PHE A 748 -1.25 -42.64 -19.35
CA PHE A 748 0.20 -42.61 -19.27
C PHE A 748 0.75 -41.19 -19.32
N ALA A 749 -0.02 -40.23 -19.85
CA ALA A 749 0.43 -38.84 -19.87
C ALA A 749 0.67 -38.34 -18.46
N SER A 750 0.08 -39.02 -17.47
CA SER A 750 0.28 -38.67 -16.08
C SER A 750 1.77 -38.75 -15.73
N ILE A 751 2.50 -39.66 -16.39
CA ILE A 751 3.95 -39.76 -16.19
C ILE A 751 4.59 -38.42 -16.50
N VAL A 752 4.19 -37.83 -17.65
CA VAL A 752 4.70 -36.53 -18.06
C VAL A 752 4.34 -35.48 -17.03
N THR A 753 3.06 -35.45 -16.62
CA THR A 753 2.65 -34.49 -15.60
C THR A 753 3.53 -34.64 -14.36
N GLY A 754 3.84 -35.88 -14.01
CA GLY A 754 4.68 -36.23 -12.89
C GLY A 754 6.09 -35.68 -12.99
N VAL A 755 6.78 -35.96 -14.10
CA VAL A 755 8.13 -35.46 -14.28
C VAL A 755 8.13 -33.94 -14.32
N GLU A 756 7.01 -33.32 -14.70
CA GLU A 756 6.93 -31.86 -14.69
C GLU A 756 6.87 -31.35 -13.25
N GLU A 757 5.90 -31.88 -12.48
CA GLU A 757 5.71 -31.46 -11.09
C GLU A 757 6.94 -31.74 -10.23
N GLY A 758 7.60 -32.89 -10.41
CA GLY A 758 8.78 -33.21 -9.61
C GLY A 758 9.85 -32.15 -9.71
N ARG A 759 10.21 -31.76 -10.94
CA ARG A 759 11.21 -30.72 -11.14
C ARG A 759 10.70 -29.38 -10.62
N LEU A 760 9.43 -29.06 -10.92
CA LEU A 760 8.79 -27.83 -10.47
C LEU A 760 8.96 -27.63 -8.97
N ILE A 761 8.37 -28.56 -8.20
CA ILE A 761 8.44 -28.49 -6.74
C ILE A 761 9.88 -28.52 -6.27
N PHE A 762 10.78 -29.24 -6.97
CA PHE A 762 12.18 -29.26 -6.57
C PHE A 762 12.76 -27.84 -6.54
N ASP A 763 12.65 -27.15 -7.67
CA ASP A 763 13.14 -25.77 -7.75
C ASP A 763 12.43 -24.86 -6.74
N ASN A 764 11.09 -25.00 -6.64
CA ASN A 764 10.32 -24.21 -5.67
C ASN A 764 10.81 -24.47 -4.26
N LEU A 765 11.13 -25.72 -3.95
CA LEU A 765 11.66 -26.10 -2.65
C LEU A 765 12.97 -25.36 -2.40
N LYS A 766 13.84 -25.32 -3.42
CA LYS A 766 15.10 -24.58 -3.28
C LYS A 766 14.81 -23.15 -2.83
N LYS A 767 13.89 -22.49 -3.54
CA LYS A 767 13.49 -21.12 -3.19
C LYS A 767 12.98 -21.03 -1.74
N SER A 768 12.00 -21.90 -1.41
CA SER A 768 11.38 -21.93 -0.08
C SER A 768 12.40 -22.20 1.01
N ILE A 769 13.45 -22.95 0.69
CA ILE A 769 14.51 -23.24 1.66
C ILE A 769 15.38 -22.01 1.86
N ALA A 770 15.83 -21.41 0.74
CA ALA A 770 16.67 -20.22 0.80
C ALA A 770 16.01 -19.12 1.61
N TYR A 771 14.69 -18.96 1.44
CA TYR A 771 13.96 -17.94 2.20
C TYR A 771 14.12 -18.14 3.69
N THR A 772 13.75 -19.32 4.21
CA THR A 772 13.87 -19.60 5.64
C THR A 772 15.32 -19.56 6.09
N LEU A 773 16.26 -19.94 5.23
CA LEU A 773 17.67 -19.92 5.56
C LEU A 773 18.23 -18.51 5.60
N THR A 774 17.54 -17.55 4.98
CA THR A 774 18.03 -16.17 4.97
C THR A 774 17.77 -15.49 6.31
N SER A 775 16.62 -15.75 6.90
CA SER A 775 16.24 -15.18 8.18
C SER A 775 17.12 -15.66 9.34
N ASN A 776 17.96 -16.67 9.13
CA ASN A 776 18.78 -17.19 10.23
C ASN A 776 19.87 -16.20 10.62
N ILE A 777 20.44 -15.49 9.65
CA ILE A 777 21.49 -14.51 9.97
C ILE A 777 20.98 -13.42 10.90
N PRO A 778 19.86 -12.73 10.61
CA PRO A 778 19.40 -11.71 11.56
C PRO A 778 18.79 -12.31 12.82
N GLU A 779 18.58 -13.62 12.87
CA GLU A 779 18.06 -14.27 14.08
C GLU A 779 19.16 -14.61 15.06
N ILE A 780 20.36 -14.88 14.57
CA ILE A 780 21.47 -15.28 15.43
C ILE A 780 22.46 -14.15 15.68
N THR A 781 22.73 -13.32 14.67
CA THR A 781 23.67 -12.20 14.84
C THR A 781 23.40 -11.33 16.07
N PRO A 782 22.14 -11.05 16.48
CA PRO A 782 21.97 -10.24 17.70
C PRO A 782 22.61 -10.90 18.91
N PHE A 783 22.46 -12.22 19.04
CA PHE A 783 23.05 -12.93 20.16
C PHE A 783 24.57 -12.97 20.05
N LEU A 784 25.09 -13.09 18.82
CA LEU A 784 26.53 -13.12 18.62
C LEU A 784 27.17 -11.81 19.10
N ILE A 785 26.65 -10.66 18.65
CA ILE A 785 27.23 -9.40 19.12
C ILE A 785 26.91 -9.20 20.59
N PHE A 786 25.81 -9.79 21.07
CA PHE A 786 25.46 -9.73 22.50
C PHE A 786 26.58 -10.37 23.31
N ILE A 787 27.25 -11.35 22.71
CA ILE A 787 28.37 -12.03 23.36
C ILE A 787 29.66 -11.23 23.14
N ILE A 788 29.85 -10.67 21.95
CA ILE A 788 31.07 -9.94 21.63
C ILE A 788 31.10 -8.54 22.21
N ALA A 789 30.20 -7.67 21.74
CA ALA A 789 30.16 -6.27 22.17
C ALA A 789 29.63 -6.06 23.58
N ASN A 790 29.09 -7.10 24.23
CA ASN A 790 28.54 -7.00 25.58
C ASN A 790 27.49 -5.89 25.68
N ILE A 791 26.62 -5.83 24.68
CA ILE A 791 25.56 -4.83 24.61
C ILE A 791 24.25 -5.52 24.94
N PRO A 792 23.16 -4.78 25.24
CA PRO A 792 21.89 -5.44 25.53
C PRO A 792 21.44 -6.30 24.36
N LEU A 793 20.61 -7.29 24.66
CA LEU A 793 20.12 -8.23 23.66
C LEU A 793 19.29 -7.53 22.59
N PRO A 794 19.73 -7.53 21.32
CA PRO A 794 18.94 -6.86 20.29
C PRO A 794 17.69 -7.60 19.89
N LEU A 795 17.72 -8.94 19.93
CA LEU A 795 16.57 -9.75 19.52
C LEU A 795 16.33 -10.86 20.52
N GLY A 796 15.11 -10.91 21.07
CA GLY A 796 14.74 -11.92 22.03
C GLY A 796 14.33 -13.22 21.37
N THR A 797 14.13 -14.24 22.22
CA THR A 797 13.74 -15.56 21.72
C THR A 797 12.30 -15.58 21.21
N VAL A 798 11.37 -14.97 21.95
CA VAL A 798 9.96 -14.96 21.57
C VAL A 798 9.76 -14.32 20.20
N THR A 799 10.46 -13.22 19.93
CA THR A 799 10.33 -12.58 18.63
C THR A 799 10.84 -13.49 17.53
N ILE A 800 11.93 -14.22 17.79
CA ILE A 800 12.47 -15.18 16.83
C ILE A 800 11.42 -16.25 16.54
N LEU A 801 10.69 -16.69 17.56
CA LEU A 801 9.63 -17.67 17.33
C LEU A 801 8.50 -17.06 16.52
N CYS A 802 8.23 -15.77 16.72
CA CYS A 802 7.19 -15.09 15.94
C CYS A 802 7.60 -14.96 14.49
N ILE A 803 8.90 -15.07 14.20
CA ILE A 803 9.40 -14.99 12.83
C ILE A 803 9.45 -16.37 12.17
N ASP A 804 10.14 -17.32 12.80
CA ASP A 804 10.29 -18.65 12.23
C ASP A 804 8.98 -19.44 12.20
N LEU A 805 8.16 -19.32 13.23
CA LEU A 805 6.91 -20.07 13.33
C LEU A 805 5.67 -19.21 13.26
N GLY A 806 5.82 -17.92 12.96
CA GLY A 806 4.72 -16.99 12.89
C GLY A 806 4.48 -16.39 11.52
N THR A 807 5.18 -15.29 11.28
CA THR A 807 5.04 -14.53 10.03
C THR A 807 5.49 -15.30 8.79
N ASP A 808 6.77 -15.71 8.76
CA ASP A 808 7.36 -16.36 7.58
C ASP A 808 6.70 -17.67 7.14
N MET A 809 5.77 -18.24 7.90
CA MET A 809 5.15 -19.50 7.48
C MET A 809 4.38 -19.34 6.17
N VAL A 810 3.55 -18.31 6.08
CA VAL A 810 2.74 -18.07 4.87
C VAL A 810 3.63 -17.67 3.70
N PRO A 811 4.63 -16.78 3.85
CA PRO A 811 5.50 -16.48 2.69
C PRO A 811 6.25 -17.71 2.19
N ALA A 812 6.77 -18.53 3.11
CA ALA A 812 7.51 -19.73 2.70
C ALA A 812 6.59 -20.72 2.00
N ILE A 813 5.36 -20.88 2.48
CA ILE A 813 4.42 -21.81 1.85
C ILE A 813 3.98 -21.27 0.48
N SER A 814 3.73 -19.96 0.39
CA SER A 814 3.34 -19.37 -0.87
C SER A 814 4.45 -19.46 -1.90
N LEU A 815 5.69 -19.62 -1.44
CA LEU A 815 6.82 -19.78 -2.35
C LEU A 815 6.75 -21.13 -3.07
N ALA A 816 5.99 -22.08 -2.53
CA ALA A 816 5.81 -23.38 -3.15
C ALA A 816 4.87 -23.32 -4.34
N TYR A 817 3.99 -22.32 -4.36
CA TYR A 817 3.04 -22.09 -5.44
C TYR A 817 3.70 -21.44 -6.66
N GLU A 818 5.00 -21.20 -6.62
CA GLU A 818 5.70 -20.56 -7.73
C GLU A 818 5.68 -21.43 -8.98
N GLN A 819 5.55 -20.77 -10.12
CA GLN A 819 5.49 -21.41 -11.42
C GLN A 819 6.88 -21.52 -12.06
N ALA A 820 6.89 -22.03 -13.29
CA ALA A 820 8.11 -22.24 -14.05
C ALA A 820 8.61 -20.93 -14.67
N GLU A 821 9.82 -20.52 -14.29
CA GLU A 821 10.41 -19.31 -14.87
C GLU A 821 10.76 -19.53 -16.34
N SER A 822 10.96 -20.77 -16.74
CA SER A 822 11.27 -21.16 -18.10
C SER A 822 10.65 -22.54 -18.32
N ASP A 823 10.78 -23.07 -19.53
CA ASP A 823 10.21 -24.39 -19.80
C ASP A 823 11.04 -25.46 -19.12
N ILE A 824 10.50 -26.07 -18.06
CA ILE A 824 11.23 -27.12 -17.37
C ILE A 824 11.19 -28.41 -18.16
N MET A 825 10.15 -28.62 -18.98
CA MET A 825 10.05 -29.82 -19.78
C MET A 825 10.98 -29.80 -20.99
N LYS A 826 11.90 -28.83 -21.03
CA LYS A 826 12.89 -28.69 -22.08
C LYS A 826 14.28 -29.08 -21.61
N ARG A 827 14.59 -28.84 -20.33
CA ARG A 827 15.88 -29.14 -19.75
C ARG A 827 16.04 -30.64 -19.48
N GLN A 828 17.31 -31.06 -19.41
CA GLN A 828 17.67 -32.45 -19.16
C GLN A 828 17.45 -32.78 -17.69
N PRO A 829 17.33 -34.07 -17.35
CA PRO A 829 17.15 -34.44 -15.94
C PRO A 829 18.34 -34.00 -15.12
N ARG A 830 18.08 -33.59 -13.89
CA ARG A 830 19.13 -33.13 -13.00
C ARG A 830 20.11 -34.26 -12.69
N ASN A 831 21.39 -33.92 -12.63
CA ASN A 831 22.39 -34.92 -12.30
C ASN A 831 22.43 -35.09 -10.79
N PRO A 832 22.44 -36.32 -10.27
CA PRO A 832 22.44 -36.48 -8.81
C PRO A 832 23.68 -35.94 -8.12
N LYS A 833 24.86 -36.25 -8.65
CA LYS A 833 26.11 -35.78 -8.04
C LYS A 833 26.41 -34.32 -8.33
N THR A 834 25.70 -33.68 -9.26
CA THR A 834 25.97 -32.28 -9.60
C THR A 834 24.90 -31.32 -9.09
N ASP A 835 23.67 -31.40 -9.61
CA ASP A 835 22.60 -30.49 -9.22
C ASP A 835 21.99 -30.87 -7.87
N LYS A 836 22.57 -30.38 -6.79
CA LYS A 836 22.04 -30.66 -5.46
C LYS A 836 20.96 -29.66 -5.09
N LEU A 837 20.06 -30.07 -4.20
CA LEU A 837 18.99 -29.21 -3.73
C LEU A 837 19.55 -27.97 -3.05
N VAL A 838 20.43 -28.18 -2.07
CA VAL A 838 21.06 -27.09 -1.35
C VAL A 838 22.56 -27.23 -1.57
N ASN A 839 23.16 -26.21 -2.17
CA ASN A 839 24.58 -26.19 -2.49
C ASN A 839 25.23 -24.96 -1.86
N GLU A 840 26.51 -24.75 -2.20
CA GLU A 840 27.23 -23.62 -1.64
C GLU A 840 26.73 -22.28 -2.19
N GLN A 841 26.11 -22.28 -3.37
CA GLN A 841 25.58 -21.05 -3.94
C GLN A 841 24.41 -20.52 -3.11
N LEU A 842 23.51 -21.43 -2.72
CA LEU A 842 22.35 -21.06 -1.91
C LEU A 842 22.80 -20.47 -0.58
N ILE A 843 23.77 -21.11 0.06
CA ILE A 843 24.29 -20.62 1.34
C ILE A 843 25.00 -19.29 1.16
N SER A 844 25.74 -19.14 0.05
CA SER A 844 26.44 -17.90 -0.23
C SER A 844 25.46 -16.75 -0.41
N MET A 845 24.27 -17.04 -0.94
CA MET A 845 23.26 -16.01 -1.14
C MET A 845 22.52 -15.70 0.17
N ALA A 846 21.95 -16.72 0.80
CA ALA A 846 21.18 -16.53 2.02
C ALA A 846 22.02 -16.17 3.24
N TYR A 847 22.86 -17.11 3.69
CA TYR A 847 23.69 -16.88 4.86
C TYR A 847 24.77 -15.83 4.62
N GLY A 848 25.18 -15.66 3.37
CA GLY A 848 26.24 -14.73 3.07
C GLY A 848 25.92 -13.29 2.74
N GLN A 849 24.94 -13.06 1.86
CA GLN A 849 24.64 -11.72 1.40
C GLN A 849 23.30 -11.15 1.89
N ILE A 850 22.19 -11.82 1.60
CA ILE A 850 20.87 -11.29 1.96
C ILE A 850 20.68 -11.26 3.48
N GLY A 851 20.88 -12.41 4.15
CA GLY A 851 20.71 -12.44 5.59
C GLY A 851 21.60 -11.42 6.28
N MET A 852 22.74 -11.10 5.67
CA MET A 852 23.65 -10.11 6.22
C MET A 852 23.01 -8.72 6.20
N ILE A 853 22.39 -8.36 5.08
CA ILE A 853 21.73 -7.06 4.99
C ILE A 853 20.57 -6.99 5.97
N GLN A 854 19.85 -8.10 6.13
CA GLN A 854 18.75 -8.13 7.09
C GLN A 854 19.27 -7.90 8.50
N ALA A 855 20.40 -8.54 8.85
CA ALA A 855 20.99 -8.37 10.17
C ALA A 855 21.41 -6.92 10.40
N LEU A 856 22.03 -6.31 9.38
CA LEU A 856 22.44 -4.91 9.52
C LEU A 856 21.23 -4.01 9.71
N GLY A 857 20.12 -4.30 9.02
CA GLY A 857 18.91 -3.51 9.21
C GLY A 857 18.38 -3.63 10.62
N GLY A 858 18.43 -4.85 11.16
CA GLY A 858 17.97 -5.05 12.52
C GLY A 858 18.81 -4.25 13.51
N PHE A 859 20.13 -4.30 13.35
CA PHE A 859 21.00 -3.53 14.26
C PHE A 859 20.77 -2.04 14.10
N PHE A 860 20.43 -1.60 12.89
CA PHE A 860 20.14 -0.18 12.68
C PHE A 860 18.93 0.22 13.50
N THR A 861 17.83 -0.54 13.36
CA THR A 861 16.62 -0.25 14.14
C THR A 861 16.92 -0.28 15.63
N TYR A 862 17.74 -1.25 16.06
CA TYR A 862 18.16 -1.39 17.45
C TYR A 862 18.84 -0.11 17.96
N PHE A 863 19.90 0.31 17.26
CA PHE A 863 20.64 1.51 17.66
C PHE A 863 19.76 2.75 17.60
N VAL A 864 18.84 2.81 16.63
CA VAL A 864 17.97 3.96 16.50
C VAL A 864 17.07 4.08 17.73
N ILE A 865 16.44 2.96 18.12
CA ILE A 865 15.56 2.97 19.28
C ILE A 865 16.33 3.35 20.53
N LEU A 866 17.47 2.72 20.77
CA LEU A 866 18.23 3.01 21.98
C LEU A 866 18.75 4.44 22.03
N ALA A 867 19.25 4.96 20.90
CA ALA A 867 19.77 6.31 20.89
C ALA A 867 18.67 7.34 21.08
N GLU A 868 17.49 7.10 20.49
CA GLU A 868 16.40 8.04 20.64
C GLU A 868 15.83 8.05 22.05
N ASN A 869 16.00 6.96 22.80
CA ASN A 869 15.52 6.89 24.17
C ASN A 869 16.57 7.37 25.18
N GLY A 870 17.74 7.83 24.71
CA GLY A 870 18.78 8.33 25.58
C GLY A 870 20.02 7.49 25.72
N PHE A 871 20.10 6.33 25.09
CA PHE A 871 21.27 5.47 25.18
C PHE A 871 21.98 5.49 23.83
N LEU A 872 22.97 6.38 23.70
CA LEU A 872 23.74 6.50 22.45
C LEU A 872 24.28 5.13 22.05
N PRO A 873 24.38 4.85 20.75
CA PRO A 873 24.87 3.53 20.33
C PRO A 873 26.26 3.22 20.84
N ILE A 874 27.12 4.22 20.95
CA ILE A 874 28.47 3.99 21.46
C ILE A 874 28.43 3.69 22.96
N HIS A 875 27.46 4.28 23.67
CA HIS A 875 27.33 4.09 25.12
C HIS A 875 26.86 2.70 25.51
N LEU A 876 26.31 1.92 24.57
CA LEU A 876 25.81 0.59 24.88
C LEU A 876 26.91 -0.46 25.03
N LEU A 877 28.15 -0.14 24.69
CA LEU A 877 29.23 -1.12 24.78
C LEU A 877 29.50 -1.49 26.24
N GLY A 878 29.61 -2.79 26.49
CA GLY A 878 29.88 -3.28 27.83
C GLY A 878 28.83 -2.90 28.85
N LEU A 879 27.62 -2.62 28.41
CA LEU A 879 26.54 -2.22 29.30
C LEU A 879 25.67 -3.40 29.75
N ARG A 880 25.85 -4.56 29.14
CA ARG A 880 25.05 -5.73 29.51
C ARG A 880 25.32 -6.18 30.94
N VAL A 881 26.54 -5.95 31.45
CA VAL A 881 26.88 -6.37 32.81
C VAL A 881 25.97 -5.68 33.81
N ASN A 882 25.66 -4.41 33.57
CA ASN A 882 24.76 -3.65 34.43
C ASN A 882 23.32 -3.69 33.92
N TRP A 883 23.13 -4.13 32.67
CA TRP A 883 21.80 -4.20 32.08
C TRP A 883 21.06 -5.47 32.51
N ASP A 884 21.68 -6.64 32.28
CA ASP A 884 21.06 -7.91 32.65
C ASP A 884 20.87 -8.04 34.16
N ASP A 885 21.55 -7.21 34.96
CA ASP A 885 21.38 -7.26 36.40
C ASP A 885 19.99 -6.72 36.72
N ARG A 886 19.29 -7.41 37.62
CA ARG A 886 17.92 -7.05 38.00
C ARG A 886 17.83 -5.99 39.09
N TRP A 887 18.90 -5.74 39.82
CA TRP A 887 18.85 -4.80 40.93
C TRP A 887 19.53 -3.45 40.69
N ILE A 888 20.28 -3.29 39.60
CA ILE A 888 20.92 -2.00 39.34
C ILE A 888 19.87 -1.10 38.71
N ASN A 889 19.11 -0.37 39.54
CA ASN A 889 18.05 0.50 39.05
C ASN A 889 18.51 1.93 38.82
N ASP A 890 19.80 2.15 38.62
CA ASP A 890 20.35 3.47 38.36
C ASP A 890 21.45 3.38 37.31
N VAL A 891 21.14 2.76 36.17
CA VAL A 891 22.10 2.61 35.08
C VAL A 891 22.14 3.93 34.31
N GLU A 892 23.32 4.54 34.26
CA GLU A 892 23.48 5.82 33.58
C GLU A 892 23.52 5.64 32.06
N ASP A 893 22.68 6.41 31.38
CA ASP A 893 22.60 6.43 29.92
C ASP A 893 23.60 7.45 29.39
N SER A 894 23.37 7.96 28.19
CA SER A 894 24.25 8.95 27.60
C SER A 894 23.91 10.39 28.00
N TYR A 895 22.72 10.63 28.53
CA TYR A 895 22.30 11.97 28.94
C TYR A 895 22.36 12.15 30.45
N GLY A 896 23.01 11.24 31.18
CA GLY A 896 23.13 11.33 32.62
C GLY A 896 21.93 10.84 33.40
N GLN A 897 20.89 10.36 32.73
CA GLN A 897 19.70 9.86 33.40
C GLN A 897 19.95 8.48 34.02
N GLN A 898 19.14 8.17 35.04
CA GLN A 898 19.22 6.90 35.75
C GLN A 898 17.98 6.08 35.41
N TRP A 899 18.19 4.93 34.77
CA TRP A 899 17.10 4.06 34.33
C TRP A 899 16.93 2.89 35.29
N THR A 900 15.70 2.67 35.75
CA THR A 900 15.41 1.55 36.64
C THR A 900 15.49 0.24 35.85
N TYR A 901 15.30 -0.88 36.54
CA TYR A 901 15.39 -2.17 35.87
C TYR A 901 14.27 -2.35 34.84
N GLU A 902 13.02 -2.24 35.27
CA GLU A 902 11.93 -2.45 34.32
C GLU A 902 11.84 -1.38 33.25
N GLN A 903 12.36 -0.17 33.48
CA GLN A 903 12.30 0.86 32.43
C GLN A 903 13.20 0.48 31.25
N ARG A 904 14.49 0.24 31.53
CA ARG A 904 15.40 -0.15 30.46
C ARG A 904 15.04 -1.52 29.89
N LYS A 905 14.48 -2.42 30.72
CA LYS A 905 14.07 -3.71 30.18
C LYS A 905 12.87 -3.54 29.26
N ILE A 906 11.97 -2.60 29.60
CA ILE A 906 10.86 -2.27 28.72
C ILE A 906 11.40 -1.81 27.39
N VAL A 907 12.48 -1.03 27.43
CA VAL A 907 13.11 -0.57 26.19
C VAL A 907 13.71 -1.75 25.41
N GLU A 908 14.29 -2.72 26.13
CA GLU A 908 14.88 -3.89 25.45
C GLU A 908 13.81 -4.71 24.74
N PHE A 909 12.66 -4.91 25.39
CA PHE A 909 11.60 -5.69 24.76
C PHE A 909 10.92 -4.87 23.64
N THR A 910 10.77 -3.55 23.85
CA THR A 910 10.19 -2.69 22.83
C THR A 910 11.22 -2.40 21.74
N CYS A 911 12.39 -3.07 21.87
CA CYS A 911 13.46 -3.09 20.90
C CYS A 911 13.52 -4.46 20.23
N HIS A 912 13.04 -5.51 20.90
CA HIS A 912 12.95 -6.83 20.29
C HIS A 912 11.78 -6.87 19.33
N THR A 913 10.67 -6.24 19.73
CA THR A 913 9.48 -6.19 18.87
C THR A 913 9.73 -5.50 17.53
N PRO A 914 10.29 -4.27 17.46
CA PRO A 914 10.53 -3.67 16.16
C PRO A 914 11.65 -4.34 15.43
N PHE A 915 12.51 -5.07 16.14
CA PHE A 915 13.53 -5.85 15.46
C PHE A 915 12.84 -6.92 14.64
N PHE A 916 11.82 -7.55 15.24
CA PHE A 916 11.01 -8.55 14.56
C PHE A 916 10.25 -7.92 13.40
N VAL A 917 9.71 -6.72 13.61
CA VAL A 917 9.01 -6.00 12.53
C VAL A 917 9.99 -5.72 11.40
N THR A 918 11.22 -5.31 11.76
CA THR A 918 12.28 -5.04 10.80
C THR A 918 12.56 -6.30 9.97
N ILE A 919 12.56 -7.46 10.62
CA ILE A 919 12.76 -8.71 9.90
C ILE A 919 11.65 -8.91 8.89
N VAL A 920 10.41 -8.59 9.27
CA VAL A 920 9.29 -8.73 8.33
C VAL A 920 9.49 -7.80 7.13
N VAL A 921 9.94 -6.57 7.40
CA VAL A 921 10.15 -5.58 6.33
C VAL A 921 11.21 -6.06 5.36
N VAL A 922 12.32 -6.61 5.86
CA VAL A 922 13.34 -7.10 4.92
C VAL A 922 12.86 -8.39 4.26
N GLN A 923 11.97 -9.15 4.92
CA GLN A 923 11.45 -10.38 4.34
C GLN A 923 10.49 -10.08 3.19
N TRP A 924 9.94 -8.87 3.13
CA TRP A 924 9.10 -8.51 1.98
C TRP A 924 9.92 -8.64 0.70
N ALA A 925 10.97 -7.83 0.62
CA ALA A 925 11.86 -7.84 -0.53
C ALA A 925 12.56 -9.18 -0.69
N ASP A 926 12.88 -9.85 0.42
CA ASP A 926 13.52 -11.15 0.32
C ASP A 926 12.58 -12.16 -0.31
N LEU A 927 11.29 -12.10 0.01
CA LEU A 927 10.31 -13.00 -0.58
C LEU A 927 10.16 -12.72 -2.07
N VAL A 928 10.15 -11.43 -2.44
CA VAL A 928 10.02 -11.06 -3.84
C VAL A 928 11.21 -11.54 -4.65
N ILE A 929 12.43 -11.38 -4.12
CA ILE A 929 13.61 -11.78 -4.88
C ILE A 929 13.75 -13.30 -4.91
N CYS A 930 13.38 -14.00 -3.82
CA CYS A 930 13.46 -15.45 -3.82
C CYS A 930 12.39 -16.05 -4.71
N LYS A 931 11.33 -15.28 -4.98
CA LYS A 931 10.26 -15.75 -5.86
C LYS A 931 10.78 -16.02 -7.25
N THR A 932 11.78 -15.25 -7.68
CA THR A 932 12.38 -15.39 -9.01
C THR A 932 13.85 -15.74 -8.85
N ARG A 933 14.21 -16.97 -9.20
CA ARG A 933 15.60 -17.40 -9.10
C ARG A 933 16.46 -16.75 -10.19
N ARG A 934 16.04 -16.88 -11.44
CA ARG A 934 16.75 -16.35 -12.61
C ARG A 934 16.04 -15.19 -13.27
N ASN A 935 14.73 -15.27 -13.46
CA ASN A 935 14.00 -14.19 -14.09
C ASN A 935 13.93 -12.98 -13.17
N SER A 936 13.50 -11.86 -13.73
CA SER A 936 13.35 -10.63 -12.98
C SER A 936 11.97 -10.58 -12.33
N VAL A 937 11.81 -9.65 -11.38
CA VAL A 937 10.51 -9.48 -10.74
C VAL A 937 9.51 -8.97 -11.75
N PHE A 938 9.96 -8.13 -12.68
CA PHE A 938 9.10 -7.58 -13.72
C PHE A 938 8.79 -8.63 -14.78
N GLN A 939 9.72 -9.57 -15.03
CA GLN A 939 9.47 -10.64 -15.99
C GLN A 939 8.43 -11.62 -15.43
N GLN A 940 8.75 -12.24 -14.29
CA GLN A 940 7.84 -13.19 -13.66
C GLN A 940 6.54 -12.48 -13.27
N GLY A 941 6.65 -11.39 -12.51
CA GLY A 941 5.48 -10.64 -12.11
C GLY A 941 4.80 -11.18 -10.88
N MET A 942 4.22 -10.28 -10.10
CA MET A 942 3.53 -10.64 -8.87
C MET A 942 2.12 -11.15 -9.17
N LYS A 943 2.09 -12.26 -9.91
CA LYS A 943 0.85 -12.91 -10.27
C LYS A 943 0.48 -13.99 -9.27
N ASN A 944 1.42 -14.38 -8.41
CA ASN A 944 1.20 -15.37 -7.36
C ASN A 944 0.32 -14.72 -6.31
N LYS A 945 -1.00 -14.94 -6.40
CA LYS A 945 -1.94 -14.33 -5.46
C LYS A 945 -1.70 -14.81 -4.04
N ILE A 946 -1.35 -16.09 -3.88
CA ILE A 946 -1.08 -16.64 -2.56
C ILE A 946 0.10 -15.91 -1.92
N LEU A 947 1.09 -15.53 -2.73
CA LEU A 947 2.25 -14.80 -2.20
C LEU A 947 1.85 -13.38 -1.79
N ILE A 948 0.98 -12.75 -2.58
CA ILE A 948 0.51 -11.41 -2.25
C ILE A 948 -0.18 -11.44 -0.90
N PHE A 949 -1.07 -12.44 -0.71
CA PHE A 949 -1.71 -12.56 0.58
C PHE A 949 -0.69 -12.90 1.64
N GLY A 950 0.40 -13.59 1.26
CA GLY A 950 1.44 -13.88 2.22
C GLY A 950 2.02 -12.60 2.78
N LEU A 951 2.28 -11.62 1.91
CA LEU A 951 2.82 -10.34 2.35
C LEU A 951 1.79 -9.58 3.18
N PHE A 952 0.55 -9.51 2.72
CA PHE A 952 -0.49 -8.79 3.47
C PHE A 952 -0.72 -9.40 4.84
N GLU A 953 -0.93 -10.70 4.90
CA GLU A 953 -1.16 -11.40 6.16
C GLU A 953 0.04 -11.28 7.09
N GLU A 954 1.25 -11.44 6.54
CA GLU A 954 2.47 -11.35 7.34
C GLU A 954 2.60 -9.98 7.99
N THR A 955 2.43 -8.92 7.18
CA THR A 955 2.53 -7.56 7.69
C THR A 955 1.47 -7.28 8.75
N ALA A 956 0.20 -7.56 8.42
CA ALA A 956 -0.90 -7.32 9.36
C ALA A 956 -0.73 -8.13 10.64
N LEU A 957 -0.22 -9.36 10.51
CA LEU A 957 -0.02 -10.20 11.69
C LEU A 957 1.06 -9.62 12.60
N ALA A 958 2.15 -9.12 12.00
CA ALA A 958 3.21 -8.52 12.81
C ALA A 958 2.67 -7.31 13.56
N ALA A 959 1.94 -6.44 12.84
CA ALA A 959 1.36 -5.26 13.47
C ALA A 959 0.41 -5.65 14.60
N PHE A 960 -0.37 -6.73 14.41
CA PHE A 960 -1.26 -7.17 15.47
C PHE A 960 -0.46 -7.69 16.67
N LEU A 961 0.62 -8.42 16.41
CA LEU A 961 1.45 -8.95 17.49
C LEU A 961 2.10 -7.83 18.29
N SER A 962 2.22 -6.64 17.71
CA SER A 962 2.80 -5.53 18.46
C SER A 962 1.77 -4.63 19.13
N TYR A 963 0.57 -4.47 18.55
CA TYR A 963 -0.43 -3.58 19.10
C TYR A 963 -1.64 -4.28 19.71
N CYS A 964 -1.52 -5.56 20.05
CA CYS A 964 -2.76 -6.05 20.65
C CYS A 964 -2.76 -5.75 22.15
N PRO A 965 -3.93 -5.45 22.75
CA PRO A 965 -3.94 -5.15 24.20
C PRO A 965 -3.47 -6.32 25.05
N GLY A 966 -2.25 -6.19 25.58
CA GLY A 966 -1.66 -7.21 26.42
C GLY A 966 -0.48 -7.95 25.84
N MET A 967 0.06 -7.53 24.68
CA MET A 967 1.20 -8.23 24.11
C MET A 967 2.45 -8.05 24.97
N GLY A 968 2.67 -6.83 25.47
CA GLY A 968 3.81 -6.62 26.33
C GLY A 968 3.69 -7.33 27.66
N VAL A 969 2.49 -7.82 27.97
CA VAL A 969 2.22 -8.55 29.20
C VAL A 969 2.35 -10.06 28.99
N ALA A 970 1.96 -10.56 27.82
CA ALA A 970 2.02 -11.99 27.52
C ALA A 970 3.29 -12.38 26.75
N LEU A 971 3.54 -11.75 25.61
CA LEU A 971 4.71 -12.06 24.79
C LEU A 971 5.84 -11.05 24.94
N ARG A 972 5.71 -10.08 25.85
CA ARG A 972 6.72 -9.04 26.05
C ARG A 972 7.00 -8.27 24.77
N MET A 973 5.99 -8.14 23.92
CA MET A 973 6.09 -7.44 22.63
C MET A 973 5.33 -6.13 22.81
N TYR A 974 6.06 -5.10 23.24
CA TYR A 974 5.48 -3.80 23.47
C TYR A 974 5.12 -3.11 22.15
N PRO A 975 4.19 -2.16 22.19
CA PRO A 975 3.81 -1.44 20.97
C PRO A 975 4.98 -0.63 20.42
N LEU A 976 4.89 -0.28 19.15
CA LEU A 976 5.94 0.45 18.45
C LEU A 976 5.55 1.87 18.09
N LYS A 977 6.53 2.78 18.18
CA LYS A 977 6.31 4.14 17.72
C LYS A 977 6.33 4.08 16.19
N PRO A 978 5.45 4.82 15.50
CA PRO A 978 5.36 4.69 14.03
C PRO A 978 6.66 4.92 13.25
N THR A 979 7.65 5.61 13.81
CA THR A 979 8.88 5.83 13.05
C THR A 979 9.68 4.54 12.86
N TRP A 980 9.60 3.59 13.81
CA TRP A 980 10.35 2.34 13.71
C TRP A 980 9.94 1.52 12.51
N TRP A 981 8.68 1.68 12.04
CA TRP A 981 8.24 0.91 10.88
C TRP A 981 9.00 1.28 9.63
N PHE A 982 9.62 2.46 9.62
CA PHE A 982 10.40 2.91 8.48
C PHE A 982 11.90 2.79 8.74
N CYS A 983 12.28 2.22 9.89
CA CYS A 983 13.70 2.09 10.19
C CYS A 983 14.39 1.05 9.32
N ALA A 984 13.64 0.15 8.70
CA ALA A 984 14.22 -0.91 7.87
C ALA A 984 13.93 -0.80 6.38
N PHE A 985 13.05 0.13 5.96
CA PHE A 985 12.70 0.29 4.55
C PHE A 985 13.88 0.40 3.59
N PRO A 986 14.89 1.26 3.81
CA PRO A 986 15.99 1.32 2.84
C PRO A 986 16.75 0.02 2.72
N TYR A 987 16.86 -0.74 3.81
CA TYR A 987 17.56 -2.03 3.76
C TYR A 987 16.83 -3.00 2.87
N SER A 988 15.49 -3.06 2.98
CA SER A 988 14.70 -3.94 2.13
C SER A 988 14.82 -3.52 0.67
N LEU A 989 14.72 -2.22 0.41
CA LEU A 989 14.88 -1.72 -0.95
C LEU A 989 16.23 -2.12 -1.51
N LEU A 990 17.28 -2.01 -0.69
CA LEU A 990 18.62 -2.38 -1.13
C LEU A 990 18.71 -3.86 -1.42
N ILE A 991 18.07 -4.68 -0.59
CA ILE A 991 18.06 -6.13 -0.82
C ILE A 991 17.44 -6.42 -2.17
N PHE A 992 16.27 -5.82 -2.42
CA PHE A 992 15.58 -6.02 -3.69
C PHE A 992 16.41 -5.55 -4.86
N VAL A 993 17.05 -4.38 -4.74
CA VAL A 993 17.85 -3.83 -5.83
C VAL A 993 19.06 -4.72 -6.13
N TYR A 994 19.79 -5.14 -5.10
CA TYR A 994 20.96 -5.97 -5.30
C TYR A 994 20.60 -7.29 -5.95
N ASP A 995 19.58 -7.98 -5.42
CA ASP A 995 19.21 -9.26 -6.02
C ASP A 995 18.65 -9.08 -7.43
N GLU A 996 17.96 -7.97 -7.68
CA GLU A 996 17.41 -7.74 -9.00
C GLU A 996 18.52 -7.53 -10.03
N VAL A 997 19.51 -6.70 -9.71
CA VAL A 997 20.61 -6.50 -10.65
C VAL A 997 21.42 -7.78 -10.78
N ARG A 998 21.47 -8.59 -9.72
CA ARG A 998 22.18 -9.86 -9.79
C ARG A 998 21.52 -10.74 -10.84
N LYS A 999 20.18 -10.87 -10.76
CA LYS A 999 19.45 -11.66 -11.75
C LYS A 999 19.59 -11.06 -13.15
N LEU A 1000 19.66 -9.73 -13.23
CA LEU A 1000 19.82 -9.07 -14.52
C LEU A 1000 21.14 -9.48 -15.15
N ILE A 1001 22.22 -9.52 -14.35
CA ILE A 1001 23.51 -9.92 -14.92
C ILE A 1001 23.50 -11.42 -15.19
N ILE A 1002 22.71 -12.20 -14.44
CA ILE A 1002 22.61 -13.63 -14.72
C ILE A 1002 22.00 -13.81 -16.10
N ARG A 1003 21.09 -12.90 -16.47
CA ARG A 1003 20.45 -12.95 -17.79
C ARG A 1003 21.41 -12.48 -18.88
N ARG A 1004 21.95 -11.27 -18.74
CA ARG A 1004 22.85 -10.72 -19.76
C ARG A 1004 24.21 -11.43 -19.79
N ARG A 1005 24.69 -11.92 -18.65
CA ARG A 1005 25.96 -12.64 -18.57
C ARG A 1005 25.68 -14.05 -18.09
N PRO A 1006 25.19 -14.94 -18.97
CA PRO A 1006 24.96 -16.32 -18.54
C PRO A 1006 26.25 -17.10 -18.69
N GLY A 1007 27.36 -16.49 -18.26
CA GLY A 1007 28.65 -17.11 -18.35
C GLY A 1007 29.01 -17.80 -17.05
N GLY A 1008 29.94 -17.25 -16.29
CA GLY A 1008 30.25 -17.95 -15.06
C GLY A 1008 30.29 -17.23 -13.73
N TRP A 1009 30.73 -15.97 -13.69
CA TRP A 1009 30.85 -15.29 -12.41
C TRP A 1009 29.50 -15.13 -11.72
N VAL A 1010 28.61 -14.35 -12.32
CA VAL A 1010 27.30 -14.11 -11.71
C VAL A 1010 26.36 -15.30 -11.81
N GLU A 1011 26.73 -16.35 -12.54
CA GLU A 1011 25.87 -17.52 -12.68
C GLU A 1011 26.33 -18.70 -11.82
N LYS A 1012 27.61 -19.08 -11.92
CA LYS A 1012 28.11 -20.21 -11.15
C LYS A 1012 28.36 -19.88 -9.68
N GLU A 1013 28.30 -18.63 -9.27
CA GLU A 1013 28.56 -18.27 -7.88
C GLU A 1013 27.31 -17.86 -7.11
N THR A 1014 26.31 -17.29 -7.78
CA THR A 1014 25.10 -16.82 -7.11
C THR A 1014 23.85 -17.60 -7.47
N TYR A 1015 23.64 -17.92 -8.75
CA TYR A 1015 22.45 -18.66 -9.18
C TYR A 1015 22.45 -20.03 -8.51
N TYR A 1016 21.57 -20.20 -7.53
CA TYR A 1016 21.47 -21.45 -6.78
C TYR A 1016 20.26 -22.29 -7.19
N LYS B 13 34.50 -39.75 -0.47
CA LYS B 13 34.05 -38.56 -1.19
C LYS B 13 34.30 -37.25 -0.37
N LYS B 14 34.86 -37.36 0.83
CA LYS B 14 35.12 -36.17 1.65
C LYS B 14 36.62 -35.83 1.76
N PHE B 15 37.40 -36.25 0.77
CA PHE B 15 38.82 -35.97 0.67
C PHE B 15 39.09 -35.09 -0.54
N ILE B 16 38.15 -34.17 -0.82
CA ILE B 16 38.20 -33.22 -1.93
C ILE B 16 39.21 -32.13 -1.60
N TRP B 17 39.97 -32.33 -0.52
CA TRP B 17 40.99 -31.40 -0.05
C TRP B 17 41.83 -30.82 -1.18
N ASN B 18 42.54 -31.71 -1.88
CA ASN B 18 43.41 -31.30 -2.98
C ASN B 18 43.39 -32.37 -4.07
N SER B 19 44.08 -32.04 -5.16
CA SER B 19 44.24 -32.87 -6.33
C SER B 19 45.39 -32.27 -7.11
N GLU B 20 45.86 -33.00 -8.13
CA GLU B 20 46.94 -32.42 -8.91
C GLU B 20 46.43 -31.38 -9.89
N LYS B 21 45.11 -31.22 -9.98
CA LYS B 21 44.48 -30.24 -10.85
C LYS B 21 44.04 -28.99 -10.08
N LYS B 22 44.70 -28.70 -8.96
CA LYS B 22 44.48 -27.51 -8.13
C LYS B 22 43.12 -27.24 -7.48
N GLU B 23 42.88 -27.82 -6.30
CA GLU B 23 41.66 -27.58 -5.53
C GLU B 23 42.05 -27.56 -4.05
N PHE B 24 41.49 -26.61 -3.28
CA PHE B 24 41.78 -26.50 -1.85
C PHE B 24 40.47 -26.32 -1.10
N LEU B 25 40.18 -27.25 -0.18
CA LEU B 25 38.97 -27.25 0.63
C LEU B 25 37.70 -27.38 -0.20
N GLY B 26 37.84 -27.54 -1.51
CA GLY B 26 36.69 -27.65 -2.39
C GLY B 26 36.85 -26.91 -3.71
N ARG B 27 37.60 -25.81 -3.73
CA ARG B 27 37.82 -25.04 -4.95
C ARG B 27 39.30 -24.71 -5.13
N THR B 28 39.60 -24.15 -6.30
CA THR B 28 40.96 -23.80 -6.71
C THR B 28 41.47 -22.57 -5.97
N GLY B 29 42.69 -22.15 -6.35
CA GLY B 29 43.36 -21.00 -5.78
C GLY B 29 42.86 -19.70 -6.38
N GLY B 30 42.79 -19.65 -7.72
CA GLY B 30 42.29 -18.45 -8.37
C GLY B 30 40.83 -18.20 -8.03
N SER B 31 40.07 -19.27 -7.77
CA SER B 31 38.68 -19.11 -7.40
C SER B 31 38.56 -18.64 -5.96
N TRP B 32 39.45 -19.12 -5.08
CA TRP B 32 39.45 -18.67 -3.70
C TRP B 32 39.77 -17.19 -3.65
N PHE B 33 40.71 -16.75 -4.50
CA PHE B 33 41.06 -15.33 -4.55
C PHE B 33 39.91 -14.49 -5.10
N LYS B 34 39.24 -14.97 -6.15
CA LYS B 34 38.11 -14.22 -6.71
C LYS B 34 36.99 -14.06 -5.68
N ILE B 35 36.62 -15.16 -5.02
CA ILE B 35 35.55 -15.13 -4.02
C ILE B 35 35.94 -14.24 -2.83
N LEU B 36 37.16 -14.40 -2.32
CA LEU B 36 37.59 -13.59 -1.17
C LEU B 36 37.59 -12.11 -1.52
N LEU B 37 38.05 -11.75 -2.72
CA LEU B 37 38.05 -10.34 -3.12
C LEU B 37 36.63 -9.82 -3.23
N PHE B 38 35.72 -10.61 -3.81
CA PHE B 38 34.34 -10.17 -3.94
C PHE B 38 33.71 -9.95 -2.57
N TYR B 39 33.87 -10.92 -1.67
CA TYR B 39 33.29 -10.79 -0.33
C TYR B 39 33.89 -9.61 0.42
N VAL B 40 35.18 -9.32 0.21
CA VAL B 40 35.78 -8.19 0.91
C VAL B 40 35.19 -6.87 0.41
N ILE B 41 35.06 -6.72 -0.91
CA ILE B 41 34.47 -5.49 -1.45
C ILE B 41 33.00 -5.38 -1.07
N PHE B 42 32.26 -6.49 -1.17
CA PHE B 42 30.85 -6.52 -0.83
C PHE B 42 30.61 -6.14 0.62
N TYR B 43 31.28 -6.82 1.55
CA TYR B 43 31.13 -6.51 2.96
C TYR B 43 31.67 -5.11 3.27
N GLY B 44 32.66 -4.64 2.51
CA GLY B 44 33.14 -3.30 2.72
C GLY B 44 32.06 -2.28 2.37
N CYS B 45 31.36 -2.51 1.26
CA CYS B 45 30.28 -1.63 0.87
C CYS B 45 29.13 -1.71 1.87
N LEU B 46 28.82 -2.93 2.35
CA LEU B 46 27.76 -3.09 3.35
C LEU B 46 28.08 -2.33 4.63
N ALA B 47 29.34 -2.44 5.09
CA ALA B 47 29.75 -1.73 6.30
C ALA B 47 29.69 -0.23 6.09
N GLY B 48 30.16 0.25 4.93
CA GLY B 48 30.09 1.68 4.66
C GLY B 48 28.67 2.20 4.60
N ILE B 49 27.75 1.38 4.08
CA ILE B 49 26.34 1.78 4.01
C ILE B 49 25.74 1.84 5.40
N PHE B 50 26.00 0.81 6.22
CA PHE B 50 25.47 0.82 7.59
C PHE B 50 26.02 1.99 8.37
N ILE B 51 27.29 2.32 8.17
CA ILE B 51 27.90 3.44 8.86
C ILE B 51 27.30 4.77 8.40
N GLY B 52 27.07 4.92 7.09
CA GLY B 52 26.48 6.16 6.60
C GLY B 52 25.07 6.38 7.13
N THR B 53 24.25 5.33 7.13
CA THR B 53 22.90 5.46 7.65
C THR B 53 22.92 5.71 9.15
N ILE B 54 23.84 5.05 9.86
CA ILE B 54 23.94 5.26 11.30
C ILE B 54 24.41 6.68 11.56
N GLN B 55 25.17 7.28 10.63
CA GLN B 55 25.60 8.65 10.79
C GLN B 55 24.42 9.60 10.60
N VAL B 56 23.56 9.28 9.63
CA VAL B 56 22.35 10.09 9.43
C VAL B 56 21.51 10.03 10.69
N MET B 57 21.42 8.83 11.28
CA MET B 57 20.68 8.65 12.52
C MET B 57 21.29 9.48 13.63
N LEU B 58 22.63 9.55 13.68
CA LEU B 58 23.29 10.37 14.70
C LEU B 58 23.01 11.85 14.48
N LEU B 59 22.83 12.26 13.23
CA LEU B 59 22.52 13.65 12.92
C LEU B 59 21.07 14.01 13.20
N THR B 60 20.19 13.02 13.40
CA THR B 60 18.79 13.31 13.72
C THR B 60 18.52 13.56 15.20
N ILE B 61 19.52 13.42 16.08
CA ILE B 61 19.33 13.64 17.50
C ILE B 61 20.19 14.82 17.93
N SER B 62 19.76 15.49 19.01
CA SER B 62 20.48 16.63 19.53
C SER B 62 21.45 16.20 20.62
N GLU B 63 22.28 17.14 21.06
CA GLU B 63 23.26 16.89 22.11
C GLU B 63 22.79 17.31 23.48
N PHE B 64 21.74 18.11 23.57
CA PHE B 64 21.24 18.63 24.84
C PHE B 64 19.91 18.04 25.29
N LYS B 65 19.30 17.12 24.53
CA LYS B 65 18.03 16.57 24.96
C LYS B 65 17.66 15.29 24.22
N PRO B 66 17.23 14.26 24.95
CA PRO B 66 16.82 13.02 24.29
C PRO B 66 15.47 13.23 23.64
N THR B 67 15.32 12.66 22.45
CA THR B 67 14.08 12.82 21.69
C THR B 67 12.89 12.19 22.41
N TYR B 68 13.02 10.94 22.88
CA TYR B 68 11.93 10.26 23.59
C TYR B 68 12.31 10.16 25.06
N GLN B 69 11.45 10.66 25.93
CA GLN B 69 11.68 10.60 27.38
C GLN B 69 10.50 9.98 28.11
N ASP B 70 9.59 9.33 27.40
CA ASP B 70 8.41 8.73 28.01
C ASP B 70 8.67 7.39 28.70
N ARG B 71 9.75 6.69 28.36
CA ARG B 71 10.03 5.41 29.00
C ARG B 71 10.60 5.55 30.40
N VAL B 72 10.79 6.77 30.87
CA VAL B 72 11.33 7.03 32.19
C VAL B 72 10.37 7.96 32.91
N ALA B 73 9.09 7.86 32.57
CA ALA B 73 8.03 8.71 33.14
C ALA B 73 8.05 8.67 34.67
N PRO B 74 7.89 7.53 35.35
CA PRO B 74 7.94 7.54 36.82
C PRO B 74 9.37 7.39 37.30
N PRO B 75 9.92 8.40 37.99
CA PRO B 75 11.31 8.30 38.46
C PRO B 75 11.49 7.20 39.50
N GLY B 76 12.70 6.64 39.51
CA GLY B 76 13.02 5.58 40.44
C GLY B 76 13.47 6.12 41.78
N LEU B 77 13.74 5.20 42.70
CA LEU B 77 14.18 5.55 44.05
C LEU B 77 15.20 4.48 44.46
N THR B 78 16.48 4.80 44.30
CA THR B 78 17.54 3.85 44.62
C THR B 78 18.16 4.14 45.99
N GLN B 79 19.08 3.28 46.40
CA GLN B 79 19.77 3.39 47.69
C GLN B 79 21.28 3.32 47.48
N ILE B 80 22.02 3.59 48.54
CA ILE B 80 23.48 3.55 48.49
C ILE B 80 24.01 2.12 48.54
N PRO B 81 23.56 1.22 49.48
CA PRO B 81 24.10 -0.14 49.45
C PRO B 81 23.45 -0.98 48.37
N GLN B 82 24.01 -0.93 47.15
CA GLN B 82 23.46 -1.69 46.03
C GLN B 82 23.69 -3.17 46.33
N SER B 83 22.78 -3.71 47.14
CA SER B 83 22.81 -5.10 47.56
C SER B 83 22.47 -6.04 46.41
N GLN B 84 22.90 -7.29 46.55
CA GLN B 84 22.63 -8.29 45.52
C GLN B 84 21.14 -8.60 45.39
N LYS B 85 20.38 -8.48 46.47
CA LYS B 85 18.94 -8.73 46.45
C LYS B 85 18.21 -7.70 47.30
N THR B 86 18.75 -6.48 47.38
CA THR B 86 18.21 -5.38 48.19
C THR B 86 18.11 -5.79 49.65
N GLU B 87 19.00 -6.69 50.07
CA GLU B 87 19.03 -7.20 51.44
C GLU B 87 20.32 -6.77 52.12
N ILE B 88 20.20 -6.35 53.38
CA ILE B 88 21.34 -5.89 54.18
C ILE B 88 21.47 -6.87 55.34
N SER B 89 22.33 -7.88 55.17
CA SER B 89 22.60 -8.90 56.18
C SER B 89 24.07 -8.84 56.53
N PHE B 90 24.37 -8.56 57.80
CA PHE B 90 25.74 -8.46 58.27
C PHE B 90 25.74 -8.72 59.78
N ARG B 91 26.92 -8.61 60.39
CA ARG B 91 27.10 -8.81 61.81
C ARG B 91 27.55 -7.51 62.45
N PRO B 92 26.91 -7.07 63.55
CA PRO B 92 27.32 -5.81 64.20
C PRO B 92 28.74 -5.84 64.74
N ASN B 93 29.36 -7.02 64.84
CA ASN B 93 30.71 -7.16 65.37
C ASN B 93 31.75 -7.28 64.26
N ASP B 94 31.61 -8.28 63.39
CA ASP B 94 32.53 -8.55 62.29
C ASP B 94 32.64 -7.38 61.32
N PRO B 95 33.80 -6.72 61.24
CA PRO B 95 33.93 -5.60 60.30
C PRO B 95 33.96 -6.03 58.84
N GLN B 96 34.40 -7.25 58.55
CA GLN B 96 34.44 -7.75 57.18
C GLN B 96 33.07 -8.17 56.68
N SER B 97 32.11 -8.39 57.57
CA SER B 97 30.78 -8.80 57.14
C SER B 97 30.05 -7.66 56.44
N TYR B 98 30.26 -6.42 56.89
CA TYR B 98 29.63 -5.25 56.31
C TYR B 98 30.60 -4.41 55.47
N GLU B 99 31.71 -5.00 55.03
CA GLU B 99 32.68 -4.26 54.21
C GLU B 99 32.10 -3.90 52.84
N SER B 100 31.35 -4.84 52.25
CA SER B 100 30.77 -4.61 50.93
C SER B 100 29.80 -3.43 50.93
N TYR B 101 29.17 -3.15 52.08
CA TYR B 101 28.25 -2.03 52.16
C TYR B 101 29.01 -0.71 52.27
N VAL B 102 29.82 -0.58 53.33
CA VAL B 102 30.58 0.64 53.59
C VAL B 102 31.43 1.02 52.38
N VAL B 103 32.00 0.05 51.67
CA VAL B 103 32.82 0.35 50.50
C VAL B 103 31.99 1.13 49.48
N SER B 104 30.78 0.65 49.18
CA SER B 104 29.93 1.35 48.22
C SER B 104 29.44 2.68 48.76
N ILE B 105 29.23 2.79 50.08
CA ILE B 105 28.75 4.07 50.62
C ILE B 105 29.85 5.13 50.50
N VAL B 106 31.09 4.76 50.83
CA VAL B 106 32.19 5.70 50.74
C VAL B 106 32.47 6.06 49.28
N ARG B 107 32.45 5.07 48.38
CA ARG B 107 32.67 5.39 46.97
C ARG B 107 31.57 6.28 46.41
N PHE B 108 30.33 6.10 46.89
CA PHE B 108 29.23 6.94 46.42
C PHE B 108 29.39 8.37 46.93
N LEU B 109 29.64 8.55 48.23
CA LEU B 109 29.79 9.88 48.81
C LEU B 109 31.19 10.49 48.63
N GLU B 110 32.07 9.84 47.86
CA GLU B 110 33.40 10.40 47.64
C GLU B 110 33.37 11.69 46.81
N LYS B 111 32.30 11.91 46.04
CA LYS B 111 32.16 13.11 45.22
C LYS B 111 31.40 14.20 45.94
N TYR B 112 30.99 13.97 47.20
CA TYR B 112 30.24 14.93 47.99
C TYR B 112 31.09 15.60 49.07
N LYS B 113 32.37 15.26 49.16
CA LYS B 113 33.22 15.87 50.17
C LYS B 113 33.40 17.36 49.87
N ASP B 114 33.75 18.11 50.91
CA ASP B 114 33.93 19.55 50.77
C ASP B 114 35.07 19.90 49.81
N LEU B 115 36.05 19.01 49.66
CA LEU B 115 37.17 19.26 48.77
C LEU B 115 36.81 19.04 47.30
N ALA B 116 35.89 18.11 47.01
CA ALA B 116 35.50 17.85 45.63
C ALA B 116 34.74 19.04 45.04
N GLN B 117 33.90 19.69 45.85
CA GLN B 117 33.13 20.85 45.42
C GLN B 117 33.87 22.08 45.94
N LYS B 118 34.90 22.49 45.21
CA LYS B 118 35.70 23.64 45.59
C LYS B 118 35.72 24.76 44.56
N ASP B 119 35.53 24.46 43.28
CA ASP B 119 35.54 25.49 42.26
C ASP B 119 34.26 26.31 42.31
N ASP B 120 34.41 27.63 42.36
CA ASP B 120 33.26 28.53 42.39
C ASP B 120 32.71 28.82 41.01
N MET B 121 33.40 28.40 39.96
CA MET B 121 32.96 28.63 38.60
C MET B 121 31.98 27.57 38.10
N ILE B 122 31.82 26.46 38.83
CA ILE B 122 30.90 25.40 38.41
C ILE B 122 29.98 25.01 39.56
N PHE B 123 30.25 25.55 40.75
CA PHE B 123 29.44 25.24 41.92
C PHE B 123 28.79 26.52 42.44
N GLU B 124 27.57 26.37 42.94
CA GLU B 124 26.77 27.48 43.45
C GLU B 124 26.12 27.07 44.76
N ASP B 125 26.31 27.87 45.81
CA ASP B 125 25.74 27.56 47.12
C ASP B 125 24.24 27.84 47.09
N CYS B 126 23.45 26.76 47.04
CA CYS B 126 22.00 26.88 46.98
C CYS B 126 21.45 27.52 48.25
N GLY B 127 21.64 26.89 49.39
CA GLY B 127 21.15 27.47 50.63
C GLY B 127 20.89 26.41 51.67
N ASN B 128 20.78 26.87 52.92
CA ASN B 128 20.54 26.02 54.06
C ASN B 128 19.06 25.66 54.22
N VAL B 129 18.19 26.24 53.42
CA VAL B 129 16.76 25.98 53.50
C VAL B 129 16.26 25.63 52.10
N PRO B 130 15.46 24.58 51.95
CA PRO B 130 14.96 24.22 50.61
C PRO B 130 14.07 25.32 50.05
N SER B 131 14.43 25.79 48.87
CA SER B 131 13.72 26.86 48.18
C SER B 131 13.09 26.33 46.89
N GLU B 132 12.53 27.26 46.11
CA GLU B 132 11.88 26.92 44.85
C GLU B 132 12.88 26.38 43.82
N LEU B 133 12.33 25.87 42.72
CA LEU B 133 13.14 25.31 41.65
C LEU B 133 14.03 26.38 41.03
N LYS B 134 15.15 25.95 40.47
CA LYS B 134 16.12 26.84 39.83
C LYS B 134 16.25 26.51 38.36
N GLU B 135 15.60 27.30 37.51
CA GLU B 135 15.63 27.11 36.07
C GLU B 135 16.71 28.02 35.47
N ARG B 136 17.75 27.42 34.88
CA ARG B 136 18.86 28.17 34.28
C ARG B 136 18.67 28.27 32.77
N GLY B 137 17.68 29.07 32.38
CA GLY B 137 17.36 29.30 30.99
C GLY B 137 16.86 28.05 30.28
N GLU B 138 17.06 28.04 28.96
CA GLU B 138 16.65 26.92 28.12
C GLU B 138 17.74 25.85 28.09
N TYR B 139 17.46 24.75 27.40
CA TYR B 139 18.39 23.64 27.31
C TYR B 139 19.40 23.78 26.17
N ASN B 140 19.41 24.90 25.45
CA ASN B 140 20.36 25.06 24.36
C ASN B 140 21.76 25.37 24.90
N ASN B 141 22.70 25.55 23.96
CA ASN B 141 24.09 25.85 24.28
C ASN B 141 24.39 27.34 24.14
N GLU B 142 23.37 28.18 23.99
CA GLU B 142 23.60 29.62 23.87
C GLU B 142 24.28 30.16 25.13
N ARG B 143 23.97 29.56 26.27
CA ARG B 143 24.57 29.90 27.54
C ARG B 143 25.76 28.97 27.77
N GLY B 144 26.66 29.39 28.66
CA GLY B 144 27.82 28.57 28.95
C GLY B 144 27.46 27.35 29.77
N GLU B 145 28.47 26.74 30.40
CA GLU B 145 28.23 25.56 31.23
C GLU B 145 27.52 26.00 32.51
N ARG B 146 26.31 25.50 32.71
CA ARG B 146 25.50 25.85 33.88
C ARG B 146 26.21 25.51 35.19
N LYS B 147 25.72 26.10 36.28
CA LYS B 147 26.24 25.88 37.61
C LYS B 147 25.46 24.76 38.29
N VAL B 148 26.14 24.06 39.20
CA VAL B 148 25.54 22.95 39.94
C VAL B 148 25.47 23.34 41.42
N CYS B 149 24.30 23.21 42.01
CA CYS B 149 24.13 23.57 43.42
C CYS B 149 24.86 22.58 44.32
N ARG B 150 25.56 23.11 45.32
CA ARG B 150 26.33 22.30 46.26
C ARG B 150 25.44 21.57 47.25
N PHE B 151 25.96 20.44 47.75
CA PHE B 151 25.27 19.60 48.73
C PHE B 151 26.36 18.91 49.56
N ARG B 152 26.70 19.52 50.69
CA ARG B 152 27.72 18.98 51.58
C ARG B 152 27.18 17.81 52.38
N LEU B 153 28.09 16.93 52.79
CA LEU B 153 27.69 15.75 53.55
C LEU B 153 27.04 16.08 54.88
N GLU B 154 27.25 17.29 55.39
CA GLU B 154 26.69 17.69 56.67
C GLU B 154 25.16 17.65 56.70
N TRP B 155 24.49 17.74 55.55
CA TRP B 155 23.03 17.71 55.54
C TRP B 155 22.47 16.38 56.03
N LEU B 156 23.15 15.28 55.76
CA LEU B 156 22.68 13.96 56.20
C LEU B 156 23.26 13.73 57.59
N GLY B 157 22.53 14.21 58.60
CA GLY B 157 22.98 14.06 59.96
C GLY B 157 22.99 12.61 60.40
N ASN B 158 23.94 12.30 61.30
CA ASN B 158 24.13 10.98 61.89
C ASN B 158 24.49 9.88 60.89
N CYS B 159 24.61 10.24 59.61
CA CYS B 159 25.00 9.28 58.60
C CYS B 159 26.03 9.89 57.66
N SER B 160 26.82 10.82 58.16
CA SER B 160 27.89 11.42 57.37
C SER B 160 29.18 11.42 58.18
N GLY B 161 29.11 12.02 59.36
CA GLY B 161 30.26 12.09 60.23
C GLY B 161 31.38 12.93 59.66
N LEU B 162 32.45 13.02 60.44
CA LEU B 162 33.68 13.70 60.07
C LEU B 162 34.80 12.67 60.19
N ASN B 163 34.46 11.44 59.82
CA ASN B 163 35.37 10.30 59.87
C ASN B 163 36.54 10.47 58.91
N ASP B 164 37.48 9.54 58.98
CA ASP B 164 38.67 9.51 58.15
C ASP B 164 38.31 8.94 56.79
N GLU B 165 39.34 8.49 56.04
CA GLU B 165 39.13 7.91 54.71
C GLU B 165 38.04 6.84 54.71
N THR B 166 37.83 6.17 55.84
CA THR B 166 36.80 5.15 56.00
C THR B 166 35.68 5.75 56.85
N TYR B 167 34.51 5.94 56.24
CA TYR B 167 33.36 6.52 56.93
C TYR B 167 32.86 5.53 57.98
N GLY B 168 33.24 5.76 59.24
CA GLY B 168 32.79 4.89 60.32
C GLY B 168 31.30 5.08 60.45
N TYR B 169 30.55 4.16 59.85
CA TYR B 169 29.09 4.24 59.84
C TYR B 169 28.52 3.49 61.04
N LYS B 170 27.22 3.23 60.97
CA LYS B 170 26.50 2.59 62.05
C LYS B 170 26.47 1.08 61.89
N ASP B 171 26.99 0.38 62.90
CA ASP B 171 26.97 -1.08 62.92
C ASP B 171 25.60 -1.52 63.42
N GLY B 172 25.23 -1.09 64.62
CA GLY B 172 23.91 -1.32 65.13
C GLY B 172 23.12 -0.12 64.63
N LYS B 173 21.84 -0.32 64.29
CA LYS B 173 21.01 0.77 63.77
C LYS B 173 21.63 1.33 62.49
N PRO B 174 21.62 0.57 61.39
CA PRO B 174 22.28 1.02 60.14
C PRO B 174 21.61 2.23 59.47
N CYS B 175 22.35 2.77 58.51
CA CYS B 175 21.95 3.91 57.70
C CYS B 175 21.75 3.48 56.25
N VAL B 176 20.69 3.98 55.61
CA VAL B 176 20.41 3.68 54.20
C VAL B 176 19.86 4.97 53.56
N ILE B 177 20.69 5.68 52.79
CA ILE B 177 20.20 6.90 52.16
C ILE B 177 19.49 6.52 50.86
N ILE B 178 18.56 7.37 50.46
CA ILE B 178 17.79 7.16 49.26
C ILE B 178 18.13 8.26 48.26
N LYS B 179 17.97 7.96 46.98
CA LYS B 179 18.28 8.91 45.93
C LYS B 179 17.23 8.85 44.84
N LEU B 180 16.86 10.04 44.34
CA LEU B 180 15.89 10.17 43.27
C LEU B 180 16.60 10.09 41.93
N ASN B 181 16.05 9.27 41.03
CA ASN B 181 16.64 9.06 39.72
C ASN B 181 16.77 10.39 38.96
N ARG B 182 18.01 10.75 38.66
CA ARG B 182 18.33 11.97 37.93
C ARG B 182 17.69 11.93 36.55
N VAL B 183 16.78 12.87 36.27
CA VAL B 183 16.09 12.93 34.98
C VAL B 183 16.25 14.33 34.38
N LEU B 184 16.53 14.39 33.08
CA LEU B 184 16.69 15.66 32.40
C LEU B 184 15.35 16.38 32.27
N GLY B 185 15.35 17.66 32.62
CA GLY B 185 14.16 18.50 32.54
C GLY B 185 13.03 18.13 33.48
N PHE B 186 13.24 17.16 34.36
CA PHE B 186 12.18 16.75 35.29
C PHE B 186 12.04 17.78 36.40
N LYS B 187 10.81 18.26 36.59
CA LYS B 187 10.50 19.23 37.64
C LYS B 187 9.64 18.53 38.67
N PRO B 188 10.19 18.17 39.83
CA PRO B 188 9.39 17.48 40.85
C PRO B 188 8.27 18.36 41.37
N LYS B 189 7.10 17.76 41.54
CA LYS B 189 5.92 18.45 42.05
C LYS B 189 5.42 17.67 43.26
N PRO B 190 5.69 18.16 44.47
CA PRO B 190 5.25 17.46 45.70
C PRO B 190 3.74 17.45 45.80
N PRO B 191 3.16 16.60 46.66
CA PRO B 191 1.70 16.58 46.77
C PRO B 191 1.16 17.88 47.33
N LYS B 192 -0.10 18.16 47.01
CA LYS B 192 -0.76 19.37 47.46
C LYS B 192 -0.86 19.38 48.99
N ASN B 193 -1.24 20.53 49.55
CA ASN B 193 -1.39 20.63 51.00
C ASN B 193 -2.51 19.69 51.45
N GLU B 194 -3.39 19.31 50.52
CA GLU B 194 -4.47 18.35 50.72
C GLU B 194 -3.84 16.97 50.57
N SER B 195 -3.05 16.59 51.57
CA SER B 195 -2.35 15.32 51.57
C SER B 195 -3.32 14.20 51.95
N LEU B 196 -3.48 13.23 51.05
CA LEU B 196 -4.38 12.10 51.25
C LEU B 196 -3.73 11.05 52.16
N GLU B 197 -3.67 11.37 53.45
CA GLU B 197 -3.12 10.46 54.48
C GLU B 197 -1.70 10.03 54.11
N THR B 198 -0.73 10.93 54.26
CA THR B 198 0.63 10.64 53.85
C THR B 198 1.61 10.29 54.99
N TYR B 199 1.16 9.62 56.10
CA TYR B 199 2.08 9.22 57.17
C TYR B 199 2.87 10.38 57.75
N PRO B 200 2.44 10.93 58.94
CA PRO B 200 3.05 12.15 59.52
C PRO B 200 4.42 12.56 59.01
N VAL B 201 4.42 13.78 58.48
CA VAL B 201 5.56 14.42 57.84
C VAL B 201 5.51 15.90 58.17
N MET B 202 6.64 16.58 58.02
CA MET B 202 6.72 18.00 58.36
C MET B 202 5.83 18.83 57.44
N LYS B 203 5.54 20.05 57.90
CA LYS B 203 4.70 20.99 57.17
C LYS B 203 5.44 21.71 56.07
N TYR B 204 6.63 21.25 55.69
CA TYR B 204 7.37 21.90 54.60
C TYR B 204 6.96 21.28 53.27
N ASN B 205 5.65 21.17 53.10
CA ASN B 205 5.10 20.61 51.89
C ASN B 205 5.43 21.36 50.59
N PRO B 206 5.65 22.71 50.54
CA PRO B 206 5.91 23.33 49.22
C PRO B 206 7.29 23.23 48.59
N TYR B 207 8.41 23.16 49.32
CA TYR B 207 9.69 23.12 48.63
C TYR B 207 10.54 21.89 48.92
N VAL B 208 9.93 20.70 48.96
CA VAL B 208 10.68 19.47 49.18
C VAL B 208 9.79 18.30 48.77
N LEU B 209 10.40 17.33 48.09
CA LEU B 209 9.75 16.11 47.62
C LEU B 209 9.78 15.11 48.77
N PRO B 210 8.62 14.79 49.34
CA PRO B 210 8.57 13.87 50.48
C PRO B 210 8.84 12.42 50.09
N VAL B 211 9.45 11.71 51.03
CA VAL B 211 9.78 10.29 50.91
C VAL B 211 9.56 9.71 52.30
N HIS B 212 8.65 8.74 52.42
CA HIS B 212 8.35 8.13 53.71
C HIS B 212 8.54 6.62 53.62
N CYS B 213 9.25 6.06 54.60
CA CYS B 213 9.51 4.63 54.66
C CYS B 213 8.52 3.99 55.64
N THR B 214 8.31 2.69 55.46
CA THR B 214 7.38 1.94 56.32
C THR B 214 7.66 0.45 56.10
N GLY B 215 6.93 -0.38 56.82
CA GLY B 215 7.07 -1.81 56.66
C GLY B 215 6.27 -2.22 55.43
N LYS B 216 5.91 -3.50 55.37
CA LYS B 216 5.14 -3.97 54.24
C LYS B 216 3.85 -4.65 54.65
N ARG B 217 3.82 -5.27 55.84
CA ARG B 217 2.64 -5.96 56.32
C ARG B 217 2.57 -5.70 57.82
N ASP B 218 1.61 -6.37 58.47
CA ASP B 218 1.44 -6.21 59.91
C ASP B 218 2.66 -6.67 60.70
N GLU B 219 3.49 -7.55 60.13
CA GLU B 219 4.67 -8.04 60.82
C GLU B 219 5.86 -7.10 60.68
N ASP B 220 6.19 -6.72 59.45
CA ASP B 220 7.32 -5.82 59.21
C ASP B 220 7.09 -4.46 59.86
N LYS B 221 5.86 -3.96 59.81
CA LYS B 221 5.56 -2.66 60.41
C LYS B 221 5.72 -2.69 61.92
N GLU B 222 5.58 -3.86 62.55
CA GLU B 222 5.73 -3.96 64.00
C GLU B 222 7.18 -4.18 64.40
N LYS B 223 7.93 -4.98 63.65
CA LYS B 223 9.33 -5.23 63.98
C LYS B 223 10.17 -3.96 63.92
N VAL B 224 9.94 -3.13 62.89
CA VAL B 224 10.68 -1.88 62.73
C VAL B 224 10.11 -0.88 63.74
N GLY B 225 10.83 -0.64 64.81
CA GLY B 225 10.39 0.26 65.86
C GLY B 225 10.39 1.74 65.52
N THR B 226 11.58 2.32 65.34
CA THR B 226 11.71 3.75 65.07
C THR B 226 12.65 4.01 63.91
N MET B 227 12.30 4.98 63.07
CA MET B 227 13.08 5.41 61.92
C MET B 227 13.33 6.91 62.04
N GLU B 228 14.55 7.34 61.72
CA GLU B 228 14.95 8.74 61.78
C GLU B 228 15.45 9.17 60.40
N TYR B 229 14.82 10.22 59.86
CA TYR B 229 15.16 10.75 58.55
C TYR B 229 16.07 11.97 58.67
N PHE B 230 16.92 12.16 57.65
CA PHE B 230 17.86 13.28 57.63
C PHE B 230 17.92 13.87 56.22
N GLY B 231 17.88 15.19 56.13
CA GLY B 231 17.93 15.83 54.84
C GLY B 231 18.43 17.25 54.93
N LEU B 232 18.16 18.01 53.87
CA LEU B 232 18.56 19.41 53.81
C LEU B 232 17.77 20.17 54.87
N GLY B 233 18.46 20.67 55.88
CA GLY B 233 17.79 21.39 56.94
C GLY B 233 16.96 20.52 57.85
N GLY B 234 16.98 19.21 57.67
CA GLY B 234 16.20 18.30 58.50
C GLY B 234 14.88 17.85 57.94
N TYR B 235 14.68 17.94 56.62
CA TYR B 235 13.41 17.51 56.04
C TYR B 235 13.57 16.20 55.31
N PRO B 236 12.65 15.26 55.49
CA PRO B 236 12.73 13.93 54.84
C PRO B 236 12.32 13.98 53.37
N GLY B 237 13.21 14.52 52.54
CA GLY B 237 12.91 14.60 51.13
C GLY B 237 14.04 15.24 50.34
N PHE B 238 13.70 15.63 49.11
CA PHE B 238 14.65 16.27 48.19
C PHE B 238 14.28 17.73 47.94
N PRO B 239 15.20 18.68 48.10
CA PRO B 239 14.82 20.09 47.85
C PRO B 239 14.63 20.39 46.38
N LEU B 240 13.64 21.23 46.08
CA LEU B 240 13.35 21.60 44.69
C LEU B 240 14.40 22.52 44.10
N GLN B 241 15.26 23.12 44.91
CA GLN B 241 16.30 24.03 44.40
C GLN B 241 17.37 23.30 43.60
N TYR B 242 17.37 21.98 43.56
CA TYR B 242 18.35 21.21 42.82
C TYR B 242 17.82 20.69 41.50
N TYR B 243 16.59 21.02 41.15
CA TYR B 243 15.96 20.56 39.92
C TYR B 243 15.55 21.73 39.03
N PRO B 244 15.44 21.52 37.71
CA PRO B 244 15.64 20.26 36.98
C PRO B 244 17.07 19.98 36.52
N TYR B 245 17.31 18.78 36.01
CA TYR B 245 18.62 18.38 35.50
C TYR B 245 18.74 18.80 34.05
N TYR B 246 19.92 19.28 33.66
CA TYR B 246 20.18 19.77 32.30
C TYR B 246 21.19 18.90 31.54
N GLY B 247 21.16 17.58 31.77
CA GLY B 247 22.07 16.70 31.07
C GLY B 247 23.51 16.72 31.54
N LYS B 248 24.24 15.64 31.22
CA LYS B 248 25.64 15.53 31.61
C LYS B 248 26.53 16.47 30.81
N LEU B 249 26.17 16.77 29.56
CA LEU B 249 26.99 17.65 28.73
C LEU B 249 27.00 19.08 29.25
N LEU B 250 25.83 19.61 29.62
CA LEU B 250 25.74 20.97 30.14
C LEU B 250 25.98 21.06 31.64
N GLN B 251 25.76 19.97 32.38
CA GLN B 251 25.96 19.96 33.83
C GLN B 251 26.78 18.77 34.27
N PRO B 252 28.08 18.76 33.98
CA PRO B 252 28.92 17.66 34.45
C PRO B 252 29.22 17.86 35.93
N LYS B 253 29.52 16.76 36.61
CA LYS B 253 29.80 16.76 38.05
C LYS B 253 28.59 17.26 38.84
N TYR B 254 27.40 16.91 38.35
CA TYR B 254 26.17 17.33 39.00
C TYR B 254 25.92 16.43 40.20
N LEU B 255 25.41 17.03 41.29
CA LEU B 255 25.14 16.32 42.53
C LEU B 255 23.66 16.36 42.86
N GLN B 256 22.96 15.26 42.59
CA GLN B 256 21.54 15.18 42.90
C GLN B 256 21.33 15.16 44.41
N PRO B 257 20.16 15.59 44.89
CA PRO B 257 19.93 15.61 46.34
C PRO B 257 19.93 14.21 46.95
N LEU B 258 20.27 14.16 48.24
CA LEU B 258 20.31 12.92 49.01
C LEU B 258 19.50 13.09 50.28
N MET B 259 19.06 11.97 50.83
CA MET B 259 18.27 11.95 52.05
C MET B 259 18.52 10.61 52.75
N ALA B 260 19.02 10.66 53.99
CA ALA B 260 19.32 9.44 54.72
C ALA B 260 18.14 8.99 55.57
N VAL B 261 18.11 7.68 55.84
CA VAL B 261 17.08 7.02 56.64
C VAL B 261 17.78 6.01 57.54
N GLN B 262 17.62 6.15 58.84
CA GLN B 262 18.23 5.25 59.81
C GLN B 262 17.13 4.51 60.57
N PHE B 263 17.34 3.21 60.78
CA PHE B 263 16.39 2.36 61.47
C PHE B 263 16.98 2.07 62.86
N THR B 264 16.57 2.88 63.84
CA THR B 264 17.10 2.75 65.20
C THR B 264 16.59 1.51 65.90
N ASN B 265 15.27 1.40 66.08
CA ASN B 265 14.73 0.26 66.82
C ASN B 265 14.40 -0.89 65.89
N LEU B 266 15.40 -1.74 65.65
CA LEU B 266 15.23 -2.91 64.82
C LEU B 266 15.29 -4.16 65.70
N THR B 267 14.66 -5.22 65.21
CA THR B 267 14.64 -6.51 65.91
C THR B 267 15.81 -7.31 65.34
N MET B 268 16.92 -7.34 66.06
CA MET B 268 18.12 -8.06 65.60
C MET B 268 17.82 -9.53 65.35
N ASP B 269 18.58 -10.10 64.42
CA ASP B 269 18.48 -11.51 63.99
C ASP B 269 17.11 -11.82 63.39
N THR B 270 16.56 -10.87 62.64
CA THR B 270 15.26 -11.02 62.00
C THR B 270 15.23 -10.22 60.70
N GLU B 271 14.91 -10.88 59.60
CA GLU B 271 14.83 -10.22 58.30
C GLU B 271 13.48 -9.53 58.19
N ILE B 272 13.49 -8.20 58.13
CA ILE B 272 12.28 -7.40 58.03
C ILE B 272 12.32 -6.56 56.77
N ARG B 273 11.16 -6.42 56.15
CA ARG B 273 11.01 -5.70 54.89
C ARG B 273 10.60 -4.25 55.13
N ILE B 274 11.25 -3.35 54.39
CA ILE B 274 11.01 -1.90 54.45
C ILE B 274 10.74 -1.41 53.03
N GLU B 275 9.71 -0.57 52.89
CA GLU B 275 9.30 0.04 51.63
C GLU B 275 9.33 1.55 51.81
N CYS B 276 10.26 2.20 51.13
CA CYS B 276 10.41 3.66 51.17
C CYS B 276 9.70 4.19 49.93
N LYS B 277 8.52 4.76 50.14
CA LYS B 277 7.69 5.28 49.05
C LYS B 277 7.81 6.80 48.98
N ALA B 278 8.17 7.29 47.80
CA ALA B 278 8.28 8.73 47.55
C ALA B 278 6.91 9.21 47.06
N TYR B 279 6.41 10.28 47.66
CA TYR B 279 5.11 10.82 47.31
C TYR B 279 5.21 12.09 46.49
N GLY B 280 4.23 12.27 45.61
CA GLY B 280 4.18 13.43 44.75
C GLY B 280 3.28 13.19 43.57
N GLU B 281 2.95 14.28 42.88
CA GLU B 281 2.08 14.19 41.71
C GLU B 281 2.84 13.69 40.49
N ASN B 282 4.05 14.19 40.27
CA ASN B 282 4.89 13.78 39.15
C ASN B 282 5.65 12.50 39.43
N ILE B 283 5.31 11.78 40.49
CA ILE B 283 5.97 10.55 40.88
C ILE B 283 4.97 9.42 40.74
N GLY B 284 5.19 8.55 39.74
CA GLY B 284 4.31 7.42 39.51
C GLY B 284 4.81 6.16 40.20
N TYR B 285 3.99 5.10 40.12
CA TYR B 285 4.32 3.83 40.73
C TYR B 285 4.09 2.73 39.70
N SER B 286 4.44 1.50 40.06
CA SER B 286 4.28 0.38 39.13
C SER B 286 4.27 -0.94 39.88
N GLU B 287 3.28 -1.77 39.59
CA GLU B 287 3.19 -3.09 40.22
C GLU B 287 4.24 -4.05 39.68
N LYS B 288 4.83 -3.74 38.52
CA LYS B 288 5.85 -4.57 37.89
C LYS B 288 7.26 -4.13 38.23
N ASP B 289 7.47 -2.83 38.42
CA ASP B 289 8.77 -2.27 38.76
C ASP B 289 8.61 -1.77 40.20
N ARG B 290 9.12 -2.56 41.15
CA ARG B 290 9.02 -2.16 42.55
C ARG B 290 9.94 -1.00 42.90
N PHE B 291 10.66 -0.45 41.91
CA PHE B 291 11.55 0.68 42.11
C PHE B 291 11.01 1.99 41.56
N GLN B 292 10.04 1.94 40.64
CA GLN B 292 9.44 3.15 40.08
C GLN B 292 8.63 3.85 41.17
N GLY B 293 9.14 4.98 41.66
CA GLY B 293 8.45 5.72 42.72
C GLY B 293 8.73 5.21 44.11
N ARG B 294 8.51 3.93 44.35
CA ARG B 294 8.75 3.31 45.64
C ARG B 294 10.16 2.71 45.68
N PHE B 295 10.49 2.01 46.76
CA PHE B 295 11.81 1.41 46.95
C PHE B 295 11.69 0.36 48.06
N ASP B 296 12.29 -0.81 47.83
CA ASP B 296 12.24 -1.92 48.79
C ASP B 296 13.62 -2.29 49.31
N VAL B 297 13.64 -2.84 50.52
CA VAL B 297 14.88 -3.26 51.17
C VAL B 297 14.54 -4.33 52.22
N LYS B 298 15.43 -5.29 52.41
CA LYS B 298 15.26 -6.39 53.36
C LYS B 298 16.42 -6.32 54.36
N ILE B 299 16.21 -5.67 55.49
CA ILE B 299 17.28 -5.51 56.48
C ILE B 299 17.25 -6.64 57.50
N GLU B 300 18.44 -7.12 57.88
CA GLU B 300 18.58 -8.18 58.88
C GLU B 300 19.95 -8.02 59.54
N VAL B 301 19.95 -7.44 60.74
CA VAL B 301 21.18 -7.22 61.52
C VAL B 301 21.31 -8.41 62.46
N LYS B 302 21.89 -9.49 61.95
CA LYS B 302 22.07 -10.72 62.73
C LYS B 302 23.36 -10.61 63.55
N SER B 303 23.23 -10.72 64.88
CA SER B 303 24.37 -10.62 65.79
C SER B 303 24.98 -11.99 66.08
N ASP C 17 3.17 17.38 29.53
CA ASP C 17 4.57 17.00 29.73
C ASP C 17 5.11 16.22 28.54
N PRO C 18 6.38 16.47 28.17
CA PRO C 18 6.96 15.71 27.04
C PRO C 18 7.33 14.29 27.39
N PHE C 19 7.09 13.86 28.63
CA PHE C 19 7.38 12.51 29.10
C PHE C 19 6.17 11.59 28.96
N TYR C 20 5.13 12.04 28.29
CA TYR C 20 3.91 11.24 28.09
C TYR C 20 3.69 11.07 26.60
N TYR C 21 3.56 9.82 26.17
CA TYR C 21 3.35 9.48 24.78
C TYR C 21 1.94 8.92 24.64
N ASP C 22 1.21 9.39 23.62
CA ASP C 22 -0.13 8.90 23.35
C ASP C 22 -0.03 7.51 22.73
N TYR C 23 0.41 6.52 23.52
CA TYR C 23 0.55 5.15 23.04
C TYR C 23 -0.79 4.51 22.67
N GLU C 24 -1.88 5.00 23.26
CA GLU C 24 -3.18 4.40 23.01
C GLU C 24 -3.67 4.65 21.59
N THR C 25 -3.49 5.87 21.09
CA THR C 25 -3.93 6.20 19.73
C THR C 25 -3.10 5.44 18.69
N VAL C 26 -1.79 5.36 18.90
CA VAL C 26 -0.91 4.65 17.98
C VAL C 26 -1.28 3.17 17.97
N ARG C 27 -1.49 2.58 19.16
CA ARG C 27 -1.87 1.17 19.23
C ARG C 27 -3.19 0.94 18.52
N ASN C 28 -4.16 1.85 18.72
CA ASN C 28 -5.46 1.73 18.06
C ASN C 28 -5.30 1.75 16.55
N GLY C 29 -4.54 2.72 16.03
CA GLY C 29 -4.32 2.79 14.59
C GLY C 29 -3.60 1.56 14.07
N GLY C 30 -2.68 1.02 14.87
CA GLY C 30 -1.98 -0.18 14.47
C GLY C 30 -2.92 -1.36 14.36
N LEU C 31 -3.88 -1.45 15.27
CA LEU C 31 -4.87 -2.53 15.21
C LEU C 31 -5.79 -2.36 14.02
N ILE C 32 -6.21 -1.11 13.74
CA ILE C 32 -7.09 -0.86 12.59
C ILE C 32 -6.37 -1.26 11.30
N PHE C 33 -5.09 -0.87 11.18
CA PHE C 33 -4.31 -1.22 10.00
C PHE C 33 -4.14 -2.74 9.91
N ALA C 34 -3.87 -3.40 11.04
CA ALA C 34 -3.70 -4.84 11.07
C ALA C 34 -4.96 -5.56 10.62
N ALA C 35 -6.12 -4.94 10.84
CA ALA C 35 -7.37 -5.57 10.41
C ALA C 35 -7.63 -5.30 8.93
N LEU C 36 -7.39 -4.06 8.48
CA LEU C 36 -7.63 -3.68 7.09
C LEU C 36 -6.73 -4.45 6.13
N ALA C 37 -5.43 -4.46 6.38
CA ALA C 37 -4.52 -5.18 5.48
C ALA C 37 -4.83 -6.67 5.43
N PHE C 38 -5.25 -7.26 6.56
CA PHE C 38 -5.56 -8.69 6.57
C PHE C 38 -6.82 -8.99 5.77
N ILE C 39 -7.90 -8.23 6.00
CA ILE C 39 -9.12 -8.49 5.26
C ILE C 39 -8.91 -8.21 3.77
N VAL C 40 -8.07 -7.20 3.45
CA VAL C 40 -7.79 -6.93 2.04
C VAL C 40 -7.03 -8.10 1.44
N GLY C 41 -6.12 -8.70 2.21
CA GLY C 41 -5.42 -9.88 1.72
C GLY C 41 -6.37 -11.03 1.47
N LEU C 42 -7.38 -11.18 2.35
CA LEU C 42 -8.38 -12.22 2.15
C LEU C 42 -9.13 -11.96 0.85
N ILE C 43 -9.40 -10.68 0.54
CA ILE C 43 -10.06 -10.35 -0.71
C ILE C 43 -9.11 -10.66 -1.87
N ILE C 44 -7.80 -10.54 -1.62
CA ILE C 44 -6.78 -10.80 -2.64
C ILE C 44 -6.82 -12.26 -3.08
N ILE C 45 -6.84 -13.18 -2.13
CA ILE C 45 -6.86 -14.59 -2.50
C ILE C 45 -8.23 -15.04 -3.02
N LEU C 46 -9.23 -14.16 -2.98
CA LEU C 46 -10.58 -14.46 -3.48
C LEU C 46 -10.86 -13.59 -4.69
N SER C 47 -10.36 -14.01 -5.86
CA SER C 47 -10.55 -13.23 -7.08
C SER C 47 -11.95 -13.30 -7.64
N LYS C 48 -12.83 -14.16 -7.12
CA LYS C 48 -14.21 -14.31 -7.60
C LYS C 48 -14.28 -14.55 -9.11
N LYS D 21 -15.94 66.60 -9.20
CA LYS D 21 -15.58 67.49 -8.10
C LYS D 21 -15.86 66.83 -6.75
N GLU D 22 -16.08 65.52 -6.75
CA GLU D 22 -16.36 64.82 -5.49
C GLU D 22 -15.15 64.81 -4.56
N ARG D 23 -13.94 65.00 -5.13
CA ARG D 23 -12.72 65.05 -4.32
C ARG D 23 -12.83 66.13 -3.26
N ASP D 24 -13.32 67.32 -3.64
CA ASP D 24 -13.46 68.42 -2.69
C ASP D 24 -14.49 68.08 -1.62
N MET D 25 -15.55 67.36 -1.96
CA MET D 25 -16.55 66.99 -0.97
C MET D 25 -15.92 66.08 0.09
N ASP D 26 -15.21 65.03 -0.37
CA ASP D 26 -14.57 64.13 0.59
C ASP D 26 -13.54 64.86 1.43
N GLU D 27 -12.81 65.81 0.84
CA GLU D 27 -11.82 66.55 1.61
C GLU D 27 -12.50 67.43 2.67
N LEU D 28 -13.59 68.13 2.29
CA LEU D 28 -14.31 68.94 3.26
C LEU D 28 -14.98 68.07 4.33
N LYS D 29 -15.08 66.75 4.09
CA LYS D 29 -15.63 65.85 5.10
C LYS D 29 -14.55 65.29 6.01
N LYS D 30 -13.31 65.17 5.52
CA LYS D 30 -12.21 64.67 6.34
C LYS D 30 -11.79 65.66 7.42
N GLU D 31 -12.19 66.93 7.29
CA GLU D 31 -11.84 67.96 8.26
C GLU D 31 -12.65 67.81 9.55
N VAL D 32 -12.07 68.31 10.66
CA VAL D 32 -12.76 68.24 11.95
C VAL D 32 -13.96 69.19 11.92
N SER D 33 -15.01 68.83 12.65
CA SER D 33 -16.25 69.60 12.68
C SER D 33 -16.08 70.96 13.36
N MET D 34 -17.02 71.86 13.06
CA MET D 34 -17.10 73.21 13.60
C MET D 34 -18.54 73.49 14.04
N ASP D 35 -18.72 74.54 14.84
CA ASP D 35 -20.06 74.87 15.32
C ASP D 35 -20.14 76.33 15.76
N ASP D 36 -21.38 76.72 16.08
CA ASP D 36 -21.75 78.05 16.58
C ASP D 36 -22.48 77.89 17.91
N HIS D 37 -22.09 76.87 18.67
CA HIS D 37 -22.71 76.59 19.96
C HIS D 37 -22.45 77.68 21.00
N LYS D 38 -21.26 78.26 20.97
CA LYS D 38 -20.86 79.29 21.94
C LYS D 38 -21.57 80.61 21.65
N LEU D 39 -22.87 80.66 21.97
CA LEU D 39 -23.67 81.84 21.75
C LEU D 39 -24.68 82.00 22.88
N SER D 40 -24.99 83.25 23.21
CA SER D 40 -25.99 83.50 24.23
C SER D 40 -27.36 83.06 23.71
N LEU D 41 -28.28 82.81 24.64
CA LEU D 41 -29.62 82.34 24.26
C LEU D 41 -30.35 83.35 23.37
N ASP D 42 -30.20 84.64 23.66
CA ASP D 42 -30.87 85.65 22.82
C ASP D 42 -30.31 85.64 21.41
N GLU D 43 -28.99 85.49 21.26
CA GLU D 43 -28.40 85.47 19.93
C GLU D 43 -28.76 84.19 19.19
N LEU D 44 -28.79 83.05 19.90
CA LEU D 44 -29.17 81.79 19.27
C LEU D 44 -30.61 81.85 18.76
N HIS D 45 -31.52 82.37 19.61
CA HIS D 45 -32.92 82.49 19.23
C HIS D 45 -33.08 83.50 18.09
N ARG D 46 -32.25 84.53 18.06
CA ARG D 46 -32.31 85.50 16.97
C ARG D 46 -31.80 84.90 15.66
N LYS D 47 -30.79 84.03 15.74
CA LYS D 47 -30.23 83.41 14.54
C LYS D 47 -31.16 82.37 13.94
N TYR D 48 -31.80 81.54 14.77
CA TYR D 48 -32.67 80.50 14.25
C TYR D 48 -34.14 80.90 14.14
N GLY D 49 -34.53 82.04 14.72
CA GLY D 49 -35.91 82.49 14.67
C GLY D 49 -36.84 81.49 15.32
N THR D 50 -36.64 81.27 16.62
CA THR D 50 -37.43 80.29 17.36
C THR D 50 -37.58 80.71 18.81
N ASP D 51 -38.80 80.61 19.34
CA ASP D 51 -39.06 80.93 20.73
C ASP D 51 -38.34 79.92 21.61
N LEU D 52 -37.92 80.38 22.79
CA LEU D 52 -37.16 79.51 23.69
C LEU D 52 -38.03 78.54 24.50
N SER D 53 -39.21 78.97 24.94
CA SER D 53 -40.08 78.11 25.73
C SER D 53 -41.24 77.50 24.94
N ARG D 54 -41.50 77.98 23.73
CA ARG D 54 -42.59 77.47 22.91
C ARG D 54 -42.16 76.85 21.58
N GLY D 55 -40.90 77.02 21.18
CA GLY D 55 -40.42 76.47 19.91
C GLY D 55 -40.88 77.28 18.72
N LEU D 56 -41.56 76.64 17.77
CA LEU D 56 -42.06 77.33 16.60
C LEU D 56 -43.44 76.79 16.25
N THR D 57 -44.15 77.54 15.41
CA THR D 57 -45.46 77.12 14.97
C THR D 57 -45.36 75.88 14.10
N PRO D 58 -46.38 75.01 14.11
CA PRO D 58 -46.31 73.81 13.26
C PRO D 58 -46.13 74.15 11.79
N ALA D 59 -46.63 75.31 11.34
CA ALA D 59 -46.47 75.71 9.95
C ALA D 59 -45.00 75.97 9.61
N ARG D 60 -44.26 76.62 10.51
CA ARG D 60 -42.84 76.87 10.28
C ARG D 60 -42.07 75.56 10.21
N ALA D 61 -42.38 74.64 11.13
CA ALA D 61 -41.72 73.33 11.13
C ALA D 61 -42.02 72.58 9.84
N ALA D 62 -43.28 72.59 9.40
CA ALA D 62 -43.64 71.91 8.16
C ALA D 62 -42.96 72.59 6.97
N GLU D 63 -42.72 73.90 7.06
CA GLU D 63 -42.03 74.62 5.99
C GLU D 63 -40.59 74.14 5.88
N ILE D 64 -39.95 73.90 7.03
CA ILE D 64 -38.58 73.39 7.03
C ILE D 64 -38.55 71.90 6.66
N LEU D 65 -39.66 71.18 6.87
CA LEU D 65 -39.74 69.75 6.57
C LEU D 65 -39.46 69.44 5.11
N ALA D 66 -40.23 70.04 4.20
CA ALA D 66 -40.06 69.81 2.77
C ALA D 66 -39.10 70.80 2.14
N ARG D 67 -38.09 71.23 2.90
CA ARG D 67 -37.09 72.18 2.46
C ARG D 67 -35.71 71.57 2.31
N ASP D 68 -35.32 70.66 3.21
CA ASP D 68 -34.02 70.02 3.14
C ASP D 68 -34.05 68.51 3.24
N GLY D 69 -35.11 67.92 3.78
CA GLY D 69 -35.18 66.48 3.91
C GLY D 69 -35.43 66.05 5.34
N PRO D 70 -36.08 64.90 5.52
CA PRO D 70 -36.37 64.41 6.88
C PRO D 70 -35.10 64.13 7.67
N ASN D 71 -35.22 64.25 9.00
CA ASN D 71 -34.09 64.03 9.91
C ASN D 71 -33.81 62.53 9.98
N ALA D 72 -33.06 62.05 9.00
CA ALA D 72 -32.64 60.66 8.89
C ALA D 72 -31.56 60.61 7.83
N LEU D 73 -30.49 59.87 8.10
CA LEU D 73 -29.39 59.77 7.15
C LEU D 73 -29.88 59.16 5.85
N THR D 74 -29.39 59.70 4.74
CA THR D 74 -29.76 59.18 3.44
C THR D 74 -29.36 57.70 3.38
N PRO D 75 -30.19 56.85 2.77
CA PRO D 75 -29.87 55.41 2.72
C PRO D 75 -28.52 55.15 2.08
N PRO D 76 -27.94 53.97 2.33
CA PRO D 76 -26.66 53.64 1.71
C PRO D 76 -26.82 53.38 0.23
N PRO D 77 -25.73 53.38 -0.54
CA PRO D 77 -25.85 53.06 -1.97
C PRO D 77 -26.10 51.57 -2.11
N THR D 78 -27.29 51.20 -2.57
CA THR D 78 -27.64 49.81 -2.71
C THR D 78 -26.76 49.10 -3.75
N THR D 79 -26.31 47.89 -3.39
CA THR D 79 -25.45 47.06 -4.23
C THR D 79 -26.20 45.82 -4.70
N PRO D 80 -26.71 45.80 -5.94
CA PRO D 80 -27.44 44.63 -6.45
C PRO D 80 -26.60 43.36 -6.44
N GLU D 81 -27.30 42.22 -6.38
CA GLU D 81 -26.63 40.93 -6.32
C GLU D 81 -26.02 40.47 -7.63
N TRP D 82 -26.53 40.90 -8.80
CA TRP D 82 -25.88 40.45 -10.02
C TRP D 82 -24.56 41.18 -10.21
N VAL D 83 -24.43 42.36 -9.62
CA VAL D 83 -23.21 43.15 -9.73
C VAL D 83 -22.05 42.43 -9.08
N LYS D 84 -22.20 42.02 -7.80
CA LYS D 84 -21.09 41.34 -7.15
C LYS D 84 -20.90 39.93 -7.70
N PHE D 85 -21.88 39.38 -8.42
CA PHE D 85 -21.67 38.09 -9.05
C PHE D 85 -20.71 38.28 -10.21
N CYS D 86 -21.01 39.26 -11.07
CA CYS D 86 -20.11 39.58 -12.16
C CYS D 86 -18.73 39.96 -11.60
N ARG D 87 -18.71 40.62 -10.43
CA ARG D 87 -17.44 40.99 -9.80
C ARG D 87 -16.65 39.74 -9.43
N GLN D 88 -17.33 38.71 -8.89
CA GLN D 88 -16.65 37.47 -8.53
C GLN D 88 -16.28 36.63 -9.75
N LEU D 89 -16.73 37.03 -10.93
CA LEU D 89 -16.34 36.34 -12.14
C LEU D 89 -15.06 36.93 -12.73
N PHE D 90 -14.55 37.99 -12.11
CA PHE D 90 -13.36 38.75 -12.49
C PHE D 90 -12.34 38.80 -11.36
N GLY D 91 -11.52 39.86 -11.38
CA GLY D 91 -10.48 40.09 -10.39
C GLY D 91 -9.11 39.90 -11.00
N GLY D 92 -8.30 39.00 -10.47
CA GLY D 92 -7.01 38.84 -11.12
C GLY D 92 -6.74 37.44 -11.61
N PHE D 93 -7.04 36.44 -10.78
CA PHE D 93 -6.83 35.06 -11.18
C PHE D 93 -7.82 34.69 -12.27
N SER D 94 -9.10 34.96 -12.01
CA SER D 94 -10.15 34.68 -12.97
C SER D 94 -9.92 35.42 -14.27
N MET D 95 -9.34 36.63 -14.20
CA MET D 95 -9.05 37.38 -15.42
C MET D 95 -8.00 36.65 -16.26
N LEU D 96 -6.99 36.07 -15.60
CA LEU D 96 -5.99 35.31 -16.33
C LEU D 96 -6.62 34.12 -17.00
N LEU D 97 -7.50 33.40 -16.28
CA LEU D 97 -8.17 32.26 -16.90
C LEU D 97 -9.09 32.73 -18.04
N TRP D 98 -9.61 33.95 -17.95
CA TRP D 98 -10.45 34.50 -19.02
C TRP D 98 -9.63 34.71 -20.28
N ILE D 99 -8.47 35.36 -20.15
CA ILE D 99 -7.62 35.58 -21.32
C ILE D 99 -7.17 34.23 -21.88
N GLY D 100 -7.06 33.22 -21.00
CA GLY D 100 -6.70 31.90 -21.48
C GLY D 100 -7.80 31.31 -22.36
N ALA D 101 -9.05 31.45 -21.91
CA ALA D 101 -10.17 30.96 -22.71
C ALA D 101 -10.25 31.68 -24.05
N ILE D 102 -10.07 33.01 -24.03
CA ILE D 102 -10.10 33.79 -25.27
C ILE D 102 -8.98 33.33 -26.20
N LEU D 103 -7.80 33.04 -25.64
CA LEU D 103 -6.70 32.55 -26.47
C LEU D 103 -7.01 31.18 -27.05
N CYS D 104 -7.76 30.36 -26.30
CA CYS D 104 -8.13 29.05 -26.80
C CYS D 104 -9.07 29.19 -27.99
N PHE D 105 -10.07 30.06 -27.86
CA PHE D 105 -10.98 30.26 -28.99
C PHE D 105 -10.28 30.95 -30.14
N LEU D 106 -9.25 31.75 -29.85
CA LEU D 106 -8.49 32.40 -30.90
C LEU D 106 -7.69 31.37 -31.70
N ALA D 107 -6.95 30.52 -31.00
CA ALA D 107 -6.18 29.48 -31.67
C ALA D 107 -7.09 28.52 -32.41
N TYR D 108 -8.28 28.24 -31.85
CA TYR D 108 -9.22 27.36 -32.52
C TYR D 108 -9.75 28.03 -33.79
N GLY D 109 -10.01 29.34 -33.76
CA GLY D 109 -10.45 30.02 -34.96
C GLY D 109 -9.38 30.00 -36.02
N ILE D 110 -8.12 30.11 -35.60
CA ILE D 110 -7.00 30.05 -36.54
C ILE D 110 -6.88 28.63 -37.12
N GLN D 111 -7.27 27.63 -36.35
CA GLN D 111 -7.18 26.23 -36.78
C GLN D 111 -8.38 25.77 -37.60
N ALA D 112 -9.56 26.37 -37.39
CA ALA D 112 -10.77 25.95 -38.06
C ALA D 112 -10.78 26.33 -39.54
N ALA D 113 -10.71 27.62 -39.83
CA ALA D 113 -10.74 28.09 -41.21
C ALA D 113 -9.51 27.69 -42.02
N THR D 114 -8.41 27.33 -41.36
CA THR D 114 -7.19 27.00 -42.10
C THR D 114 -7.02 25.53 -42.47
N GLU D 115 -7.47 24.58 -41.66
CA GLU D 115 -7.25 23.18 -42.03
C GLU D 115 -8.54 22.38 -42.06
N GLU D 116 -8.48 21.27 -42.80
CA GLU D 116 -9.57 20.31 -42.90
C GLU D 116 -9.32 19.24 -41.86
N GLU D 117 -10.41 18.68 -41.32
CA GLU D 117 -10.41 17.70 -40.24
C GLU D 117 -9.61 18.24 -39.06
N PRO D 118 -9.90 19.44 -38.54
CA PRO D 118 -9.15 19.96 -37.40
C PRO D 118 -9.51 19.20 -36.13
N GLN D 119 -8.61 19.22 -35.17
CA GLN D 119 -8.98 18.57 -33.93
C GLN D 119 -9.71 19.62 -33.10
N ASN D 120 -10.64 19.17 -32.26
CA ASN D 120 -11.46 20.05 -31.44
C ASN D 120 -10.89 20.22 -30.04
N ASP D 121 -9.58 20.14 -29.95
CA ASP D 121 -8.87 20.23 -28.69
C ASP D 121 -8.94 21.63 -28.09
N ASN D 122 -8.59 22.66 -28.87
CA ASN D 122 -8.63 24.02 -28.34
C ASN D 122 -10.03 24.44 -27.96
N LEU D 123 -11.05 23.96 -28.67
CA LEU D 123 -12.41 24.35 -28.30
C LEU D 123 -12.79 23.71 -26.98
N TYR D 124 -12.46 22.42 -26.83
CA TYR D 124 -12.71 21.73 -25.57
C TYR D 124 -12.08 22.49 -24.42
N LEU D 125 -10.80 22.86 -24.59
CA LEU D 125 -10.08 23.56 -23.54
C LEU D 125 -10.69 24.94 -23.27
N GLY D 126 -11.13 25.64 -24.32
CA GLY D 126 -11.73 26.95 -24.12
C GLY D 126 -12.98 26.90 -23.27
N VAL D 127 -13.92 26.02 -23.65
CA VAL D 127 -15.16 25.91 -22.89
C VAL D 127 -14.87 25.42 -21.47
N VAL D 128 -13.87 24.55 -21.31
CA VAL D 128 -13.53 24.06 -19.97
C VAL D 128 -13.03 25.21 -19.09
N LEU D 129 -12.14 26.04 -19.63
CA LEU D 129 -11.61 27.17 -18.85
C LEU D 129 -12.71 28.16 -18.50
N SER D 130 -13.59 28.47 -19.47
CA SER D 130 -14.71 29.37 -19.19
C SER D 130 -15.56 28.82 -18.06
N ALA D 131 -15.83 27.51 -18.10
CA ALA D 131 -16.59 26.87 -17.04
C ALA D 131 -15.86 26.96 -15.71
N VAL D 132 -14.53 26.86 -15.73
CA VAL D 132 -13.75 26.96 -14.50
C VAL D 132 -13.98 28.31 -13.84
N VAL D 133 -13.88 29.38 -14.62
CA VAL D 133 -14.07 30.73 -14.06
C VAL D 133 -15.49 30.89 -13.54
N ILE D 134 -16.48 30.40 -14.29
CA ILE D 134 -17.87 30.55 -13.88
C ILE D 134 -18.16 29.78 -12.58
N ILE D 135 -17.68 28.53 -12.50
CA ILE D 135 -17.91 27.72 -11.31
C ILE D 135 -17.24 28.33 -10.09
N THR D 136 -15.99 28.74 -10.23
CA THR D 136 -15.30 29.35 -9.09
C THR D 136 -16.00 30.64 -8.68
N GLY D 137 -16.50 31.41 -9.66
CA GLY D 137 -17.21 32.63 -9.33
C GLY D 137 -18.48 32.34 -8.55
N CYS D 138 -19.20 31.29 -8.95
CA CYS D 138 -20.42 30.94 -8.23
C CYS D 138 -20.12 30.47 -6.81
N PHE D 139 -19.05 29.69 -6.64
CA PHE D 139 -18.68 29.21 -5.31
C PHE D 139 -18.28 30.36 -4.39
N SER D 140 -17.34 31.19 -4.83
CA SER D 140 -16.90 32.34 -4.04
C SER D 140 -18.05 33.29 -3.75
N TYR D 141 -18.89 33.53 -4.76
CA TYR D 141 -20.05 34.40 -4.58
C TYR D 141 -21.01 33.81 -3.56
N TYR D 142 -21.15 32.48 -3.53
CA TYR D 142 -22.03 31.85 -2.55
C TYR D 142 -21.50 32.08 -1.13
N GLN D 143 -20.18 32.02 -0.96
CA GLN D 143 -19.61 32.24 0.37
C GLN D 143 -19.81 33.68 0.85
N GLU D 144 -19.41 34.65 0.00
CA GLU D 144 -19.58 36.04 0.38
C GLU D 144 -21.05 36.38 0.59
N ALA D 145 -21.94 35.81 -0.25
CA ALA D 145 -23.37 36.03 -0.09
C ALA D 145 -23.87 35.44 1.21
N LYS D 146 -23.31 34.30 1.63
CA LYS D 146 -23.70 33.69 2.91
C LYS D 146 -23.37 34.63 4.06
N SER D 147 -22.17 35.21 4.02
CA SER D 147 -21.79 36.17 5.05
C SER D 147 -22.73 37.37 5.05
N SER D 148 -23.06 37.89 3.86
CA SER D 148 -23.98 39.03 3.78
C SER D 148 -25.38 38.66 4.27
N LYS D 149 -25.80 37.42 4.02
CA LYS D 149 -27.12 36.99 4.47
C LYS D 149 -27.20 36.98 5.99
N ILE D 150 -26.25 36.31 6.65
CA ILE D 150 -26.27 36.28 8.11
C ILE D 150 -26.07 37.69 8.67
N MET D 151 -25.45 38.59 7.90
CA MET D 151 -25.29 39.97 8.36
C MET D 151 -26.62 40.72 8.29
N GLU D 152 -27.46 40.40 7.30
CA GLU D 152 -28.76 41.04 7.19
C GLU D 152 -29.68 40.62 8.33
N SER D 153 -29.43 39.46 8.91
CA SER D 153 -30.20 38.94 10.04
C SER D 153 -29.87 39.65 11.35
N PHE D 154 -29.06 40.70 11.29
CA PHE D 154 -28.67 41.46 12.46
C PHE D 154 -29.30 42.85 12.54
N LYS D 155 -30.06 43.25 11.53
CA LYS D 155 -30.70 44.57 11.46
C LYS D 155 -32.03 44.61 12.21
N ASN D 156 -32.05 45.33 13.33
CA ASN D 156 -33.25 45.50 14.18
C ASN D 156 -33.57 46.98 14.42
N MET D 157 -33.69 47.75 13.33
CA MET D 157 -33.99 49.19 13.41
C MET D 157 -35.37 49.42 14.02
N VAL D 158 -35.40 49.99 15.23
CA VAL D 158 -36.64 50.27 15.93
C VAL D 158 -37.08 51.69 15.62
N PRO D 159 -38.30 51.91 15.09
CA PRO D 159 -38.74 53.29 14.81
C PRO D 159 -38.94 54.03 16.11
N GLN D 160 -38.03 54.95 16.42
CA GLN D 160 -38.07 55.72 17.64
C GLN D 160 -38.65 57.09 17.36
N GLN D 161 -39.55 57.54 18.24
CA GLN D 161 -40.19 58.84 18.09
C GLN D 161 -39.57 59.85 19.05
N ALA D 162 -39.56 61.10 18.63
CA ALA D 162 -39.00 62.23 19.36
C ALA D 162 -40.07 63.07 20.03
N LEU D 163 -39.68 63.73 21.12
CA LEU D 163 -40.54 64.62 21.90
C LEU D 163 -40.18 66.05 21.55
N VAL D 164 -40.98 66.69 20.71
CA VAL D 164 -40.75 68.05 20.25
C VAL D 164 -41.81 68.98 20.81
N ILE D 165 -41.40 70.19 21.16
CA ILE D 165 -42.29 71.22 21.70
C ILE D 165 -42.48 72.26 20.60
N ARG D 166 -43.69 72.30 20.04
CA ARG D 166 -44.02 73.23 18.98
C ARG D 166 -45.33 73.93 19.32
N ASN D 167 -45.40 75.21 18.98
CA ASN D 167 -46.54 76.10 19.26
C ASN D 167 -46.80 76.24 20.75
N GLY D 168 -45.87 75.79 21.59
CA GLY D 168 -46.06 75.84 23.02
C GLY D 168 -46.69 74.58 23.57
N GLU D 169 -46.67 73.50 22.79
CA GLU D 169 -47.25 72.24 23.20
C GLU D 169 -46.29 71.09 22.93
N LYS D 170 -46.26 70.13 23.86
CA LYS D 170 -45.41 68.96 23.75
C LYS D 170 -46.11 67.95 22.85
N MET D 171 -45.36 67.32 21.96
CA MET D 171 -45.94 66.35 21.04
C MET D 171 -44.87 65.36 20.61
N SER D 172 -45.25 64.08 20.56
CA SER D 172 -44.35 63.01 20.15
C SER D 172 -44.60 62.71 18.67
N ILE D 173 -43.57 62.88 17.86
CA ILE D 173 -43.66 62.67 16.42
C ILE D 173 -42.50 61.80 15.96
N ASN D 174 -42.56 61.36 14.71
CA ASN D 174 -41.48 60.55 14.15
C ASN D 174 -40.19 61.38 14.11
N ALA D 175 -39.06 60.70 14.34
CA ALA D 175 -37.77 61.40 14.33
C ALA D 175 -37.47 62.04 12.98
N GLU D 176 -37.96 61.45 11.89
CA GLU D 176 -37.75 62.02 10.57
C GLU D 176 -38.50 63.34 10.42
N GLU D 177 -39.58 63.51 11.18
CA GLU D 177 -40.40 64.72 11.15
C GLU D 177 -39.84 65.88 11.99
N VAL D 178 -38.58 65.78 12.46
CA VAL D 178 -37.95 66.82 13.26
C VAL D 178 -37.24 67.77 12.30
N VAL D 179 -37.29 69.08 12.61
CA VAL D 179 -36.66 70.07 11.76
C VAL D 179 -35.62 70.87 12.54
N VAL D 180 -35.05 71.87 11.91
CA VAL D 180 -34.03 72.72 12.52
C VAL D 180 -34.71 73.87 13.24
N GLY D 181 -34.10 74.30 14.33
CA GLY D 181 -34.60 75.42 15.10
C GLY D 181 -35.94 75.24 15.78
N ASP D 182 -36.08 74.21 16.62
CA ASP D 182 -37.31 73.98 17.36
C ASP D 182 -36.93 73.28 18.66
N LEU D 183 -37.66 73.61 19.72
CA LEU D 183 -37.37 73.05 21.03
C LEU D 183 -37.69 71.57 21.09
N VAL D 184 -36.78 70.81 21.70
CA VAL D 184 -36.90 69.37 21.87
C VAL D 184 -36.52 69.02 23.30
N GLU D 185 -37.37 68.23 23.96
CA GLU D 185 -37.16 67.78 25.33
C GLU D 185 -36.79 66.30 25.32
N VAL D 186 -35.88 65.92 26.21
CA VAL D 186 -35.45 64.53 26.33
C VAL D 186 -35.54 64.09 27.79
N LYS D 187 -36.05 62.89 27.99
CA LYS D 187 -36.24 62.24 29.28
C LYS D 187 -35.19 61.15 29.42
N GLY D 188 -34.80 60.85 30.66
CA GLY D 188 -33.80 59.82 30.87
C GLY D 188 -34.25 58.48 30.35
N GLY D 189 -33.73 58.10 29.18
CA GLY D 189 -34.08 56.86 28.52
C GLY D 189 -34.34 57.07 27.04
N ASP D 190 -34.51 58.33 26.64
CA ASP D 190 -34.78 58.70 25.25
C ASP D 190 -33.49 58.95 24.47
N ARG D 191 -33.51 58.60 23.19
CA ARG D 191 -32.38 58.80 22.29
C ARG D 191 -32.46 60.19 21.67
N ILE D 192 -31.32 60.87 21.59
CA ILE D 192 -31.26 62.22 21.01
C ILE D 192 -31.60 62.11 19.53
N PRO D 193 -32.65 62.80 19.04
CA PRO D 193 -33.01 62.69 17.62
C PRO D 193 -31.98 63.26 16.67
N ALA D 194 -31.74 64.56 16.79
CA ALA D 194 -30.77 65.29 15.97
C ALA D 194 -29.84 66.04 16.90
N ASP D 195 -28.83 66.69 16.32
CA ASP D 195 -27.88 67.45 17.12
C ASP D 195 -28.58 68.67 17.73
N LEU D 196 -28.60 68.71 19.06
CA LEU D 196 -29.25 69.78 19.80
C LEU D 196 -28.24 70.71 20.46
N ARG D 197 -28.74 71.89 20.81
CA ARG D 197 -28.01 72.93 21.53
C ARG D 197 -28.78 73.02 22.83
N ILE D 198 -28.20 72.46 23.91
CA ILE D 198 -28.87 72.44 25.20
C ILE D 198 -29.17 73.84 25.69
N ILE D 199 -30.43 74.10 26.01
CA ILE D 199 -30.83 75.42 26.51
C ILE D 199 -31.21 75.39 27.99
N SER D 200 -31.76 74.28 28.49
CA SER D 200 -32.14 74.18 29.89
C SER D 200 -32.12 72.69 30.24
N ALA D 201 -31.19 72.30 31.09
CA ALA D 201 -31.01 70.92 31.50
C ALA D 201 -31.23 70.79 33.00
N ASN D 202 -31.55 69.55 33.40
CA ASN D 202 -31.80 69.24 34.81
C ASN D 202 -31.27 67.83 35.08
N GLY D 203 -30.07 67.75 35.67
CA GLY D 203 -29.44 66.47 35.98
C GLY D 203 -29.29 65.57 34.77
N CYS D 204 -29.10 66.15 33.60
CA CYS D 204 -28.99 65.39 32.37
C CYS D 204 -27.60 64.83 32.15
N LYS D 205 -27.54 63.52 31.92
CA LYS D 205 -26.30 62.82 31.61
C LYS D 205 -26.56 62.03 30.34
N VAL D 206 -25.82 62.34 29.28
CA VAL D 206 -25.98 61.67 28.01
C VAL D 206 -24.80 60.72 27.84
N ASP D 207 -24.96 59.76 26.93
CA ASP D 207 -23.95 58.75 26.65
C ASP D 207 -23.37 58.98 25.25
N ASN D 208 -22.17 59.54 25.19
CA ASN D 208 -21.46 59.79 23.94
C ASN D 208 -20.47 58.69 23.63
N SER D 209 -20.74 57.46 24.10
CA SER D 209 -19.83 56.35 23.90
C SER D 209 -19.72 55.94 22.44
N SER D 210 -20.85 55.72 21.77
CA SER D 210 -20.77 55.28 20.38
C SER D 210 -20.25 56.35 19.44
N LEU D 211 -20.28 57.64 19.83
CA LEU D 211 -19.78 58.64 18.90
C LEU D 211 -18.37 59.13 19.21
N THR D 212 -18.19 59.96 20.24
CA THR D 212 -16.84 60.45 20.51
C THR D 212 -16.01 59.44 21.28
N GLY D 213 -16.64 58.43 21.88
CA GLY D 213 -15.92 57.41 22.62
C GLY D 213 -15.78 57.67 24.11
N GLU D 214 -16.53 58.63 24.66
CA GLU D 214 -16.46 58.92 26.09
C GLU D 214 -17.16 57.82 26.87
N SER D 215 -16.41 57.13 27.73
CA SER D 215 -16.94 56.02 28.51
C SER D 215 -18.03 56.36 29.51
N GLU D 216 -17.67 57.03 30.59
CA GLU D 216 -18.64 57.38 31.62
C GLU D 216 -19.67 58.36 31.06
N PRO D 217 -20.94 58.28 31.53
CA PRO D 217 -21.98 59.17 31.00
C PRO D 217 -21.68 60.64 31.25
N GLN D 218 -21.37 61.36 30.18
CA GLN D 218 -21.02 62.77 30.29
C GLN D 218 -22.27 63.61 30.51
N THR D 219 -22.23 64.48 31.52
CA THR D 219 -23.37 65.32 31.79
C THR D 219 -23.50 66.39 30.70
N ARG D 220 -24.69 66.95 30.61
CA ARG D 220 -25.00 67.98 29.63
C ARG D 220 -25.55 69.21 30.35
N SER D 221 -24.80 70.28 30.32
CA SER D 221 -25.19 71.54 30.93
C SER D 221 -25.48 72.55 29.83
N PRO D 222 -26.50 73.39 29.99
CA PRO D 222 -26.84 74.37 28.93
C PRO D 222 -25.77 75.42 28.69
N ASP D 223 -24.85 75.61 29.62
CA ASP D 223 -23.80 76.62 29.48
C ASP D 223 -22.61 76.09 28.68
N PHE D 224 -22.05 76.96 27.84
CA PHE D 224 -20.90 76.62 27.01
C PHE D 224 -19.69 76.31 27.90
N THR D 225 -19.02 75.20 27.64
CA THR D 225 -17.86 74.78 28.44
C THR D 225 -16.55 74.72 27.68
N ASN D 226 -16.51 74.01 26.55
CA ASN D 226 -15.29 73.84 25.77
C ASN D 226 -15.48 74.28 24.32
N GLU D 227 -14.41 74.84 23.75
CA GLU D 227 -14.43 75.30 22.35
C GLU D 227 -14.71 74.15 21.40
N ASN D 228 -14.28 72.94 21.74
CA ASN D 228 -14.50 71.77 20.91
C ASN D 228 -15.94 71.31 21.09
N PRO D 229 -16.73 71.22 20.01
CA PRO D 229 -18.13 70.78 20.16
C PRO D 229 -18.25 69.36 20.69
N LEU D 230 -17.22 68.54 20.53
CA LEU D 230 -17.26 67.16 21.02
C LEU D 230 -17.13 67.11 22.54
N GLU D 231 -16.31 67.99 23.12
CA GLU D 231 -16.09 68.02 24.56
C GLU D 231 -17.08 68.89 25.32
N THR D 232 -17.81 69.77 24.65
CA THR D 232 -18.75 70.63 25.36
C THR D 232 -19.94 69.85 25.90
N ARG D 233 -20.64 70.48 26.84
CA ARG D 233 -21.80 69.89 27.49
C ARG D 233 -23.13 70.50 27.06
N ASN D 234 -23.12 71.55 26.24
CA ASN D 234 -24.34 72.18 25.78
C ASN D 234 -24.80 71.65 24.43
N ILE D 235 -24.37 70.45 24.07
CA ILE D 235 -24.72 69.86 22.78
C ILE D 235 -25.12 68.41 22.94
N ALA D 236 -26.28 68.06 22.39
CA ALA D 236 -26.78 66.70 22.32
C ALA D 236 -26.41 66.21 20.92
N PHE D 237 -26.11 64.92 20.79
CA PHE D 237 -25.64 64.40 19.51
C PHE D 237 -26.51 63.29 18.94
N PHE D 238 -26.48 63.18 17.61
CA PHE D 238 -27.20 62.13 16.90
C PHE D 238 -26.68 60.77 17.34
N SER D 239 -27.62 59.87 17.65
CA SER D 239 -27.41 58.49 18.11
C SER D 239 -26.92 58.38 19.55
N THR D 240 -26.89 59.48 20.31
CA THR D 240 -26.49 59.46 21.72
C THR D 240 -27.77 59.36 22.55
N ASN D 241 -27.72 58.57 23.61
CA ASN D 241 -28.88 58.36 24.47
C ASN D 241 -28.74 59.03 25.83
N CYS D 242 -29.81 59.71 26.26
CA CYS D 242 -29.85 60.36 27.56
C CYS D 242 -29.95 59.29 28.63
N VAL D 243 -28.89 59.11 29.42
CA VAL D 243 -28.87 58.08 30.45
C VAL D 243 -29.87 58.39 31.55
N GLU D 244 -29.75 59.56 32.15
CA GLU D 244 -30.63 59.96 33.24
C GLU D 244 -30.88 61.45 33.15
N GLY D 245 -31.90 61.90 33.87
CA GLY D 245 -32.28 63.30 33.89
C GLY D 245 -33.07 63.72 32.66
N THR D 246 -33.41 65.00 32.63
CA THR D 246 -34.16 65.60 31.54
C THR D 246 -33.48 66.87 31.07
N ALA D 247 -33.71 67.23 29.81
CA ALA D 247 -33.08 68.43 29.28
C ALA D 247 -33.87 68.95 28.09
N ARG D 248 -33.57 70.19 27.72
CA ARG D 248 -34.18 70.88 26.60
C ARG D 248 -33.11 71.35 25.62
N GLY D 249 -33.49 71.53 24.37
CA GLY D 249 -32.52 71.98 23.40
C GLY D 249 -33.06 72.33 22.02
N ILE D 250 -32.40 73.24 21.34
CA ILE D 250 -32.80 73.68 20.00
C ILE D 250 -32.05 72.86 18.97
N VAL D 251 -32.75 72.39 17.94
CA VAL D 251 -32.11 71.59 16.90
C VAL D 251 -31.25 72.49 16.04
N VAL D 252 -29.96 72.21 15.99
CA VAL D 252 -29.03 72.99 15.19
C VAL D 252 -28.73 72.29 13.86
N TYR D 253 -28.43 70.99 13.91
CA TYR D 253 -28.14 70.19 12.73
C TYR D 253 -29.23 69.13 12.55
N THR D 254 -29.44 68.71 11.30
CA THR D 254 -30.45 67.70 10.99
C THR D 254 -29.98 66.82 9.84
N GLY D 255 -30.53 65.61 9.79
CA GLY D 255 -30.22 64.68 8.72
C GLY D 255 -28.74 64.32 8.62
N ASP D 256 -28.23 64.33 7.40
CA ASP D 256 -26.83 63.99 7.14
C ASP D 256 -25.87 65.05 7.66
N ARG D 257 -26.34 66.28 7.89
CA ARG D 257 -25.48 67.33 8.39
C ARG D 257 -25.03 67.10 9.82
N THR D 258 -25.69 66.21 10.55
CA THR D 258 -25.30 65.92 11.93
C THR D 258 -23.88 65.33 11.96
N VAL D 259 -23.32 65.27 13.17
CA VAL D 259 -21.96 64.75 13.33
C VAL D 259 -21.88 63.31 12.85
N MET D 260 -22.67 62.42 13.45
CA MET D 260 -22.65 61.02 13.02
C MET D 260 -23.12 60.89 11.57
N GLY D 261 -23.86 61.87 11.07
CA GLY D 261 -24.28 61.83 9.68
C GLY D 261 -23.09 62.00 8.76
N ARG D 262 -22.26 63.01 9.04
CA ARG D 262 -21.06 63.21 8.24
C ARG D 262 -20.11 62.04 8.42
N ILE D 263 -20.12 61.42 9.60
CA ILE D 263 -19.27 60.26 9.87
C ILE D 263 -19.68 59.09 8.98
N ALA D 264 -20.97 58.75 8.97
CA ALA D 264 -21.47 57.64 8.15
C ALA D 264 -21.27 57.91 6.68
N THR D 265 -21.60 59.13 6.23
CA THR D 265 -21.41 59.48 4.82
C THR D 265 -19.94 59.41 4.44
N LEU D 266 -19.03 59.76 5.36
CA LEU D 266 -17.61 59.66 5.08
C LEU D 266 -17.20 58.20 4.94
N ALA D 267 -17.69 57.36 5.86
CA ALA D 267 -17.37 55.93 5.82
C ALA D 267 -17.85 55.30 4.51
N SER D 268 -19.04 55.70 4.03
CA SER D 268 -19.55 55.15 2.79
C SER D 268 -18.69 55.58 1.61
N GLY D 269 -18.18 56.80 1.63
CA GLY D 269 -17.38 57.33 0.56
C GLY D 269 -15.88 57.17 0.68
N LEU D 270 -15.41 56.09 1.31
CA LEU D 270 -13.98 55.86 1.46
C LEU D 270 -13.56 54.68 0.59
N GLU D 271 -12.26 54.63 0.30
CA GLU D 271 -11.71 53.56 -0.51
C GLU D 271 -11.43 52.34 0.35
N GLY D 272 -11.62 51.16 -0.25
CA GLY D 272 -11.38 49.93 0.48
C GLY D 272 -9.93 49.52 0.50
N GLY D 273 -9.18 49.84 -0.55
CA GLY D 273 -7.79 49.48 -0.64
C GLY D 273 -7.58 48.11 -1.24
N GLN D 274 -6.32 47.69 -1.27
CA GLN D 274 -5.94 46.38 -1.80
C GLN D 274 -5.44 45.49 -0.67
N THR D 275 -6.09 44.35 -0.48
CA THR D 275 -5.68 43.41 0.55
C THR D 275 -4.30 42.84 0.21
N PRO D 276 -3.52 42.46 1.22
CA PRO D 276 -2.18 41.90 0.92
C PRO D 276 -2.22 40.61 0.13
N ILE D 277 -3.22 39.76 0.41
CA ILE D 277 -3.35 38.48 -0.28
C ILE D 277 -3.64 38.70 -1.77
N ALA D 278 -4.50 39.67 -2.09
CA ALA D 278 -4.79 39.93 -3.50
C ALA D 278 -3.54 40.45 -4.22
N ALA D 279 -2.74 41.26 -3.54
CA ALA D 279 -1.50 41.76 -4.12
C ALA D 279 -0.54 40.61 -4.37
N GLU D 280 -0.50 39.65 -3.44
CA GLU D 280 0.36 38.48 -3.63
C GLU D 280 -0.13 37.68 -4.83
N ILE D 281 -1.45 37.60 -5.01
CA ILE D 281 -2.01 36.91 -6.18
C ILE D 281 -1.54 37.63 -7.44
N GLU D 282 -1.54 38.96 -7.41
CA GLU D 282 -1.11 39.76 -8.55
C GLU D 282 0.36 39.48 -8.89
N HIS D 283 1.22 39.43 -7.88
CA HIS D 283 2.64 39.15 -8.11
C HIS D 283 2.79 37.73 -8.68
N PHE D 284 2.03 36.79 -8.14
CA PHE D 284 2.04 35.42 -8.62
C PHE D 284 1.72 35.37 -10.10
N ILE D 285 0.66 36.08 -10.51
CA ILE D 285 0.25 36.12 -11.90
C ILE D 285 1.33 36.79 -12.76
N HIS D 286 2.02 37.80 -12.20
CA HIS D 286 3.09 38.45 -12.94
C HIS D 286 4.17 37.45 -13.31
N ILE D 287 4.56 36.61 -12.35
CA ILE D 287 5.59 35.60 -12.63
C ILE D 287 5.08 34.52 -13.59
N ILE D 288 3.85 34.06 -13.35
CA ILE D 288 3.27 33.02 -14.22
C ILE D 288 3.24 33.47 -15.66
N THR D 289 2.61 34.62 -15.91
CA THR D 289 2.54 35.15 -17.27
C THR D 289 3.92 35.53 -17.79
N GLY D 290 4.85 35.91 -16.90
CA GLY D 290 6.19 36.24 -17.34
C GLY D 290 6.88 35.05 -17.98
N VAL D 291 6.92 33.93 -17.26
CA VAL D 291 7.56 32.74 -17.82
C VAL D 291 6.74 32.19 -18.97
N ALA D 292 5.41 32.38 -18.94
CA ALA D 292 4.57 31.89 -20.03
C ALA D 292 4.89 32.60 -21.33
N VAL D 293 5.03 33.93 -21.28
CA VAL D 293 5.35 34.68 -22.50
C VAL D 293 6.81 34.50 -22.88
N PHE D 294 7.71 34.26 -21.91
CA PHE D 294 9.11 34.04 -22.28
C PHE D 294 9.24 32.76 -23.07
N LEU D 295 8.69 31.66 -22.55
CA LEU D 295 8.77 30.39 -23.26
C LEU D 295 7.97 30.44 -24.56
N GLY D 296 6.78 31.06 -24.54
CA GLY D 296 5.99 31.14 -25.76
C GLY D 296 6.71 31.89 -26.86
N VAL D 297 7.32 33.03 -26.52
CA VAL D 297 8.02 33.83 -27.52
C VAL D 297 9.28 33.12 -28.01
N SER D 298 10.13 32.66 -27.09
CA SER D 298 11.36 31.99 -27.50
C SER D 298 11.06 30.74 -28.31
N PHE D 299 10.01 29.99 -27.95
CA PHE D 299 9.67 28.80 -28.70
C PHE D 299 8.98 29.15 -30.02
N PHE D 300 8.29 30.28 -30.08
CA PHE D 300 7.69 30.70 -31.34
C PHE D 300 8.80 31.00 -32.33
N ILE D 301 9.82 31.73 -31.87
CA ILE D 301 10.96 32.04 -32.71
C ILE D 301 11.68 30.75 -33.12
N LEU D 302 11.87 29.83 -32.17
CA LEU D 302 12.52 28.56 -32.48
C LEU D 302 11.73 27.79 -33.53
N SER D 303 10.40 27.75 -33.40
CA SER D 303 9.56 27.03 -34.35
C SER D 303 9.65 27.65 -35.74
N LEU D 304 9.68 28.98 -35.81
CA LEU D 304 9.81 29.62 -37.12
C LEU D 304 11.19 29.34 -37.70
N ILE D 305 12.20 29.21 -36.83
CA ILE D 305 13.55 28.91 -37.29
C ILE D 305 13.59 27.50 -37.85
N LEU D 306 12.86 26.58 -37.24
CA LEU D 306 12.89 25.21 -37.72
C LEU D 306 12.28 25.07 -39.12
N GLU D 307 10.96 24.95 -39.20
CA GLU D 307 10.31 24.84 -40.50
C GLU D 307 8.85 25.28 -40.51
N TYR D 308 8.24 25.29 -39.33
CA TYR D 308 6.82 25.61 -39.20
C TYR D 308 6.48 27.01 -39.68
N THR D 309 5.39 27.11 -40.44
CA THR D 309 4.92 28.38 -40.98
C THR D 309 4.36 29.26 -39.86
N TRP D 310 3.90 30.45 -40.24
CA TRP D 310 3.35 31.37 -39.25
C TRP D 310 2.10 30.82 -38.60
N LEU D 311 1.28 30.11 -39.38
CA LEU D 311 0.05 29.48 -38.88
C LEU D 311 0.36 28.53 -37.72
N GLU D 312 1.13 27.48 -38.01
CA GLU D 312 1.48 26.48 -37.01
C GLU D 312 2.24 27.10 -35.84
N ALA D 313 3.14 28.06 -36.13
CA ALA D 313 3.91 28.68 -35.06
C ALA D 313 3.02 29.48 -34.10
N VAL D 314 2.02 30.19 -34.64
CA VAL D 314 1.11 30.94 -33.77
C VAL D 314 0.30 29.97 -32.92
N ILE D 315 -0.14 28.86 -33.53
CA ILE D 315 -0.88 27.86 -32.78
C ILE D 315 -0.03 27.33 -31.62
N PHE D 316 1.26 27.07 -31.90
CA PHE D 316 2.18 26.58 -30.88
C PHE D 316 2.39 27.64 -29.80
N LEU D 317 2.50 28.90 -30.20
CA LEU D 317 2.67 30.00 -29.25
C LEU D 317 1.53 30.03 -28.25
N ILE D 318 0.30 30.04 -28.77
CA ILE D 318 -0.88 30.07 -27.91
C ILE D 318 -0.91 28.82 -27.03
N GLY D 319 -0.60 27.66 -27.60
CA GLY D 319 -0.60 26.44 -26.82
C GLY D 319 0.37 26.47 -25.66
N ILE D 320 1.59 26.97 -25.90
CA ILE D 320 2.61 27.02 -24.85
C ILE D 320 2.22 28.03 -23.77
N ILE D 321 1.80 29.22 -24.18
CA ILE D 321 1.44 30.24 -23.19
C ILE D 321 0.26 29.77 -22.34
N VAL D 322 -0.81 29.28 -22.99
CA VAL D 322 -1.99 28.81 -22.27
C VAL D 322 -1.67 27.59 -21.42
N ALA D 323 -0.76 26.72 -21.86
CA ALA D 323 -0.42 25.54 -21.08
C ALA D 323 0.24 25.93 -19.77
N ASN D 324 0.94 27.05 -19.74
CA ASN D 324 1.62 27.53 -18.56
C ASN D 324 0.68 28.24 -17.59
N VAL D 325 -0.62 28.07 -17.75
CA VAL D 325 -1.62 28.69 -16.88
C VAL D 325 -2.23 27.60 -16.01
N PRO D 326 -2.03 27.63 -14.69
CA PRO D 326 -2.62 26.60 -13.83
C PRO D 326 -4.13 26.73 -13.78
N GLU D 327 -4.81 25.83 -14.49
CA GLU D 327 -6.27 25.87 -14.55
C GLU D 327 -6.89 25.56 -13.19
N GLY D 328 -6.42 24.49 -12.53
CA GLY D 328 -6.96 24.09 -11.25
C GLY D 328 -6.47 24.86 -10.04
N LEU D 329 -5.51 25.78 -10.19
CA LEU D 329 -5.03 26.49 -9.02
C LEU D 329 -6.05 27.50 -8.49
N LEU D 330 -6.90 28.04 -9.37
CA LEU D 330 -7.91 29.02 -8.95
C LEU D 330 -8.86 28.42 -7.90
N ALA D 331 -9.53 27.33 -8.29
CA ALA D 331 -10.48 26.69 -7.39
C ALA D 331 -9.79 26.15 -6.14
N THR D 332 -8.59 25.58 -6.27
CA THR D 332 -7.91 25.05 -5.09
C THR D 332 -7.60 26.15 -4.09
N VAL D 333 -7.14 27.31 -4.58
CA VAL D 333 -6.86 28.43 -3.67
C VAL D 333 -8.15 28.95 -3.05
N THR D 334 -9.20 29.10 -3.86
CA THR D 334 -10.48 29.58 -3.35
C THR D 334 -11.04 28.67 -2.27
N VAL D 335 -11.08 27.36 -2.54
CA VAL D 335 -11.58 26.40 -1.56
C VAL D 335 -10.69 26.40 -0.33
N CYS D 336 -9.38 26.60 -0.51
CA CYS D 336 -8.45 26.68 0.61
C CYS D 336 -8.85 27.83 1.54
N LEU D 337 -9.01 29.02 0.96
CA LEU D 337 -9.44 30.21 1.70
C LEU D 337 -10.79 29.97 2.35
N THR D 338 -11.66 29.24 1.66
CA THR D 338 -13.00 28.95 2.18
C THR D 338 -12.93 28.02 3.38
N LEU D 339 -12.01 27.06 3.36
CA LEU D 339 -11.86 26.15 4.49
C LEU D 339 -11.44 26.92 5.74
N THR D 340 -10.42 27.77 5.59
CA THR D 340 -10.00 28.55 6.75
C THR D 340 -11.14 29.48 7.21
N ALA D 341 -11.88 30.05 6.25
CA ALA D 341 -13.02 30.90 6.60
C ALA D 341 -14.09 30.10 7.33
N LYS D 342 -14.24 28.81 6.97
CA LYS D 342 -15.19 27.94 7.65
C LYS D 342 -14.80 27.81 9.12
N ARG D 343 -13.50 27.56 9.36
CA ARG D 343 -13.05 27.48 10.75
C ARG D 343 -13.28 28.80 11.48
N MET D 344 -13.13 29.92 10.76
CA MET D 344 -13.39 31.23 11.35
C MET D 344 -14.85 31.36 11.76
N ALA D 345 -15.75 30.82 10.94
CA ALA D 345 -17.18 30.87 11.25
C ALA D 345 -17.53 29.95 12.41
N ARG D 346 -16.77 28.87 12.59
CA ARG D 346 -17.03 27.96 13.70
C ARG D 346 -16.77 28.63 15.04
N LYS D 347 -15.78 29.51 15.11
CA LYS D 347 -15.43 30.24 16.33
C LYS D 347 -16.11 31.60 16.43
N ASN D 348 -17.22 31.79 15.71
CA ASN D 348 -18.00 33.04 15.72
C ASN D 348 -17.18 34.25 15.31
N CYS D 349 -16.27 34.05 14.36
CA CYS D 349 -15.41 35.11 13.80
C CYS D 349 -15.67 35.18 12.30
N LEU D 350 -16.75 35.88 11.92
CA LEU D 350 -17.15 35.98 10.52
C LEU D 350 -16.32 36.98 9.72
N VAL D 351 -16.12 36.68 8.43
CA VAL D 351 -15.41 37.54 7.50
C VAL D 351 -16.32 37.81 6.30
N LYS D 352 -16.60 39.08 6.05
CA LYS D 352 -17.43 39.41 4.89
C LYS D 352 -16.66 39.21 3.59
N ASN D 353 -15.33 39.27 3.65
CA ASN D 353 -14.45 39.08 2.51
C ASN D 353 -13.78 37.72 2.62
N LEU D 354 -13.77 36.98 1.51
CA LEU D 354 -13.17 35.65 1.51
C LEU D 354 -11.66 35.68 1.76
N GLU D 355 -10.98 36.73 1.31
CA GLU D 355 -9.55 36.84 1.47
C GLU D 355 -9.15 37.62 2.72
N ALA D 356 -10.11 38.29 3.37
CA ALA D 356 -9.80 39.03 4.58
C ALA D 356 -9.38 38.10 5.71
N VAL D 357 -9.55 36.79 5.54
CA VAL D 357 -9.13 35.84 6.54
C VAL D 357 -7.61 35.86 6.67
N GLU D 358 -6.90 36.18 5.58
CA GLU D 358 -5.43 36.20 5.64
C GLU D 358 -4.86 37.50 6.19
N THR D 359 -5.54 38.63 5.96
CA THR D 359 -5.02 39.94 6.35
C THR D 359 -4.56 40.03 7.80
N LEU D 360 -5.14 39.24 8.71
CA LEU D 360 -4.71 39.28 10.10
C LEU D 360 -3.27 38.82 10.25
N GLY D 361 -2.89 37.75 9.52
CA GLY D 361 -1.54 37.23 9.62
C GLY D 361 -0.46 38.19 9.15
N SER D 362 -0.79 39.06 8.21
CA SER D 362 0.16 40.04 7.69
C SER D 362 0.22 41.31 8.52
N THR D 363 -0.66 41.44 9.51
CA THR D 363 -0.72 42.64 10.35
C THR D 363 0.53 42.84 11.20
N SER D 364 0.96 44.10 11.31
CA SER D 364 2.11 44.48 12.12
C SER D 364 1.81 45.66 13.04
N THR D 365 0.60 46.21 13.00
CA THR D 365 0.22 47.34 13.84
C THR D 365 -1.29 47.29 14.02
N ILE D 366 -1.75 47.18 15.26
CA ILE D 366 -3.17 47.11 15.56
C ILE D 366 -3.63 48.37 16.27
N CYS D 367 -4.55 49.09 15.63
CA CYS D 367 -5.14 50.29 16.20
C CYS D 367 -6.50 49.88 16.78
N SER D 368 -6.54 49.74 18.10
CA SER D 368 -7.76 49.33 18.76
C SER D 368 -8.51 50.50 19.40
N PHD D 369 -9.82 50.35 19.50
CA PHD D 369 -10.66 51.35 20.10
C PHD D 369 -10.79 50.98 21.61
O PHD D 369 -10.88 49.76 21.95
CB PHD D 369 -12.04 51.45 19.46
CG PHD D 369 -13.04 52.33 20.16
OD1 PHD D 369 -12.77 53.61 20.23
OD2 PHD D 369 -14.11 51.94 20.67
P PHD D 369 -13.52 54.46 21.33
OP1 PHD D 369 -13.02 54.09 22.70
OP2 PHD D 369 -13.29 55.93 21.09
OP3 PHD D 369 -15.00 54.17 21.25
N LYS D 370 -10.79 51.98 22.50
CA LYS D 370 -10.88 51.69 23.93
C LYS D 370 -12.29 51.30 24.34
N THR D 371 -13.15 52.31 24.45
CA THR D 371 -14.53 52.08 24.88
C THR D 371 -15.29 51.24 23.86
N GLY D 372 -15.86 50.16 24.32
CA GLY D 372 -16.63 49.25 23.47
C GLY D 372 -15.84 48.09 22.90
N THR D 373 -14.65 48.37 22.36
CA THR D 373 -13.81 47.32 21.78
C THR D 373 -12.91 46.72 22.85
N LEU D 374 -12.02 47.54 23.43
CA LEU D 374 -11.15 47.05 24.48
C LEU D 374 -11.93 46.88 25.78
N THR D 375 -12.60 47.95 26.23
CA THR D 375 -13.38 47.89 27.46
C THR D 375 -14.77 47.35 27.16
N GLN D 376 -15.53 47.09 28.23
CA GLN D 376 -16.88 46.57 28.10
C GLN D 376 -17.94 47.64 27.89
N ASN D 377 -17.57 48.92 27.96
CA ASN D 377 -18.50 50.04 27.78
C ASN D 377 -19.66 49.90 28.78
N ARG D 378 -19.30 49.78 30.04
CA ARG D 378 -20.28 49.62 31.11
C ARG D 378 -19.61 49.88 32.44
N MET D 379 -20.20 50.76 33.23
CA MET D 379 -19.64 51.06 34.55
C MET D 379 -19.75 49.84 35.43
N THR D 380 -18.62 49.41 36.02
CA THR D 380 -18.63 48.25 36.89
C THR D 380 -17.80 48.54 38.13
N VAL D 381 -18.25 48.00 39.27
CA VAL D 381 -17.56 48.19 40.54
C VAL D 381 -16.15 47.63 40.42
N ALA D 382 -15.15 48.51 40.52
CA ALA D 382 -13.76 48.08 40.37
C ALA D 382 -13.11 47.72 41.72
N HIS D 383 -12.93 48.71 42.58
CA HIS D 383 -12.29 48.49 43.88
C HIS D 383 -13.12 49.00 45.03
N MET D 384 -12.73 48.56 46.23
CA MET D 384 -13.35 48.94 47.48
C MET D 384 -12.24 49.22 48.49
N TRP D 385 -12.57 50.03 49.49
CA TRP D 385 -11.61 50.40 50.54
C TRP D 385 -12.23 50.02 51.88
N SER D 386 -12.02 48.79 52.31
CA SER D 386 -12.58 48.32 53.57
C SER D 386 -11.44 48.01 54.54
N ASP D 387 -11.60 48.46 55.78
CA ASP D 387 -10.61 48.24 56.84
C ASP D 387 -9.25 48.80 56.44
N ASN D 388 -9.26 49.98 55.82
CA ASN D 388 -8.05 50.65 55.33
C ASN D 388 -7.26 49.76 54.38
N GLN D 389 -7.95 48.84 53.70
CA GLN D 389 -7.34 47.90 52.79
C GLN D 389 -8.11 47.90 51.48
N ILE D 390 -7.38 47.91 50.36
CA ILE D 390 -8.00 47.92 49.04
C ILE D 390 -8.35 46.50 48.65
N HIS D 391 -9.55 46.32 48.08
CA HIS D 391 -10.04 45.02 47.64
C HIS D 391 -10.52 45.14 46.20
N GLU D 392 -9.94 44.35 45.30
CA GLU D 392 -10.27 44.37 43.88
C GLU D 392 -11.35 43.34 43.57
N ALA D 393 -12.54 43.80 43.21
CA ALA D 393 -13.62 42.90 42.86
C ALA D 393 -13.38 42.32 41.46
N ASP D 394 -14.17 41.32 41.10
CA ASP D 394 -14.03 40.71 39.78
C ASP D 394 -14.74 41.59 38.77
N THR D 395 -14.01 42.04 37.76
CA THR D 395 -14.54 42.93 36.74
C THR D 395 -14.61 42.30 35.34
N THR D 396 -14.50 40.98 35.26
CA THR D 396 -14.57 40.32 33.96
C THR D 396 -16.00 40.37 33.41
N GLU D 397 -16.12 40.24 32.09
CA GLU D 397 -17.41 40.28 31.41
C GLU D 397 -18.23 39.00 31.61
N ASN D 398 -17.62 37.94 32.14
CA ASN D 398 -18.33 36.69 32.39
C ASN D 398 -18.07 36.16 33.79
N GLN D 399 -17.45 36.97 34.65
CA GLN D 399 -17.14 36.61 36.04
C GLN D 399 -16.24 35.37 36.14
N SER D 400 -14.95 35.54 35.86
CA SER D 400 -14.00 34.43 35.93
C SER D 400 -12.69 34.82 36.63
N GLY D 401 -12.68 35.92 37.38
CA GLY D 401 -11.50 36.39 38.08
C GLY D 401 -11.51 36.07 39.55
N VAL D 402 -10.65 36.77 40.30
CA VAL D 402 -10.52 36.55 41.73
C VAL D 402 -11.58 37.36 42.48
N SER D 403 -12.08 36.77 43.56
CA SER D 403 -13.07 37.39 44.42
C SER D 403 -12.41 37.79 45.74
N PHE D 404 -12.88 38.89 46.31
CA PHE D 404 -12.33 39.39 47.56
C PHE D 404 -12.77 38.51 48.73
N ASP D 405 -12.30 38.87 49.93
CA ASP D 405 -12.62 38.14 51.15
C ASP D 405 -13.95 38.68 51.66
N LYS D 406 -15.03 37.94 51.40
CA LYS D 406 -16.38 38.34 51.80
C LYS D 406 -16.83 37.60 53.06
N THR D 407 -16.10 37.80 54.17
CA THR D 407 -16.43 37.15 55.43
C THR D 407 -16.35 38.07 56.63
N SER D 408 -16.07 39.35 56.46
CA SER D 408 -15.96 40.29 57.57
C SER D 408 -17.22 41.12 57.74
N ALA D 409 -17.42 41.62 58.96
CA ALA D 409 -18.58 42.46 59.25
C ALA D 409 -18.50 43.79 58.51
N THR D 410 -17.29 44.25 58.20
CA THR D 410 -17.13 45.50 57.46
C THR D 410 -17.71 45.35 56.06
N TRP D 411 -17.47 44.19 55.44
CA TRP D 411 -18.00 43.94 54.10
C TRP D 411 -19.53 43.82 54.14
N LEU D 412 -20.06 43.20 55.19
CA LEU D 412 -21.51 43.09 55.32
C LEU D 412 -22.13 44.47 55.46
N ALA D 413 -21.53 45.32 56.30
CA ALA D 413 -22.03 46.69 56.48
C ALA D 413 -21.96 47.48 55.18
N LEU D 414 -20.79 47.46 54.52
CA LEU D 414 -20.61 48.20 53.27
C LEU D 414 -21.59 47.73 52.21
N SER D 415 -21.70 46.41 52.02
CA SER D 415 -22.61 45.86 51.03
C SER D 415 -24.04 46.20 51.36
N ARG D 416 -24.39 46.27 52.65
CA ARG D 416 -25.76 46.64 53.00
C ARG D 416 -26.01 48.12 52.70
N ILE D 417 -25.01 48.97 52.92
CA ILE D 417 -25.15 50.38 52.61
C ILE D 417 -25.38 50.57 51.12
N ALA D 418 -24.64 49.79 50.32
CA ALA D 418 -24.77 49.89 48.87
C ALA D 418 -26.10 49.31 48.37
N GLY D 419 -26.46 48.11 48.83
CA GLY D 419 -27.69 47.47 48.38
C GLY D 419 -28.95 48.17 48.84
N LEU D 420 -28.90 48.82 50.00
CA LEU D 420 -30.07 49.52 50.53
C LEU D 420 -30.20 50.94 49.98
N CYS D 421 -29.19 51.78 50.24
CA CYS D 421 -29.20 53.18 49.80
C CYS D 421 -28.73 53.29 48.36
N ASN D 422 -29.65 52.98 47.45
CA ASN D 422 -29.37 53.06 46.03
C ASN D 422 -30.69 53.03 45.28
N ARG D 423 -30.75 53.78 44.20
CA ARG D 423 -31.95 53.87 43.36
C ARG D 423 -31.79 52.99 42.12
N ALA D 424 -31.62 51.69 42.35
CA ALA D 424 -31.43 50.73 41.26
C ALA D 424 -32.16 49.43 41.54
N VAL D 425 -32.94 48.97 40.56
CA VAL D 425 -33.68 47.72 40.64
C VAL D 425 -33.65 47.05 39.28
N PHE D 426 -33.87 45.73 39.28
CA PHE D 426 -33.92 44.97 38.05
C PHE D 426 -35.29 45.19 37.39
N GLN D 427 -35.53 44.50 36.29
CA GLN D 427 -36.80 44.66 35.58
C GLN D 427 -37.55 43.34 35.49
N ALA D 428 -38.53 43.27 34.58
CA ALA D 428 -39.39 42.09 34.48
C ALA D 428 -38.67 40.85 33.96
N ASN D 429 -38.04 40.93 32.79
CA ASN D 429 -37.39 39.76 32.21
C ASN D 429 -36.02 39.43 32.81
N GLN D 430 -35.52 40.22 33.74
CA GLN D 430 -34.20 39.95 34.32
C GLN D 430 -34.29 38.76 35.27
N GLU D 431 -34.33 37.56 34.70
CA GLU D 431 -34.38 36.34 35.52
C GLU D 431 -33.34 35.30 35.11
N ASN D 432 -33.48 34.78 33.89
CA ASN D 432 -32.59 33.76 33.34
C ASN D 432 -31.34 34.36 32.70
N LEU D 433 -31.06 35.63 32.96
CA LEU D 433 -29.92 36.37 32.43
C LEU D 433 -28.80 36.45 33.47
N PRO D 434 -27.54 36.52 33.02
CA PRO D 434 -26.42 36.61 33.97
C PRO D 434 -26.49 37.91 34.77
N ILE D 435 -25.69 37.95 35.84
CA ILE D 435 -25.67 39.11 36.73
C ILE D 435 -25.11 40.35 36.05
N LEU D 436 -24.25 40.20 35.05
CA LEU D 436 -23.63 41.33 34.37
C LEU D 436 -24.43 41.85 33.16
N LYS D 437 -24.67 40.99 32.16
CA LYS D 437 -25.37 41.42 30.96
C LYS D 437 -26.84 41.75 31.18
N ARG D 438 -27.39 41.56 32.38
CA ARG D 438 -28.79 41.88 32.60
C ARG D 438 -28.99 43.40 32.57
N ALA D 439 -30.24 43.80 32.30
CA ALA D 439 -30.60 45.20 32.19
C ALA D 439 -31.00 45.78 33.54
N VAL D 440 -30.58 47.02 33.79
CA VAL D 440 -30.90 47.74 35.01
C VAL D 440 -31.45 49.10 34.58
N ALA D 441 -32.36 49.64 35.38
CA ALA D 441 -32.98 50.92 35.10
C ALA D 441 -32.50 51.97 36.10
N GLY D 442 -32.07 53.13 35.58
CA GLY D 442 -31.60 54.22 36.41
C GLY D 442 -30.18 54.65 36.08
N ASP D 443 -29.46 55.08 37.11
CA ASP D 443 -28.08 55.53 36.97
C ASP D 443 -27.16 54.35 36.69
N ALA D 444 -26.09 54.62 35.93
CA ALA D 444 -25.12 53.59 35.61
C ALA D 444 -24.34 53.15 36.85
N SER D 445 -23.97 54.12 37.70
CA SER D 445 -23.25 53.83 38.94
C SER D 445 -24.07 52.90 39.83
N GLU D 446 -25.35 53.24 40.03
CA GLU D 446 -26.22 52.42 40.85
C GLU D 446 -26.40 51.05 40.23
N SER D 447 -26.37 50.95 38.89
CA SER D 447 -26.49 49.65 38.24
C SER D 447 -25.28 48.79 38.55
N ALA D 448 -24.08 49.38 38.50
CA ALA D 448 -22.87 48.65 38.84
C ALA D 448 -22.92 48.13 40.28
N LEU D 449 -23.34 49.01 41.20
CA LEU D 449 -23.46 48.61 42.60
C LEU D 449 -24.46 47.47 42.78
N LEU D 450 -25.60 47.56 42.09
CA LEU D 450 -26.62 46.53 42.19
C LEU D 450 -26.10 45.19 41.69
N LYS D 451 -25.37 45.19 40.58
CA LYS D 451 -24.82 43.95 40.05
C LYS D 451 -23.77 43.36 41.00
N CYS D 452 -22.91 44.22 41.57
CA CYS D 452 -21.88 43.72 42.48
C CYS D 452 -22.50 43.12 43.74
N ILE D 453 -23.56 43.73 44.26
CA ILE D 453 -24.20 43.18 45.46
C ILE D 453 -24.97 41.90 45.12
N GLU D 454 -25.63 41.87 43.96
CA GLU D 454 -26.37 40.69 43.54
C GLU D 454 -25.44 39.54 43.20
N LEU D 455 -24.14 39.82 43.00
CA LEU D 455 -23.16 38.81 42.66
C LEU D 455 -22.34 38.30 43.85
N CYS D 456 -21.67 39.22 44.56
CA CYS D 456 -20.79 38.85 45.67
C CYS D 456 -21.47 38.92 47.03
N CYS D 457 -22.78 39.17 47.09
CA CYS D 457 -23.44 39.23 48.38
C CYS D 457 -24.78 38.49 48.36
N GLY D 458 -24.97 37.52 47.46
CA GLY D 458 -26.21 36.80 47.40
C GLY D 458 -27.25 37.42 46.50
N SER D 459 -28.15 38.22 47.10
CA SER D 459 -29.21 38.89 46.35
C SER D 459 -29.53 40.22 47.03
N VAL D 460 -30.19 41.10 46.27
CA VAL D 460 -30.57 42.42 46.79
C VAL D 460 -32.08 42.53 46.99
N LYS D 461 -32.88 41.61 46.45
CA LYS D 461 -34.33 41.64 46.62
C LYS D 461 -34.71 41.57 48.08
N GLU D 462 -34.46 40.40 48.69
CA GLU D 462 -34.78 40.20 50.10
C GLU D 462 -33.89 41.07 50.97
N MET D 463 -32.70 41.42 50.48
CA MET D 463 -31.80 42.28 51.25
C MET D 463 -32.34 43.70 51.37
N ARG D 464 -33.05 44.18 50.33
CA ARG D 464 -33.60 45.52 50.39
C ARG D 464 -34.95 45.55 51.09
N GLU D 465 -35.81 44.55 50.85
CA GLU D 465 -37.10 44.57 51.54
C GLU D 465 -36.99 44.20 53.01
N ARG D 466 -35.86 43.62 53.45
CA ARG D 466 -35.70 43.28 54.86
C ARG D 466 -35.55 44.53 55.72
N TYR D 467 -35.05 45.62 55.13
CA TYR D 467 -34.84 46.90 55.81
C TYR D 467 -35.82 47.89 55.17
N THR D 468 -37.02 47.96 55.75
CA THR D 468 -38.06 48.85 55.23
C THR D 468 -37.64 50.31 55.33
N LYS D 469 -37.60 50.98 54.19
CA LYS D 469 -37.20 52.39 54.13
C LYS D 469 -38.29 53.28 54.70
N ILE D 470 -37.91 54.15 55.64
CA ILE D 470 -38.86 55.09 56.24
C ILE D 470 -38.88 56.38 55.41
N VAL D 471 -37.76 57.10 55.40
CA VAL D 471 -37.64 58.36 54.66
C VAL D 471 -36.32 58.36 53.90
N GLU D 472 -36.38 58.77 52.64
CA GLU D 472 -35.23 58.85 51.75
C GLU D 472 -34.92 60.30 51.39
N ILE D 473 -33.68 60.51 50.97
CA ILE D 473 -33.16 61.80 50.54
C ILE D 473 -32.33 61.50 49.30
N PRO D 474 -32.83 61.81 48.10
CA PRO D 474 -32.07 61.53 46.86
C PRO D 474 -30.84 62.42 46.71
N PHE D 475 -30.11 62.24 45.61
CA PHE D 475 -28.90 63.04 45.38
C PHE D 475 -29.25 64.49 45.11
N ASN D 476 -28.47 65.39 45.70
CA ASN D 476 -28.66 66.83 45.58
C ASN D 476 -27.79 67.42 44.48
N SER D 477 -28.24 68.54 43.91
CA SER D 477 -27.50 69.21 42.84
C SER D 477 -26.16 69.74 43.33
N THR D 478 -26.14 70.40 44.50
CA THR D 478 -24.93 70.92 45.10
C THR D 478 -24.75 70.19 46.43
N ASN D 479 -23.49 70.00 46.84
CA ASN D 479 -23.15 69.24 48.04
C ASN D 479 -23.84 67.88 47.95
N LYS D 480 -23.48 67.14 46.90
CA LYS D 480 -24.09 65.86 46.60
C LYS D 480 -23.96 64.85 47.74
N TYR D 481 -25.05 64.13 47.95
CA TYR D 481 -25.19 63.11 48.98
C TYR D 481 -26.53 62.42 48.75
N GLN D 482 -26.58 61.14 49.11
CA GLN D 482 -27.81 60.36 48.97
C GLN D 482 -27.93 59.53 50.25
N LEU D 483 -28.99 59.77 51.02
CA LEU D 483 -29.17 59.06 52.28
C LEU D 483 -30.59 58.53 52.42
N SER D 484 -30.78 57.71 53.45
CA SER D 484 -32.09 57.13 53.75
C SER D 484 -32.03 56.40 55.08
N ILE D 485 -33.19 56.29 55.73
CA ILE D 485 -33.30 55.60 57.01
C ILE D 485 -34.13 54.35 56.83
N HIS D 486 -33.70 53.25 57.44
CA HIS D 486 -34.36 51.96 57.33
C HIS D 486 -34.54 51.31 58.70
N LYS D 487 -35.48 50.37 58.75
CA LYS D 487 -35.73 49.60 59.96
C LYS D 487 -34.76 48.43 60.02
N ASN D 488 -34.35 48.06 61.22
CA ASN D 488 -33.40 46.97 61.42
C ASN D 488 -34.09 45.74 61.99
N PRO D 489 -34.18 44.63 61.24
CA PRO D 489 -34.85 43.42 61.76
C PRO D 489 -33.91 42.45 62.46
N ASN D 490 -32.70 42.90 62.81
CA ASN D 490 -31.75 42.04 63.50
C ASN D 490 -32.33 41.63 64.85
N THR D 491 -32.00 40.43 65.29
CA THR D 491 -32.49 39.92 66.56
C THR D 491 -31.60 40.34 67.72
N ALA D 492 -30.93 41.49 67.59
CA ALA D 492 -30.05 42.00 68.65
C ALA D 492 -30.19 43.49 68.94
N GLU D 493 -30.57 44.33 67.97
CA GLU D 493 -30.69 45.77 68.19
C GLU D 493 -31.88 46.35 67.44
N PRO D 494 -32.85 46.95 68.14
CA PRO D 494 -34.02 47.53 67.46
C PRO D 494 -33.83 48.96 66.96
N ARG D 495 -32.63 49.50 67.06
CA ARG D 495 -32.36 50.87 66.64
C ARG D 495 -32.46 51.01 65.12
N HIS D 496 -32.80 52.23 64.68
CA HIS D 496 -32.91 52.52 63.27
C HIS D 496 -31.54 52.53 62.61
N LEU D 497 -31.49 52.23 61.31
CA LEU D 497 -30.24 52.18 60.55
C LEU D 497 -30.24 53.30 59.51
N LEU D 498 -29.33 54.26 59.66
CA LEU D 498 -29.20 55.38 58.73
C LEU D 498 -28.04 55.08 57.79
N VAL D 499 -28.27 55.24 56.48
CA VAL D 499 -27.23 54.97 55.49
C VAL D 499 -27.10 56.18 54.56
N MET D 500 -25.88 56.40 54.07
CA MET D 500 -25.60 57.52 53.18
C MET D 500 -24.39 57.20 52.30
N LYS D 501 -24.37 57.82 51.11
CA LYS D 501 -23.29 57.67 50.16
C LYS D 501 -23.06 59.03 49.49
N GLY D 502 -21.87 59.19 48.93
CA GLY D 502 -21.56 60.44 48.26
C GLY D 502 -20.09 60.53 47.89
N ALA D 503 -19.72 61.70 47.39
CA ALA D 503 -18.33 61.92 47.03
C ALA D 503 -17.46 61.87 48.28
N PRO D 504 -16.22 61.36 48.17
CA PRO D 504 -15.35 61.27 49.36
C PRO D 504 -15.10 62.60 50.04
N GLU D 505 -14.91 63.68 49.26
CA GLU D 505 -14.71 64.99 49.87
C GLU D 505 -15.97 65.50 50.54
N ARG D 506 -17.14 64.99 50.13
CA ARG D 506 -18.40 65.38 50.73
C ARG D 506 -18.75 64.52 51.95
N ILE D 507 -18.29 63.27 51.97
CA ILE D 507 -18.55 62.41 53.12
C ILE D 507 -17.55 62.73 54.22
N LEU D 508 -16.35 63.21 53.86
CA LEU D 508 -15.35 63.58 54.86
C LEU D 508 -15.85 64.73 55.73
N ASP D 509 -16.74 65.56 55.18
CA ASP D 509 -17.31 66.69 55.90
C ASP D 509 -18.46 66.28 56.81
N ARG D 510 -19.03 65.09 56.62
CA ARG D 510 -20.17 64.64 57.41
C ARG D 510 -19.93 63.29 58.09
N CYS D 511 -18.75 63.09 58.69
CA CYS D 511 -18.46 61.84 59.38
C CYS D 511 -17.42 62.05 60.46
N SER D 512 -17.48 61.22 61.51
CA SER D 512 -16.51 61.24 62.60
C SER D 512 -16.13 59.87 63.14
N SER D 513 -16.97 58.84 62.97
CA SER D 513 -16.67 57.50 63.42
C SER D 513 -16.20 56.67 62.22
N ILE D 514 -15.38 55.66 62.50
CA ILE D 514 -14.79 54.80 61.48
C ILE D 514 -15.03 53.35 61.88
N LEU D 515 -15.52 52.54 60.93
CA LEU D 515 -15.79 51.12 61.16
C LEU D 515 -14.53 50.33 60.83
N ILE D 516 -14.15 49.43 61.72
CA ILE D 516 -12.97 48.58 61.55
C ILE D 516 -13.31 47.20 62.09
N HIS D 517 -13.41 46.21 61.20
CA HIS D 517 -13.71 44.80 61.50
C HIS D 517 -14.95 44.64 62.39
N GLY D 518 -15.77 45.68 62.52
CA GLY D 518 -16.96 45.60 63.35
C GLY D 518 -17.11 46.70 64.39
N LYS D 519 -16.02 47.14 65.01
CA LYS D 519 -16.10 48.16 66.05
C LYS D 519 -15.75 49.54 65.50
N GLU D 520 -16.15 50.57 66.24
CA GLU D 520 -15.92 51.95 65.82
C GLU D 520 -14.70 52.58 66.49
N GLN D 521 -14.16 53.58 65.82
CA GLN D 521 -13.00 54.34 66.26
C GLN D 521 -13.17 55.79 65.83
N PRO D 522 -12.47 56.72 66.46
CA PRO D 522 -12.59 58.13 66.05
C PRO D 522 -11.92 58.38 64.71
N LEU D 523 -12.08 59.61 64.21
CA LEU D 523 -11.49 60.01 62.94
C LEU D 523 -10.01 60.39 63.10
N ASP D 524 -9.24 59.43 63.59
CA ASP D 524 -7.80 59.65 63.79
C ASP D 524 -7.16 59.92 62.43
N GLU D 525 -6.35 60.99 62.38
CA GLU D 525 -5.71 61.37 61.14
C GLU D 525 -4.69 60.34 60.66
N GLU D 526 -4.21 59.47 61.55
CA GLU D 526 -3.24 58.45 61.15
C GLU D 526 -3.84 57.50 60.12
N LEU D 527 -5.14 57.22 60.24
CA LEU D 527 -5.84 56.38 59.27
C LEU D 527 -6.68 57.20 58.30
N LYS D 528 -7.04 58.44 58.67
CA LYS D 528 -7.79 59.30 57.77
C LYS D 528 -6.91 59.71 56.59
N ASP D 529 -5.64 60.04 56.84
CA ASP D 529 -4.75 60.37 55.73
C ASP D 529 -4.55 59.15 54.84
N ALA D 530 -4.59 57.95 55.44
CA ALA D 530 -4.49 56.74 54.64
C ALA D 530 -5.72 56.63 53.75
N PHE D 531 -6.88 57.03 54.27
CA PHE D 531 -8.09 57.06 53.46
C PHE D 531 -7.92 58.03 52.30
N GLN D 532 -7.30 59.18 52.56
CA GLN D 532 -7.07 60.18 51.52
C GLN D 532 -6.14 59.65 50.44
N ASN D 533 -5.05 58.99 50.84
CA ASN D 533 -4.12 58.46 49.83
C ASN D 533 -4.74 57.29 49.08
N ALA D 534 -5.61 56.50 49.72
CA ALA D 534 -6.27 55.42 49.00
C ALA D 534 -7.25 56.01 48.00
N TYR D 535 -7.93 57.10 48.39
CA TYR D 535 -8.83 57.80 47.49
C TYR D 535 -8.05 58.33 46.29
N LEU D 536 -6.84 58.83 46.53
CA LEU D 536 -6.02 59.33 45.43
C LEU D 536 -5.52 58.18 44.56
N GLU D 537 -5.40 56.98 45.15
CA GLU D 537 -5.00 55.81 44.37
C GLU D 537 -6.11 55.44 43.38
N LEU D 538 -7.35 55.38 43.88
CA LEU D 538 -8.48 55.04 43.03
C LEU D 538 -8.81 56.15 42.03
N GLY D 539 -8.74 57.42 42.47
CA GLY D 539 -9.03 58.53 41.57
C GLY D 539 -7.97 58.72 40.50
N GLY D 540 -6.69 58.64 40.89
CA GLY D 540 -5.61 58.75 39.93
C GLY D 540 -5.52 57.56 38.99
N LEU D 541 -6.31 56.53 39.26
CA LEU D 541 -6.38 55.32 38.46
C LEU D 541 -7.43 55.44 37.36
N GLY D 542 -8.01 56.62 37.17
CA GLY D 542 -9.02 56.81 36.16
C GLY D 542 -10.37 56.27 36.55
N GLU D 543 -10.66 56.18 37.84
CA GLU D 543 -11.92 55.66 38.34
C GLU D 543 -12.71 56.73 39.07
N ARG D 544 -13.99 56.46 39.29
CA ARG D 544 -14.91 57.34 39.99
C ARG D 544 -15.18 56.70 41.34
N VAL D 545 -14.83 57.41 42.41
CA VAL D 545 -14.93 56.90 43.78
C VAL D 545 -16.18 57.43 44.48
N LEU D 546 -16.77 56.58 45.32
CA LEU D 546 -17.96 56.92 46.11
C LEU D 546 -17.80 56.35 47.51
N GLY D 547 -17.94 57.20 48.51
CA GLY D 547 -17.83 56.79 49.90
C GLY D 547 -19.19 56.39 50.46
N PHE D 548 -19.17 55.33 51.28
CA PHE D 548 -20.35 54.75 51.90
C PHE D 548 -20.22 54.74 53.41
N CYS D 549 -21.23 55.29 54.10
CA CYS D 549 -21.22 55.36 55.56
C CYS D 549 -22.61 55.05 56.09
N HIS D 550 -22.65 54.71 57.38
CA HIS D 550 -23.91 54.40 58.06
C HIS D 550 -23.74 54.68 59.55
N LEU D 551 -24.86 54.72 60.26
CA LEU D 551 -24.85 54.96 61.69
C LEU D 551 -26.14 54.47 62.31
N PHE D 552 -26.04 53.99 63.53
CA PHE D 552 -27.20 53.49 64.26
C PHE D 552 -27.84 54.66 64.99
N LEU D 553 -29.13 54.91 64.72
CA LEU D 553 -29.77 56.02 65.40
C LEU D 553 -30.23 55.59 66.79
N PRO D 554 -30.08 56.45 67.80
CA PRO D 554 -30.50 56.08 69.16
C PRO D 554 -32.00 55.90 69.27
N ASP D 555 -32.47 54.66 69.43
CA ASP D 555 -33.90 54.41 69.54
C ASP D 555 -34.51 55.02 70.79
N GLU D 556 -33.69 55.44 71.75
CA GLU D 556 -34.19 56.09 72.94
C GLU D 556 -34.60 57.53 72.64
N GLN D 557 -33.91 58.18 71.71
CA GLN D 557 -34.23 59.53 71.29
C GLN D 557 -35.14 59.55 70.05
N PHE D 558 -35.27 58.41 69.37
CA PHE D 558 -36.12 58.26 68.19
C PHE D 558 -36.78 56.90 68.31
N PRO D 559 -37.97 56.83 68.92
CA PRO D 559 -38.64 55.54 69.11
C PRO D 559 -39.04 54.88 67.79
N GLU D 560 -39.48 53.63 67.91
CA GLU D 560 -39.88 52.81 66.77
C GLU D 560 -41.18 53.27 66.12
N GLY D 561 -41.80 54.33 66.61
CA GLY D 561 -43.02 54.84 66.03
C GLY D 561 -42.83 56.23 65.46
N PHE D 562 -41.70 56.86 65.76
CA PHE D 562 -41.42 58.20 65.28
C PHE D 562 -41.17 58.17 63.78
N GLN D 563 -41.74 59.15 63.08
CA GLN D 563 -41.59 59.29 61.64
C GLN D 563 -40.69 60.49 61.40
N PHE D 564 -39.59 60.24 60.70
CA PHE D 564 -38.56 61.26 60.42
C PHE D 564 -38.93 62.04 59.15
N ASP D 565 -39.97 62.86 59.28
CA ASP D 565 -40.45 63.66 58.15
C ASP D 565 -39.32 64.53 57.62
N THR D 566 -39.09 64.44 56.31
CA THR D 566 -37.98 65.14 55.64
C THR D 566 -38.18 66.65 55.53
N ASP D 567 -37.89 67.37 56.62
CA ASP D 567 -37.95 68.83 56.59
C ASP D 567 -36.83 69.49 57.39
N ASP D 568 -36.59 68.99 58.61
CA ASP D 568 -35.59 69.51 59.53
C ASP D 568 -34.55 68.43 59.87
N VAL D 569 -33.67 68.77 60.82
CA VAL D 569 -32.59 67.88 61.25
C VAL D 569 -33.11 66.74 62.13
N ASN D 570 -33.37 65.59 61.51
CA ASN D 570 -33.81 64.40 62.23
C ASN D 570 -32.76 63.29 62.22
N PHE D 571 -31.67 63.46 61.45
CA PHE D 571 -30.59 62.49 61.35
C PHE D 571 -29.26 63.20 61.61
N PRO D 572 -28.37 62.62 62.42
CA PRO D 572 -27.08 63.27 62.65
C PRO D 572 -26.25 63.24 61.38
N LEU D 573 -26.17 64.37 60.66
CA LEU D 573 -25.38 64.41 59.43
C LEU D 573 -23.92 64.13 59.72
N ASP D 574 -23.41 64.64 60.84
CA ASP D 574 -22.04 64.42 61.24
C ASP D 574 -22.01 63.22 62.19
N ASN D 575 -20.82 62.87 62.65
CA ASN D 575 -20.59 61.77 63.59
C ASN D 575 -21.04 60.41 63.04
N LEU D 576 -21.16 60.28 61.73
CA LEU D 576 -21.54 59.01 61.13
C LEU D 576 -20.36 58.05 61.16
N CYS D 577 -20.64 56.78 60.85
CA CYS D 577 -19.65 55.71 60.84
C CYS D 577 -19.34 55.34 59.39
N PHE D 578 -18.19 55.79 58.89
CA PHE D 578 -17.77 55.48 57.53
C PHE D 578 -17.30 54.03 57.44
N VAL D 579 -17.69 53.32 56.39
CA VAL D 579 -17.31 51.92 56.21
C VAL D 579 -16.23 51.77 55.15
N GLY D 580 -16.46 52.31 53.96
CA GLY D 580 -15.45 52.19 52.93
C GLY D 580 -15.87 52.83 51.63
N LEU D 581 -14.85 53.07 50.81
CA LEU D 581 -15.05 53.67 49.49
C LEU D 581 -15.35 52.56 48.49
N ILE D 582 -16.05 52.91 47.41
CA ILE D 582 -16.39 51.95 46.36
C ILE D 582 -16.20 52.66 45.03
N SER D 583 -15.14 52.30 44.30
CA SER D 583 -14.86 52.91 43.01
C SER D 583 -15.48 52.06 41.90
N MET D 584 -15.47 52.62 40.69
CA MET D 584 -16.05 51.94 39.54
C MET D 584 -15.55 52.57 38.26
N ILE D 585 -15.49 51.75 37.21
CA ILE D 585 -15.02 52.17 35.89
C ILE D 585 -15.38 51.08 34.87
N ASP D 586 -15.28 51.40 33.57
CA ASP D 586 -15.55 50.41 32.53
C ASP D 586 -14.29 49.54 32.43
N PRO D 587 -14.38 48.27 32.78
CA PRO D 587 -13.20 47.41 32.75
C PRO D 587 -13.00 46.77 31.39
N PRO D 588 -11.77 46.35 31.08
CA PRO D 588 -11.51 45.69 29.81
C PRO D 588 -12.22 44.34 29.76
N ARG D 589 -12.44 43.84 28.54
CA ARG D 589 -13.11 42.55 28.40
C ARG D 589 -12.23 41.44 28.98
N ALA D 590 -12.84 40.26 29.15
CA ALA D 590 -12.17 39.11 29.75
C ALA D 590 -10.87 38.72 29.08
N ALA D 591 -10.93 38.28 27.83
CA ALA D 591 -9.73 37.86 27.11
C ALA D 591 -8.93 39.01 26.52
N VAL D 592 -9.29 40.26 26.83
CA VAL D 592 -8.55 41.39 26.25
C VAL D 592 -7.11 41.46 26.71
N PRO D 593 -6.76 41.41 28.05
CA PRO D 593 -5.35 41.49 28.44
C PRO D 593 -4.47 40.44 27.79
N ASP D 594 -4.87 39.17 27.96
CA ASP D 594 -4.14 38.05 27.38
C ASP D 594 -3.94 38.24 25.89
N ALA D 595 -5.02 38.55 25.15
CA ALA D 595 -4.95 38.76 23.71
C ALA D 595 -3.95 39.86 23.33
N VAL D 596 -3.99 40.99 24.05
CA VAL D 596 -3.05 42.08 23.76
C VAL D 596 -1.62 41.58 23.92
N GLY D 597 -1.37 40.83 25.01
CA GLY D 597 -0.05 40.27 25.21
C GLY D 597 0.37 39.37 24.06
N LYS D 598 -0.56 38.54 23.57
CA LYS D 598 -0.27 37.65 22.45
C LYS D 598 0.13 38.44 21.21
N CYS D 599 -0.61 39.52 20.91
CA CYS D 599 -0.28 40.33 19.73
C CYS D 599 1.08 40.99 19.90
N ARG D 600 1.44 41.38 21.12
CA ARG D 600 2.76 41.96 21.31
C ARG D 600 3.83 40.87 21.19
N SER D 601 3.45 39.62 21.50
CA SER D 601 4.38 38.51 21.39
C SER D 601 4.69 38.21 19.93
N ALA D 602 3.68 38.37 19.06
CA ALA D 602 3.84 38.16 17.64
C ALA D 602 4.61 39.29 16.97
N GLY D 603 4.93 40.34 17.71
CA GLY D 603 5.67 41.47 17.16
C GLY D 603 4.78 42.52 16.54
N ILE D 604 3.53 42.64 17.01
CA ILE D 604 2.58 43.59 16.48
C ILE D 604 2.47 44.78 17.44
N LYS D 605 2.53 45.98 16.88
CA LYS D 605 2.45 47.21 17.67
C LYS D 605 1.00 47.51 17.98
N VAL D 606 0.65 47.42 19.26
CA VAL D 606 -0.72 47.68 19.71
C VAL D 606 -0.80 49.17 20.03
N ILE D 607 -1.55 49.91 19.22
CA ILE D 607 -1.72 51.35 19.39
C ILE D 607 -3.15 51.63 19.76
N MET D 608 -3.35 52.30 20.89
CA MET D 608 -4.70 52.64 21.32
C MET D 608 -5.15 53.90 20.61
N VAL D 609 -6.35 53.85 20.03
CA VAL D 609 -6.95 54.99 19.32
C VAL D 609 -8.37 55.13 19.85
N THR D 610 -8.63 56.23 20.55
CA THR D 610 -9.95 56.47 21.13
C THR D 610 -10.12 57.96 21.37
N GLY D 611 -11.38 58.36 21.58
CA GLY D 611 -11.70 59.75 21.84
C GLY D 611 -12.11 59.98 23.29
N ASP D 612 -11.67 59.08 24.17
CA ASP D 612 -11.95 59.11 25.59
C ASP D 612 -10.97 60.04 26.32
N HIS D 613 -11.26 60.29 27.60
CA HIS D 613 -10.41 61.16 28.41
C HIS D 613 -9.04 60.50 28.62
N PRO D 614 -7.96 61.29 28.63
CA PRO D 614 -6.62 60.69 28.80
C PRO D 614 -6.41 60.04 30.15
N ILE D 615 -7.00 60.59 31.21
CA ILE D 615 -6.83 60.06 32.56
C ILE D 615 -7.36 58.64 32.66
N THR D 616 -8.38 58.29 31.87
CA THR D 616 -8.94 56.95 31.88
C THR D 616 -8.30 56.06 30.82
N ALA D 617 -8.00 56.63 29.65
CA ALA D 617 -7.39 55.86 28.58
C ALA D 617 -6.01 55.34 28.97
N LYS D 618 -5.22 56.17 29.66
CA LYS D 618 -3.90 55.73 30.09
C LYS D 618 -4.00 54.55 31.05
N ALA D 619 -4.92 54.62 32.02
CA ALA D 619 -5.09 53.55 32.97
C ALA D 619 -5.56 52.26 32.29
N ILE D 620 -6.50 52.37 31.35
CA ILE D 620 -6.97 51.19 30.63
C ILE D 620 -5.83 50.58 29.82
N ALA D 621 -5.00 51.44 29.21
CA ALA D 621 -3.86 50.95 28.44
C ALA D 621 -2.89 50.19 29.33
N LYS D 622 -2.67 50.68 30.56
CA LYS D 622 -1.80 49.96 31.48
C LYS D 622 -2.43 48.65 31.92
N GLY D 623 -3.76 48.60 31.98
CA GLY D 623 -4.46 47.40 32.41
C GLY D 623 -4.67 46.33 31.35
N VAL D 624 -4.45 46.67 30.08
CA VAL D 624 -4.60 45.69 29.01
C VAL D 624 -3.26 45.23 28.45
N GLY D 625 -2.22 46.05 28.54
CA GLY D 625 -0.91 45.70 28.02
C GLY D 625 -0.39 46.65 26.95
N ILE D 626 -1.15 47.68 26.55
CA ILE D 626 -0.64 48.62 25.54
C ILE D 626 0.49 49.43 26.14
N ILE D 627 0.42 49.71 27.44
CA ILE D 627 1.46 50.44 28.16
C ILE D 627 2.03 49.48 29.19
N SER D 628 3.31 49.17 29.06
CA SER D 628 3.98 48.26 29.97
C SER D 628 4.18 48.91 31.34
N GLU D 629 4.11 48.07 32.37
CA GLU D 629 4.32 48.54 33.73
C GLU D 629 5.81 48.84 33.90
N GLY D 630 6.14 50.12 33.95
CA GLY D 630 7.52 50.54 34.09
C GLY D 630 7.84 51.68 33.15
N ASN D 631 7.26 51.69 31.96
CA ASN D 631 7.49 52.78 31.03
C ASN D 631 6.75 54.03 31.49
N GLU D 632 7.34 55.18 31.21
CA GLU D 632 6.78 56.46 31.59
C GLU D 632 6.56 57.31 30.35
N THR D 633 5.54 58.18 30.42
CA THR D 633 5.20 59.08 29.33
C THR D 633 6.09 60.32 29.40
N VAL D 634 5.89 61.24 28.44
CA VAL D 634 6.67 62.47 28.44
C VAL D 634 6.34 63.30 29.66
N GLU D 635 5.12 63.17 30.18
CA GLU D 635 4.67 63.89 31.37
C GLU D 635 5.06 63.20 32.67
N ASP D 636 5.11 61.86 32.68
CA ASP D 636 5.44 61.13 33.90
C ASP D 636 6.87 61.39 34.36
N ILE D 637 7.81 61.50 33.43
CA ILE D 637 9.19 61.78 33.82
C ILE D 637 9.27 63.15 34.49
N ALA D 638 8.61 64.15 33.89
CA ALA D 638 8.60 65.49 34.45
C ALA D 638 7.92 65.51 35.81
N ALA D 639 6.84 64.74 35.97
CA ALA D 639 6.15 64.69 37.26
C ALA D 639 7.03 64.03 38.32
N ARG D 640 7.76 62.98 37.94
CA ARG D 640 8.64 62.31 38.89
C ARG D 640 9.82 63.18 39.28
N LEU D 641 10.29 64.03 38.37
CA LEU D 641 11.40 64.93 38.63
C LEU D 641 10.98 66.30 39.14
N ASN D 642 9.66 66.57 39.24
CA ASN D 642 9.12 67.86 39.70
C ASN D 642 9.62 69.01 38.83
N ILE D 643 9.81 68.76 37.55
CA ILE D 643 10.32 69.75 36.61
C ILE D 643 9.26 69.94 35.52
N PRO D 644 9.31 71.07 34.79
CA PRO D 644 8.35 71.28 33.71
C PRO D 644 8.52 70.22 32.63
N VAL D 645 7.43 69.93 31.94
CA VAL D 645 7.45 68.91 30.90
C VAL D 645 8.25 69.35 29.68
N SER D 646 8.50 70.65 29.52
CA SER D 646 9.25 71.17 28.38
C SER D 646 10.74 70.89 28.45
N GLN D 647 11.25 70.40 29.57
CA GLN D 647 12.67 70.14 29.72
C GLN D 647 13.12 68.75 29.30
N VAL D 648 12.37 67.71 29.66
CA VAL D 648 12.75 66.34 29.34
C VAL D 648 12.80 66.09 27.84
N ASN D 649 13.53 65.02 27.47
CA ASN D 649 13.74 64.57 26.09
C ASN D 649 12.76 63.45 25.78
N PRO D 650 12.01 63.54 24.67
CA PRO D 650 11.07 62.46 24.34
C PRO D 650 11.73 61.12 24.10
N ARG D 651 13.03 61.09 23.81
CA ARG D 651 13.71 59.82 23.60
C ARG D 651 13.83 59.04 24.90
N ASP D 652 13.75 59.72 26.05
CA ASP D 652 13.80 59.07 27.36
C ASP D 652 12.50 58.38 27.71
N ALA D 653 11.41 58.69 27.00
CA ALA D 653 10.10 58.10 27.26
C ALA D 653 9.75 57.13 26.13
N LYS D 654 9.71 55.84 26.44
CA LYS D 654 9.37 54.84 25.43
C LYS D 654 7.88 54.87 25.09
N ALA D 655 7.05 55.47 25.93
CA ALA D 655 5.62 55.57 25.70
C ALA D 655 5.18 57.03 25.73
N CYS D 656 4.07 57.31 25.05
CA CYS D 656 3.58 58.69 25.04
C CYS D 656 2.07 58.72 24.76
N VAL D 657 1.44 59.74 25.34
CA VAL D 657 0.01 59.99 25.19
C VAL D 657 -0.15 61.19 24.27
N VAL D 658 -1.01 61.06 23.26
CA VAL D 658 -1.24 62.12 22.28
C VAL D 658 -2.66 62.62 22.44
N HIS D 659 -2.81 63.87 22.87
CA HIS D 659 -4.13 64.47 23.02
C HIS D 659 -4.62 64.95 21.67
N GLY D 660 -5.92 64.76 21.42
CA GLY D 660 -6.49 65.20 20.16
C GLY D 660 -6.41 66.70 19.99
N SER D 661 -6.47 67.45 21.10
CA SER D 661 -6.35 68.91 21.05
C SER D 661 -5.03 69.31 20.41
N ASP D 662 -3.97 68.56 20.68
CA ASP D 662 -2.68 68.84 20.09
C ASP D 662 -2.56 68.17 18.73
N LEU D 663 -3.30 67.08 18.53
CA LEU D 663 -3.26 66.35 17.27
C LEU D 663 -3.80 67.19 16.12
N LYS D 664 -4.77 68.07 16.38
CA LYS D 664 -5.32 68.90 15.31
C LYS D 664 -4.26 69.84 14.74
N ASP D 665 -3.35 70.32 15.57
CA ASP D 665 -2.28 71.23 15.13
C ASP D 665 -1.00 70.44 14.86
N MET D 666 -1.10 69.44 13.99
CA MET D 666 0.04 68.58 13.66
C MET D 666 0.17 68.38 12.16
N THR D 667 1.37 67.98 11.76
CA THR D 667 1.70 67.69 10.37
C THR D 667 1.93 66.20 10.21
N SER D 668 2.14 65.77 8.96
CA SER D 668 2.37 64.35 8.71
C SER D 668 3.72 63.91 9.26
N GLU D 669 4.76 64.74 9.05
CA GLU D 669 6.10 64.42 9.52
C GLU D 669 6.16 64.28 11.04
N GLN D 670 5.47 65.18 11.76
CA GLN D 670 5.46 65.09 13.22
C GLN D 670 4.86 63.77 13.67
N LEU D 671 3.77 63.35 13.01
CA LEU D 671 3.14 62.08 13.34
C LEU D 671 4.09 60.92 13.05
N ASP D 672 4.80 61.00 11.92
CA ASP D 672 5.78 59.97 11.57
C ASP D 672 6.81 59.83 12.67
N ASP D 673 7.34 60.97 13.15
CA ASP D 673 8.32 60.94 14.24
C ASP D 673 7.71 60.32 15.49
N ILE D 674 6.46 60.68 15.82
CA ILE D 674 5.80 60.13 17.00
C ILE D 674 5.73 58.60 16.91
N LEU D 675 5.39 58.08 15.74
CA LEU D 675 5.29 56.64 15.59
C LEU D 675 6.67 55.96 15.61
N LYS D 676 7.66 56.58 14.96
CA LYS D 676 8.99 55.98 14.87
C LYS D 676 9.75 55.99 16.19
N TYR D 677 9.58 57.02 17.00
CA TYR D 677 10.35 57.12 18.25
C TYR D 677 9.59 56.68 19.50
N HIS D 678 8.32 56.31 19.39
CA HIS D 678 7.54 55.87 20.54
C HIS D 678 6.92 54.51 20.22
N THR D 679 7.27 53.50 21.01
CA THR D 679 6.78 52.14 20.79
C THR D 679 5.39 51.90 21.37
N GLU D 680 5.02 52.61 22.42
CA GLU D 680 3.71 52.47 23.05
C GLU D 680 3.04 53.83 22.97
N ILE D 681 2.06 53.94 22.07
CA ILE D 681 1.36 55.19 21.82
C ILE D 681 -0.10 55.03 22.21
N VAL D 682 -0.66 56.07 22.83
CA VAL D 682 -2.06 56.08 23.24
C VAL D 682 -2.68 57.37 22.71
N PHE D 683 -3.47 57.25 21.65
CA PHE D 683 -4.15 58.40 21.05
C PHE D 683 -5.47 58.59 21.80
N ALA D 684 -5.58 59.69 22.54
CA ALA D 684 -6.78 59.98 23.30
C ALA D 684 -7.43 61.27 22.81
N ARG D 685 -8.74 61.36 23.03
CA ARG D 685 -9.55 62.51 22.63
C ARG D 685 -9.45 62.80 21.14
N THR D 686 -9.29 61.76 20.32
CA THR D 686 -9.19 61.92 18.88
C THR D 686 -10.56 61.84 18.23
N SER D 687 -10.87 62.82 17.38
CA SER D 687 -12.14 62.83 16.69
C SER D 687 -12.16 61.68 15.68
N PRO D 688 -13.33 61.28 15.18
CA PRO D 688 -13.37 60.18 14.19
C PRO D 688 -12.49 60.43 12.98
N GLN D 689 -12.57 61.66 12.42
CA GLN D 689 -11.71 62.01 11.29
C GLN D 689 -10.25 61.87 11.69
N GLN D 690 -9.92 62.25 12.92
CA GLN D 690 -8.55 62.12 13.41
C GLN D 690 -8.18 60.65 13.56
N LYS D 691 -9.16 59.78 13.87
CA LYS D 691 -8.88 58.34 13.92
C LYS D 691 -8.43 57.88 12.55
N LEU D 692 -9.17 58.32 11.52
CA LEU D 692 -8.79 57.99 10.15
C LEU D 692 -7.39 58.50 9.84
N ILE D 693 -7.06 59.70 10.33
CA ILE D 693 -5.73 60.27 10.10
C ILE D 693 -4.66 59.41 10.77
N ILE D 694 -4.97 58.88 11.95
CA ILE D 694 -4.02 58.01 12.65
C ILE D 694 -3.78 56.75 11.83
N VAL D 695 -4.85 56.17 11.31
CA VAL D 695 -4.74 54.96 10.49
C VAL D 695 -3.91 55.24 9.25
N GLU D 696 -4.16 56.38 8.59
CA GLU D 696 -3.40 56.74 7.40
C GLU D 696 -1.93 56.95 7.73
N GLY D 697 -1.65 57.55 8.90
CA GLY D 697 -0.27 57.74 9.30
C GLY D 697 0.46 56.43 9.51
N CYS D 698 -0.25 55.44 10.11
CA CYS D 698 0.37 54.14 10.29
C CYS D 698 0.56 53.43 8.95
N GLN D 699 -0.33 53.73 7.98
CA GLN D 699 -0.21 53.11 6.66
C GLN D 699 0.92 53.74 5.85
N ARG D 700 1.28 54.99 6.15
CA ARG D 700 2.39 55.63 5.44
C ARG D 700 3.69 54.91 5.73
N GLN D 701 3.77 54.22 6.87
CA GLN D 701 4.96 53.47 7.26
C GLN D 701 5.21 52.28 6.35
N GLY D 702 4.25 51.93 5.50
CA GLY D 702 4.38 50.79 4.63
C GLY D 702 4.02 49.49 5.30
N ALA D 703 3.45 49.55 6.50
CA ALA D 703 3.06 48.38 7.26
C ALA D 703 1.57 48.10 7.11
N ILE D 704 1.19 46.88 7.48
CA ILE D 704 -0.20 46.45 7.42
C ILE D 704 -0.85 46.85 8.74
N VAL D 705 -1.95 47.58 8.64
CA VAL D 705 -2.67 48.09 9.82
C VAL D 705 -4.05 47.45 9.91
N ALA D 706 -4.44 47.09 11.13
CA ALA D 706 -5.74 46.52 11.42
C ALA D 706 -6.39 47.38 12.49
N VAL D 707 -7.65 47.74 12.29
CA VAL D 707 -8.35 48.59 13.24
C VAL D 707 -9.53 47.83 13.81
N THR D 708 -9.59 47.74 15.13
CA THR D 708 -10.67 47.05 15.83
C THR D 708 -11.49 48.09 16.58
N GLY D 709 -12.73 48.33 16.12
CA GLY D 709 -13.59 49.31 16.76
C GLY D 709 -15.04 48.88 16.88
N ASP D 710 -15.87 49.75 17.47
CA ASP D 710 -17.28 49.46 17.63
C ASP D 710 -18.21 50.66 17.38
N GLY D 711 -17.82 51.82 17.90
CA GLY D 711 -18.63 53.01 17.75
C GLY D 711 -18.65 53.54 16.34
N VAL D 712 -19.44 54.59 16.14
CA VAL D 712 -19.53 55.19 14.80
C VAL D 712 -18.22 55.89 14.46
N ASN D 713 -17.45 56.33 15.46
CA ASN D 713 -16.17 56.98 15.19
C ASN D 713 -15.19 56.02 14.54
N ASP D 714 -15.35 54.72 14.79
CA ASP D 714 -14.50 53.69 14.22
C ASP D 714 -14.91 53.30 12.81
N SER D 715 -15.92 53.97 12.23
CA SER D 715 -16.33 53.64 10.86
C SER D 715 -15.26 54.04 9.84
N PRO D 716 -14.74 55.30 9.82
CA PRO D 716 -13.71 55.62 8.82
C PRO D 716 -12.42 54.87 9.06
N ALA D 717 -12.05 54.70 10.33
CA ALA D 717 -10.83 53.99 10.68
C ALA D 717 -10.90 52.53 10.25
N SER D 718 -12.07 51.89 10.36
CA SER D 718 -12.20 50.50 9.95
C SER D 718 -12.32 50.37 8.43
N LYS D 719 -12.84 51.38 7.75
CA LYS D 719 -12.98 51.29 6.29
C LYS D 719 -11.65 51.48 5.57
N LYS D 720 -10.88 52.50 5.94
CA LYS D 720 -9.61 52.73 5.24
C LYS D 720 -8.53 51.72 5.62
N ALA D 721 -8.59 51.15 6.81
CA ALA D 721 -7.58 50.18 7.23
C ALA D 721 -7.57 48.95 6.34
N ASP D 722 -6.44 48.24 6.33
CA ASP D 722 -6.34 47.03 5.53
C ASP D 722 -7.38 46.01 5.96
N ILE D 723 -7.82 46.07 7.22
CA ILE D 723 -8.87 45.21 7.74
C ILE D 723 -9.52 45.86 8.96
N GLY D 724 -10.84 45.96 8.91
CA GLY D 724 -11.63 46.51 10.00
C GLY D 724 -12.24 45.35 10.77
N VAL D 725 -12.10 45.40 12.08
CA VAL D 725 -12.62 44.37 12.97
C VAL D 725 -13.68 45.05 13.81
N ALA D 726 -14.93 44.64 13.64
CA ALA D 726 -16.03 45.22 14.38
C ALA D 726 -16.64 44.21 15.33
N MET D 727 -17.32 44.74 16.36
CA MET D 727 -17.98 43.92 17.36
C MET D 727 -19.38 43.57 16.86
N GLY D 728 -19.75 42.30 17.01
CA GLY D 728 -21.04 41.85 16.51
C GLY D 728 -22.24 42.41 17.23
N ILE D 729 -22.10 42.82 18.49
CA ILE D 729 -23.24 43.35 19.22
C ILE D 729 -22.95 44.73 19.80
N ALA D 730 -21.79 44.90 20.44
CA ALA D 730 -21.43 46.17 21.05
C ALA D 730 -20.93 47.20 20.06
N GLY D 731 -21.16 47.00 18.77
CA GLY D 731 -20.74 47.94 17.76
C GLY D 731 -21.92 48.51 17.00
N SER D 732 -21.77 49.76 16.57
CA SER D 732 -22.81 50.42 15.80
C SER D 732 -22.91 49.76 14.43
N ASP D 733 -24.07 49.90 13.80
CA ASP D 733 -24.29 49.26 12.50
C ASP D 733 -23.42 49.86 11.40
N VAL D 734 -23.14 51.16 11.45
CA VAL D 734 -22.34 51.80 10.40
C VAL D 734 -20.92 51.21 10.37
N SER D 735 -20.22 51.26 11.51
CA SER D 735 -18.87 50.72 11.56
C SER D 735 -18.88 49.21 11.36
N LYS D 736 -19.97 48.54 11.73
CA LYS D 736 -20.06 47.10 11.54
C LYS D 736 -20.18 46.75 10.05
N GLN D 737 -20.76 47.65 9.25
CA GLN D 737 -20.86 47.40 7.82
C GLN D 737 -19.59 47.83 7.11
N ALA D 738 -18.95 48.89 7.57
CA ALA D 738 -17.71 49.36 6.96
C ALA D 738 -16.53 48.46 7.27
N ALA D 739 -16.66 47.52 8.20
CA ALA D 739 -15.58 46.62 8.56
C ALA D 739 -15.53 45.44 7.59
N ASP D 740 -14.39 44.74 7.61
CA ASP D 740 -14.19 43.57 6.78
C ASP D 740 -14.31 42.26 7.55
N MET D 741 -14.22 42.32 8.88
CA MET D 741 -14.33 41.16 9.75
C MET D 741 -15.19 41.53 10.95
N ILE D 742 -16.10 40.62 11.31
CA ILE D 742 -17.05 40.80 12.40
C ILE D 742 -16.82 39.73 13.45
N LEU D 743 -16.91 40.11 14.72
CA LEU D 743 -16.76 39.19 15.84
C LEU D 743 -18.15 39.07 16.45
N LEU D 744 -18.89 38.05 16.01
CA LEU D 744 -20.25 37.84 16.53
C LEU D 744 -20.26 37.58 18.03
N ASP D 745 -19.14 37.12 18.59
CA ASP D 745 -19.02 36.85 20.02
C ASP D 745 -18.40 37.98 20.81
N ASP D 746 -17.87 39.00 20.13
CA ASP D 746 -17.18 40.15 20.75
C ASP D 746 -15.97 39.72 21.56
N ASN D 747 -15.48 38.50 21.32
CA ASN D 747 -14.32 37.98 22.02
C ASN D 747 -13.07 38.54 21.34
N PHE D 748 -12.31 39.35 22.07
CA PHE D 748 -11.12 39.93 21.48
C PHE D 748 -10.02 38.90 21.22
N ALA D 749 -10.03 37.76 21.91
CA ALA D 749 -9.04 36.72 21.64
C ALA D 749 -9.16 36.23 20.20
N SER D 750 -10.32 36.47 19.58
CA SER D 750 -10.53 36.10 18.18
C SER D 750 -9.51 36.79 17.29
N ILE D 751 -9.05 37.98 17.68
CA ILE D 751 -8.00 38.68 16.93
C ILE D 751 -6.76 37.81 16.87
N VAL D 752 -6.39 37.22 18.02
CA VAL D 752 -5.25 36.31 18.09
C VAL D 752 -5.49 35.12 17.17
N THR D 753 -6.68 34.53 17.29
CA THR D 753 -7.07 33.41 16.42
C THR D 753 -6.91 33.80 14.95
N GLY D 754 -7.29 35.04 14.64
CA GLY D 754 -7.21 35.63 13.33
C GLY D 754 -5.79 35.69 12.81
N VAL D 755 -4.88 36.31 13.57
CA VAL D 755 -3.49 36.42 13.09
C VAL D 755 -2.85 35.04 12.94
N GLU D 756 -3.28 34.07 13.77
CA GLU D 756 -2.73 32.72 13.63
C GLU D 756 -3.17 32.11 12.32
N GLU D 757 -4.49 32.09 12.07
CA GLU D 757 -5.00 31.55 10.83
C GLU D 757 -4.44 32.30 9.63
N GLY D 758 -4.34 33.63 9.75
CA GLY D 758 -3.82 34.45 8.66
C GLY D 758 -2.44 34.02 8.20
N ARG D 759 -1.52 33.82 9.17
CA ARG D 759 -0.18 33.36 8.77
C ARG D 759 -0.22 31.91 8.28
N LEU D 760 -0.95 31.05 9.01
CA LEU D 760 -1.11 29.63 8.71
C LEU D 760 -1.53 29.38 7.27
N ILE D 761 -2.72 29.86 6.91
CA ILE D 761 -3.27 29.67 5.56
C ILE D 761 -2.32 30.25 4.53
N PHE D 762 -1.63 31.36 4.86
CA PHE D 762 -0.67 31.94 3.93
C PHE D 762 0.39 30.92 3.52
N ASP D 763 1.06 30.34 4.52
CA ASP D 763 2.09 29.33 4.24
C ASP D 763 1.50 28.11 3.52
N ASN D 764 0.34 27.63 3.97
CA ASN D 764 -0.30 26.49 3.31
C ASN D 764 -0.61 26.80 1.85
N LEU D 765 -1.05 28.04 1.59
CA LEU D 765 -1.31 28.49 0.22
C LEU D 765 -0.04 28.38 -0.60
N LYS D 766 1.09 28.82 -0.04
CA LYS D 766 2.37 28.69 -0.75
C LYS D 766 2.58 27.24 -1.17
N LYS D 767 2.41 26.31 -0.22
CA LYS D 767 2.57 24.89 -0.51
C LYS D 767 1.65 24.43 -1.64
N SER D 768 0.34 24.72 -1.49
CA SER D 768 -0.67 24.33 -2.48
C SER D 768 -0.37 24.94 -3.86
N ILE D 769 0.26 26.11 -3.87
CA ILE D 769 0.61 26.76 -5.13
C ILE D 769 1.78 26.02 -5.76
N ALA D 770 2.84 25.79 -4.99
CA ALA D 770 4.03 25.09 -5.47
C ALA D 770 3.66 23.74 -6.07
N TYR D 771 2.75 23.02 -5.41
CA TYR D 771 2.31 21.72 -5.90
C TYR D 771 1.75 21.83 -7.31
N THR D 772 0.73 22.70 -7.49
CA THR D 772 0.15 22.84 -8.83
C THR D 772 1.15 23.39 -9.85
N LEU D 773 2.08 24.24 -9.41
CA LEU D 773 3.06 24.80 -10.33
C LEU D 773 4.11 23.78 -10.74
N THR D 774 4.27 22.71 -9.96
CA THR D 774 5.27 21.71 -10.33
C THR D 774 4.78 20.86 -11.48
N SER D 775 3.49 20.53 -11.48
CA SER D 775 2.90 19.71 -12.54
C SER D 775 2.92 20.39 -13.90
N ASN D 776 3.23 21.69 -13.97
CA ASN D 776 3.22 22.36 -15.26
C ASN D 776 4.35 21.88 -16.16
N ILE D 777 5.51 21.59 -15.58
CA ILE D 777 6.65 21.13 -16.39
C ILE D 777 6.32 19.83 -17.13
N PRO D 778 5.85 18.75 -16.48
CA PRO D 778 5.54 17.54 -17.25
C PRO D 778 4.28 17.68 -18.08
N GLU D 779 3.52 18.76 -17.92
CA GLU D 779 2.32 19.00 -18.73
C GLU D 779 2.66 19.69 -20.04
N ILE D 780 3.72 20.50 -20.06
CA ILE D 780 4.10 21.25 -21.26
C ILE D 780 5.28 20.63 -21.99
N THR D 781 6.27 20.11 -21.28
CA THR D 781 7.43 19.50 -21.94
C THR D 781 7.07 18.50 -23.03
N PRO D 782 6.02 17.66 -22.91
CA PRO D 782 5.69 16.75 -24.02
C PRO D 782 5.41 17.51 -25.30
N PHE D 783 4.67 18.63 -25.20
CA PHE D 783 4.37 19.41 -26.38
C PHE D 783 5.61 20.14 -26.89
N LEU D 784 6.47 20.59 -25.97
CA LEU D 784 7.69 21.27 -26.38
C LEU D 784 8.57 20.35 -27.21
N ILE D 785 8.85 19.14 -26.71
CA ILE D 785 9.66 18.21 -27.50
C ILE D 785 8.88 17.74 -28.73
N PHE D 786 7.54 17.73 -28.67
CA PHE D 786 6.73 17.37 -29.84
C PHE D 786 7.00 18.36 -30.97
N ILE D 787 7.31 19.60 -30.61
CA ILE D 787 7.64 20.60 -31.61
C ILE D 787 9.11 20.48 -32.01
N ILE D 788 9.97 20.20 -31.03
CA ILE D 788 11.40 20.10 -31.29
C ILE D 788 11.80 18.80 -31.96
N ALA D 789 11.63 17.67 -31.26
CA ALA D 789 12.04 16.38 -31.81
C ALA D 789 11.14 15.84 -32.91
N ASN D 790 9.98 16.47 -33.16
CA ASN D 790 9.04 16.01 -34.20
C ASN D 790 8.67 14.54 -34.00
N ILE D 791 8.38 14.20 -32.75
CA ILE D 791 8.00 12.86 -32.33
C ILE D 791 6.51 12.84 -32.04
N PRO D 792 5.87 11.67 -31.92
CA PRO D 792 4.44 11.64 -31.59
C PRO D 792 4.20 12.34 -30.26
N LEU D 793 2.98 12.83 -30.09
CA LEU D 793 2.62 13.56 -28.88
C LEU D 793 2.75 12.69 -27.64
N PRO D 794 3.63 13.02 -26.69
CA PRO D 794 3.77 12.18 -25.49
C PRO D 794 2.61 12.28 -24.52
N LEU D 795 1.97 13.44 -24.41
CA LEU D 795 0.87 13.66 -23.48
C LEU D 795 -0.27 14.40 -24.16
N GLY D 796 -1.49 13.83 -24.08
CA GLY D 796 -2.64 14.45 -24.68
C GLY D 796 -3.23 15.53 -23.79
N THR D 797 -4.14 16.31 -24.37
CA THR D 797 -4.75 17.40 -23.62
C THR D 797 -5.76 16.90 -22.59
N VAL D 798 -6.59 15.95 -22.99
CA VAL D 798 -7.61 15.41 -22.08
C VAL D 798 -6.93 14.86 -20.83
N THR D 799 -5.76 14.24 -20.99
CA THR D 799 -5.01 13.73 -19.86
C THR D 799 -4.54 14.88 -18.97
N ILE D 800 -4.10 15.99 -19.60
CA ILE D 800 -3.69 17.17 -18.83
C ILE D 800 -4.86 17.66 -17.98
N LEU D 801 -6.07 17.60 -18.55
CA LEU D 801 -7.26 18.00 -17.81
C LEU D 801 -7.52 17.03 -16.66
N CYS D 802 -7.26 15.73 -16.88
CA CYS D 802 -7.46 14.75 -15.82
C CYS D 802 -6.46 14.93 -14.68
N ILE D 803 -5.34 15.60 -14.95
CA ILE D 803 -4.32 15.86 -13.93
C ILE D 803 -4.59 17.17 -13.19
N ASP D 804 -4.70 18.27 -13.95
CA ASP D 804 -4.89 19.59 -13.35
C ASP D 804 -6.25 19.76 -12.69
N LEU D 805 -7.29 19.20 -13.31
CA LEU D 805 -8.66 19.35 -12.84
C LEU D 805 -9.27 18.05 -12.33
N GLY D 806 -8.49 16.99 -12.22
CA GLY D 806 -8.98 15.71 -11.78
C GLY D 806 -8.38 15.18 -10.49
N THR D 807 -7.26 14.49 -10.69
CA THR D 807 -6.55 13.84 -9.59
C THR D 807 -5.98 14.84 -8.59
N ASP D 808 -5.12 15.76 -9.06
CA ASP D 808 -4.42 16.72 -8.21
C ASP D 808 -5.32 17.66 -7.41
N MET D 809 -6.63 17.68 -7.64
CA MET D 809 -7.50 18.59 -6.89
C MET D 809 -7.49 18.25 -5.40
N VAL D 810 -7.67 16.97 -5.08
CA VAL D 810 -7.72 16.51 -3.70
C VAL D 810 -6.36 16.70 -3.02
N PRO D 811 -5.21 16.36 -3.63
CA PRO D 811 -3.94 16.63 -2.95
C PRO D 811 -3.70 18.11 -2.67
N ALA D 812 -4.03 18.98 -3.64
CA ALA D 812 -3.82 20.42 -3.44
C ALA D 812 -4.70 20.95 -2.32
N ILE D 813 -5.95 20.48 -2.24
CA ILE D 813 -6.82 20.95 -1.17
C ILE D 813 -6.35 20.42 0.17
N SER D 814 -5.95 19.15 0.22
CA SER D 814 -5.46 18.56 1.46
C SER D 814 -4.16 19.19 1.92
N LEU D 815 -3.40 19.81 0.99
CA LEU D 815 -2.18 20.49 1.37
C LEU D 815 -2.49 21.72 2.22
N ALA D 816 -3.74 22.21 2.13
CA ALA D 816 -4.18 23.33 2.93
C ALA D 816 -4.43 22.92 4.37
N TYR D 817 -4.71 21.65 4.60
CA TYR D 817 -4.94 21.14 5.95
C TYR D 817 -3.64 20.97 6.72
N GLU D 818 -2.49 21.34 6.13
CA GLU D 818 -1.23 21.21 6.83
C GLU D 818 -1.22 22.12 8.04
N GLN D 819 -0.69 21.60 9.16
CA GLN D 819 -0.64 22.39 10.39
C GLN D 819 0.69 23.13 10.48
N ALA D 820 0.92 23.75 11.63
CA ALA D 820 2.13 24.53 11.84
C ALA D 820 3.34 23.64 12.06
N GLU D 821 4.34 23.79 11.19
CA GLU D 821 5.57 23.03 11.32
C GLU D 821 6.35 23.51 12.53
N SER D 822 6.15 24.76 12.93
CA SER D 822 6.78 25.36 14.09
C SER D 822 5.79 26.36 14.66
N ASP D 823 6.17 27.02 15.75
CA ASP D 823 5.27 28.00 16.35
C ASP D 823 5.23 29.25 15.49
N ILE D 824 4.08 29.48 14.83
CA ILE D 824 3.94 30.65 13.96
C ILE D 824 3.70 31.91 14.79
N MET D 825 3.09 31.80 15.96
CA MET D 825 2.82 32.96 16.80
C MET D 825 4.06 33.47 17.53
N LYS D 826 5.22 32.96 17.14
CA LYS D 826 6.51 33.37 17.67
C LYS D 826 7.27 34.23 16.69
N ARG D 827 7.10 33.99 15.39
CA ARG D 827 7.79 34.77 14.38
C ARG D 827 7.14 36.14 14.22
N GLN D 828 7.92 37.07 13.70
CA GLN D 828 7.47 38.43 13.45
C GLN D 828 6.61 38.46 12.19
N PRO D 829 5.79 39.50 12.01
CA PRO D 829 4.96 39.58 10.81
C PRO D 829 5.82 39.62 9.55
N ARG D 830 5.30 38.99 8.49
CA ARG D 830 6.02 38.92 7.23
C ARG D 830 6.24 40.31 6.63
N ASN D 831 7.40 40.51 6.01
CA ASN D 831 7.65 41.80 5.40
C ASN D 831 6.99 41.83 4.02
N PRO D 832 6.27 42.89 3.67
CA PRO D 832 5.60 42.92 2.35
C PRO D 832 6.54 42.90 1.17
N LYS D 833 7.58 43.74 1.17
CA LYS D 833 8.50 43.75 0.05
C LYS D 833 9.47 42.57 0.08
N THR D 834 9.58 41.87 1.22
CA THR D 834 10.52 40.75 1.31
C THR D 834 9.85 39.40 1.18
N ASP D 835 9.03 39.03 2.17
CA ASP D 835 8.38 37.73 2.19
C ASP D 835 7.20 37.71 1.23
N LYS D 836 7.47 37.38 -0.03
CA LYS D 836 6.42 37.30 -1.03
C LYS D 836 5.78 35.92 -1.01
N LEU D 837 4.53 35.85 -1.45
CA LEU D 837 3.84 34.57 -1.50
C LEU D 837 4.54 33.65 -2.47
N VAL D 838 4.75 34.12 -3.69
CA VAL D 838 5.44 33.39 -4.74
C VAL D 838 6.63 34.24 -5.16
N ASN D 839 7.83 33.70 -5.00
CA ASN D 839 9.05 34.41 -5.37
C ASN D 839 9.83 33.55 -6.37
N GLU D 840 11.05 33.98 -6.68
CA GLU D 840 11.85 33.21 -7.63
C GLU D 840 12.30 31.87 -7.06
N GLN D 841 12.36 31.73 -5.73
CA GLN D 841 12.78 30.46 -5.13
C GLN D 841 11.75 29.36 -5.41
N LEU D 842 10.47 29.69 -5.24
CA LEU D 842 9.40 28.74 -5.50
C LEU D 842 9.43 28.26 -6.95
N ILE D 843 9.65 29.20 -7.88
CA ILE D 843 9.73 28.85 -9.30
C ILE D 843 10.96 27.98 -9.55
N SER D 844 12.07 28.29 -8.87
CA SER D 844 13.29 27.52 -9.03
C SER D 844 13.10 26.07 -8.59
N MET D 845 12.27 25.84 -7.57
CA MET D 845 12.04 24.47 -7.12
C MET D 845 11.01 23.75 -7.99
N ALA D 846 9.84 24.35 -8.18
CA ALA D 846 8.78 23.72 -8.97
C ALA D 846 9.10 23.65 -10.46
N TYR D 847 9.17 24.83 -11.09
CA TYR D 847 9.45 24.89 -12.52
C TYR D 847 10.85 24.45 -12.87
N GLY D 848 11.80 24.58 -11.94
CA GLY D 848 13.17 24.22 -12.26
C GLY D 848 13.68 22.83 -11.99
N GLN D 849 13.44 22.30 -10.79
CA GLN D 849 13.97 21.02 -10.41
C GLN D 849 12.96 19.87 -10.32
N ILE D 850 11.92 20.01 -9.49
CA ILE D 850 10.97 18.93 -9.29
C ILE D 850 10.19 18.63 -10.56
N GLY D 851 9.56 19.65 -11.15
CA GLY D 851 8.81 19.44 -12.38
C GLY D 851 9.68 18.86 -13.48
N MET D 852 10.97 19.17 -13.46
CA MET D 852 11.90 18.64 -14.45
C MET D 852 12.01 17.13 -14.32
N ILE D 853 12.17 16.62 -13.09
CA ILE D 853 12.25 15.18 -12.87
C ILE D 853 10.95 14.53 -13.28
N GLN D 854 9.82 15.19 -12.99
CA GLN D 854 8.52 14.65 -13.38
C GLN D 854 8.43 14.51 -14.91
N ALA D 855 8.91 15.53 -15.62
CA ALA D 855 8.91 15.49 -17.08
C ALA D 855 9.78 14.35 -17.60
N LEU D 856 10.95 14.17 -16.97
CA LEU D 856 11.84 13.09 -17.39
C LEU D 856 11.18 11.73 -17.16
N GLY D 857 10.46 11.59 -16.05
CA GLY D 857 9.77 10.33 -15.79
C GLY D 857 8.70 10.08 -16.83
N GLY D 858 7.97 11.12 -17.22
CA GLY D 858 6.95 10.98 -18.24
C GLY D 858 7.54 10.54 -19.57
N PHE D 859 8.62 11.19 -20.01
CA PHE D 859 9.25 10.80 -21.27
C PHE D 859 9.80 9.39 -21.17
N PHE D 860 10.25 8.97 -19.97
CA PHE D 860 10.75 7.61 -19.80
C PHE D 860 9.64 6.61 -20.08
N THR D 861 8.49 6.79 -19.41
CA THR D 861 7.35 5.89 -19.64
C THR D 861 6.95 5.91 -21.12
N TYR D 862 6.98 7.09 -21.74
CA TYR D 862 6.66 7.26 -23.15
C TYR D 862 7.54 6.37 -24.03
N PHE D 863 8.85 6.54 -23.90
CA PHE D 863 9.80 5.76 -24.68
C PHE D 863 9.69 4.27 -24.37
N VAL D 864 9.41 3.92 -23.12
CA VAL D 864 9.28 2.51 -22.74
C VAL D 864 8.11 1.88 -23.50
N ILE D 865 6.96 2.56 -23.47
CA ILE D 865 5.78 2.05 -24.15
C ILE D 865 6.04 1.90 -25.65
N LEU D 866 6.57 2.95 -26.26
CA LEU D 866 6.80 2.89 -27.71
C LEU D 866 7.82 1.83 -28.09
N ALA D 867 8.90 1.72 -27.32
CA ALA D 867 9.95 0.75 -27.62
C ALA D 867 9.46 -0.68 -27.45
N GLU D 868 8.67 -0.94 -26.39
CA GLU D 868 8.18 -2.31 -26.19
C GLU D 868 7.15 -2.70 -27.25
N ASN D 869 6.48 -1.73 -27.85
CA ASN D 869 5.49 -2.01 -28.88
C ASN D 869 6.12 -2.06 -30.27
N GLY D 870 7.44 -1.91 -30.37
CA GLY D 870 8.13 -1.97 -31.65
C GLY D 870 8.65 -0.66 -32.19
N PHE D 871 8.44 0.45 -31.50
CA PHE D 871 8.92 1.76 -31.95
C PHE D 871 10.04 2.21 -31.01
N LEU D 872 11.29 1.87 -31.38
CA LEU D 872 12.48 2.21 -30.61
C LEU D 872 12.51 3.71 -30.34
N PRO D 873 13.03 4.14 -29.19
CA PRO D 873 13.07 5.58 -28.90
C PRO D 873 13.83 6.38 -29.93
N ILE D 874 14.90 5.81 -30.49
CA ILE D 874 15.67 6.52 -31.50
C ILE D 874 14.89 6.61 -32.83
N HIS D 875 14.07 5.59 -33.13
CA HIS D 875 13.30 5.57 -34.38
C HIS D 875 12.15 6.58 -34.42
N LEU D 876 11.74 7.13 -33.28
CA LEU D 876 10.62 8.06 -33.25
C LEU D 876 10.96 9.47 -33.76
N LEU D 877 12.23 9.78 -34.00
CA LEU D 877 12.61 11.12 -34.44
C LEU D 877 12.05 11.45 -35.82
N GLY D 878 11.46 12.64 -35.93
CA GLY D 878 10.89 13.10 -37.19
C GLY D 878 9.78 12.22 -37.70
N LEU D 879 9.12 11.47 -36.82
CA LEU D 879 8.04 10.58 -37.20
C LEU D 879 6.67 11.22 -37.13
N ARG D 880 6.57 12.41 -36.55
CA ARG D 880 5.28 13.09 -36.42
C ARG D 880 4.68 13.40 -37.79
N VAL D 881 5.53 13.62 -38.79
CA VAL D 881 5.03 13.95 -40.12
C VAL D 881 4.23 12.79 -40.69
N ASN D 882 4.67 11.56 -40.45
CA ASN D 882 3.94 10.39 -40.91
C ASN D 882 2.98 9.87 -39.87
N TRP D 883 3.14 10.33 -38.62
CA TRP D 883 2.27 9.88 -37.55
C TRP D 883 0.96 10.66 -37.54
N ASP D 884 1.05 11.99 -37.54
CA ASP D 884 -0.15 12.82 -37.52
C ASP D 884 -1.01 12.65 -38.77
N ASP D 885 -0.47 12.08 -39.85
CA ASP D 885 -1.28 11.86 -41.04
C ASP D 885 -2.28 10.75 -40.77
N ARG D 886 -3.53 10.96 -41.20
CA ARG D 886 -4.61 10.01 -40.97
C ARG D 886 -4.70 8.88 -42.00
N TRP D 887 -4.04 9.03 -43.14
CA TRP D 887 -4.16 8.05 -44.19
C TRP D 887 -2.93 7.16 -44.39
N ILE D 888 -1.80 7.47 -43.75
CA ILE D 888 -0.62 6.65 -43.90
C ILE D 888 -0.80 5.43 -43.00
N ASN D 889 -1.37 4.36 -43.55
CA ASN D 889 -1.64 3.14 -42.80
C ASN D 889 -0.53 2.11 -42.91
N ASP D 890 0.68 2.52 -43.29
CA ASP D 890 1.81 1.59 -43.40
C ASP D 890 3.11 2.25 -42.92
N VAL D 891 3.11 2.82 -41.71
CA VAL D 891 4.31 3.45 -41.19
C VAL D 891 5.24 2.36 -40.65
N GLU D 892 6.45 2.29 -41.20
CA GLU D 892 7.40 1.27 -40.79
C GLU D 892 8.00 1.61 -39.43
N ASP D 893 7.94 0.65 -38.49
CA ASP D 893 8.48 0.80 -37.15
C ASP D 893 9.95 0.41 -37.14
N SER D 894 10.46 0.01 -35.97
CA SER D 894 11.83 -0.40 -35.83
C SER D 894 12.05 -1.86 -36.19
N TYR D 895 10.99 -2.66 -36.26
CA TYR D 895 11.08 -4.07 -36.63
C TYR D 895 10.60 -4.33 -38.06
N GLY D 896 10.41 -3.27 -38.85
CA GLY D 896 9.96 -3.39 -40.21
C GLY D 896 8.46 -3.57 -40.36
N GLN D 897 7.72 -3.61 -39.27
CA GLN D 897 6.27 -3.79 -39.34
C GLN D 897 5.59 -2.53 -39.84
N GLN D 898 4.40 -2.72 -40.42
CA GLN D 898 3.59 -1.63 -40.95
C GLN D 898 2.37 -1.43 -40.05
N TRP D 899 2.28 -0.26 -39.44
CA TRP D 899 1.19 0.07 -38.52
C TRP D 899 0.15 0.96 -39.20
N THR D 900 -1.12 0.59 -39.07
CA THR D 900 -2.20 1.40 -39.64
C THR D 900 -2.35 2.68 -38.83
N TYR D 901 -3.28 3.54 -39.26
CA TYR D 901 -3.47 4.81 -38.56
C TYR D 901 -4.01 4.61 -37.14
N GLU D 902 -5.14 3.90 -37.01
CA GLU D 902 -5.71 3.72 -35.68
C GLU D 902 -4.89 2.82 -34.76
N GLN D 903 -4.06 1.92 -35.30
CA GLN D 903 -3.23 1.09 -34.42
C GLN D 903 -2.19 1.96 -33.71
N ARG D 904 -1.40 2.71 -34.49
CA ARG D 904 -0.40 3.58 -33.89
C ARG D 904 -1.06 4.69 -33.07
N LYS D 905 -2.23 5.16 -33.49
CA LYS D 905 -2.91 6.18 -32.70
C LYS D 905 -3.38 5.60 -31.37
N ILE D 906 -3.80 4.33 -31.39
CA ILE D 906 -4.19 3.64 -30.17
C ILE D 906 -3.00 3.59 -29.24
N VAL D 907 -1.81 3.35 -29.81
CA VAL D 907 -0.59 3.33 -29.00
C VAL D 907 -0.32 4.71 -28.42
N GLU D 908 -0.58 5.77 -29.20
CA GLU D 908 -0.35 7.14 -28.70
C GLU D 908 -1.28 7.46 -27.55
N PHE D 909 -2.55 7.06 -27.64
CA PHE D 909 -3.48 7.34 -26.55
C PHE D 909 -3.19 6.46 -25.35
N THR D 910 -2.81 5.19 -25.59
CA THR D 910 -2.43 4.29 -24.52
C THR D 910 -1.05 4.62 -24.01
N CYS D 911 -0.48 5.70 -24.55
CA CYS D 911 0.78 6.28 -24.13
C CYS D 911 0.54 7.59 -23.39
N HIS D 912 -0.58 8.26 -23.68
CA HIS D 912 -0.98 9.47 -22.96
C HIS D 912 -1.56 9.10 -21.61
N THR D 913 -2.36 8.02 -21.58
CA THR D 913 -2.95 7.54 -20.33
C THR D 913 -1.88 7.20 -19.30
N PRO D 914 -0.87 6.38 -19.59
CA PRO D 914 0.16 6.10 -18.58
C PRO D 914 1.05 7.29 -18.34
N PHE D 915 1.10 8.25 -19.26
CA PHE D 915 1.87 9.47 -18.98
C PHE D 915 1.18 10.18 -17.83
N PHE D 916 -0.16 10.22 -17.88
CA PHE D 916 -0.97 10.81 -16.82
C PHE D 916 -0.78 10.03 -15.52
N VAL D 917 -0.75 8.69 -15.61
CA VAL D 917 -0.51 7.87 -14.42
C VAL D 917 0.86 8.17 -13.84
N THR D 918 1.86 8.31 -14.72
CA THR D 918 3.22 8.66 -14.32
C THR D 918 3.22 9.98 -13.56
N ILE D 919 2.43 10.94 -14.03
CA ILE D 919 2.34 12.22 -13.34
C ILE D 919 1.77 12.01 -11.94
N VAL D 920 0.77 11.13 -11.81
CA VAL D 920 0.21 10.84 -10.49
C VAL D 920 1.28 10.23 -9.57
N VAL D 921 2.07 9.30 -10.12
CA VAL D 921 3.11 8.63 -9.34
C VAL D 921 4.14 9.64 -8.85
N VAL D 922 4.55 10.57 -9.70
CA VAL D 922 5.52 11.57 -9.24
C VAL D 922 4.83 12.56 -8.31
N GLN D 923 3.51 12.75 -8.46
CA GLN D 923 2.78 13.66 -7.59
C GLN D 923 2.68 13.10 -6.18
N TRP D 924 2.86 11.79 -6.03
CA TRP D 924 2.87 11.21 -4.69
C TRP D 924 4.00 11.85 -3.88
N ALA D 925 5.24 11.66 -4.35
CA ALA D 925 6.41 12.21 -3.69
C ALA D 925 6.39 13.73 -3.70
N ASP D 926 5.87 14.35 -4.77
CA ASP D 926 5.83 15.82 -4.80
C ASP D 926 4.90 16.35 -3.72
N LEU D 927 3.78 15.64 -3.48
CA LEU D 927 2.85 16.05 -2.44
C LEU D 927 3.48 15.90 -1.07
N VAL D 928 4.21 14.79 -0.87
CA VAL D 928 4.86 14.55 0.42
C VAL D 928 5.90 15.62 0.71
N ILE D 929 6.70 15.99 -0.30
CA ILE D 929 7.74 16.99 -0.06
C ILE D 929 7.16 18.40 0.04
N CYS D 930 6.10 18.71 -0.72
CA CYS D 930 5.49 20.04 -0.61
C CYS D 930 4.73 20.17 0.70
N LYS D 931 4.40 19.04 1.33
CA LYS D 931 3.71 19.05 2.62
C LYS D 931 4.56 19.68 3.71
N THR D 932 5.88 19.50 3.64
CA THR D 932 6.81 20.04 4.63
C THR D 932 7.77 20.99 3.92
N ARG D 933 7.64 22.29 4.22
CA ARG D 933 8.52 23.28 3.59
C ARG D 933 9.93 23.21 4.17
N ARG D 934 10.07 23.24 5.49
CA ARG D 934 11.36 23.20 6.16
C ARG D 934 11.63 21.92 6.92
N ASN D 935 10.63 21.39 7.63
CA ASN D 935 10.81 20.17 8.40
C ASN D 935 10.94 18.95 7.49
N SER D 936 11.33 17.84 8.09
CA SER D 936 11.48 16.57 7.38
C SER D 936 10.15 15.83 7.36
N VAL D 937 10.06 14.81 6.49
CA VAL D 937 8.84 14.01 6.42
C VAL D 937 8.67 13.21 7.69
N PHE D 938 9.78 12.76 8.28
CA PHE D 938 9.73 12.02 9.54
C PHE D 938 9.47 12.95 10.70
N GLN D 939 9.93 14.21 10.61
CA GLN D 939 9.67 15.19 11.65
C GLN D 939 8.18 15.54 11.65
N GLN D 940 7.70 16.10 10.54
CA GLN D 940 6.29 16.46 10.42
C GLN D 940 5.41 15.23 10.51
N GLY D 941 5.69 14.21 9.69
CA GLY D 941 4.92 12.99 9.74
C GLY D 941 3.65 13.04 8.92
N MET D 942 3.24 11.90 8.37
CA MET D 942 2.03 11.81 7.58
C MET D 942 0.80 11.72 8.48
N LYS D 943 0.61 12.78 9.26
CA LYS D 943 -0.53 12.86 10.16
C LYS D 943 -1.71 13.54 9.51
N ASN D 944 -1.50 14.22 8.39
CA ASN D 944 -2.58 14.89 7.65
C ASN D 944 -3.42 13.78 7.03
N LYS D 945 -4.50 13.40 7.71
CA LYS D 945 -5.36 12.33 7.23
C LYS D 945 -6.04 12.71 5.90
N ILE D 946 -6.41 13.98 5.75
CA ILE D 946 -7.01 14.42 4.49
C ILE D 946 -6.01 14.23 3.36
N LEU D 947 -4.72 14.43 3.64
CA LEU D 947 -3.69 14.27 2.62
C LEU D 947 -3.53 12.79 2.25
N ILE D 948 -3.60 11.91 3.25
CA ILE D 948 -3.53 10.47 3.00
C ILE D 948 -4.67 10.06 2.09
N PHE D 949 -5.89 10.56 2.40
CA PHE D 949 -7.02 10.24 1.53
C PHE D 949 -6.81 10.87 0.16
N GLY D 950 -6.09 11.98 0.10
CA GLY D 950 -5.79 12.58 -1.19
C GLY D 950 -5.01 11.62 -2.05
N LEU D 951 -4.02 10.95 -1.45
CA LEU D 951 -3.22 9.98 -2.21
C LEU D 951 -4.06 8.77 -2.62
N PHE D 952 -4.84 8.22 -1.69
CA PHE D 952 -5.66 7.05 -2.00
C PHE D 952 -6.68 7.35 -3.09
N GLU D 953 -7.45 8.45 -2.93
CA GLU D 953 -8.44 8.82 -3.92
C GLU D 953 -7.79 9.15 -5.26
N GLU D 954 -6.67 9.88 -5.24
CA GLU D 954 -5.99 10.25 -6.48
C GLU D 954 -5.54 9.02 -7.25
N THR D 955 -4.86 8.10 -6.56
CA THR D 955 -4.37 6.89 -7.20
C THR D 955 -5.52 6.04 -7.74
N ALA D 956 -6.50 5.75 -6.88
CA ALA D 956 -7.64 4.93 -7.29
C ALA D 956 -8.42 5.60 -8.43
N LEU D 957 -8.53 6.92 -8.41
CA LEU D 957 -9.24 7.63 -9.45
C LEU D 957 -8.50 7.51 -10.78
N ALA D 958 -7.16 7.62 -10.75
CA ALA D 958 -6.39 7.46 -11.98
C ALA D 958 -6.56 6.06 -12.55
N ALA D 959 -6.44 5.05 -11.68
CA ALA D 959 -6.62 3.67 -12.13
C ALA D 959 -8.00 3.48 -12.73
N PHE D 960 -9.02 4.10 -12.14
CA PHE D 960 -10.38 4.00 -12.68
C PHE D 960 -10.46 4.67 -14.05
N LEU D 961 -9.83 5.84 -14.19
CA LEU D 961 -9.85 6.56 -15.46
C LEU D 961 -9.18 5.75 -16.55
N SER D 962 -8.31 4.82 -16.17
CA SER D 962 -7.66 4.01 -17.20
C SER D 962 -8.36 2.69 -17.45
N TYR D 963 -9.01 2.11 -16.43
CA TYR D 963 -9.64 0.80 -16.57
C TYR D 963 -11.17 0.83 -16.57
N CYS D 964 -11.78 1.99 -16.84
CA CYS D 964 -13.22 1.78 -16.84
C CYS D 964 -13.67 1.34 -18.24
N PRO D 965 -14.68 0.45 -18.38
CA PRO D 965 -15.08 0.02 -19.72
C PRO D 965 -15.60 1.16 -20.58
N GLY D 966 -14.79 1.57 -21.55
CA GLY D 966 -15.14 2.64 -22.46
C GLY D 966 -14.34 3.92 -22.32
N MET D 967 -13.28 3.95 -21.50
CA MET D 967 -12.49 5.16 -21.36
C MET D 967 -11.77 5.50 -22.66
N GLY D 968 -11.23 4.49 -23.34
CA GLY D 968 -10.60 4.74 -24.61
C GLY D 968 -11.56 5.16 -25.69
N VAL D 969 -12.86 5.04 -25.41
CA VAL D 969 -13.91 5.42 -26.34
C VAL D 969 -14.39 6.85 -26.08
N ALA D 970 -14.47 7.25 -24.82
CA ALA D 970 -14.93 8.59 -24.45
C ALA D 970 -13.79 9.57 -24.25
N LEU D 971 -12.83 9.24 -23.38
CA LEU D 971 -11.70 10.11 -23.10
C LEU D 971 -10.43 9.69 -23.84
N ARG D 972 -10.53 8.68 -24.71
CA ARG D 972 -9.37 8.16 -25.43
C ARG D 972 -8.27 7.70 -24.47
N MET D 973 -8.67 7.24 -23.29
CA MET D 973 -7.73 6.77 -22.25
C MET D 973 -7.83 5.25 -22.19
N TYR D 974 -6.98 4.59 -22.97
CA TYR D 974 -6.98 3.14 -23.04
C TYR D 974 -6.41 2.52 -21.77
N PRO D 975 -6.75 1.25 -21.49
CA PRO D 975 -6.22 0.60 -20.30
C PRO D 975 -4.71 0.45 -20.37
N LEU D 976 -4.09 0.27 -19.21
CA LEU D 976 -2.64 0.16 -19.11
C LEU D 976 -2.16 -1.24 -18.76
N LYS D 977 -1.04 -1.65 -19.36
CA LYS D 977 -0.42 -2.92 -19.01
C LYS D 977 0.23 -2.71 -17.64
N PRO D 978 0.15 -3.68 -16.74
CA PRO D 978 0.64 -3.47 -15.37
C PRO D 978 2.08 -2.99 -15.22
N THR D 979 2.97 -3.35 -16.15
CA THR D 979 4.37 -2.94 -15.98
C THR D 979 4.54 -1.42 -16.07
N TRP D 980 3.67 -0.73 -16.82
CA TRP D 980 3.78 0.73 -16.92
C TRP D 980 3.59 1.41 -15.58
N TRP D 981 2.86 0.78 -14.65
CA TRP D 981 2.64 1.42 -13.36
C TRP D 981 3.94 1.61 -12.58
N PHE D 982 4.99 0.87 -12.92
CA PHE D 982 6.27 1.02 -12.23
C PHE D 982 7.28 1.78 -13.05
N CYS D 983 6.89 2.31 -14.23
CA CYS D 983 7.85 3.04 -15.04
C CYS D 983 8.28 4.34 -14.41
N ALA D 984 7.53 4.84 -13.44
CA ALA D 984 7.83 6.11 -12.79
C ALA D 984 8.27 5.98 -11.33
N PHE D 985 8.17 4.79 -10.73
CA PHE D 985 8.54 4.60 -9.33
C PHE D 985 9.93 5.14 -8.96
N PRO D 986 11.01 4.84 -9.69
CA PRO D 986 12.32 5.39 -9.28
C PRO D 986 12.37 6.91 -9.34
N TYR D 987 11.67 7.52 -10.30
CA TYR D 987 11.66 8.98 -10.41
C TYR D 987 11.01 9.61 -9.18
N SER D 988 9.89 9.05 -8.72
CA SER D 988 9.20 9.57 -7.54
C SER D 988 10.09 9.40 -6.31
N LEU D 989 10.68 8.21 -6.16
CA LEU D 989 11.58 7.98 -5.03
C LEU D 989 12.72 8.98 -5.03
N LEU D 990 13.29 9.25 -6.21
CA LEU D 990 14.38 10.20 -6.33
C LEU D 990 13.93 11.62 -5.97
N ILE D 991 12.72 12.01 -6.40
CA ILE D 991 12.22 13.33 -6.05
C ILE D 991 12.16 13.47 -4.55
N PHE D 992 11.59 12.46 -3.89
CA PHE D 992 11.50 12.48 -2.44
C PHE D 992 12.88 12.56 -1.80
N VAL D 993 13.83 11.78 -2.30
CA VAL D 993 15.17 11.75 -1.71
C VAL D 993 15.85 13.11 -1.87
N TYR D 994 15.80 13.68 -3.07
CA TYR D 994 16.44 14.96 -3.31
C TYR D 994 15.84 16.05 -2.43
N ASP D 995 14.51 16.15 -2.40
CA ASP D 995 13.91 17.19 -1.58
C ASP D 995 14.10 16.91 -0.09
N GLU D 996 14.17 15.63 0.30
CA GLU D 996 14.37 15.28 1.69
C GLU D 996 15.75 15.70 2.16
N VAL D 997 16.78 15.35 1.39
CA VAL D 997 18.14 15.75 1.77
C VAL D 997 18.26 17.26 1.69
N ARG D 998 17.52 17.89 0.77
CA ARG D 998 17.54 19.35 0.67
C ARG D 998 17.04 19.96 1.97
N LYS D 999 15.90 19.49 2.46
CA LYS D 999 15.35 19.98 3.72
C LYS D 999 16.29 19.66 4.88
N LEU D 1000 16.97 18.52 4.80
CA LEU D 1000 17.93 18.16 5.85
C LEU D 1000 19.06 19.19 5.91
N ILE D 1001 19.56 19.61 4.74
CA ILE D 1001 20.64 20.60 4.74
C ILE D 1001 20.08 21.96 5.15
N ILE D 1002 18.79 22.21 4.88
CA ILE D 1002 18.19 23.46 5.33
C ILE D 1002 18.20 23.47 6.86
N ARG D 1003 18.07 22.30 7.46
CA ARG D 1003 18.10 22.18 8.91
C ARG D 1003 19.52 22.35 9.46
N ARG D 1004 20.46 21.52 8.99
CA ARG D 1004 21.84 21.57 9.50
C ARG D 1004 22.60 22.83 9.08
N ARG D 1005 22.29 23.39 7.91
CA ARG D 1005 22.97 24.60 7.43
C ARG D 1005 21.97 25.74 7.28
N PRO D 1006 21.58 26.40 8.39
CA PRO D 1006 20.65 27.53 8.28
C PRO D 1006 21.40 28.81 7.92
N GLY D 1007 22.32 28.71 6.96
CA GLY D 1007 23.09 29.85 6.53
C GLY D 1007 22.48 30.47 5.30
N GLY D 1008 23.10 30.31 4.13
CA GLY D 1008 22.51 30.91 2.95
C GLY D 1008 22.31 30.16 1.65
N TRP D 1009 23.21 29.22 1.31
CA TRP D 1009 23.10 28.53 0.04
C TRP D 1009 21.82 27.71 -0.08
N VAL D 1010 21.69 26.68 0.76
CA VAL D 1010 20.53 25.82 0.70
C VAL D 1010 19.27 26.45 1.26
N GLU D 1011 19.37 27.62 1.87
CA GLU D 1011 18.18 28.26 2.45
C GLU D 1011 17.67 29.42 1.60
N LYS D 1012 18.53 30.36 1.22
CA LYS D 1012 18.09 31.51 0.43
C LYS D 1012 17.84 31.18 -1.04
N GLU D 1013 18.22 29.99 -1.48
CA GLU D 1013 18.02 29.61 -2.87
C GLU D 1013 16.94 28.57 -3.08
N THR D 1014 16.70 27.69 -2.12
CA THR D 1014 15.70 26.63 -2.25
C THR D 1014 14.50 26.79 -1.33
N TYR D 1015 14.71 27.15 -0.06
CA TYR D 1015 13.61 27.32 0.90
C TYR D 1015 12.71 28.47 0.44
N TYR D 1016 11.53 28.12 -0.06
CA TYR D 1016 10.57 29.09 -0.55
C TYR D 1016 9.47 29.33 0.46
N LYS E 13 11.80 53.30 -10.73
CA LYS E 13 11.63 52.41 -9.58
C LYS E 13 11.75 50.93 -9.99
N LYS E 14 11.90 50.70 -11.30
CA LYS E 14 12.04 49.37 -11.89
C LYS E 14 13.41 49.19 -12.53
N PHE E 15 14.44 49.81 -11.94
CA PHE E 15 15.81 49.72 -12.44
C PHE E 15 16.64 48.75 -11.61
N ILE E 16 16.00 47.63 -11.23
CA ILE E 16 16.63 46.57 -10.46
C ILE E 16 17.62 45.85 -11.38
N TRP E 17 17.72 46.35 -12.62
CA TRP E 17 18.65 45.84 -13.62
C TRP E 17 20.04 45.77 -13.05
N ASN E 18 20.56 46.94 -12.66
CA ASN E 18 21.87 47.10 -12.10
C ASN E 18 21.84 48.12 -10.99
N SER E 19 22.98 48.25 -10.34
CA SER E 19 23.19 49.18 -9.24
C SER E 19 24.69 49.28 -9.06
N GLU E 20 25.12 50.25 -8.25
CA GLU E 20 26.55 50.37 -8.03
C GLU E 20 27.04 49.32 -7.04
N LYS E 21 26.11 48.56 -6.45
CA LYS E 21 26.44 47.50 -5.51
C LYS E 21 26.33 46.12 -6.15
N LYS E 22 26.52 46.04 -7.47
CA LYS E 22 26.54 44.79 -8.24
C LYS E 22 25.29 43.90 -8.28
N GLU E 23 24.37 44.18 -9.19
CA GLU E 23 23.18 43.35 -9.39
C GLU E 23 22.89 43.34 -10.89
N PHE E 24 22.56 42.16 -11.42
CA PHE E 24 22.25 42.02 -12.85
C PHE E 24 20.97 41.18 -13.00
N LEU E 25 19.96 41.77 -13.64
CA LEU E 25 18.66 41.14 -13.88
C LEU E 25 17.93 40.81 -12.58
N GLY E 26 18.52 41.17 -11.44
CA GLY E 26 17.92 40.90 -10.15
C GLY E 26 18.92 40.46 -9.11
N ARG E 27 20.01 39.80 -9.52
CA ARG E 27 21.02 39.33 -8.60
C ARG E 27 22.42 39.74 -9.08
N THR E 28 23.39 39.52 -8.20
CA THR E 28 24.78 39.87 -8.46
C THR E 28 25.40 38.93 -9.49
N GLY E 29 26.71 39.12 -9.72
CA GLY E 29 27.47 38.32 -10.65
C GLY E 29 27.92 37.00 -10.07
N GLY E 30 28.50 37.04 -8.86
CA GLY E 30 28.94 35.81 -8.21
C GLY E 30 27.78 34.89 -7.91
N SER E 31 26.59 35.46 -7.70
CA SER E 31 25.40 34.66 -7.46
C SER E 31 24.91 34.04 -8.76
N TRP E 32 25.02 34.79 -9.87
CA TRP E 32 24.64 34.25 -11.17
C TRP E 32 25.52 33.07 -11.51
N PHE E 33 26.83 33.17 -11.21
CA PHE E 33 27.72 32.06 -11.49
C PHE E 33 27.46 30.87 -10.58
N LYS E 34 27.20 31.12 -9.28
CA LYS E 34 26.92 30.01 -8.37
C LYS E 34 25.67 29.25 -8.81
N ILE E 35 24.59 29.99 -9.11
CA ILE E 35 23.35 29.37 -9.53
C ILE E 35 23.52 28.64 -10.85
N LEU E 36 24.18 29.27 -11.83
CA LEU E 36 24.38 28.64 -13.12
C LEU E 36 25.20 27.36 -13.00
N LEU E 37 26.24 27.39 -12.16
CA LEU E 37 27.06 26.20 -11.96
C LEU E 37 26.24 25.08 -11.32
N PHE E 38 25.43 25.44 -10.31
CA PHE E 38 24.60 24.42 -9.67
C PHE E 38 23.62 23.80 -10.65
N TYR E 39 22.89 24.64 -11.40
CA TYR E 39 21.92 24.11 -12.36
C TYR E 39 22.60 23.29 -13.44
N VAL E 40 23.82 23.66 -13.83
CA VAL E 40 24.50 22.87 -14.85
C VAL E 40 24.83 21.50 -14.29
N ILE E 41 25.33 21.43 -13.06
CA ILE E 41 25.65 20.14 -12.45
C ILE E 41 24.37 19.33 -12.23
N PHE E 42 23.31 19.99 -11.74
CA PHE E 42 22.04 19.34 -11.46
C PHE E 42 21.41 18.76 -12.73
N TYR E 43 21.24 19.60 -13.76
CA TYR E 43 20.65 19.13 -15.00
C TYR E 43 21.56 18.12 -15.69
N GLY E 44 22.88 18.23 -15.50
CA GLY E 44 23.77 17.24 -16.08
C GLY E 44 23.55 15.89 -15.43
N CYS E 45 23.39 15.88 -14.10
CA CYS E 45 23.11 14.64 -13.40
C CYS E 45 21.75 14.11 -13.81
N LEU E 46 20.77 15.02 -13.98
CA LEU E 46 19.44 14.63 -14.40
C LEU E 46 19.50 13.95 -15.76
N ALA E 47 20.26 14.55 -16.69
CA ALA E 47 20.40 13.99 -18.03
C ALA E 47 21.09 12.64 -17.96
N GLY E 48 22.15 12.53 -17.15
CA GLY E 48 22.85 11.25 -17.03
C GLY E 48 21.98 10.17 -16.42
N ILE E 49 21.10 10.54 -15.49
CA ILE E 49 20.21 9.57 -14.86
C ILE E 49 19.17 9.09 -15.86
N PHE E 50 18.54 10.02 -16.59
CA PHE E 50 17.57 9.63 -17.58
C PHE E 50 18.21 8.75 -18.64
N ILE E 51 19.45 9.06 -19.02
CA ILE E 51 20.16 8.28 -20.02
C ILE E 51 20.47 6.88 -19.48
N GLY E 52 20.90 6.77 -18.22
CA GLY E 52 21.20 5.46 -17.67
C GLY E 52 19.96 4.58 -17.60
N THR E 53 18.84 5.15 -17.14
CA THR E 53 17.61 4.36 -17.07
C THR E 53 17.10 4.00 -18.46
N ILE E 54 17.22 4.92 -19.43
CA ILE E 54 16.77 4.63 -20.78
C ILE E 54 17.67 3.57 -21.40
N GLN E 55 18.95 3.50 -20.98
CA GLN E 55 19.82 2.47 -21.51
C GLN E 55 19.43 1.12 -20.93
N VAL E 56 19.04 1.10 -19.64
CA VAL E 56 18.56 -0.14 -19.04
C VAL E 56 17.32 -0.61 -19.78
N MET E 57 16.43 0.33 -20.10
CA MET E 57 15.24 0.00 -20.86
C MET E 57 15.61 -0.54 -22.22
N LEU E 58 16.65 0.03 -22.84
CA LEU E 58 17.09 -0.48 -24.15
C LEU E 58 17.63 -1.89 -24.00
N LEU E 59 18.16 -2.22 -22.83
CA LEU E 59 18.67 -3.57 -22.56
C LEU E 59 17.53 -4.55 -22.30
N THR E 60 16.31 -4.06 -22.05
CA THR E 60 15.17 -4.94 -21.81
C THR E 60 14.53 -5.47 -23.09
N ILE E 61 14.94 -5.00 -24.26
CA ILE E 61 14.37 -5.46 -25.52
C ILE E 61 15.46 -6.13 -26.35
N SER E 62 15.04 -7.06 -27.19
CA SER E 62 15.97 -7.77 -28.06
C SER E 62 16.04 -7.06 -29.41
N GLU E 63 16.97 -7.52 -30.24
CA GLU E 63 17.16 -6.93 -31.56
C GLU E 63 16.40 -7.68 -32.64
N PHE E 64 15.91 -8.88 -32.35
CA PHE E 64 15.24 -9.72 -33.32
C PHE E 64 13.74 -9.88 -33.09
N LYS E 65 13.16 -9.27 -32.06
CA LYS E 65 11.72 -9.44 -31.86
C LYS E 65 11.13 -8.42 -30.90
N PRO E 66 10.00 -7.82 -31.25
CA PRO E 66 9.36 -6.86 -30.34
C PRO E 66 8.68 -7.59 -29.19
N THR E 67 8.78 -7.01 -28.00
CA THR E 67 8.20 -7.64 -26.82
C THR E 67 6.67 -7.73 -26.93
N TYR E 68 6.01 -6.63 -27.30
CA TYR E 68 4.56 -6.61 -27.45
C TYR E 68 4.17 -6.51 -28.92
N GLN E 69 3.34 -7.44 -29.39
CA GLN E 69 2.86 -7.44 -30.77
C GLN E 69 1.34 -7.53 -30.81
N ASP E 70 0.66 -7.30 -29.69
CA ASP E 70 -0.79 -7.38 -29.61
C ASP E 70 -1.52 -6.16 -30.16
N ARG E 71 -0.86 -5.00 -30.23
CA ARG E 71 -1.50 -3.79 -30.74
C ARG E 71 -1.58 -3.79 -32.27
N VAL E 72 -1.08 -4.83 -32.90
CA VAL E 72 -1.08 -5.00 -34.35
C VAL E 72 -1.73 -6.34 -34.64
N ALA E 73 -2.66 -6.76 -33.75
CA ALA E 73 -3.35 -8.03 -33.88
C ALA E 73 -4.01 -8.17 -35.25
N PRO E 74 -4.96 -7.31 -35.66
CA PRO E 74 -5.53 -7.47 -37.00
C PRO E 74 -4.70 -6.71 -38.02
N PRO E 75 -4.05 -7.39 -38.97
CA PRO E 75 -3.23 -6.68 -39.96
C PRO E 75 -4.06 -5.78 -40.86
N GLY E 76 -3.41 -4.73 -41.36
CA GLY E 76 -4.06 -3.77 -42.24
C GLY E 76 -4.05 -4.22 -43.70
N LEU E 77 -4.68 -3.38 -44.53
CA LEU E 77 -4.78 -3.63 -45.97
C LEU E 77 -4.62 -2.27 -46.66
N THR E 78 -3.40 -1.97 -47.12
CA THR E 78 -3.13 -0.69 -47.75
C THR E 78 -3.14 -0.80 -49.28
N GLN E 79 -3.00 0.35 -49.93
CA GLN E 79 -3.00 0.46 -51.39
C GLN E 79 -1.78 1.24 -51.86
N ILE E 80 -1.57 1.24 -53.18
CA ILE E 80 -0.44 1.97 -53.76
C ILE E 80 -0.73 3.47 -53.83
N PRO E 81 -1.90 3.94 -54.36
CA PRO E 81 -2.11 5.39 -54.39
C PRO E 81 -2.57 5.91 -53.03
N GLN E 82 -1.61 6.24 -52.17
CA GLN E 82 -1.93 6.75 -50.83
C GLN E 82 -2.53 8.14 -51.01
N SER E 83 -3.84 8.15 -51.30
CA SER E 83 -4.59 9.37 -51.53
C SER E 83 -4.78 10.16 -50.24
N GLN E 84 -5.06 11.46 -50.40
CA GLN E 84 -5.26 12.34 -49.24
C GLN E 84 -6.53 11.97 -48.48
N LYS E 85 -7.53 11.38 -49.15
CA LYS E 85 -8.77 10.95 -48.50
C LYS E 85 -9.23 9.61 -49.07
N THR E 86 -8.28 8.78 -49.52
CA THR E 86 -8.53 7.47 -50.13
C THR E 86 -9.45 7.59 -51.34
N GLU E 87 -9.39 8.73 -52.02
CA GLU E 87 -10.21 9.02 -53.19
C GLU E 87 -9.31 9.15 -54.42
N ILE E 88 -9.77 8.58 -55.54
CA ILE E 88 -9.05 8.62 -56.80
C ILE E 88 -9.87 9.46 -57.77
N SER E 89 -9.54 10.76 -57.85
CA SER E 89 -10.23 11.71 -58.73
C SER E 89 -9.22 12.26 -59.72
N PHE E 90 -9.44 12.01 -61.00
CA PHE E 90 -8.54 12.47 -62.06
C PHE E 90 -9.30 12.51 -63.38
N ARG E 91 -8.60 12.90 -64.44
CA ARG E 91 -9.15 13.01 -65.78
C ARG E 91 -8.46 12.01 -66.72
N PRO E 92 -9.21 11.21 -67.50
CA PRO E 92 -8.56 10.26 -68.40
C PRO E 92 -7.72 10.89 -69.49
N ASN E 93 -7.82 12.21 -69.72
CA ASN E 93 -7.06 12.89 -70.75
C ASN E 93 -5.83 13.63 -70.22
N ASP E 94 -6.04 14.58 -69.30
CA ASP E 94 -4.97 15.38 -68.72
C ASP E 94 -3.90 14.54 -68.04
N PRO E 95 -2.67 14.54 -68.55
CA PRO E 95 -1.62 13.74 -67.92
C PRO E 95 -1.19 14.28 -66.57
N GLN E 96 -1.31 15.59 -66.34
CA GLN E 96 -0.92 16.15 -65.05
C GLN E 96 -1.97 15.90 -63.98
N SER E 97 -3.19 15.53 -64.38
CA SER E 97 -4.25 15.26 -63.41
C SER E 97 -3.98 14.00 -62.59
N TYR E 98 -3.41 12.97 -63.21
CA TYR E 98 -3.12 11.72 -62.51
C TYR E 98 -1.63 11.52 -62.23
N GLU E 99 -0.85 12.61 -62.20
CA GLU E 99 0.58 12.53 -61.92
C GLU E 99 0.87 12.09 -60.49
N SER E 100 0.10 12.62 -59.53
CA SER E 100 0.31 12.28 -58.11
C SER E 100 0.11 10.79 -57.84
N TYR E 101 -0.74 10.12 -58.61
CA TYR E 101 -0.96 8.69 -58.41
C TYR E 101 0.19 7.87 -58.96
N VAL E 102 0.43 8.00 -60.28
CA VAL E 102 1.50 7.27 -60.96
C VAL E 102 2.85 7.47 -60.29
N VAL E 103 3.12 8.69 -59.79
CA VAL E 103 4.40 8.94 -59.11
C VAL E 103 4.57 7.99 -57.94
N SER E 104 3.53 7.87 -57.09
CA SER E 104 3.62 6.98 -55.95
C SER E 104 3.63 5.51 -56.37
N ILE E 105 2.94 5.16 -57.47
CA ILE E 105 2.95 3.75 -57.88
C ILE E 105 4.35 3.36 -58.35
N VAL E 106 4.99 4.22 -59.14
CA VAL E 106 6.34 3.92 -59.63
C VAL E 106 7.34 3.91 -58.48
N ARG E 107 7.27 4.89 -57.57
CA ARG E 107 8.20 4.89 -56.45
C ARG E 107 8.00 3.67 -55.57
N PHE E 108 6.75 3.18 -55.46
CA PHE E 108 6.48 2.00 -54.66
C PHE E 108 7.07 0.75 -55.33
N LEU E 109 6.79 0.55 -56.62
CA LEU E 109 7.30 -0.63 -57.31
C LEU E 109 8.74 -0.50 -57.80
N GLU E 110 9.44 0.58 -57.43
CA GLU E 110 10.83 0.73 -57.86
C GLU E 110 11.75 -0.33 -57.26
N LYS E 111 11.35 -0.95 -56.15
CA LYS E 111 12.14 -2.00 -55.53
C LYS E 111 11.75 -3.39 -56.01
N TYR E 112 10.81 -3.48 -56.95
CA TYR E 112 10.36 -4.75 -57.49
C TYR E 112 10.89 -5.05 -58.89
N LYS E 113 11.70 -4.17 -59.47
CA LYS E 113 12.24 -4.43 -60.79
C LYS E 113 13.22 -5.60 -60.75
N ASP E 114 13.40 -6.23 -61.92
CA ASP E 114 14.29 -7.38 -62.00
C ASP E 114 15.74 -7.02 -61.70
N LEU E 115 16.13 -5.75 -61.89
CA LEU E 115 17.49 -5.33 -61.57
C LEU E 115 17.70 -5.18 -60.07
N ALA E 116 16.65 -4.80 -59.33
CA ALA E 116 16.80 -4.67 -57.89
C ALA E 116 16.98 -6.03 -57.25
N GLN E 117 16.27 -7.05 -57.75
CA GLN E 117 16.38 -8.42 -57.25
C GLN E 117 17.29 -9.17 -58.20
N LYS E 118 18.59 -8.94 -58.04
CA LYS E 118 19.59 -9.59 -58.87
C LYS E 118 20.59 -10.42 -58.08
N ASP E 119 20.86 -10.07 -56.83
CA ASP E 119 21.81 -10.82 -56.02
C ASP E 119 21.19 -12.16 -55.60
N ASP E 120 21.90 -13.26 -55.85
CA ASP E 120 21.39 -14.57 -55.48
C ASP E 120 21.70 -14.94 -54.04
N MET E 121 22.53 -14.16 -53.35
CA MET E 121 22.89 -14.44 -51.97
C MET E 121 21.86 -13.95 -50.97
N ILE E 122 20.89 -13.14 -51.40
CA ILE E 122 19.87 -12.61 -50.50
C ILE E 122 18.48 -12.84 -51.08
N PHE E 123 18.40 -13.33 -52.32
CA PHE E 123 17.13 -13.57 -52.98
C PHE E 123 16.98 -15.05 -53.27
N GLU E 124 15.74 -15.53 -53.19
CA GLU E 124 15.40 -16.93 -53.40
C GLU E 124 14.15 -17.02 -54.27
N ASP E 125 14.25 -17.76 -55.39
CA ASP E 125 13.13 -17.91 -56.30
C ASP E 125 12.11 -18.87 -55.70
N CYS E 126 11.01 -18.32 -55.18
CA CYS E 126 9.98 -19.13 -54.56
C CYS E 126 9.33 -20.07 -55.57
N GLY E 127 8.67 -19.53 -56.57
CA GLY E 127 8.03 -20.35 -57.58
C GLY E 127 6.87 -19.63 -58.24
N ASN E 128 6.44 -20.17 -59.39
CA ASN E 128 5.34 -19.64 -60.17
C ASN E 128 3.98 -20.02 -59.62
N VAL E 129 3.93 -20.85 -58.59
CA VAL E 129 2.68 -21.29 -58.00
C VAL E 129 2.76 -21.06 -56.49
N PRO E 130 1.74 -20.49 -55.86
CA PRO E 130 1.78 -20.25 -54.40
C PRO E 130 1.84 -21.56 -53.62
N SER E 131 2.83 -21.66 -52.74
CA SER E 131 3.04 -22.85 -51.91
C SER E 131 2.82 -22.54 -50.43
N GLU E 132 3.12 -23.54 -49.60
CA GLU E 132 2.99 -23.44 -48.15
C GLU E 132 3.98 -22.43 -47.57
N LEU E 133 3.82 -22.13 -46.29
CA LEU E 133 4.69 -21.18 -45.62
C LEU E 133 6.13 -21.67 -45.58
N LYS E 134 7.07 -20.72 -45.58
CA LYS E 134 8.50 -21.00 -45.57
C LYS E 134 9.11 -20.47 -44.28
N GLU E 135 9.31 -21.35 -43.32
CA GLU E 135 9.90 -20.98 -42.04
C GLU E 135 11.40 -21.22 -42.08
N ARG E 136 12.17 -20.14 -41.95
CA ARG E 136 13.63 -20.22 -41.99
C ARG E 136 14.18 -20.22 -40.55
N GLY E 137 13.94 -21.33 -39.86
CA GLY E 137 14.38 -21.56 -38.49
C GLY E 137 13.73 -20.64 -37.47
N GLU E 138 14.44 -20.41 -36.37
CA GLU E 138 13.99 -19.55 -35.29
C GLU E 138 14.36 -18.10 -35.57
N TYR E 139 13.93 -17.21 -34.68
CA TYR E 139 14.17 -15.77 -34.82
C TYR E 139 15.49 -15.30 -34.22
N ASN E 140 16.34 -16.19 -33.71
CA ASN E 140 17.60 -15.77 -33.13
C ASN E 140 18.60 -15.40 -34.24
N ASN E 141 19.81 -15.01 -33.82
CA ASN E 141 20.86 -14.64 -34.76
C ASN E 141 21.83 -15.78 -35.01
N GLU E 142 21.49 -16.99 -34.56
CA GLU E 142 22.36 -18.14 -34.76
C GLU E 142 22.57 -18.42 -36.25
N ARG E 143 21.55 -18.18 -37.06
CA ARG E 143 21.66 -18.34 -38.50
C ARG E 143 22.03 -16.99 -39.12
N GLY E 144 22.57 -17.03 -40.33
CA GLY E 144 22.94 -15.80 -41.01
C GLY E 144 21.75 -14.99 -41.48
N GLU E 145 22.00 -14.06 -42.40
CA GLU E 145 20.92 -13.23 -42.92
C GLU E 145 20.02 -14.09 -43.81
N ARG E 146 18.76 -14.25 -43.41
CA ARG E 146 17.80 -15.07 -44.13
C ARG E 146 17.59 -14.60 -45.56
N LYS E 147 17.01 -15.49 -46.37
CA LYS E 147 16.72 -15.21 -47.76
C LYS E 147 15.30 -14.69 -47.89
N VAL E 148 15.08 -13.83 -48.89
CA VAL E 148 13.78 -13.24 -49.16
C VAL E 148 13.31 -13.72 -50.52
N CYS E 149 12.09 -14.25 -50.58
CA CYS E 149 11.56 -14.74 -51.84
C CYS E 149 11.26 -13.60 -52.81
N ARG E 150 11.66 -13.81 -54.08
CA ARG E 150 11.47 -12.81 -55.13
C ARG E 150 10.01 -12.67 -55.55
N PHE E 151 9.69 -11.49 -56.08
CA PHE E 151 8.34 -11.17 -56.56
C PHE E 151 8.50 -10.16 -57.70
N ARG E 152 8.52 -10.67 -58.93
CA ARG E 152 8.66 -9.84 -60.12
C ARG E 152 7.35 -9.13 -60.45
N LEU E 153 7.46 -7.97 -61.11
CA LEU E 153 6.29 -7.19 -61.46
C LEU E 153 5.38 -7.90 -62.46
N GLU E 154 5.88 -8.94 -63.14
CA GLU E 154 5.09 -9.67 -64.12
C GLU E 154 3.89 -10.37 -63.49
N TRP E 155 3.94 -10.68 -62.20
CA TRP E 155 2.82 -11.36 -61.56
C TRP E 155 1.57 -10.50 -61.57
N LEU E 156 1.71 -9.19 -61.45
CA LEU E 156 0.58 -8.27 -61.47
C LEU E 156 0.35 -7.90 -62.93
N GLY E 157 -0.39 -8.76 -63.62
CA GLY E 157 -0.67 -8.52 -65.02
C GLY E 157 -1.55 -7.30 -65.21
N ASN E 158 -1.34 -6.62 -66.34
CA ASN E 158 -2.08 -5.44 -66.76
C ASN E 158 -1.96 -4.22 -65.83
N CYS E 159 -1.18 -4.30 -64.74
CA CYS E 159 -1.00 -3.17 -63.82
C CYS E 159 0.46 -3.00 -63.45
N SER E 160 1.34 -3.12 -64.44
CA SER E 160 2.77 -2.94 -64.25
C SER E 160 3.42 -1.98 -65.23
N GLY E 161 2.84 -1.81 -66.42
CA GLY E 161 3.36 -0.93 -67.45
C GLY E 161 4.56 -1.48 -68.21
N GLY E 168 4.00 4.11 -67.75
CA GLY E 168 2.69 4.10 -68.38
C GLY E 168 1.68 3.23 -67.66
N TYR E 169 0.99 3.83 -66.69
CA TYR E 169 0.00 3.12 -65.89
C TYR E 169 -1.39 3.29 -66.52
N LYS E 170 -2.43 2.99 -65.76
CA LYS E 170 -3.80 3.03 -66.26
C LYS E 170 -4.52 4.33 -65.95
N ASP E 171 -4.97 5.03 -67.01
CA ASP E 171 -5.76 6.26 -66.89
C ASP E 171 -7.24 5.90 -66.89
N GLY E 172 -7.74 5.33 -67.98
CA GLY E 172 -9.11 4.87 -68.01
C GLY E 172 -9.03 3.48 -67.40
N LYS E 173 -10.04 3.12 -66.58
CA LYS E 173 -10.05 1.83 -65.90
C LYS E 173 -8.79 1.77 -65.04
N PRO E 174 -8.72 2.53 -63.95
CA PRO E 174 -7.49 2.57 -63.15
C PRO E 174 -7.18 1.27 -62.44
N CYS E 175 -5.94 1.21 -61.97
CA CYS E 175 -5.37 0.09 -61.24
C CYS E 175 -5.09 0.52 -59.81
N VAL E 176 -5.40 -0.36 -58.86
CA VAL E 176 -5.15 -0.11 -57.45
C VAL E 176 -4.69 -1.42 -56.83
N ILE E 177 -3.39 -1.55 -56.59
CA ILE E 177 -2.90 -2.79 -55.99
C ILE E 177 -3.05 -2.68 -54.47
N ILE E 178 -3.20 -3.84 -53.84
CA ILE E 178 -3.37 -3.92 -52.39
C ILE E 178 -2.16 -4.64 -51.81
N LYS E 179 -1.87 -4.34 -50.55
CA LYS E 179 -0.74 -4.93 -49.85
C LYS E 179 -1.14 -5.24 -48.42
N LEU E 180 -0.67 -6.39 -47.94
CA LEU E 180 -0.93 -6.84 -46.58
C LEU E 180 0.14 -6.28 -45.66
N ASN E 181 -0.29 -5.72 -44.53
CA ASN E 181 0.62 -5.12 -43.56
C ASN E 181 1.66 -6.10 -43.06
N ARG E 182 2.93 -5.77 -43.34
CA ARG E 182 4.06 -6.58 -42.92
C ARG E 182 4.10 -6.67 -41.40
N VAL E 183 3.97 -7.87 -40.86
CA VAL E 183 3.98 -8.10 -39.41
C VAL E 183 5.02 -9.19 -39.11
N LEU E 184 5.81 -8.97 -38.06
CA LEU E 184 6.84 -9.93 -37.68
C LEU E 184 6.22 -11.20 -37.12
N GLY E 185 6.72 -12.34 -37.60
CA GLY E 185 6.27 -13.66 -37.17
C GLY E 185 4.83 -14.00 -37.50
N PHE E 186 4.14 -13.15 -38.24
CA PHE E 186 2.74 -13.41 -38.59
C PHE E 186 2.63 -14.47 -39.67
N LYS E 187 1.83 -15.49 -39.39
CA LYS E 187 1.58 -16.59 -40.31
C LYS E 187 0.15 -16.51 -40.79
N PRO E 188 -0.11 -16.08 -42.03
CA PRO E 188 -1.49 -15.98 -42.51
C PRO E 188 -2.16 -17.34 -42.58
N LYS E 189 -3.41 -17.38 -42.14
CA LYS E 189 -4.21 -18.61 -42.17
C LYS E 189 -5.50 -18.30 -42.92
N PRO E 190 -5.59 -18.68 -44.19
CA PRO E 190 -6.80 -18.41 -44.97
C PRO E 190 -7.98 -19.18 -44.41
N PRO E 191 -9.21 -18.83 -44.77
CA PRO E 191 -10.37 -19.55 -44.25
C PRO E 191 -10.40 -20.99 -44.74
N LYS E 192 -11.10 -21.82 -43.98
CA LYS E 192 -11.24 -23.24 -44.30
C LYS E 192 -11.96 -23.44 -45.63
N ASN E 193 -11.94 -24.69 -46.12
CA ASN E 193 -12.65 -24.99 -47.35
C ASN E 193 -14.15 -24.75 -47.19
N GLU E 194 -14.64 -24.75 -45.95
CA GLU E 194 -16.03 -24.46 -45.60
C GLU E 194 -16.16 -22.93 -45.56
N SER E 195 -16.14 -22.34 -46.75
CA SER E 195 -16.21 -20.88 -46.89
C SER E 195 -17.65 -20.40 -46.74
N LEU E 196 -17.87 -19.52 -45.76
CA LEU E 196 -19.19 -18.96 -45.44
C LEU E 196 -19.54 -17.81 -46.39
N GLU E 197 -19.87 -18.17 -47.64
CA GLU E 197 -20.28 -17.21 -48.68
C GLU E 197 -19.25 -16.10 -48.87
N THR E 198 -18.13 -16.44 -49.50
CA THR E 198 -17.04 -15.48 -49.67
C THR E 198 -16.87 -14.86 -51.05
N TYR E 199 -17.99 -14.58 -51.82
CA TYR E 199 -17.85 -13.91 -53.13
C TYR E 199 -16.96 -14.66 -54.12
N PRO E 200 -17.55 -15.43 -55.10
CA PRO E 200 -16.77 -16.29 -56.03
C PRO E 200 -15.29 -15.96 -56.21
N VAL E 201 -14.49 -16.98 -55.92
CA VAL E 201 -13.04 -16.94 -55.93
C VAL E 201 -12.55 -18.30 -56.41
N MET E 202 -11.28 -18.34 -56.84
CA MET E 202 -10.71 -19.60 -57.33
C MET E 202 -10.63 -20.63 -56.21
N LYS E 203 -10.45 -21.88 -56.63
CA LYS E 203 -10.37 -23.04 -55.75
C LYS E 203 -9.02 -23.18 -55.04
N TYR E 204 -8.20 -22.14 -55.03
CA TYR E 204 -6.90 -22.23 -54.37
C TYR E 204 -7.00 -21.81 -52.90
N ASN E 205 -7.98 -22.38 -52.20
CA ASN E 205 -8.17 -22.05 -50.79
C ASN E 205 -7.01 -22.37 -49.84
N PRO E 206 -6.18 -23.44 -50.04
CA PRO E 206 -5.15 -23.69 -49.01
C PRO E 206 -3.87 -22.87 -49.03
N TYR E 207 -3.36 -22.38 -50.16
CA TYR E 207 -2.09 -21.67 -50.09
C TYR E 207 -2.13 -20.23 -50.60
N VAL E 208 -3.16 -19.47 -50.24
CA VAL E 208 -3.23 -18.06 -50.62
C VAL E 208 -4.27 -17.39 -49.74
N LEU E 209 -3.94 -16.17 -49.29
CA LEU E 209 -4.81 -15.36 -48.46
C LEU E 209 -5.73 -14.60 -49.40
N PRO E 210 -7.02 -14.93 -49.44
CA PRO E 210 -7.94 -14.25 -50.36
C PRO E 210 -8.27 -12.82 -49.93
N VAL E 211 -8.52 -11.98 -50.93
CA VAL E 211 -8.89 -10.59 -50.77
C VAL E 211 -9.93 -10.29 -51.83
N HIS E 212 -11.14 -9.90 -51.43
CA HIS E 212 -12.21 -9.62 -52.38
C HIS E 212 -12.75 -8.21 -52.19
N CYS E 213 -12.88 -7.50 -53.30
CA CYS E 213 -13.42 -6.15 -53.31
C CYS E 213 -14.88 -6.18 -53.70
N THR E 214 -15.60 -5.14 -53.32
CA THR E 214 -17.03 -5.02 -53.62
C THR E 214 -17.41 -3.57 -53.33
N GLY E 215 -18.68 -3.24 -53.56
CA GLY E 215 -19.15 -1.90 -53.28
C GLY E 215 -19.39 -1.72 -51.80
N LYS E 216 -20.24 -0.74 -51.45
CA LYS E 216 -20.54 -0.52 -50.04
C LYS E 216 -22.04 -0.57 -49.79
N ARG E 217 -22.83 -0.19 -50.79
CA ARG E 217 -24.28 -0.19 -50.64
C ARG E 217 -24.90 -0.62 -51.96
N ASP E 218 -26.23 -0.55 -52.00
CA ASP E 218 -26.96 -0.93 -53.20
C ASP E 218 -26.59 -0.06 -54.40
N GLU E 219 -26.10 1.17 -54.16
CA GLU E 219 -25.72 2.08 -55.23
C GLU E 219 -24.30 1.80 -55.73
N ASP E 220 -23.35 1.73 -54.81
CA ASP E 220 -21.96 1.47 -55.16
C ASP E 220 -21.78 0.12 -55.81
N LYS E 221 -22.51 -0.90 -55.33
CA LYS E 221 -22.39 -2.24 -55.90
C LYS E 221 -22.90 -2.29 -57.34
N GLU E 222 -23.81 -1.40 -57.71
CA GLU E 222 -24.33 -1.41 -59.08
C GLU E 222 -23.49 -0.56 -60.03
N LYS E 223 -22.98 0.59 -59.58
CA LYS E 223 -22.18 1.44 -60.48
C LYS E 223 -20.91 0.74 -60.98
N VAL E 224 -20.24 0.00 -60.11
CA VAL E 224 -19.01 -0.72 -60.47
C VAL E 224 -19.40 -1.99 -61.22
N GLY E 225 -19.18 -1.99 -62.54
CA GLY E 225 -19.55 -3.14 -63.35
C GLY E 225 -18.74 -4.41 -63.19
N THR E 226 -17.46 -4.39 -63.60
CA THR E 226 -16.62 -5.57 -63.52
C THR E 226 -15.25 -5.23 -62.93
N MET E 227 -14.72 -6.14 -62.12
CA MET E 227 -13.41 -6.00 -61.51
C MET E 227 -12.57 -7.21 -61.88
N GLU E 228 -11.30 -6.97 -62.20
CA GLU E 228 -10.37 -8.02 -62.56
C GLU E 228 -9.19 -7.98 -61.60
N TYR E 229 -8.94 -9.10 -60.93
CA TYR E 229 -7.86 -9.24 -59.96
C TYR E 229 -6.64 -9.89 -60.61
N PHE E 230 -5.46 -9.55 -60.09
CA PHE E 230 -4.21 -10.09 -60.60
C PHE E 230 -3.28 -10.43 -59.44
N GLY E 231 -2.68 -11.60 -59.50
CA GLY E 231 -1.76 -12.05 -58.47
C GLY E 231 -0.78 -13.08 -58.96
N LEU E 232 -0.16 -13.77 -58.00
CA LEU E 232 0.82 -14.82 -58.30
C LEU E 232 0.10 -15.96 -58.99
N GLY E 233 0.41 -16.19 -60.27
CA GLY E 233 -0.23 -17.25 -61.01
C GLY E 233 -1.69 -17.00 -61.33
N GLY E 234 -2.22 -15.82 -61.01
CA GLY E 234 -3.60 -15.50 -61.29
C GLY E 234 -4.58 -15.67 -60.13
N TYR E 235 -4.11 -15.67 -58.88
CA TYR E 235 -5.00 -15.83 -57.74
C TYR E 235 -5.17 -14.51 -57.01
N PRO E 236 -6.40 -14.14 -56.66
CA PRO E 236 -6.67 -12.86 -55.96
C PRO E 236 -6.32 -12.90 -54.48
N GLY E 237 -5.02 -12.85 -54.20
CA GLY E 237 -4.60 -12.88 -52.82
C GLY E 237 -3.10 -12.82 -52.67
N PHE E 238 -2.65 -13.18 -51.48
CA PHE E 238 -1.23 -13.17 -51.13
C PHE E 238 -0.73 -14.59 -50.93
N PRO E 239 0.36 -15.00 -51.57
CA PRO E 239 0.86 -16.37 -51.39
C PRO E 239 1.49 -16.59 -50.01
N LEU E 240 1.24 -17.77 -49.45
CA LEU E 240 1.78 -18.11 -48.12
C LEU E 240 3.28 -18.37 -48.13
N GLN E 241 3.89 -18.55 -49.32
CA GLN E 241 5.32 -18.82 -49.42
C GLN E 241 6.19 -17.62 -49.07
N TYR E 242 5.61 -16.45 -48.84
CA TYR E 242 6.37 -15.25 -48.50
C TYR E 242 6.30 -14.91 -47.02
N TYR E 243 5.66 -15.73 -46.22
CA TYR E 243 5.50 -15.48 -44.79
C TYR E 243 6.11 -16.61 -43.96
N PRO E 244 6.50 -16.34 -42.70
CA PRO E 244 6.41 -15.07 -41.95
C PRO E 244 7.60 -14.12 -42.12
N TYR E 245 7.47 -12.90 -41.59
CA TYR E 245 8.50 -11.88 -41.66
C TYR E 245 9.46 -12.06 -40.49
N TYR E 246 10.75 -11.85 -40.74
CA TYR E 246 11.77 -12.02 -39.71
C TYR E 246 12.44 -10.69 -39.34
N GLY E 247 11.67 -9.61 -39.34
CA GLY E 247 12.21 -8.30 -38.99
C GLY E 247 13.10 -7.67 -40.04
N LYS E 248 13.26 -6.35 -39.96
CA LYS E 248 14.11 -5.64 -40.91
C LYS E 248 15.58 -5.94 -40.67
N LEU E 249 15.95 -6.24 -39.43
CA LEU E 249 17.33 -6.56 -39.09
C LEU E 249 17.80 -7.85 -39.74
N LEU E 250 16.97 -8.90 -39.68
CA LEU E 250 17.34 -10.19 -40.27
C LEU E 250 16.96 -10.32 -41.74
N GLN E 251 15.96 -9.57 -42.21
CA GLN E 251 15.53 -9.64 -43.62
C GLN E 251 15.38 -8.26 -44.22
N PRO E 252 16.48 -7.55 -44.48
CA PRO E 252 16.37 -6.24 -45.12
C PRO E 252 16.09 -6.45 -46.60
N LYS E 253 15.50 -5.42 -47.22
CA LYS E 253 15.13 -5.48 -48.64
C LYS E 253 14.13 -6.61 -48.88
N TYR E 254 13.26 -6.85 -47.90
CA TYR E 254 12.25 -7.89 -48.01
C TYR E 254 11.10 -7.39 -48.88
N LEU E 255 10.54 -8.28 -49.69
CA LEU E 255 9.44 -7.92 -50.59
C LEU E 255 8.19 -8.73 -50.28
N GLN E 256 7.25 -8.09 -49.59
CA GLN E 256 5.99 -8.70 -49.25
C GLN E 256 5.16 -8.92 -50.52
N PRO E 257 4.23 -9.87 -50.50
CA PRO E 257 3.41 -10.12 -51.69
C PRO E 257 2.54 -8.93 -52.06
N LEU E 258 2.21 -8.84 -53.34
CA LEU E 258 1.36 -7.78 -53.88
C LEU E 258 0.24 -8.43 -54.69
N MET E 259 -0.85 -7.68 -54.83
CA MET E 259 -2.02 -8.14 -55.58
C MET E 259 -2.75 -6.93 -56.12
N ALA E 260 -2.87 -6.84 -57.44
CA ALA E 260 -3.53 -5.69 -58.06
C ALA E 260 -5.02 -5.95 -58.32
N VAL E 261 -5.76 -4.84 -58.41
CA VAL E 261 -7.19 -4.85 -58.67
C VAL E 261 -7.51 -3.75 -59.67
N GLN E 262 -8.14 -4.12 -60.78
CA GLN E 262 -8.51 -3.16 -61.82
C GLN E 262 -10.03 -3.10 -61.91
N PHE E 263 -10.56 -1.89 -62.04
CA PHE E 263 -11.98 -1.65 -62.14
C PHE E 263 -12.26 -1.29 -63.60
N THR E 264 -12.65 -2.30 -64.37
CA THR E 264 -12.90 -2.12 -65.80
C THR E 264 -14.17 -1.34 -66.08
N ASN E 265 -15.32 -1.85 -65.67
CA ASN E 265 -16.57 -1.17 -65.99
C ASN E 265 -17.00 -0.20 -64.90
N LEU E 266 -16.51 1.02 -64.99
CA LEU E 266 -16.85 2.08 -64.05
C LEU E 266 -17.77 3.09 -64.73
N THR E 267 -18.54 3.79 -63.90
CA THR E 267 -19.45 4.82 -64.37
C THR E 267 -18.67 6.13 -64.28
N MET E 268 -18.15 6.58 -65.42
CA MET E 268 -17.38 7.81 -65.46
C MET E 268 -18.17 8.99 -64.92
N ASP E 269 -17.44 9.95 -64.33
CA ASP E 269 -18.00 11.17 -63.75
C ASP E 269 -18.94 10.84 -62.58
N THR E 270 -18.57 9.84 -61.78
CA THR E 270 -19.37 9.43 -60.63
C THR E 270 -18.45 8.85 -59.55
N GLU E 271 -18.56 9.41 -58.33
CA GLU E 271 -17.75 8.96 -57.21
C GLU E 271 -18.43 7.74 -56.58
N ILE E 272 -17.76 6.59 -56.66
CA ILE E 272 -18.27 5.32 -56.14
C ILE E 272 -17.32 4.77 -55.10
N ARG E 273 -17.90 4.15 -54.07
CA ARG E 273 -17.16 3.59 -52.96
C ARG E 273 -16.90 2.10 -53.17
N ILE E 274 -15.65 1.69 -52.91
CA ILE E 274 -15.19 0.32 -53.05
C ILE E 274 -14.56 -0.11 -51.73
N GLU E 275 -14.88 -1.33 -51.29
CA GLU E 275 -14.36 -1.92 -50.06
C GLU E 275 -13.70 -3.24 -50.42
N CYS E 276 -12.39 -3.30 -50.26
CA CYS E 276 -11.60 -4.49 -50.53
C CYS E 276 -11.36 -5.13 -49.16
N LYS E 277 -12.10 -6.19 -48.89
CA LYS E 277 -12.03 -6.89 -47.62
C LYS E 277 -11.20 -8.16 -47.75
N ALA E 278 -10.20 -8.30 -46.89
CA ALA E 278 -9.34 -9.48 -46.88
C ALA E 278 -9.97 -10.49 -45.92
N TYR E 279 -10.12 -11.73 -46.37
CA TYR E 279 -10.73 -12.78 -45.57
C TYR E 279 -9.69 -13.76 -45.05
N GLY E 280 -9.97 -14.31 -43.87
CA GLY E 280 -9.08 -15.25 -43.23
C GLY E 280 -9.37 -15.37 -41.76
N GLU E 281 -8.79 -16.41 -41.15
CA GLU E 281 -8.98 -16.65 -39.73
C GLU E 281 -8.12 -15.70 -38.90
N ASN E 282 -6.86 -15.51 -39.30
CA ASN E 282 -5.93 -14.62 -38.61
C ASN E 282 -6.10 -13.17 -39.05
N ILE E 283 -7.19 -12.84 -39.73
CA ILE E 283 -7.45 -11.50 -40.23
C ILE E 283 -8.66 -10.95 -39.48
N GLY E 284 -8.41 -9.95 -38.62
CA GLY E 284 -9.48 -9.31 -37.87
C GLY E 284 -9.97 -8.04 -38.55
N TYR E 285 -11.03 -7.47 -37.99
CA TYR E 285 -11.63 -6.26 -38.52
C TYR E 285 -11.87 -5.28 -37.38
N SER E 286 -12.34 -4.08 -37.71
CA SER E 286 -12.58 -3.07 -36.69
C SER E 286 -13.55 -2.03 -37.23
N GLU E 287 -14.60 -1.74 -36.45
CA GLU E 287 -15.57 -0.73 -36.83
C GLU E 287 -15.02 0.67 -36.66
N LYS E 288 -13.91 0.82 -35.92
CA LYS E 288 -13.27 2.10 -35.69
C LYS E 288 -12.13 2.36 -36.67
N ASP E 289 -11.44 1.31 -37.09
CA ASP E 289 -10.34 1.40 -38.04
C ASP E 289 -10.80 0.72 -39.32
N ARG E 290 -11.17 1.52 -40.32
CA ARG E 290 -11.63 0.97 -41.60
C ARG E 290 -10.50 0.35 -42.41
N PHE E 291 -9.29 0.32 -41.87
CA PHE E 291 -8.15 -0.28 -42.55
C PHE E 291 -7.74 -1.63 -41.99
N GLN E 292 -8.13 -1.96 -40.75
CA GLN E 292 -7.82 -3.25 -40.14
C GLN E 292 -8.58 -4.35 -40.87
N GLY E 293 -7.88 -5.16 -41.65
CA GLY E 293 -8.49 -6.24 -42.39
C GLY E 293 -9.10 -5.82 -43.70
N ARG E 294 -10.00 -4.84 -43.64
CA ARG E 294 -10.66 -4.32 -44.83
C ARG E 294 -9.88 -3.13 -45.39
N PHE E 295 -10.44 -2.50 -46.41
CA PHE E 295 -9.79 -1.38 -47.07
C PHE E 295 -10.85 -0.64 -47.90
N ASP E 296 -10.86 0.69 -47.82
CA ASP E 296 -11.83 1.51 -48.53
C ASP E 296 -11.18 2.44 -49.55
N VAL E 297 -11.93 2.80 -50.58
CA VAL E 297 -11.46 3.67 -51.65
C VAL E 297 -12.66 4.33 -52.31
N LYS E 298 -12.48 5.57 -52.78
CA LYS E 298 -13.53 6.34 -53.45
C LYS E 298 -13.04 6.69 -54.86
N ILE E 299 -13.40 5.87 -55.87
CA ILE E 299 -12.94 6.11 -57.24
C ILE E 299 -13.94 6.95 -58.02
N GLU E 300 -13.41 7.87 -58.83
CA GLU E 300 -14.22 8.76 -59.67
C GLU E 300 -13.38 9.15 -60.88
N VAL E 301 -13.62 8.50 -62.02
CA VAL E 301 -12.89 8.80 -63.25
C VAL E 301 -13.76 9.82 -64.00
N LYS E 302 -13.59 11.09 -63.65
CA LYS E 302 -14.36 12.16 -64.28
C LYS E 302 -13.70 12.56 -65.60
N SER E 303 -14.45 12.45 -66.68
CA SER E 303 -13.96 12.78 -68.02
C SER E 303 -14.22 14.24 -68.38
N ASP F 17 -1.35 -17.34 -29.52
CA ASP F 17 -0.67 -16.30 -30.28
C ASP F 17 -0.32 -15.11 -29.38
N PRO F 18 0.85 -14.50 -29.60
CA PRO F 18 1.26 -13.34 -28.81
C PRO F 18 0.57 -12.04 -29.20
N PHE F 19 -0.40 -12.11 -30.12
CA PHE F 19 -1.14 -10.96 -30.59
C PHE F 19 -2.45 -10.73 -29.85
N TYR F 20 -2.73 -11.51 -28.81
CA TYR F 20 -3.95 -11.37 -28.02
C TYR F 20 -3.55 -11.13 -26.59
N TYR F 21 -4.03 -10.02 -26.01
CA TYR F 21 -3.72 -9.66 -24.64
C TYR F 21 -4.96 -9.79 -23.79
N ASP F 22 -4.81 -10.40 -22.61
CA ASP F 22 -5.90 -10.59 -21.67
C ASP F 22 -6.20 -9.25 -21.00
N TYR F 23 -6.70 -8.28 -21.78
CA TYR F 23 -7.01 -6.96 -21.25
C TYR F 23 -8.15 -6.98 -20.24
N GLU F 24 -9.04 -7.98 -20.30
CA GLU F 24 -10.15 -8.02 -19.37
C GLU F 24 -9.70 -8.33 -17.95
N THR F 25 -8.75 -9.25 -17.79
CA THR F 25 -8.28 -9.58 -16.43
C THR F 25 -7.52 -8.42 -15.81
N VAL F 26 -6.63 -7.79 -16.58
CA VAL F 26 -5.87 -6.65 -16.05
C VAL F 26 -6.81 -5.48 -15.75
N ARG F 27 -7.74 -5.19 -16.67
CA ARG F 27 -8.69 -4.11 -16.46
C ARG F 27 -9.58 -4.39 -15.25
N ASN F 28 -10.05 -5.63 -15.11
CA ASN F 28 -10.89 -6.03 -13.98
C ASN F 28 -10.12 -5.82 -12.68
N GLY F 29 -8.88 -6.33 -12.62
CA GLY F 29 -8.08 -6.15 -11.42
C GLY F 29 -7.81 -4.68 -11.12
N GLY F 30 -7.65 -3.87 -12.18
CA GLY F 30 -7.44 -2.46 -11.97
C GLY F 30 -8.64 -1.80 -11.32
N LEU F 31 -9.84 -2.19 -11.75
CA LEU F 31 -11.05 -1.62 -11.16
C LEU F 31 -11.21 -2.10 -9.72
N ILE F 32 -10.86 -3.36 -9.44
CA ILE F 32 -10.94 -3.88 -8.09
C ILE F 32 -10.03 -3.09 -7.17
N PHE F 33 -8.79 -2.85 -7.61
CA PHE F 33 -7.85 -2.07 -6.82
C PHE F 33 -8.35 -0.64 -6.64
N ALA F 34 -8.92 -0.06 -7.71
CA ALA F 34 -9.44 1.30 -7.63
C ALA F 34 -10.57 1.40 -6.61
N ALA F 35 -11.31 0.31 -6.41
CA ALA F 35 -12.36 0.35 -5.42
C ALA F 35 -11.79 0.14 -4.01
N LEU F 36 -10.85 -0.80 -3.87
CA LEU F 36 -10.26 -1.11 -2.57
C LEU F 36 -9.49 0.08 -2.00
N ALA F 37 -8.57 0.66 -2.77
CA ALA F 37 -7.79 1.79 -2.26
C ALA F 37 -8.69 2.97 -1.92
N PHE F 38 -9.76 3.17 -2.70
CA PHE F 38 -10.67 4.29 -2.45
C PHE F 38 -11.46 4.07 -1.16
N ILE F 39 -12.06 2.89 -0.98
CA ILE F 39 -12.83 2.66 0.24
C ILE F 39 -11.92 2.68 1.46
N VAL F 40 -10.68 2.19 1.31
CA VAL F 40 -9.74 2.24 2.43
C VAL F 40 -9.45 3.68 2.79
N GLY F 41 -9.29 4.54 1.76
CA GLY F 41 -9.07 5.95 2.04
C GLY F 41 -10.26 6.57 2.75
N LEU F 42 -11.47 6.15 2.36
CA LEU F 42 -12.68 6.65 3.02
C LEU F 42 -12.65 6.28 4.50
N ILE F 43 -12.21 5.06 4.79
CA ILE F 43 -12.10 4.65 6.18
C ILE F 43 -10.99 5.43 6.89
N ILE F 44 -9.95 5.81 6.14
CA ILE F 44 -8.83 6.55 6.72
C ILE F 44 -9.27 7.93 7.21
N ILE F 45 -9.98 8.67 6.36
CA ILE F 45 -10.42 9.99 6.82
C ILE F 45 -11.55 9.89 7.83
N LEU F 46 -12.11 8.70 8.01
CA LEU F 46 -13.17 8.49 9.00
C LEU F 46 -12.53 7.68 10.13
N SER F 47 -11.79 8.38 10.97
CA SER F 47 -11.06 7.88 12.12
C SER F 47 -11.96 7.47 13.25
N LYS F 48 -13.27 7.52 13.03
CA LYS F 48 -14.27 7.14 14.03
C LYS F 48 -14.14 7.99 15.29
C1 NAG G . 23.12 11.47 66.42
C2 NAG G . 21.75 11.84 67.00
C3 NAG G . 21.91 12.44 68.40
C4 NAG G . 22.78 11.54 69.29
C5 NAG G . 24.08 11.17 68.58
C6 NAG G . 24.90 10.17 69.35
C7 NAG G . 19.81 12.57 65.69
C8 NAG G . 19.24 13.65 64.82
N2 NAG G . 21.04 12.78 66.13
O3 NAG G . 20.63 12.62 68.98
O4 NAG G . 23.12 12.25 70.47
O5 NAG G . 23.80 10.60 67.31
O6 NAG G . 26.27 10.19 68.94
O7 NAG G . 19.17 11.56 65.97
C1 NAG G . 22.33 11.85 71.59
C2 NAG G . 23.07 12.22 72.88
C3 NAG G . 22.20 11.91 74.09
C4 NAG G . 20.84 12.56 73.97
C5 NAG G . 20.18 12.14 72.65
C6 NAG G . 18.85 12.83 72.40
C7 NAG G . 25.48 12.03 72.46
C8 NAG G . 26.70 11.17 72.65
N2 NAG G . 24.34 11.53 72.96
O3 NAG G . 22.85 12.38 75.26
O4 NAG G . 20.00 12.17 75.05
O5 NAG G . 21.05 12.49 71.56
O6 NAG G . 18.18 12.26 71.29
O7 NAG G . 25.53 13.12 71.90
C1 NAG H . 12.56 -0.14 71.17
C2 NAG H . 11.54 0.60 72.03
C3 NAG H . 11.37 -0.11 73.37
C4 NAG H . 11.13 -1.61 73.20
C5 NAG H . 12.13 -2.22 72.22
C6 NAG H . 11.82 -3.64 71.81
C7 NAG H . 11.62 2.98 71.39
C8 NAG H . 12.12 4.34 71.75
N2 NAG H . 11.94 1.99 72.23
O3 NAG H . 10.29 0.50 74.07
O4 NAG H . 11.29 -2.18 74.50
O5 NAG H . 12.14 -1.47 71.00
O6 NAG H . 12.93 -4.29 71.22
O7 NAG H . 10.96 2.78 70.37
C1 NAG H . 10.41 -3.29 74.85
C2 NAG H . 11.16 -4.11 75.90
C3 NAG H . 10.34 -5.33 76.29
C4 NAG H . 8.94 -4.91 76.74
C5 NAG H . 8.28 -4.02 75.68
C6 NAG H . 6.95 -3.45 76.12
C7 NAG H . 13.59 -3.82 75.65
C8 NAG H . 14.86 -4.39 75.08
N2 NAG H . 12.47 -4.52 75.41
O3 NAG H . 10.98 -6.03 77.34
O4 NAG H . 8.13 -6.05 76.96
O5 NAG H . 9.12 -2.89 75.38
O6 NAG H . 6.24 -2.88 75.03
O7 NAG H . 13.59 -2.78 76.30
C1 NAG I . -4.71 -6.88 -70.41
C2 NAG I . -5.76 -7.99 -70.34
C3 NAG I . -5.98 -8.59 -71.74
C4 NAG I . -6.24 -7.51 -72.79
C5 NAG I . -5.18 -6.41 -72.71
C6 NAG I . -5.48 -5.24 -73.60
C7 NAG I . -6.27 -9.63 -68.58
C8 NAG I . -5.70 -10.68 -67.68
N2 NAG I . -5.39 -9.03 -69.40
O3 NAG I . -7.06 -9.51 -71.70
O4 NAG I . -6.16 -8.07 -74.09
O5 NAG I . -5.09 -5.90 -71.37
O6 NAG I . -4.30 -4.55 -73.97
O7 NAG I . -7.46 -9.33 -68.56
C1 NAG I . -7.45 -8.22 -74.71
C2 NAG I . -7.24 -8.25 -76.23
C3 NAG I . -8.57 -8.52 -76.93
C4 NAG I . -9.22 -9.78 -76.38
C5 NAG I . -9.37 -9.66 -74.87
C6 NAG I . -9.92 -10.90 -74.22
C7 NAG I . -5.35 -6.82 -76.83
C8 NAG I . -4.92 -5.46 -77.33
N2 NAG I . -6.66 -7.00 -76.70
O3 NAG I . -8.35 -8.66 -78.34
O4 NAG I . -10.50 -9.97 -76.98
O5 NAG I . -8.08 -9.42 -74.28
O6 NAG I . -9.97 -10.76 -72.81
O7 NAG I . -4.53 -7.70 -76.57
C1 NAG J . -20.14 -2.35 -69.12
C2 NAG J . -20.98 -3.58 -69.45
C3 NAG J . -21.98 -3.25 -70.56
C4 NAG J . -22.76 -1.96 -70.27
C5 NAG J . -21.81 -0.84 -69.84
C6 NAG J . -22.50 0.41 -69.32
C7 NAG J . -19.51 -5.50 -68.98
C8 NAG J . -18.68 -6.60 -69.58
N2 NAG J . -20.13 -4.69 -69.85
O3 NAG J . -22.88 -4.34 -70.70
O4 NAG J . -23.46 -1.61 -71.45
O5 NAG J . -20.98 -1.29 -68.77
O6 NAG J . -21.56 1.36 -68.83
O7 NAG J . -19.61 -5.35 -67.76
C1 NAG J . -24.82 -1.14 -71.24
C2 NAG J . -25.15 -0.15 -72.36
C3 NAG J . -26.55 0.41 -72.16
C4 NAG J . -27.57 -0.71 -72.03
C5 NAG J . -27.14 -1.71 -70.95
C6 NAG J . -28.03 -2.92 -70.86
C7 NAG J . -23.02 0.83 -73.12
C8 NAG J . -22.13 2.04 -73.06
N2 NAG J . -24.17 0.92 -72.42
O3 NAG J . -26.90 1.25 -73.26
O4 NAG J . -28.84 -0.17 -71.67
O5 NAG J . -25.81 -2.19 -71.22
O6 NAG J . -27.60 -3.82 -69.84
O7 NAG J . -22.72 -0.17 -73.75
MG MG K . 1.62 -55.95 -18.36
NA NA L . 9.85 -48.09 -3.59
MG MG M . 14.95 -19.62 12.75
C1 PCW N . -6.43 -31.53 7.89
C2 PCW N . -5.23 -31.60 8.88
C3 PCW N . -5.05 -30.24 9.56
C4 PCW N . -9.07 -33.42 4.18
C5 PCW N . -10.36 -34.20 4.56
C6 PCW N . -11.52 -33.47 2.62
C7 PCW N . -10.41 -35.52 2.61
C8 PCW N . -12.36 -35.27 3.86
C11 PCW N . -3.60 -28.32 9.64
C12 PCW N . -2.52 -28.47 10.72
C31 PCW N . -4.26 -33.10 10.54
C32 PCW N . -4.06 -32.93 12.08
N PCW N . -11.17 -34.62 3.40
O2 PCW N . -5.44 -32.58 9.89
O3 PCW N . -4.06 -29.46 8.92
O11 PCW N . -4.05 -27.24 9.41
O31 PCW N . -3.44 -33.66 9.91
O1P PCW N . -6.26 -32.42 4.05
O2P PCW N . -7.33 -30.46 5.10
O3P PCW N . -6.16 -32.22 6.65
O4P PCW N . -8.50 -32.76 5.32
P PCW N . -7.05 -31.94 5.25
C1 PCW O . 31.07 -27.35 0.95
C2 PCW O . 31.08 -26.34 2.13
C3 PCW O . 31.99 -26.83 3.24
C4 PCW O . 27.38 -29.15 -2.33
C5 PCW O . 27.64 -28.58 -3.74
C6 PCW O . 28.58 -29.34 -5.76
C7 PCW O . 27.50 -30.85 -4.37
C8 PCW O . 26.27 -29.25 -5.54
C11 PCW O . 31.13 -26.95 5.49
C12 PCW O . 32.20 -26.00 6.02
C31 PCW O . 32.78 -24.67 1.52
C32 PCW O . 33.40 -23.55 2.42
N PCW O . 27.50 -29.51 -4.86
O2 PCW O . 31.40 -25.04 1.66
O3 PCW O . 31.24 -27.56 4.21
O11 PCW O . 30.18 -27.18 6.17
O31 PCW O . 33.46 -25.19 0.69
O1P PCW O . 29.83 -29.76 -0.60
O2P PCW O . 30.32 -27.88 -2.11
O3P PCW O . 29.77 -27.35 0.37
O4P PCW O . 27.87 -28.25 -1.35
P PCW O . 29.47 -28.34 -0.94
C1 PCW P . -3.49 -23.24 2.12
C2 PCW P . -2.81 -22.24 3.10
C3 PCW P . -3.83 -21.20 3.59
C4 PCW P . -6.92 -22.62 -1.86
C5 PCW P . -7.47 -21.40 -2.61
C6 PCW P . -8.53 -22.77 -4.20
C7 PCW P . -9.73 -22.04 -2.34
C8 PCW P . -9.15 -20.52 -4.04
C11 PCW P . -4.76 -20.18 5.60
C12 PCW P . -5.71 -20.49 6.78
C31 PCW P . -1.18 -22.29 4.92
C32 PCW P . -1.16 -22.32 6.48
N PCW P . -8.73 -21.69 -3.31
O2 PCW P . -2.23 -22.93 4.19
O3 PCW P . -4.00 -21.22 5.00
O11 PCW P . -4.66 -19.04 5.23
O31 PCW P . -0.29 -21.74 4.35
O1P PCW P . -6.18 -23.93 0.84
O2P PCW P . -4.47 -24.55 -0.83
O3P PCW P . -3.90 -22.65 0.88
O4P PCW P . -5.74 -22.31 -1.14
P PCW P . -5.09 -23.40 -0.06
C1 PCW Q . 29.48 -32.86 2.97
C2 PCW Q . 30.61 -32.57 3.98
C3 PCW Q . 30.34 -33.32 5.29
C4 PCW Q . 26.95 -36.82 0.59
C5 PCW Q . 27.06 -38.35 0.32
C6 PCW Q . 25.02 -38.32 -0.88
C7 PCW Q . 27.04 -38.20 -2.03
C8 PCW Q . 26.40 -40.20 -1.00
C11 PCW Q . 31.00 -33.43 7.55
C12 PCW Q . 32.35 -33.52 8.29
C31 PCW Q . 32.96 -32.13 3.82
C32 PCW Q . 34.39 -32.75 3.96
N PCW Q . 26.38 -38.77 -0.91
O2 PCW Q . 31.85 -32.95 3.44
O3 PCW Q . 30.87 -32.62 6.40
O11 PCW Q . 30.06 -34.04 7.94
O31 PCW Q . 32.81 -30.98 4.03
O1P PCW Q . 27.94 -33.92 0.57
O2P PCW Q . 26.61 -34.27 2.61
O3P PCW Q . 29.21 -34.27 2.81
O4P PCW Q . 27.86 -36.32 1.59
P PCW Q . 27.87 -34.66 1.88
C1 PCW R . -5.74 -41.21 11.86
C2 PCW R . -5.17 -40.14 12.85
C3 PCW R . -6.28 -39.17 13.28
C4 PCW R . -9.05 -41.30 7.75
C5 PCW R . -9.69 -40.33 6.71
C6 PCW R . -11.07 -42.01 5.79
C7 PCW R . -11.84 -40.74 7.58
C8 PCW R . -11.62 -39.77 5.46
C11 PCW R . -6.79 -36.86 13.77
C12 PCW R . -6.35 -35.45 14.21
C31 PCW R . -3.55 -40.14 14.73
C32 PCW R . -3.34 -40.49 16.24
N PCW R . -11.06 -40.72 6.39
O2 PCW R . -4.61 -40.78 13.99
O3 PCW R . -5.82 -37.83 13.37
O11 PCW R . -7.95 -37.13 13.77
O31 PCW R . -2.83 -39.34 14.24
O1P PCW R . -8.02 -42.66 10.15
O2P PCW R . -5.96 -42.48 8.80
O3P PCW R . -6.37 -40.69 10.66
O4P PCW R . -7.88 -40.76 8.36
P PCW R . -7.05 -41.70 9.49
C1 PCW S . 2.69 -8.10 -15.11
C2 PCW S . 3.08 -7.33 -13.82
C3 PCW S . 1.95 -7.41 -12.79
C4 PCW S . 1.25 -9.89 -18.34
C5 PCW S . -0.24 -10.29 -18.38
C6 PCW S . -1.88 -11.65 -19.37
C7 PCW S . -0.20 -10.75 -20.69
C8 PCW S . 0.31 -12.46 -19.18
C11 PCW S . 0.01 -8.52 -12.01
C12 PCW S . 0.11 -7.78 -10.66
C31 PCW S . 5.00 -6.89 -12.45
C32 PCW S . 5.19 -7.12 -10.92
N PCW S . -0.50 -11.29 -19.41
O2 PCW S . 4.27 -7.82 -13.26
O3 PCW S . 1.10 -8.53 -12.92
O11 PCW S . -1.00 -9.09 -12.29
O31 PCW S . 5.48 -5.91 -12.94
O1P PCW S . 3.88 -8.71 -18.39
O2P PCW S . 2.71 -6.54 -18.62
O3P PCW S . 3.26 -7.40 -16.22
O4P PCW S . 1.36 -8.59 -17.77
P PCW S . 2.82 -7.80 -17.79
O23 F9R T . 17.07 -21.99 18.58
C23 F9R T . 17.41 -20.95 19.12
C22 F9R T . 18.49 -20.88 20.09
O21 F9R T . 16.81 -19.80 18.85
C21 F9R T . 17.56 -18.80 19.56
C20 F9R T . 18.50 -19.59 20.44
C17 F9R T . 19.44 -18.93 21.45
C16 F9R T . 19.96 -17.49 21.13
C13 F9R T . 18.97 -18.88 22.96
C12 F9R T . 20.13 -19.41 23.86
C11 F9R T . 19.90 -19.13 25.37
C18 F9R T . 17.67 -19.70 23.23
C14 F9R T . 18.75 -17.36 23.25
C15 F9R T . 19.91 -16.70 22.46
O14 F9R T . 17.50 -16.88 22.72
C8 F9R T . 18.63 -17.03 24.77
C7 F9R T . 18.42 -15.52 24.98
C9 F9R T . 19.81 -17.60 25.63
C10 F9R T . 19.72 -17.20 27.15
C1 F9R T . 21.02 -17.57 27.94
C19 F9R T . 18.54 -17.92 27.90
C5 F9R T . 19.55 -15.65 27.26
C6 F9R T . 18.31 -15.16 26.47
C4 F9R T . 20.85 -14.88 26.85
C3 F9R T . 22.07 -15.33 27.69
C2 F9R T . 22.28 -16.84 27.42
C1X F9R T . 22.81 -14.95 29.98
C1Y F9R T . 25.29 -14.69 34.68
C1Z F9R T . 26.85 -12.50 39.24
C2X F9R T . 22.22 -14.26 31.23
C2Y F9R T . 26.71 -14.82 35.32
C2Z F9R T . 26.37 -11.50 40.31
C3X F9R T . 23.39 -13.93 32.18
C3Y F9R T . 26.71 -14.45 36.82
C3Z F9R T . 27.54 -11.17 41.29
C4X F9R T . 24.17 -15.23 32.57
C4Y F9R T . 25.99 -13.10 37.07
C4Z F9R T . 28.08 -12.51 41.87
C5X F9R T . 24.51 -16.06 31.29
C5Y F9R T . 24.63 -13.08 36.34
C5Z F9R T . 28.50 -13.43 40.71
C6X F9R T . 24.98 -17.50 31.63
C6Y F9R T . 23.93 -11.70 36.46
C6Z F9R T . 29.03 -14.79 41.22
O3 F9R T . 21.71 -15.07 29.06
O3X F9R T . 24.27 -12.99 31.54
O3Y F9R T . 26.07 -15.50 37.58
O3Z F9R T . 28.58 -10.45 40.62
O4X F9R T . 25.41 -14.95 33.27
O4Y F9R T . 25.70 -12.83 38.45
O4Z F9R T . 29.21 -12.28 42.74
O5X F9R T . 23.36 -16.21 30.40
O5Y F9R T . 24.82 -13.36 34.94
O5Z F9R T . 27.36 -13.69 39.88
C1 CLR U . 10.02 -0.40 -15.80
C2 CLR U . 9.14 -1.28 -16.73
C3 CLR U . 9.92 -1.73 -17.96
C4 CLR U . 11.17 -2.55 -17.42
C5 CLR U . 12.02 -1.81 -16.38
C6 CLR U . 13.23 -1.35 -16.75
C7 CLR U . 13.86 -0.18 -16.10
C8 CLR U . 13.59 -0.23 -14.60
C9 CLR U . 12.09 -0.10 -14.30
C10 CLR U . 11.18 -1.14 -15.18
C11 CLR U . 11.81 -0.09 -12.73
C12 CLR U . 12.81 0.83 -11.87
C13 CLR U . 14.33 0.62 -12.30
C14 CLR U . 14.33 0.86 -13.88
C15 CLR U . 15.79 1.03 -14.29
C16 CLR U . 16.45 1.73 -13.03
C17 CLR U . 15.35 1.77 -11.87
C18 CLR U . 14.90 -0.76 -11.90
C19 CLR U . 10.60 -2.25 -14.22
C20 CLR U . 16.06 1.60 -10.48
C21 CLR U . 15.20 1.91 -9.24
C22 CLR U . 17.29 2.61 -10.47
C23 CLR U . 18.34 2.26 -9.37
C24 CLR U . 18.28 3.47 -8.36
C25 CLR U . 18.52 2.95 -6.91
C26 CLR U . 19.61 3.72 -6.12
C27 CLR U . 17.14 2.89 -6.19
O1 CLR U . 9.15 -2.42 -19.00
C1 PCW V . 5.54 10.16 13.59
C2 PCW V . 5.74 9.30 12.32
C3 PCW V . 4.40 8.72 11.89
C4 PCW V . 4.43 11.80 17.46
C5 PCW V . 3.07 11.58 18.16
C6 PCW V . 1.44 12.48 19.60
C7 PCW V . 3.65 12.36 20.30
C8 PCW V . 3.03 13.90 18.65
C11 PCW V . 2.16 9.20 11.36
C12 PCW V . 2.18 8.17 10.20
C31 PCW V . 6.69 9.30 10.12
C32 PCW V . 6.37 9.82 8.68
N PCW V . 2.80 12.58 19.18
O2 PCW V . 6.31 10.06 11.27
O3 PCW V . 3.35 9.66 11.95
O11 PCW V . 1.11 9.59 11.76
O31 PCW V . 7.26 8.27 10.24
O1P PCW V . 7.17 11.21 16.29
O2P PCW V . 6.33 9.09 17.23
O3P PCW V . 6.15 9.45 14.67
O4P PCW V . 4.60 10.84 16.41
P PCW V . 6.09 10.15 16.18
C1 NAG W . -1.12 23.86 54.71
C2 NAG W . -0.34 25.17 54.63
C3 NAG W . 0.23 25.52 56.01
C4 NAG W . -0.88 25.55 57.05
C5 NAG W . -1.65 24.22 57.04
C6 NAG W . -2.85 24.24 57.96
C7 NAG W . 0.56 25.61 52.40
C8 NAG W . 1.75 25.48 51.50
N2 NAG W . 0.71 25.13 53.64
O3 NAG W . 0.87 26.79 55.94
O4 NAG W . -0.33 25.75 58.35
O5 NAG W . -2.15 23.96 55.72
O6 NAG W . -3.77 23.21 57.64
O7 NAG W . -0.49 26.11 52.02
C1 CLR X . 1.11 3.74 10.80
C2 CLR X . 0.66 4.18 12.16
C3 CLR X . 0.06 3.02 12.92
C4 CLR X . 1.22 2.02 13.15
C5 CLR X . 1.91 1.54 11.84
C6 CLR X . 1.68 0.27 11.48
C7 CLR X . 1.69 -0.18 10.07
C8 CLR X . 2.71 0.62 9.23
C9 CLR X . 2.35 2.10 9.25
C10 CLR X . 2.25 2.71 10.77
C11 CLR X . 3.16 2.94 8.19
C12 CLR X . 3.08 2.34 6.71
C13 CLR X . 3.53 0.82 6.69
C14 CLR X . 2.64 0.08 7.81
C15 CLR X . 2.98 -1.39 7.65
C16 CLR X . 3.05 -1.55 6.08
C17 CLR X . 2.98 -0.05 5.47
C18 CLR X . 5.05 0.62 6.86
C19 CLR X . 3.59 3.47 11.13
C20 CLR X . 3.77 -0.03 4.14
C21 CLR X . 3.59 1.24 3.27
C22 CLR X . 3.20 -1.26 3.31
C23 CLR X . 3.25 -1.05 1.78
C24 CLR X . 4.68 -1.56 1.35
C25 CLR X . 5.32 -0.54 0.37
C26 CLR X . 6.85 -0.72 0.16
C27 CLR X . 4.49 -0.56 -0.94
O1 CLR X . -0.74 3.36 14.10
MG MG Y . -16.19 52.23 20.74
NA NA Z . -11.73 47.52 3.90
MG MG AA . -1.93 22.54 -15.69
C1 CLR BA . 14.54 6.04 10.23
C2 CLR BA . 13.86 6.38 11.55
C3 CLR BA . 14.77 7.21 12.44
C4 CLR BA . 15.11 8.53 11.62
C5 CLR BA . 15.63 8.29 10.19
C6 CLR BA . 16.94 8.55 9.93
C7 CLR BA . 17.70 7.85 8.87
C8 CLR BA . 16.78 7.64 7.63
C9 CLR BA . 15.61 6.73 7.98
C10 CLR BA . 14.80 7.22 9.31
C11 CLR BA . 14.72 6.43 6.69
C12 CLR BA . 15.55 6.03 5.35
C13 CLR BA . 16.76 7.04 5.09
C14 CLR BA . 17.58 7.04 6.49
C15 CLR BA . 18.92 7.71 6.19
C16 CLR BA . 19.20 7.33 4.68
C17 CLR BA . 17.93 6.51 4.15
C18 CLR BA . 16.31 8.46 4.66
C19 CLR BA . 13.41 7.82 8.89
C20 CLR BA . 17.79 6.75 2.60
C21 CLR BA . 16.77 5.84 1.87
C22 CLR BA . 19.22 6.49 1.97
C23 CLR BA . 19.32 6.93 0.47
C24 CLR BA . 19.65 5.60 -0.34
C25 CLR BA . 19.62 5.89 -1.88
C26 CLR BA . 20.93 5.55 -2.63
C27 CLR BA . 18.35 5.20 -2.46
O1 CLR BA . 14.30 7.44 13.81
C1 PCW CA . 11.59 38.58 -9.42
C2 PCW CA . 11.17 37.97 -10.77
C3 PCW CA . 10.91 39.08 -11.80
C4 PCW CA . 12.57 40.65 -5.84
C5 PCW CA . 13.06 42.04 -6.29
C6 PCW CA . 11.35 43.26 -5.22
C7 PCW CA . 13.25 42.66 -4.02
C8 PCW CA . 13.39 44.30 -5.67
C11 PCW CA . 9.07 40.19 -12.88
C12 PCW CA . 8.79 39.42 -14.18
C31 PCW CA . 11.68 36.02 -12.03
C32 PCW CA . 12.01 35.99 -13.55
N PCW CA . 12.76 43.07 -5.29
O2 PCW CA . 12.17 37.08 -11.22
O3 PCW CA . 9.57 39.52 -11.73
O11 PCW CA . 8.86 41.36 -12.83
O31 PCW CA . 11.02 35.15 -11.55
O1P PCW CA . 12.22 37.38 -6.05
O2P PCW CA . 10.15 38.71 -6.06
O3P PCW CA . 11.06 37.82 -8.33
O4P PCW CA . 12.32 39.81 -6.96
P PCW CA . 11.42 38.41 -6.81
C1 PCW DA . 27.48 17.66 11.42
C2 PCW DA . 28.72 17.16 10.60
C3 PCW DA . 29.05 15.72 10.96
C4 PCW DA . 26.51 21.22 15.30
C5 PCW DA . 26.48 22.76 15.43
C6 PCW DA . 24.55 22.59 16.78
C7 PCW DA . 26.60 23.07 17.76
C8 PCW DA . 25.54 24.68 16.45
C11 PCW DA . 30.50 14.33 12.29
C12 PCW DA . 30.32 13.16 11.30
C31 PCW DA . 29.51 16.85 8.35
C32 PCW DA . 29.41 15.65 7.35
N PCW DA . 25.78 23.27 16.61
O2 PCW DA . 28.42 17.18 9.21
O3 PCW DA . 30.04 15.63 11.97
O11 PCW DA . 31.03 14.13 13.34
O31 PCW DA . 30.50 17.50 8.38
O1P PCW DA . 26.63 18.25 14.47
O2P PCW DA . 25.20 19.37 12.80
O3P PCW DA . 27.69 18.89 12.16
O4P PCW DA . 27.00 20.80 14.02
P PCW DA . 26.59 19.30 13.38
C1 PCW EA . -12.72 14.42 -25.35
C2 PCW EA . -13.35 15.24 -24.19
C3 PCW EA . -14.36 14.37 -23.44
C4 PCW EA . -14.46 13.72 -30.26
C5 PCW EA . -14.73 14.65 -31.47
C6 PCW EA . -14.21 13.04 -33.12
C7 PCW EA . -16.41 13.28 -32.39
C8 PCW EA . -15.44 14.94 -33.72
C11 PCW EA . -15.64 14.38 -21.40
C12 PCW EA . -15.41 14.86 -19.96
C31 PCW EA . -12.58 16.86 -22.49
C32 PCW EA . -12.33 16.78 -20.95
N PCW EA . -15.20 13.97 -32.68
O2 PCW EA . -12.32 15.71 -23.33
O3 PCW EA . -15.10 15.11 -22.49
O11 PCW EA . -16.28 13.40 -21.60
O31 PCW EA . -12.99 17.88 -22.95
O1P PCW EA . -13.32 12.13 -28.04
O2P PCW EA . -11.61 13.91 -28.03
O3P PCW EA . -13.65 14.16 -26.42
O4P PCW EA . -13.91 14.43 -29.14
P PCW EA . -13.08 13.62 -27.92
O23 F9R FA . -3.58 24.81 -21.39
C23 F9R FA . -3.14 23.98 -22.16
C22 F9R FA . -2.69 24.33 -23.51
O21 F9R FA . -3.00 22.71 -21.82
C21 F9R FA . -2.32 22.09 -22.94
C20 F9R FA . -2.34 23.15 -24.02
C17 F9R FA . -1.68 22.94 -25.37
C16 F9R FA . -0.47 21.94 -25.44
C13 F9R FA . -2.60 22.57 -26.59
C12 F9R FA . -2.23 23.48 -27.80
C11 F9R FA . -2.77 23.00 -29.17
C18 F9R FA . -4.12 22.72 -26.27
C14 F9R FA . -2.23 21.10 -26.93
C15 F9R FA . -0.70 21.06 -26.69
O14 F9R FA . -2.88 20.16 -26.05
C8 F9R FA . -2.71 20.63 -28.35
C7 F9R FA . -2.31 19.14 -28.62
C9 F9R FA . -2.28 21.57 -29.52
C10 F9R FA . -2.79 21.07 -30.93
C1 F9R FA . -2.23 21.88 -32.15
C19 F9R FA . -4.35 21.26 -30.97
C5 F9R FA . -2.39 19.57 -31.16
C6 F9R FA . -2.85 18.65 -29.98
C4 F9R FA . -0.87 19.38 -31.44
C3 F9R FA . -0.39 20.22 -32.66
C2 F9R FA . -0.70 21.70 -32.36
C1X F9R FA . -0.54 19.96 -35.08
C1Y F9R FA . -0.58 20.52 -40.35
C1Z F9R FA . -0.41 18.62 -45.34
C2X F9R FA . -1.28 19.01 -36.04
C2Y F9R FA . 0.13 21.25 -41.52
C2Z F9R FA . -1.01 17.47 -46.20
C3X F9R FA . -0.64 19.15 -37.44
C3Y F9R FA . -0.42 20.75 -42.89
C3Z F9R FA . -0.40 17.46 -47.63
C4X F9R FA . -0.74 20.64 -37.92
C4Y F9R FA . -0.40 19.20 -42.97
C4Z F9R FA . -0.54 18.88 -48.26
C5X F9R FA . -0.24 21.61 -36.82
C5Y F9R FA . -1.06 18.60 -41.71
C5Z F9R FA . 0.04 19.95 -47.30
C6X F9R FA . -0.70 23.06 -37.15
C6Y F9R FA . -0.94 17.06 -41.66
C6Z F9R FA . -0.18 21.38 -47.85
O3 F9R FA . -1.11 19.69 -33.79
O3X F9R FA . 0.74 18.73 -37.38
O3Y F9R FA . -1.75 21.29 -43.07
O3Z F9R FA . 1.00 17.12 -47.58
O4X F9R FA . 0.02 20.93 -39.11
O4Y F9R FA . -1.12 18.63 -44.09
O4Z F9R FA . 0.15 18.95 -49.51
O5X F9R FA . -0.77 21.32 -35.51
O5Y F9R FA . -0.40 19.11 -40.54
O5Z F9R FA . -0.61 19.87 -46.02
C1 NAG GA . -13.28 -28.17 -51.03
C2 NAG GA . -12.19 -28.65 -51.98
C3 NAG GA . -12.77 -28.86 -53.38
C4 NAG GA . -13.98 -29.78 -53.33
C5 NAG GA . -15.01 -29.27 -52.31
C6 NAG GA . -16.16 -30.23 -52.11
C7 NAG GA . -9.79 -28.10 -51.93
C8 NAG GA . -9.54 -29.58 -51.75
N2 NAG GA . -11.07 -27.73 -52.02
O3 NAG GA . -11.78 -29.40 -54.24
O4 NAG GA . -14.60 -29.85 -54.60
O5 NAG GA . -14.38 -29.10 -51.03
O6 NAG GA . -17.40 -29.64 -52.48
O7 NAG GA . -8.87 -27.29 -51.97
C1 PCW HA . 27.06 -3.86 -22.54
C2 PCW HA . 27.15 -2.75 -21.45
C3 PCW HA . 26.29 -1.54 -21.81
C4 PCW HA . 23.26 -6.31 -25.39
C5 PCW HA . 21.79 -6.67 -25.08
C6 PCW HA . 21.16 -6.82 -27.36
C7 PCW HA . 21.97 -8.71 -26.26
C8 PCW HA . 19.85 -7.88 -25.74
C11 PCW HA . 26.59 0.71 -22.61
C12 PCW HA . 27.58 1.83 -23.00
C31 PCW HA . 27.07 -2.51 -19.02
C32 PCW HA . 28.54 -2.11 -18.66
N PCW HA . 21.19 -7.52 -26.12
O2 PCW HA . 26.79 -3.29 -20.19
O3 PCW HA . 26.97 -0.65 -22.69
O11 PCW HA . 25.49 1.02 -22.26
O31 PCW HA . 26.19 -2.17 -18.31
O1P PCW HA . 25.87 -6.64 -23.50
O2P PCW HA . 26.15 -5.06 -25.38
O3P PCW HA . 25.72 -4.08 -23.00
O4P PCW HA . 23.77 -5.40 -24.40
P PCW HA . 25.40 -5.33 -24.10
C1 CLR IA . -1.80 -4.23 -10.51
C2 CLR IA . -2.57 -5.07 -11.52
C3 CLR IA . -3.91 -4.44 -11.80
C4 CLR IA . -3.60 -3.08 -12.49
C5 CLR IA . -2.69 -2.12 -11.65
C6 CLR IA . -3.27 -1.03 -11.11
C7 CLR IA . -2.81 -0.41 -9.86
C8 CLR IA . -1.27 -0.52 -9.68
C9 CLR IA . -0.85 -1.98 -9.68
C10 CLR IA . -1.39 -2.84 -10.98
C11 CLR IA . 0.67 -2.16 -9.30
C12 CLR IA . 1.07 -1.44 -7.93
C13 CLR IA . 0.63 0.09 -7.90
C14 CLR IA . -0.93 0.11 -8.33
C15 CLR IA . -1.38 1.54 -8.11
C16 CLR IA . -0.63 1.94 -6.78
C17 CLR IA . 0.40 0.73 -6.46
C18 CLR IA . 1.52 1.02 -8.76
C19 CLR IA . -0.22 -3.00 -12.03
C20 CLR IA . 1.62 1.28 -5.68
C21 CLR IA . 2.60 0.23 -5.12
C22 CLR IA . 1.03 2.10 -4.45
C23 CLR IA . 1.95 2.06 -3.20
C24 CLR IA . 2.62 3.50 -3.13
C25 CLR IA . 4.15 3.35 -2.87
C26 CLR IA . 5.01 4.53 -3.40
C27 CLR IA . 4.34 3.06 -1.35
O1 CLR IA . -4.88 -5.29 -12.49
#